data_3ZT7
#
_entry.id   3ZT7
#
_cell.length_a   113.270
_cell.length_b   113.380
_cell.length_c   315.000
_cell.angle_alpha   90.00
_cell.angle_beta   90.00
_cell.angle_gamma   90.00
#
_symmetry.space_group_name_H-M   'P 21 21 21'
#
loop_
_entity.id
_entity.type
_entity.pdbx_description
1 polymer 'PUTATIVE GLUCANOHYDROLASE PEP1A'
2 branched Cycloheptakis-(1-4)-(alpha-D-glucopyranose)
3 branched alpha-D-glucopyranose-(1-4)-alpha-D-glucopyranose
4 water water
#
_entity_poly.entity_id   1
_entity_poly.type   'polypeptide(L)'
_entity_poly.pdbx_seq_one_letter_code
;MGSSHHHHHHSSGLVPRGSHMPATHHSSATSAERPTVVGRIPVLDVRPVVQRGRRPAKAVTGESFEVSATVFREGHDAVG
ANVVLRDPRGRPGPWTPMRELAPGTDRWGATVTAGETGTWSYTVEAWGDPVTTWRHHARIKIPAGLDTDLVLEEGARLYE
RAAADVPGREDRRELLAAVDALRDESRPAASRLAAALTPQVDAVLARHPLRDLVTSSDPLPLLVERERALYGAWYEFFPR
SEGTPHTPHGTFRTAARRLPAIAAMGFDVVYLPPIHPIGTTHRKGRNNTLSATGDDVGVPWAIGSPEGGHDSIHPALGTL
DDFDHFVTEAGKLGLEIALDFALQCSPDHPWVHKHPEWFHHRPDGTIAHAENPPKKYQDIYPIAFDADPDGLATETVRIL
RHWMDHGVRIFRVDNPHTKPVAFWERVIADINGTDPDVIFLAEAFTRPAMMATLAQIGFQQSYTYFTWRNTKQELTEYLT
ELSGEAASYMRPNFFANTPDILHAYLQHGGRPAFEVRAVLAATLSPTWGIYSGYELCENTPLREGSEEYLDSEKYQLKPR
DWTRAAREGTTIAPLVTRLNTIRRENPALRQLRDLHFHPTDKEEVIAYSKRQGSNTVLVVVNLDPRHTQEATVSLDMPQL
GLDWHESVPVRDELTGETYHWGRANYVRLEPGRTPAHVCTVLRPSHPQIGGSHTT
;
_entity_poly.pdbx_strand_id   A,B,C,D
#
# COMPACT_ATOMS: atom_id res chain seq x y z
N PRO A 35 6.65 -49.25 -16.37
CA PRO A 35 5.90 -49.85 -15.24
C PRO A 35 4.93 -48.87 -14.61
N THR A 36 3.72 -49.35 -14.31
CA THR A 36 2.67 -48.49 -13.78
C THR A 36 2.74 -48.52 -12.27
N VAL A 37 2.25 -47.47 -11.63
CA VAL A 37 2.20 -47.42 -10.17
C VAL A 37 1.12 -48.36 -9.63
N VAL A 38 -0.04 -48.40 -10.28
CA VAL A 38 -1.07 -49.35 -9.86
C VAL A 38 -0.87 -50.68 -10.60
N GLY A 39 -1.08 -51.77 -9.87
CA GLY A 39 -0.94 -53.11 -10.40
C GLY A 39 -2.23 -53.56 -11.07
N ARG A 40 -2.23 -54.80 -11.54
CA ARG A 40 -3.32 -55.36 -12.29
C ARG A 40 -4.58 -55.36 -11.42
N ILE A 41 -4.44 -55.79 -10.17
CA ILE A 41 -5.51 -55.72 -9.20
C ILE A 41 -5.07 -54.74 -8.13
N PRO A 42 -5.66 -53.54 -8.10
CA PRO A 42 -5.21 -52.49 -7.20
C PRO A 42 -5.17 -52.86 -5.72
N VAL A 43 -4.00 -52.68 -5.11
CA VAL A 43 -3.83 -52.81 -3.70
C VAL A 43 -3.13 -51.54 -3.25
N LEU A 44 -3.85 -50.71 -2.47
CA LEU A 44 -3.43 -49.34 -2.17
C LEU A 44 -3.47 -49.01 -0.69
N ASP A 45 -2.60 -48.09 -0.27
CA ASP A 45 -2.66 -47.54 1.06
C ASP A 45 -2.64 -48.67 2.14
N VAL A 46 -1.58 -49.45 2.10
CA VAL A 46 -1.43 -50.52 3.06
C VAL A 46 -1.08 -49.88 4.39
N ARG A 47 -1.76 -50.35 5.44
CA ARG A 47 -1.48 -49.92 6.81
C ARG A 47 -1.29 -51.12 7.73
N PRO A 48 -0.54 -50.94 8.81
CA PRO A 48 0.07 -49.68 9.24
C PRO A 48 1.21 -49.14 8.37
N VAL A 49 1.39 -47.83 8.42
CA VAL A 49 2.53 -47.18 7.81
C VAL A 49 3.00 -46.03 8.71
N VAL A 50 4.32 -45.86 8.84
CA VAL A 50 4.87 -44.83 9.66
C VAL A 50 5.81 -44.02 8.77
N GLN A 51 5.57 -42.72 8.69
CA GLN A 51 6.49 -41.85 7.97
C GLN A 51 6.56 -42.27 6.51
N ARG A 52 5.46 -42.78 5.97
CA ARG A 52 5.39 -43.21 4.58
C ARG A 52 6.27 -44.40 4.22
N GLY A 53 6.64 -45.20 5.22
CA GLY A 53 7.44 -46.38 5.00
C GLY A 53 8.90 -46.15 5.29
N ARG A 54 9.24 -44.96 5.73
CA ARG A 54 10.61 -44.61 6.01
C ARG A 54 11.06 -45.04 7.41
N ARG A 55 10.10 -45.34 8.28
CA ARG A 55 10.37 -45.86 9.61
C ARG A 55 9.48 -47.07 9.78
N PRO A 56 9.87 -48.01 10.64
CA PRO A 56 9.09 -49.23 10.77
C PRO A 56 7.89 -49.09 11.69
N ALA A 57 6.87 -49.92 11.46
CA ALA A 57 5.79 -50.11 12.41
C ALA A 57 6.32 -51.01 13.48
N LYS A 58 5.64 -51.04 14.63
CA LYS A 58 6.19 -51.76 15.76
C LYS A 58 5.29 -52.89 16.20
N ALA A 59 5.91 -53.95 16.71
CA ALA A 59 5.23 -54.97 17.49
C ALA A 59 6.21 -55.52 18.49
N VAL A 60 5.73 -56.42 19.34
CA VAL A 60 6.63 -57.22 20.18
C VAL A 60 6.30 -58.71 19.95
N THR A 61 7.19 -59.59 20.36
CA THR A 61 6.96 -61.01 20.21
C THR A 61 5.57 -61.43 20.74
N GLY A 62 4.83 -62.16 19.91
CA GLY A 62 3.52 -62.67 20.30
C GLY A 62 2.36 -61.69 20.23
N GLU A 63 2.60 -60.46 19.79
CA GLU A 63 1.54 -59.44 19.72
C GLU A 63 0.80 -59.51 18.36
N SER A 64 -0.51 -59.26 18.39
CA SER A 64 -1.36 -59.29 17.21
C SER A 64 -1.81 -57.90 16.81
N PHE A 65 -1.89 -57.66 15.51
CA PHE A 65 -2.40 -56.41 15.00
C PHE A 65 -2.89 -56.56 13.60
N GLU A 66 -3.69 -55.59 13.17
CA GLU A 66 -4.39 -55.71 11.90
C GLU A 66 -3.59 -55.05 10.79
N VAL A 67 -3.28 -55.80 9.76
CA VAL A 67 -2.77 -55.21 8.51
C VAL A 67 -3.98 -54.97 7.60
N SER A 68 -4.08 -53.79 6.99
CA SER A 68 -5.21 -53.46 6.15
C SER A 68 -4.75 -52.84 4.87
N ALA A 69 -5.68 -52.78 3.91
CA ALA A 69 -5.36 -52.26 2.61
C ALA A 69 -6.64 -51.93 1.82
N THR A 70 -6.51 -51.10 0.79
CA THR A 70 -7.68 -50.80 -0.06
C THR A 70 -7.54 -51.63 -1.30
N VAL A 71 -8.43 -52.61 -1.44
CA VAL A 71 -8.34 -53.59 -2.53
C VAL A 71 -9.66 -53.60 -3.30
N PHE A 72 -9.57 -53.56 -4.61
CA PHE A 72 -10.73 -53.64 -5.46
C PHE A 72 -10.26 -53.96 -6.86
N ARG A 73 -11.21 -54.12 -7.78
CA ARG A 73 -10.85 -54.25 -9.20
C ARG A 73 -11.83 -53.57 -10.08
N GLU A 74 -11.55 -53.59 -11.39
CA GLU A 74 -12.48 -53.07 -12.39
C GLU A 74 -13.55 -54.07 -12.56
N GLY A 75 -14.69 -53.60 -13.04
CA GLY A 75 -15.81 -54.44 -13.32
C GLY A 75 -16.46 -54.82 -12.02
N HIS A 76 -17.28 -55.86 -12.10
CA HIS A 76 -18.16 -56.22 -11.00
C HIS A 76 -17.78 -57.51 -10.35
N ASP A 77 -16.73 -58.19 -10.82
CA ASP A 77 -16.35 -59.47 -10.22
C ASP A 77 -15.65 -59.28 -8.87
N ALA A 78 -15.60 -60.38 -8.10
CA ALA A 78 -15.13 -60.33 -6.75
C ALA A 78 -13.60 -60.31 -6.70
N VAL A 79 -13.07 -59.80 -5.59
CA VAL A 79 -11.66 -59.91 -5.32
C VAL A 79 -11.48 -60.68 -4.01
N GLY A 80 -10.24 -61.08 -3.79
CA GLY A 80 -9.80 -61.49 -2.48
C GLY A 80 -8.46 -60.85 -2.20
N ALA A 81 -8.00 -61.06 -0.98
CA ALA A 81 -6.70 -60.57 -0.62
C ALA A 81 -6.21 -61.33 0.57
N ASN A 82 -4.90 -61.29 0.76
CA ASN A 82 -4.24 -61.97 1.86
C ASN A 82 -2.95 -61.24 2.23
N VAL A 83 -2.52 -61.38 3.49
CA VAL A 83 -1.32 -60.75 3.99
C VAL A 83 -0.14 -61.72 4.02
N VAL A 84 0.97 -61.34 3.41
CA VAL A 84 2.17 -62.16 3.44
C VAL A 84 3.18 -61.46 4.35
N LEU A 85 3.39 -62.04 5.52
CA LEU A 85 4.27 -61.52 6.54
C LEU A 85 5.61 -62.26 6.51
N ARG A 86 6.71 -61.50 6.40
CA ARG A 86 8.05 -62.10 6.29
C ARG A 86 8.93 -61.83 7.49
N ASP A 87 9.57 -62.91 7.97
CA ASP A 87 10.51 -62.83 9.10
C ASP A 87 11.88 -62.34 8.62
N PRO A 88 12.80 -62.09 9.57
CA PRO A 88 14.11 -61.51 9.27
C PRO A 88 14.91 -62.27 8.23
N ARG A 89 14.73 -63.58 8.14
CA ARG A 89 15.42 -64.36 7.10
C ARG A 89 14.61 -64.44 5.81
N GLY A 90 13.51 -63.70 5.72
CA GLY A 90 12.75 -63.63 4.48
C GLY A 90 11.68 -64.71 4.33
N ARG A 91 11.41 -65.48 5.38
CA ARG A 91 10.48 -66.60 5.27
C ARG A 91 9.02 -66.18 5.46
N PRO A 92 8.15 -66.58 4.51
CA PRO A 92 6.73 -66.19 4.58
C PRO A 92 6.00 -66.94 5.68
N GLY A 93 5.02 -66.28 6.28
CA GLY A 93 4.22 -66.88 7.34
C GLY A 93 3.04 -67.58 6.72
N PRO A 94 2.08 -67.97 7.56
CA PRO A 94 0.95 -68.78 7.09
C PRO A 94 -0.06 -68.01 6.22
N TRP A 95 -0.76 -68.75 5.36
CA TRP A 95 -1.91 -68.24 4.62
C TRP A 95 -2.80 -67.44 5.55
N THR A 96 -2.91 -66.14 5.27
CA THR A 96 -3.62 -65.19 6.12
C THR A 96 -4.60 -64.43 5.25
N PRO A 97 -5.78 -65.02 5.03
CA PRO A 97 -6.75 -64.32 4.17
C PRO A 97 -7.37 -63.11 4.86
N MET A 98 -7.60 -62.07 4.08
CA MET A 98 -8.26 -60.85 4.55
C MET A 98 -9.77 -60.88 4.22
N ARG A 99 -10.54 -60.06 4.92
CA ARG A 99 -11.95 -59.88 4.63
C ARG A 99 -12.25 -58.39 4.52
N GLU A 100 -13.31 -58.03 3.80
CA GLU A 100 -13.71 -56.64 3.70
C GLU A 100 -14.24 -56.22 5.04
N LEU A 101 -13.68 -55.16 5.62
CA LEU A 101 -14.00 -54.80 7.01
C LEU A 101 -15.43 -54.24 7.18
N ALA A 102 -15.98 -53.68 6.11
CA ALA A 102 -17.38 -53.28 6.10
C ALA A 102 -17.81 -53.25 4.63
N PRO A 103 -19.05 -53.67 4.34
CA PRO A 103 -19.48 -53.87 2.95
C PRO A 103 -19.47 -52.59 2.13
N GLY A 104 -19.06 -52.70 0.86
CA GLY A 104 -18.94 -51.57 -0.07
C GLY A 104 -17.83 -50.56 0.15
N THR A 105 -16.99 -50.79 1.18
CA THR A 105 -15.92 -49.86 1.52
C THR A 105 -14.59 -50.11 0.76
N ASP A 106 -14.39 -51.33 0.27
CA ASP A 106 -13.14 -51.74 -0.36
C ASP A 106 -11.92 -51.69 0.57
N ARG A 107 -12.16 -51.66 1.86
CA ARG A 107 -11.09 -51.71 2.86
C ARG A 107 -11.06 -53.12 3.44
N TRP A 108 -9.90 -53.78 3.32
CA TRP A 108 -9.73 -55.18 3.71
C TRP A 108 -8.73 -55.25 4.83
N GLY A 109 -8.88 -56.27 5.69
CA GLY A 109 -7.94 -56.51 6.76
C GLY A 109 -7.79 -57.96 7.20
N ALA A 110 -6.69 -58.25 7.89
CA ALA A 110 -6.48 -59.51 8.60
C ALA A 110 -5.51 -59.30 9.74
N THR A 111 -5.62 -60.17 10.75
CA THR A 111 -4.79 -60.10 11.93
C THR A 111 -3.52 -60.89 11.68
N VAL A 112 -2.40 -60.37 12.15
CA VAL A 112 -1.15 -61.09 12.08
C VAL A 112 -0.50 -61.11 13.45
N THR A 113 0.47 -61.99 13.64
CA THR A 113 1.13 -62.11 14.94
C THR A 113 2.63 -62.19 14.75
N ALA A 114 3.32 -61.27 15.42
CA ALA A 114 4.76 -61.15 15.35
C ALA A 114 5.36 -62.31 16.12
N GLY A 115 6.45 -62.86 15.60
CA GLY A 115 7.20 -63.93 16.29
C GLY A 115 8.47 -63.39 16.91
N GLU A 116 9.61 -64.01 16.57
CA GLU A 116 10.92 -63.63 17.10
C GLU A 116 11.24 -62.18 16.78
N THR A 117 12.17 -61.62 17.54
CA THR A 117 12.54 -60.21 17.43
C THR A 117 13.37 -59.96 16.18
N GLY A 118 13.37 -58.72 15.71
CA GLY A 118 14.15 -58.35 14.53
C GLY A 118 13.28 -57.63 13.52
N THR A 119 13.80 -57.47 12.31
CA THR A 119 13.12 -56.67 11.29
C THR A 119 12.39 -57.55 10.29
N TRP A 120 11.10 -57.34 10.22
CA TRP A 120 10.21 -58.13 9.40
C TRP A 120 9.72 -57.28 8.24
N SER A 121 8.86 -57.84 7.40
CA SER A 121 8.22 -57.05 6.35
C SER A 121 6.86 -57.61 6.10
N TYR A 122 5.93 -56.76 5.69
CA TYR A 122 4.64 -57.28 5.29
C TYR A 122 4.18 -56.72 3.93
N THR A 123 3.58 -57.62 3.18
CA THR A 123 3.07 -57.39 1.87
C THR A 123 1.59 -57.80 1.83
N VAL A 124 0.81 -57.11 1.03
CA VAL A 124 -0.59 -57.48 0.80
C VAL A 124 -0.72 -57.94 -0.66
N GLU A 125 -1.28 -59.13 -0.85
CA GLU A 125 -1.52 -59.67 -2.18
C GLU A 125 -2.99 -59.57 -2.46
N ALA A 126 -3.33 -59.05 -3.64
CA ALA A 126 -4.71 -58.92 -4.05
C ALA A 126 -4.89 -59.67 -5.36
N TRP A 127 -6.10 -60.17 -5.59
CA TRP A 127 -6.34 -61.08 -6.71
C TRP A 127 -7.82 -61.14 -7.05
N GLY A 128 -8.12 -61.51 -8.29
CA GLY A 128 -9.49 -61.82 -8.69
C GLY A 128 -9.89 -63.15 -8.06
N ASP A 129 -11.14 -63.24 -7.63
CA ASP A 129 -11.65 -64.43 -6.99
C ASP A 129 -12.77 -64.96 -7.88
N PRO A 130 -12.41 -65.68 -8.94
CA PRO A 130 -13.36 -66.09 -9.98
C PRO A 130 -14.37 -67.14 -9.53
N VAL A 131 -14.05 -67.91 -8.50
CA VAL A 131 -14.98 -68.92 -8.02
C VAL A 131 -16.14 -68.27 -7.25
N THR A 132 -15.85 -67.22 -6.44
CA THR A 132 -16.93 -66.50 -5.71
C THR A 132 -17.88 -65.81 -6.66
N THR A 133 -17.31 -65.30 -7.75
CA THR A 133 -18.02 -64.66 -8.83
C THR A 133 -18.91 -65.65 -9.57
N TRP A 134 -18.34 -66.76 -9.99
CA TRP A 134 -19.07 -67.77 -10.70
C TRP A 134 -20.21 -68.30 -9.85
N ARG A 135 -19.92 -68.59 -8.60
CA ARG A 135 -20.96 -69.08 -7.65
C ARG A 135 -22.16 -68.15 -7.54
N HIS A 136 -21.88 -66.87 -7.41
CA HIS A 136 -22.91 -65.86 -7.33
C HIS A 136 -23.87 -65.99 -8.55
N HIS A 137 -23.32 -66.00 -9.76
CA HIS A 137 -24.15 -66.07 -10.98
C HIS A 137 -24.83 -67.40 -11.13
N ALA A 138 -24.11 -68.46 -10.83
CA ALA A 138 -24.67 -69.78 -10.93
C ALA A 138 -25.93 -69.90 -10.08
N ARG A 139 -25.89 -69.38 -8.86
CA ARG A 139 -27.03 -69.49 -7.95
C ARG A 139 -28.28 -68.79 -8.47
N ILE A 140 -28.11 -67.76 -9.28
CA ILE A 140 -29.25 -67.08 -9.87
C ILE A 140 -29.68 -67.81 -11.16
N LYS A 141 -28.72 -68.11 -12.03
CA LYS A 141 -29.03 -68.57 -13.38
C LYS A 141 -29.62 -69.97 -13.44
N ILE A 142 -29.14 -70.87 -12.60
CA ILE A 142 -29.56 -72.26 -12.63
C ILE A 142 -31.03 -72.41 -12.20
N PRO A 143 -31.44 -71.77 -11.10
CA PRO A 143 -32.88 -71.77 -10.78
C PRO A 143 -33.72 -71.12 -11.89
N ALA A 144 -33.11 -70.17 -12.60
CA ALA A 144 -33.75 -69.48 -13.71
C ALA A 144 -33.75 -70.26 -15.05
N GLY A 145 -33.11 -71.42 -15.12
CA GLY A 145 -33.03 -72.18 -16.38
C GLY A 145 -32.28 -71.47 -17.51
N LEU A 146 -31.47 -70.46 -17.17
CA LEU A 146 -30.80 -69.61 -18.18
C LEU A 146 -29.39 -70.13 -18.47
N ASP A 147 -29.19 -70.81 -19.61
CA ASP A 147 -27.85 -71.33 -20.06
C ASP A 147 -27.23 -72.39 -19.12
N THR A 148 -28.06 -73.20 -18.49
CA THR A 148 -27.58 -73.99 -17.39
C THR A 148 -26.35 -74.81 -17.75
N ASP A 149 -26.31 -75.35 -18.96
CA ASP A 149 -25.18 -76.20 -19.39
C ASP A 149 -23.87 -75.40 -19.51
N LEU A 150 -23.97 -74.23 -20.11
CA LEU A 150 -22.82 -73.36 -20.34
C LEU A 150 -22.27 -72.85 -19.00
N VAL A 151 -23.17 -72.50 -18.09
CA VAL A 151 -22.76 -71.98 -16.77
C VAL A 151 -22.08 -73.06 -15.96
N LEU A 152 -22.64 -74.26 -15.99
CA LEU A 152 -22.08 -75.37 -15.25
C LEU A 152 -20.72 -75.82 -15.81
N GLU A 153 -20.55 -75.76 -17.13
CA GLU A 153 -19.28 -76.13 -17.75
C GLU A 153 -18.23 -75.09 -17.40
N GLU A 154 -18.65 -73.85 -17.25
CA GLU A 154 -17.73 -72.76 -16.84
C GLU A 154 -17.19 -72.95 -15.44
N GLY A 155 -18.05 -73.47 -14.58
CA GLY A 155 -17.70 -73.79 -13.19
C GLY A 155 -16.83 -75.00 -13.14
N ALA A 156 -17.13 -75.97 -14.00
CA ALA A 156 -16.29 -77.17 -14.11
C ALA A 156 -14.84 -76.75 -14.38
N ARG A 157 -14.64 -75.85 -15.34
CA ARG A 157 -13.29 -75.45 -15.76
C ARG A 157 -12.59 -74.65 -14.69
N LEU A 158 -13.32 -73.80 -13.98
CA LEU A 158 -12.74 -73.08 -12.83
C LEU A 158 -12.28 -74.08 -11.79
N TYR A 159 -13.14 -75.05 -11.46
CA TYR A 159 -12.80 -76.04 -10.42
C TYR A 159 -11.57 -76.90 -10.80
N GLU A 160 -11.45 -77.20 -12.10
CA GLU A 160 -10.29 -77.95 -12.61
C GLU A 160 -8.99 -77.22 -12.40
N ARG A 161 -8.98 -75.93 -12.72
CA ARG A 161 -7.78 -75.11 -12.53
C ARG A 161 -7.39 -75.03 -11.06
N ALA A 162 -8.40 -74.99 -10.18
CA ALA A 162 -8.17 -74.86 -8.76
C ALA A 162 -7.60 -76.14 -8.24
N ALA A 163 -8.16 -77.24 -8.74
CA ALA A 163 -7.67 -78.58 -8.45
C ALA A 163 -6.19 -78.76 -8.80
N ALA A 164 -5.77 -78.23 -9.94
CA ALA A 164 -4.38 -78.39 -10.39
C ALA A 164 -3.33 -77.80 -9.43
N ASP A 165 -3.73 -76.81 -8.64
CA ASP A 165 -2.79 -76.15 -7.71
C ASP A 165 -2.86 -76.70 -6.28
N VAL A 166 -3.78 -77.62 -6.04
CA VAL A 166 -3.98 -78.22 -4.71
C VAL A 166 -2.95 -79.37 -4.53
N PRO A 167 -2.06 -79.27 -3.51
CA PRO A 167 -1.04 -80.31 -3.30
C PRO A 167 -1.58 -81.60 -2.68
N GLY A 168 -2.62 -81.51 -1.86
CA GLY A 168 -3.21 -82.70 -1.24
C GLY A 168 -3.87 -83.59 -2.29
N ARG A 169 -3.63 -84.89 -2.23
CA ARG A 169 -4.30 -85.82 -3.15
C ARG A 169 -5.80 -85.94 -2.83
N GLU A 170 -6.14 -86.08 -1.54
CA GLU A 170 -7.55 -86.18 -1.11
C GLU A 170 -8.37 -84.91 -1.48
N ASP A 171 -7.84 -83.73 -1.18
CA ASP A 171 -8.46 -82.46 -1.55
C ASP A 171 -8.64 -82.29 -3.07
N ARG A 172 -7.66 -82.77 -3.82
CA ARG A 172 -7.69 -82.79 -5.27
C ARG A 172 -8.80 -83.75 -5.77
N ARG A 173 -8.87 -84.94 -5.18
CA ARG A 173 -9.92 -85.91 -5.54
C ARG A 173 -11.30 -85.31 -5.30
N GLU A 174 -11.44 -84.54 -4.22
CA GLU A 174 -12.72 -83.97 -3.84
C GLU A 174 -13.18 -82.92 -4.85
N LEU A 175 -12.28 -82.04 -5.28
CA LEU A 175 -12.64 -81.01 -6.28
C LEU A 175 -12.94 -81.61 -7.63
N LEU A 176 -12.19 -82.65 -8.00
CA LEU A 176 -12.40 -83.35 -9.28
C LEU A 176 -13.71 -84.13 -9.30
N ALA A 177 -14.16 -84.58 -8.14
CA ALA A 177 -15.43 -85.26 -8.06
C ALA A 177 -16.54 -84.22 -8.26
N ALA A 178 -16.32 -82.99 -7.79
CA ALA A 178 -17.25 -81.87 -8.02
C ALA A 178 -17.27 -81.53 -9.50
N VAL A 179 -16.08 -81.47 -10.13
CA VAL A 179 -15.98 -81.27 -11.56
C VAL A 179 -16.87 -82.27 -12.33
N ASP A 180 -16.73 -83.56 -12.02
CA ASP A 180 -17.46 -84.59 -12.76
C ASP A 180 -18.96 -84.39 -12.56
N ALA A 181 -19.37 -83.99 -11.34
CA ALA A 181 -20.78 -83.81 -11.01
C ALA A 181 -21.31 -82.64 -11.82
N LEU A 182 -20.59 -81.52 -11.77
CA LEU A 182 -20.91 -80.30 -12.55
C LEU A 182 -21.09 -80.58 -14.02
N ARG A 183 -20.31 -81.51 -14.55
CA ARG A 183 -20.34 -81.89 -15.96
C ARG A 183 -21.31 -83.00 -16.32
N ASP A 184 -22.00 -83.58 -15.35
CA ASP A 184 -22.91 -84.72 -15.63
C ASP A 184 -24.24 -84.24 -16.19
N GLU A 185 -24.32 -84.14 -17.52
CA GLU A 185 -25.52 -83.62 -18.21
C GLU A 185 -26.71 -84.51 -18.06
N SER A 186 -26.53 -85.66 -17.41
CA SER A 186 -27.68 -86.58 -17.20
C SER A 186 -28.44 -86.21 -15.92
N ARG A 187 -27.89 -85.27 -15.14
CA ARG A 187 -28.44 -84.89 -13.85
C ARG A 187 -29.09 -83.50 -13.91
N PRO A 188 -30.09 -83.26 -13.03
CA PRO A 188 -30.73 -81.97 -13.02
C PRO A 188 -29.77 -80.85 -12.67
N ALA A 189 -29.88 -79.73 -13.36
CA ALA A 189 -29.09 -78.54 -13.10
C ALA A 189 -28.92 -78.26 -11.57
N ALA A 190 -30.03 -78.14 -10.83
CA ALA A 190 -29.99 -77.80 -9.39
C ALA A 190 -29.08 -78.74 -8.61
N SER A 191 -29.06 -80.00 -9.03
CA SER A 191 -28.29 -81.05 -8.38
C SER A 191 -26.80 -80.93 -8.71
N ARG A 192 -26.49 -80.80 -9.99
CA ARG A 192 -25.11 -80.62 -10.43
C ARG A 192 -24.43 -79.42 -9.77
N LEU A 193 -25.18 -78.34 -9.57
CA LEU A 193 -24.65 -77.15 -8.88
C LEU A 193 -24.41 -77.41 -7.40
N ALA A 194 -25.39 -78.03 -6.73
CA ALA A 194 -25.29 -78.31 -5.30
C ALA A 194 -23.99 -79.07 -4.96
N ALA A 195 -23.65 -80.05 -5.81
CA ALA A 195 -22.41 -80.84 -5.67
C ALA A 195 -21.14 -79.99 -5.62
N ALA A 196 -21.20 -78.76 -6.15
CA ALA A 196 -20.05 -77.86 -6.19
C ALA A 196 -20.04 -76.86 -5.02
N LEU A 197 -21.05 -76.92 -4.16
CA LEU A 197 -21.22 -75.98 -3.05
C LEU A 197 -21.31 -76.67 -1.68
N THR A 198 -20.91 -77.94 -1.61
CA THR A 198 -20.91 -78.66 -0.34
C THR A 198 -19.86 -78.05 0.59
N PRO A 199 -20.04 -78.21 1.93
CA PRO A 199 -19.04 -77.75 2.91
C PRO A 199 -17.61 -78.23 2.66
N GLN A 200 -17.46 -79.46 2.19
CA GLN A 200 -16.13 -80.04 2.01
C GLN A 200 -15.44 -79.50 0.74
N VAL A 201 -16.23 -79.02 -0.20
CA VAL A 201 -15.67 -78.28 -1.34
C VAL A 201 -15.22 -76.89 -0.90
N ASP A 202 -16.03 -76.25 -0.04
CA ASP A 202 -15.73 -74.90 0.50
C ASP A 202 -14.42 -74.88 1.29
N ALA A 203 -14.21 -75.90 2.11
CA ALA A 203 -13.04 -75.96 2.97
C ALA A 203 -11.75 -76.11 2.16
N VAL A 204 -11.81 -76.83 1.04
CA VAL A 204 -10.63 -76.98 0.16
C VAL A 204 -10.30 -75.64 -0.50
N LEU A 205 -11.34 -74.98 -1.00
CA LEU A 205 -11.18 -73.67 -1.65
C LEU A 205 -10.82 -72.53 -0.64
N ALA A 206 -11.31 -72.63 0.60
CA ALA A 206 -10.94 -71.68 1.65
C ALA A 206 -9.44 -71.76 1.94
N ARG A 207 -8.90 -72.98 1.96
CA ARG A 207 -7.46 -73.19 2.23
C ARG A 207 -6.59 -72.93 0.99
N HIS A 208 -7.08 -73.26 -0.21
CA HIS A 208 -6.30 -73.09 -1.45
C HIS A 208 -7.14 -72.45 -2.57
N PRO A 209 -7.49 -71.15 -2.42
CA PRO A 209 -8.32 -70.51 -3.43
C PRO A 209 -7.68 -70.44 -4.82
N LEU A 210 -8.51 -70.40 -5.84
CA LEU A 210 -8.08 -70.03 -7.17
C LEU A 210 -7.95 -68.51 -7.18
N ARG A 211 -6.71 -68.03 -7.37
CA ARG A 211 -6.37 -66.63 -7.35
C ARG A 211 -5.94 -66.17 -8.72
N ASP A 212 -6.75 -65.32 -9.36
CA ASP A 212 -6.39 -64.70 -10.65
C ASP A 212 -5.61 -63.40 -10.48
N LEU A 213 -4.60 -63.21 -11.32
CA LEU A 213 -3.94 -61.91 -11.50
C LEU A 213 -3.35 -61.35 -10.22
N VAL A 214 -2.73 -62.23 -9.45
CA VAL A 214 -2.20 -61.89 -8.13
C VAL A 214 -1.30 -60.67 -8.19
N THR A 215 -1.54 -59.69 -7.34
CA THR A 215 -0.80 -58.40 -7.36
C THR A 215 -0.39 -58.04 -5.94
N SER A 216 0.84 -57.55 -5.77
CA SER A 216 1.33 -57.22 -4.44
C SER A 216 1.66 -55.77 -4.28
N SER A 217 1.52 -55.31 -3.03
CA SER A 217 2.06 -54.04 -2.60
C SER A 217 3.57 -54.15 -2.45
N ASP A 218 4.22 -53.00 -2.31
CA ASP A 218 5.62 -52.96 -1.94
C ASP A 218 5.76 -53.31 -0.46
N PRO A 219 6.82 -54.05 -0.11
CA PRO A 219 6.91 -54.41 1.31
C PRO A 219 7.01 -53.20 2.29
N LEU A 220 6.38 -53.35 3.45
CA LEU A 220 6.47 -52.35 4.54
C LEU A 220 7.21 -52.94 5.73
N PRO A 221 8.00 -52.12 6.41
CA PRO A 221 8.83 -52.67 7.45
C PRO A 221 8.18 -52.74 8.82
N LEU A 222 8.47 -53.82 9.55
CA LEU A 222 7.98 -53.99 10.91
C LEU A 222 9.15 -54.37 11.82
N LEU A 223 9.39 -53.60 12.88
CA LEU A 223 10.41 -53.92 13.89
C LEU A 223 9.74 -54.67 15.04
N VAL A 224 10.18 -55.87 15.31
CA VAL A 224 9.62 -56.66 16.38
C VAL A 224 10.59 -56.68 17.55
N GLU A 225 10.15 -56.18 18.70
CA GLU A 225 11.02 -56.06 19.87
C GLU A 225 10.53 -56.98 20.99
N ARG A 226 11.26 -57.02 22.09
CA ARG A 226 10.93 -58.00 23.13
C ARG A 226 9.68 -57.61 23.94
N GLU A 227 9.11 -58.62 24.57
CA GLU A 227 7.90 -58.51 25.36
C GLU A 227 7.89 -57.27 26.25
N ARG A 228 8.99 -57.00 26.94
CA ARG A 228 9.01 -55.93 27.95
C ARG A 228 8.82 -54.53 27.36
N ALA A 229 9.07 -54.37 26.06
CA ALA A 229 8.90 -53.06 25.41
C ALA A 229 7.45 -52.64 25.49
N LEU A 230 6.55 -53.63 25.45
CA LEU A 230 5.10 -53.40 25.48
C LEU A 230 4.53 -53.68 26.89
N TYR A 231 4.96 -54.77 27.50
CA TYR A 231 4.36 -55.25 28.74
C TYR A 231 5.33 -55.20 29.93
N GLY A 232 4.92 -54.56 31.03
CA GLY A 232 5.73 -54.51 32.23
C GLY A 232 5.15 -53.61 33.31
N ALA A 233 5.43 -53.94 34.57
CA ALA A 233 4.99 -53.07 35.67
C ALA A 233 6.25 -52.44 36.28
N TRP A 234 6.21 -51.11 36.42
CA TRP A 234 7.34 -50.29 36.78
C TRP A 234 7.19 -49.68 38.16
N TYR A 235 8.29 -49.65 38.90
CA TYR A 235 8.33 -48.97 40.19
C TYR A 235 9.54 -48.06 40.27
N GLU A 236 9.31 -46.80 40.61
CA GLU A 236 10.38 -45.85 40.76
C GLU A 236 10.63 -45.58 42.24
N PHE A 237 11.88 -45.67 42.68
CA PHE A 237 12.28 -45.14 43.99
C PHE A 237 13.70 -44.62 44.03
N PHE A 238 13.97 -43.80 45.04
CA PHE A 238 15.28 -43.15 45.24
C PHE A 238 16.04 -43.95 46.25
N PRO A 239 17.07 -44.69 45.83
CA PRO A 239 17.90 -45.44 46.77
C PRO A 239 18.37 -44.65 48.00
N ARG A 240 18.69 -43.37 47.83
CA ARG A 240 19.24 -42.59 48.93
C ARG A 240 18.26 -42.41 50.09
N SER A 241 16.97 -42.60 49.84
CA SER A 241 15.95 -42.49 50.87
C SER A 241 15.86 -43.75 51.76
N GLU A 242 16.41 -44.87 51.31
CA GLU A 242 16.35 -46.11 52.04
C GLU A 242 17.65 -46.34 52.80
N GLY A 243 17.87 -45.49 53.78
CA GLY A 243 19.05 -45.55 54.62
C GLY A 243 18.75 -46.15 55.99
N THR A 244 19.51 -45.70 56.98
CA THR A 244 19.41 -46.18 58.37
C THR A 244 19.35 -44.98 59.32
N PRO A 245 19.15 -45.24 60.62
CA PRO A 245 19.26 -44.17 61.61
C PRO A 245 20.66 -43.58 61.72
N HIS A 246 21.69 -44.43 61.71
CA HIS A 246 23.05 -43.93 61.80
C HIS A 246 23.48 -43.19 60.51
N THR A 247 23.12 -43.76 59.35
CA THR A 247 23.45 -43.21 58.01
C THR A 247 22.20 -43.03 57.13
N PRO A 248 21.55 -41.86 57.28
CA PRO A 248 20.30 -41.57 56.57
C PRO A 248 20.42 -41.71 55.08
N HIS A 249 21.52 -41.26 54.51
CA HIS A 249 21.68 -41.37 53.07
C HIS A 249 21.90 -42.81 52.74
N GLY A 250 20.94 -43.40 52.03
CA GLY A 250 20.97 -44.82 51.69
C GLY A 250 22.05 -45.11 50.68
N THR A 251 22.51 -46.35 50.68
CA THR A 251 23.49 -46.85 49.73
C THR A 251 22.82 -47.86 48.84
N PHE A 252 23.55 -48.35 47.85
CA PHE A 252 23.05 -49.47 47.07
C PHE A 252 22.88 -50.72 47.95
N ARG A 253 23.75 -50.91 48.91
CA ARG A 253 23.62 -52.07 49.81
C ARG A 253 22.41 -52.00 50.72
N THR A 254 22.12 -50.83 51.29
CA THR A 254 20.90 -50.70 52.09
C THR A 254 19.66 -50.66 51.21
N ALA A 255 19.71 -49.99 50.06
CA ALA A 255 18.54 -49.87 49.23
C ALA A 255 18.15 -51.21 48.57
N ALA A 256 19.09 -52.13 48.41
CA ALA A 256 18.77 -53.50 47.95
C ALA A 256 17.75 -54.22 48.83
N ARG A 257 17.60 -53.78 50.08
CA ARG A 257 16.60 -54.36 50.97
C ARG A 257 15.18 -54.02 50.57
N ARG A 258 14.96 -52.95 49.80
CA ARG A 258 13.62 -52.61 49.32
C ARG A 258 13.17 -53.50 48.17
N LEU A 259 14.10 -54.12 47.48
CA LEU A 259 13.78 -54.87 46.28
C LEU A 259 12.78 -56.04 46.49
N PRO A 260 12.91 -56.79 47.59
CA PRO A 260 11.98 -57.89 47.77
C PRO A 260 10.56 -57.39 47.90
N ALA A 261 10.36 -56.26 48.56
CA ALA A 261 9.04 -55.72 48.75
C ALA A 261 8.48 -55.30 47.39
N ILE A 262 9.35 -54.79 46.51
CA ILE A 262 8.92 -54.35 45.20
C ILE A 262 8.59 -55.55 44.34
N ALA A 263 9.42 -56.58 44.38
CA ALA A 263 9.13 -57.84 43.67
C ALA A 263 7.80 -58.45 44.14
N ALA A 264 7.57 -58.40 45.45
CA ALA A 264 6.36 -58.93 46.08
C ALA A 264 5.11 -58.23 45.56
N MET A 265 5.25 -56.95 45.23
CA MET A 265 4.14 -56.21 44.67
C MET A 265 3.94 -56.52 43.16
N GLY A 266 4.74 -57.42 42.61
CA GLY A 266 4.57 -57.86 41.24
C GLY A 266 5.10 -56.91 40.19
N PHE A 267 6.09 -56.10 40.55
CA PHE A 267 6.71 -55.25 39.59
C PHE A 267 7.80 -56.02 38.86
N ASP A 268 8.15 -55.51 37.67
CA ASP A 268 9.16 -56.16 36.82
C ASP A 268 10.37 -55.29 36.64
N VAL A 269 10.19 -53.97 36.74
CA VAL A 269 11.21 -52.98 36.42
C VAL A 269 11.31 -51.95 37.53
N VAL A 270 12.52 -51.69 37.98
CA VAL A 270 12.79 -50.65 38.98
C VAL A 270 13.51 -49.54 38.28
N TYR A 271 12.86 -48.38 38.21
CA TYR A 271 13.43 -47.21 37.57
C TYR A 271 14.04 -46.34 38.65
N LEU A 272 15.36 -46.14 38.55
CA LEU A 272 16.12 -45.27 39.48
C LEU A 272 16.33 -43.89 38.90
N PRO A 273 16.10 -42.84 39.69
CA PRO A 273 16.64 -41.54 39.35
C PRO A 273 18.17 -41.56 39.21
N PRO A 274 18.74 -40.49 38.63
CA PRO A 274 20.18 -40.48 38.36
C PRO A 274 21.01 -40.92 39.55
N ILE A 275 21.95 -41.84 39.31
CA ILE A 275 22.74 -42.45 40.40
C ILE A 275 24.15 -41.84 40.51
N HIS A 276 24.34 -40.66 39.90
CA HIS A 276 25.68 -40.10 39.75
C HIS A 276 25.97 -39.08 40.83
N PRO A 277 27.21 -38.58 40.90
CA PRO A 277 27.47 -37.44 41.79
C PRO A 277 26.59 -36.26 41.44
N ILE A 278 26.39 -35.36 42.41
CA ILE A 278 25.47 -34.24 42.27
C ILE A 278 26.24 -32.94 42.47
N GLY A 279 26.07 -31.97 41.58
CA GLY A 279 26.79 -30.71 41.70
C GLY A 279 26.52 -30.00 43.02
N THR A 280 27.44 -29.12 43.40
CA THR A 280 27.30 -28.26 44.58
C THR A 280 26.97 -26.79 44.20
N THR A 281 27.39 -26.34 43.02
CA THR A 281 27.16 -24.96 42.57
C THR A 281 25.70 -24.76 42.14
N HIS A 282 25.02 -23.81 42.79
CA HIS A 282 23.59 -23.54 42.64
C HIS A 282 22.72 -24.72 43.00
N ARG A 283 23.22 -25.60 43.87
CA ARG A 283 22.42 -26.73 44.35
C ARG A 283 21.13 -26.21 44.96
N LYS A 284 20.04 -26.93 44.74
CA LYS A 284 18.78 -26.57 45.35
C LYS A 284 18.60 -27.19 46.75
N GLY A 285 17.82 -26.50 47.55
CA GLY A 285 17.47 -26.98 48.85
C GLY A 285 16.11 -27.65 48.86
N ARG A 286 15.64 -27.90 50.06
CA ARG A 286 14.39 -28.58 50.27
C ARG A 286 13.30 -27.78 49.59
N ASN A 287 12.31 -28.47 49.07
CA ASN A 287 11.16 -27.82 48.44
C ASN A 287 11.45 -26.88 47.30
N ASN A 288 12.52 -27.18 46.57
CA ASN A 288 12.88 -26.39 45.40
C ASN A 288 13.27 -24.97 45.76
N THR A 289 13.82 -24.77 46.97
CA THR A 289 14.40 -23.48 47.30
C THR A 289 15.72 -23.36 46.56
N LEU A 290 16.17 -22.13 46.39
CA LEU A 290 17.27 -21.79 45.48
C LEU A 290 18.66 -22.17 46.04
N SER A 291 18.89 -21.87 47.32
CA SER A 291 20.18 -22.12 48.00
C SER A 291 20.09 -23.28 48.99
N ALA A 292 20.85 -24.35 48.73
CA ALA A 292 20.94 -25.48 49.66
C ALA A 292 21.65 -25.02 50.93
N THR A 293 21.28 -25.62 52.05
CA THR A 293 21.98 -25.38 53.30
C THR A 293 22.93 -26.54 53.54
N GLY A 294 23.72 -26.45 54.60
CA GLY A 294 24.81 -27.38 54.84
C GLY A 294 24.65 -28.84 54.43
N ASP A 295 23.55 -29.46 54.83
CA ASP A 295 23.38 -30.90 54.68
C ASP A 295 22.47 -31.35 53.54
N ASP A 296 21.75 -30.40 52.94
CA ASP A 296 20.86 -30.69 51.82
C ASP A 296 21.54 -31.56 50.79
N VAL A 297 20.81 -32.54 50.25
CA VAL A 297 21.43 -33.53 49.34
C VAL A 297 21.34 -33.17 47.88
N GLY A 298 20.50 -32.19 47.55
CA GLY A 298 20.38 -31.72 46.18
C GLY A 298 19.58 -32.65 45.27
N VAL A 299 19.44 -32.25 44.00
CA VAL A 299 18.60 -32.97 43.02
C VAL A 299 19.47 -33.90 42.18
N PRO A 300 19.09 -35.18 42.08
CA PRO A 300 19.90 -36.15 41.36
C PRO A 300 20.13 -35.82 39.91
N TRP A 301 19.21 -35.06 39.33
CA TRP A 301 19.30 -34.63 37.94
C TRP A 301 20.34 -33.50 37.72
N ALA A 302 20.87 -32.95 38.80
CA ALA A 302 21.96 -31.97 38.69
C ALA A 302 23.27 -32.75 38.67
N ILE A 303 23.49 -33.47 37.57
CA ILE A 303 24.52 -34.50 37.46
C ILE A 303 25.93 -33.91 37.31
N GLY A 304 26.85 -34.43 38.11
CA GLY A 304 28.26 -34.22 37.90
C GLY A 304 28.92 -33.32 38.94
N SER A 305 30.10 -33.74 39.35
CA SER A 305 30.96 -32.96 40.24
C SER A 305 32.38 -33.38 39.96
N PRO A 306 33.35 -32.85 40.72
CA PRO A 306 34.72 -33.34 40.54
C PRO A 306 34.86 -34.84 40.82
N GLU A 307 33.91 -35.40 41.54
CA GLU A 307 33.93 -36.82 41.87
C GLU A 307 33.58 -37.71 40.69
N GLY A 308 33.03 -37.13 39.62
CA GLY A 308 32.65 -37.91 38.44
C GLY A 308 31.44 -37.36 37.73
N GLY A 309 31.13 -37.97 36.59
CA GLY A 309 29.96 -37.57 35.80
C GLY A 309 29.00 -38.71 35.59
N HIS A 310 28.51 -38.83 34.36
CA HIS A 310 27.48 -39.82 34.01
C HIS A 310 27.97 -41.25 34.00
N ASP A 311 29.28 -41.47 34.03
CA ASP A 311 29.82 -42.83 34.11
C ASP A 311 30.20 -43.19 35.54
N SER A 312 29.88 -42.31 36.49
CA SER A 312 30.23 -42.49 37.91
C SER A 312 29.05 -42.68 38.84
N ILE A 313 29.37 -43.23 40.01
CA ILE A 313 28.41 -43.46 41.08
C ILE A 313 28.63 -42.41 42.16
N HIS A 314 27.53 -41.82 42.63
CA HIS A 314 27.55 -40.90 43.74
C HIS A 314 28.28 -41.60 44.89
N PRO A 315 29.27 -40.94 45.50
CA PRO A 315 30.06 -41.65 46.51
C PRO A 315 29.24 -42.12 47.70
N ALA A 316 28.13 -41.44 47.99
CA ALA A 316 27.29 -41.77 49.16
C ALA A 316 26.41 -42.99 48.91
N LEU A 317 26.24 -43.37 47.65
CA LEU A 317 25.57 -44.62 47.31
C LEU A 317 26.53 -45.79 47.28
N GLY A 318 27.84 -45.49 47.32
CA GLY A 318 28.89 -46.53 47.30
C GLY A 318 29.66 -46.57 45.97
N THR A 319 30.08 -47.77 45.60
CA THR A 319 30.91 -47.97 44.42
C THR A 319 30.16 -48.71 43.32
N LEU A 320 30.85 -48.86 42.19
CA LEU A 320 30.37 -49.61 41.08
C LEU A 320 30.11 -51.06 41.44
N ASP A 321 30.93 -51.62 42.32
CA ASP A 321 30.76 -53.01 42.76
C ASP A 321 29.50 -53.18 43.58
N ASP A 322 29.16 -52.14 44.34
CA ASP A 322 27.95 -52.14 45.14
C ASP A 322 26.76 -52.11 44.20
N PHE A 323 26.87 -51.32 43.15
CA PHE A 323 25.81 -51.22 42.18
C PHE A 323 25.63 -52.56 41.47
N ASP A 324 26.73 -53.18 41.03
CA ASP A 324 26.65 -54.52 40.47
C ASP A 324 25.89 -55.50 41.44
N HIS A 325 26.09 -55.33 42.75
CA HIS A 325 25.42 -56.15 43.78
C HIS A 325 23.92 -55.88 43.77
N PHE A 326 23.57 -54.60 43.65
CA PHE A 326 22.19 -54.18 43.61
C PHE A 326 21.52 -54.73 42.37
N VAL A 327 22.21 -54.68 41.25
CA VAL A 327 21.68 -55.19 39.99
C VAL A 327 21.55 -56.72 40.02
N THR A 328 22.53 -57.40 40.62
CA THR A 328 22.50 -58.86 40.69
C THR A 328 21.31 -59.26 41.53
N GLU A 329 21.10 -58.56 42.65
CA GLU A 329 20.07 -58.97 43.58
C GLU A 329 18.73 -58.70 42.95
N ALA A 330 18.59 -57.58 42.28
CA ALA A 330 17.38 -57.29 41.50
C ALA A 330 17.07 -58.41 40.50
N GLY A 331 18.09 -58.85 39.77
CA GLY A 331 17.94 -59.90 38.76
C GLY A 331 17.36 -61.18 39.33
N LYS A 332 17.85 -61.58 40.50
CA LYS A 332 17.38 -62.79 41.16
C LYS A 332 15.93 -62.71 41.61
N LEU A 333 15.44 -61.49 41.86
CA LEU A 333 14.01 -61.26 42.24
C LEU A 333 13.09 -61.00 41.04
N GLY A 334 13.61 -61.16 39.82
CA GLY A 334 12.81 -60.96 38.59
C GLY A 334 12.65 -59.50 38.23
N LEU A 335 13.57 -58.67 38.72
CA LEU A 335 13.55 -57.23 38.46
C LEU A 335 14.72 -56.81 37.56
N GLU A 336 14.38 -56.09 36.49
CA GLU A 336 15.35 -55.41 35.64
C GLU A 336 15.50 -53.99 36.12
N ILE A 337 16.71 -53.43 35.99
CA ILE A 337 16.91 -52.06 36.33
C ILE A 337 16.76 -51.23 35.07
N ALA A 338 16.18 -50.06 35.26
CA ALA A 338 16.10 -49.02 34.25
C ALA A 338 16.80 -47.79 34.86
N LEU A 339 17.86 -47.30 34.22
CA LEU A 339 18.53 -46.11 34.72
C LEU A 339 17.99 -44.86 34.05
N ASP A 340 17.98 -43.77 34.82
CA ASP A 340 17.68 -42.46 34.26
C ASP A 340 18.88 -41.99 33.44
N PHE A 341 18.60 -41.44 32.27
CA PHE A 341 19.65 -40.84 31.45
C PHE A 341 19.23 -39.42 31.15
N ALA A 342 19.90 -38.47 31.78
CA ALA A 342 19.58 -37.06 31.60
C ALA A 342 20.83 -36.42 31.01
N LEU A 343 20.73 -36.07 29.71
CA LEU A 343 21.85 -35.48 28.98
C LEU A 343 21.86 -34.00 29.27
N GLN A 344 22.51 -33.72 30.40
CA GLN A 344 22.58 -32.38 31.02
C GLN A 344 23.58 -32.47 32.16
N CYS A 345 24.01 -31.31 32.66
CA CYS A 345 25.12 -31.22 33.60
C CYS A 345 24.88 -30.19 34.67
N SER A 346 25.41 -30.46 35.86
CA SER A 346 25.56 -29.41 36.84
C SER A 346 26.73 -28.56 36.39
N PRO A 347 26.82 -27.33 36.96
CA PRO A 347 27.98 -26.47 36.67
C PRO A 347 29.33 -27.05 37.03
N ASP A 348 29.36 -28.13 37.83
CA ASP A 348 30.60 -28.74 38.29
C ASP A 348 30.91 -30.05 37.57
N HIS A 349 30.12 -30.38 36.56
CA HIS A 349 30.39 -31.59 35.78
C HIS A 349 31.71 -31.33 35.03
N PRO A 350 32.53 -32.37 34.86
CA PRO A 350 33.78 -32.19 34.17
C PRO A 350 33.65 -31.72 32.72
N TRP A 351 32.58 -32.09 32.06
CA TRP A 351 32.32 -31.62 30.71
C TRP A 351 32.36 -30.11 30.59
N VAL A 352 31.95 -29.39 31.62
CA VAL A 352 31.92 -27.93 31.52
C VAL A 352 33.30 -27.36 31.11
N HIS A 353 34.37 -27.88 31.70
CA HIS A 353 35.72 -27.44 31.30
C HIS A 353 36.36 -28.30 30.23
N LYS A 354 36.04 -29.60 30.20
CA LYS A 354 36.68 -30.51 29.24
C LYS A 354 36.09 -30.41 27.83
N HIS A 355 34.83 -29.98 27.74
CA HIS A 355 34.16 -29.84 26.45
C HIS A 355 33.25 -28.62 26.50
N PRO A 356 33.85 -27.43 26.52
CA PRO A 356 33.01 -26.22 26.63
C PRO A 356 32.11 -26.04 25.44
N GLU A 357 32.51 -26.58 24.29
CA GLU A 357 31.74 -26.38 23.09
C GLU A 357 30.51 -27.27 23.03
N TRP A 358 30.26 -28.02 24.10
CA TRP A 358 28.99 -28.76 24.30
C TRP A 358 27.94 -27.92 25.04
N PHE A 359 28.21 -26.63 25.19
CA PHE A 359 27.31 -25.74 25.89
C PHE A 359 27.24 -24.47 25.12
N HIS A 360 26.12 -23.79 25.20
CA HIS A 360 26.02 -22.52 24.56
C HIS A 360 26.45 -21.47 25.56
N HIS A 361 27.41 -20.62 25.16
CA HIS A 361 27.89 -19.56 26.04
C HIS A 361 27.41 -18.21 25.55
N ARG A 362 27.03 -17.39 26.51
CA ARG A 362 26.60 -16.07 26.21
C ARG A 362 27.85 -15.24 26.02
N PRO A 363 27.72 -14.01 25.56
CA PRO A 363 28.91 -13.21 25.28
C PRO A 363 29.90 -13.00 26.44
N ASP A 364 29.45 -13.08 27.69
CA ASP A 364 30.34 -12.93 28.84
C ASP A 364 30.93 -14.27 29.26
N GLY A 365 30.70 -15.32 28.48
CA GLY A 365 31.24 -16.65 28.78
C GLY A 365 30.32 -17.56 29.57
N THR A 366 29.28 -17.00 30.18
CA THR A 366 28.37 -17.78 31.04
C THR A 366 27.43 -18.67 30.23
N ILE A 367 26.94 -19.71 30.92
CA ILE A 367 25.97 -20.63 30.37
C ILE A 367 24.65 -20.42 31.10
N ALA A 368 23.61 -20.13 30.33
CA ALA A 368 22.25 -20.02 30.87
C ALA A 368 21.82 -21.34 31.40
N HIS A 369 21.24 -21.34 32.60
CA HIS A 369 20.71 -22.54 33.20
C HIS A 369 19.49 -23.01 32.41
N ALA A 370 19.21 -24.30 32.45
CA ALA A 370 18.11 -24.90 31.72
C ALA A 370 16.77 -24.44 32.22
N GLU A 371 15.76 -24.57 31.36
CA GLU A 371 14.38 -24.10 31.63
C GLU A 371 13.33 -24.94 30.90
N ASN A 372 12.10 -24.91 31.42
CA ASN A 372 10.89 -25.48 30.78
C ASN A 372 9.73 -24.60 31.28
N PRO A 373 9.74 -23.30 30.89
CA PRO A 373 8.97 -22.26 31.59
C PRO A 373 7.51 -22.66 31.89
N PRO A 374 6.96 -22.22 33.04
CA PRO A 374 7.64 -21.34 34.04
C PRO A 374 8.62 -22.08 34.97
N LYS A 375 8.94 -23.34 34.67
CA LYS A 375 9.91 -24.09 35.48
C LYS A 375 11.38 -23.67 35.16
N LYS A 376 12.14 -23.39 36.21
CA LYS A 376 13.54 -23.05 36.10
C LYS A 376 14.41 -24.12 36.72
N TYR A 377 15.54 -24.42 36.08
CA TYR A 377 16.50 -25.38 36.61
C TYR A 377 17.85 -24.72 36.83
N GLN A 378 17.88 -23.81 37.79
CA GLN A 378 19.09 -23.05 38.11
C GLN A 378 20.28 -23.95 38.40
N ASP A 379 20.01 -25.20 38.79
CA ASP A 379 21.08 -26.12 39.18
C ASP A 379 21.69 -26.92 38.01
N ILE A 380 21.20 -26.72 36.79
CA ILE A 380 21.79 -27.39 35.65
C ILE A 380 21.97 -26.55 34.40
N TYR A 381 22.91 -27.02 33.57
CA TYR A 381 23.16 -26.48 32.24
C TYR A 381 22.63 -27.46 31.18
N PRO A 382 21.90 -26.95 30.19
CA PRO A 382 21.55 -27.79 29.06
C PRO A 382 22.72 -27.92 28.07
N ILE A 383 22.72 -29.00 27.29
CA ILE A 383 23.73 -29.29 26.29
C ILE A 383 23.41 -28.56 24.98
N ALA A 384 24.46 -28.13 24.27
CA ALA A 384 24.33 -27.56 22.90
C ALA A 384 24.95 -28.60 21.99
N PHE A 385 24.26 -28.84 20.87
CA PHE A 385 24.54 -30.01 20.03
C PHE A 385 25.19 -29.71 18.70
N ASP A 386 25.27 -28.43 18.33
CA ASP A 386 25.63 -28.06 16.98
C ASP A 386 27.09 -27.75 16.74
N ALA A 387 27.88 -27.65 17.80
CA ALA A 387 29.31 -27.45 17.61
C ALA A 387 30.02 -28.80 17.46
N ASP A 388 29.60 -29.84 18.21
CA ASP A 388 30.32 -31.12 18.16
C ASP A 388 29.36 -32.31 18.26
N PRO A 389 28.44 -32.41 17.30
CA PRO A 389 27.42 -33.46 17.36
C PRO A 389 28.02 -34.86 17.38
N ASP A 390 29.11 -35.04 16.66
CA ASP A 390 29.80 -36.33 16.63
C ASP A 390 30.38 -36.72 18.01
N GLY A 391 31.03 -35.77 18.69
CA GLY A 391 31.58 -36.06 19.99
C GLY A 391 30.50 -36.36 21.02
N LEU A 392 29.42 -35.59 20.98
CA LEU A 392 28.31 -35.89 21.87
C LEU A 392 27.75 -37.29 21.58
N ALA A 393 27.57 -37.63 20.31
CA ALA A 393 27.02 -38.94 19.97
C ALA A 393 27.94 -40.04 20.54
N THR A 394 29.23 -39.92 20.28
CA THR A 394 30.19 -40.93 20.65
C THR A 394 30.26 -41.16 22.16
N GLU A 395 30.15 -40.06 22.92
CA GLU A 395 30.29 -40.12 24.36
C GLU A 395 29.01 -40.67 24.97
N THR A 396 27.88 -40.22 24.42
CA THR A 396 26.59 -40.66 24.86
C THR A 396 26.47 -42.16 24.73
N VAL A 397 26.83 -42.71 23.58
CA VAL A 397 26.65 -44.16 23.40
C VAL A 397 27.68 -44.92 24.19
N ARG A 398 28.81 -44.28 24.49
CA ARG A 398 29.82 -44.91 25.36
C ARG A 398 29.26 -45.00 26.79
N ILE A 399 28.64 -43.93 27.27
CA ILE A 399 28.01 -43.98 28.58
C ILE A 399 26.96 -45.08 28.62
N LEU A 400 26.04 -45.08 27.67
CA LEU A 400 25.02 -46.11 27.65
C LEU A 400 25.63 -47.51 27.64
N ARG A 401 26.64 -47.72 26.81
CA ARG A 401 27.33 -49.02 26.78
C ARG A 401 28.01 -49.38 28.09
N HIS A 402 28.51 -48.40 28.81
CA HIS A 402 29.08 -48.65 30.11
C HIS A 402 28.01 -49.29 31.00
N TRP A 403 26.86 -48.64 31.12
CA TRP A 403 25.80 -49.18 31.99
C TRP A 403 25.24 -50.49 31.46
N MET A 404 25.26 -50.65 30.14
CA MET A 404 24.80 -51.89 29.56
C MET A 404 25.70 -53.03 29.99
N ASP A 405 26.99 -52.75 30.07
CA ASP A 405 27.96 -53.77 30.46
C ASP A 405 27.82 -54.12 31.91
N HIS A 406 27.03 -53.34 32.66
CA HIS A 406 26.70 -53.64 34.04
C HIS A 406 25.23 -54.02 34.21
N GLY A 407 24.60 -54.50 33.13
CA GLY A 407 23.28 -55.17 33.17
C GLY A 407 22.05 -54.27 33.13
N VAL A 408 22.24 -53.00 32.79
CA VAL A 408 21.10 -52.11 32.64
C VAL A 408 20.75 -52.18 31.15
N ARG A 409 19.60 -52.75 30.83
CA ARG A 409 19.14 -52.91 29.47
C ARG A 409 17.90 -52.08 29.25
N ILE A 410 17.65 -51.13 30.14
CA ILE A 410 16.51 -50.20 29.98
C ILE A 410 16.95 -48.81 30.42
N PHE A 411 16.67 -47.79 29.61
CA PHE A 411 17.01 -46.43 29.97
C PHE A 411 15.78 -45.57 29.91
N ARG A 412 15.55 -44.81 30.97
CA ARG A 412 14.46 -43.86 30.99
C ARG A 412 15.15 -42.56 30.66
N VAL A 413 14.81 -41.99 29.50
CA VAL A 413 15.53 -40.83 28.98
C VAL A 413 14.80 -39.56 29.43
N ASP A 414 15.48 -38.77 30.25
CA ASP A 414 14.92 -37.58 30.83
C ASP A 414 14.68 -36.50 29.77
N ASN A 415 13.51 -35.87 29.79
CA ASN A 415 13.16 -34.78 28.85
C ASN A 415 13.82 -34.82 27.47
N PRO A 416 13.54 -35.85 26.66
CA PRO A 416 14.23 -35.99 25.37
C PRO A 416 13.92 -34.88 24.36
N HIS A 417 12.73 -34.32 24.49
CA HIS A 417 12.29 -33.27 23.61
C HIS A 417 13.03 -31.92 23.76
N THR A 418 14.01 -31.81 24.68
CA THR A 418 14.87 -30.59 24.72
C THR A 418 16.24 -30.85 24.06
N LYS A 419 16.42 -32.07 23.53
CA LYS A 419 17.58 -32.43 22.73
C LYS A 419 17.07 -32.73 21.29
N PRO A 420 17.97 -32.70 20.29
CA PRO A 420 17.48 -32.83 18.92
C PRO A 420 16.89 -34.19 18.65
N VAL A 421 15.83 -34.22 17.86
CA VAL A 421 15.16 -35.47 17.53
C VAL A 421 16.11 -36.41 16.79
N ALA A 422 16.84 -35.87 15.81
CA ALA A 422 17.80 -36.67 15.02
C ALA A 422 18.94 -37.21 15.87
N PHE A 423 19.27 -36.51 16.94
CA PHE A 423 20.26 -37.02 17.88
C PHE A 423 19.78 -38.35 18.55
N TRP A 424 18.54 -38.39 19.02
CA TRP A 424 18.01 -39.64 19.60
C TRP A 424 17.90 -40.69 18.51
N GLU A 425 17.50 -40.28 17.31
CA GLU A 425 17.40 -41.25 16.22
C GLU A 425 18.75 -41.93 15.97
N ARG A 426 19.83 -41.15 16.01
CA ARG A 426 21.16 -41.68 15.75
C ARG A 426 21.65 -42.49 16.93
N VAL A 427 21.41 -42.02 18.14
CA VAL A 427 21.86 -42.75 19.32
C VAL A 427 21.20 -44.12 19.47
N ILE A 428 19.88 -44.14 19.31
CA ILE A 428 19.12 -45.35 19.47
C ILE A 428 19.48 -46.35 18.38
N ALA A 429 19.63 -45.88 17.15
CA ALA A 429 19.97 -46.78 16.07
C ALA A 429 21.33 -47.34 16.36
N ASP A 430 22.23 -46.52 16.90
CA ASP A 430 23.57 -47.02 17.16
C ASP A 430 23.53 -48.13 18.23
N ILE A 431 22.86 -47.86 19.35
CA ILE A 431 22.78 -48.84 20.44
C ILE A 431 21.98 -50.08 20.07
N ASN A 432 20.86 -49.92 19.36
CA ASN A 432 20.05 -51.07 18.97
C ASN A 432 20.68 -51.87 17.81
N GLY A 433 21.60 -51.25 17.09
CA GLY A 433 22.35 -51.98 16.06
C GLY A 433 23.14 -53.15 16.65
N THR A 434 23.74 -52.93 17.81
CA THR A 434 24.56 -53.94 18.46
C THR A 434 23.74 -54.68 19.54
N ASP A 435 22.84 -53.95 20.18
CA ASP A 435 22.11 -54.48 21.32
C ASP A 435 20.62 -54.21 21.16
N PRO A 436 19.95 -54.93 20.24
CA PRO A 436 18.52 -54.63 19.92
C PRO A 436 17.52 -54.81 21.09
N ASP A 437 17.96 -55.48 22.16
CA ASP A 437 17.11 -55.69 23.32
C ASP A 437 16.97 -54.46 24.22
N VAL A 438 17.83 -53.44 24.07
CA VAL A 438 17.80 -52.29 24.97
C VAL A 438 16.56 -51.48 24.68
N ILE A 439 15.90 -51.04 25.75
CA ILE A 439 14.65 -50.32 25.67
C ILE A 439 14.84 -48.90 26.14
N PHE A 440 14.32 -47.94 25.38
CA PHE A 440 14.32 -46.54 25.72
C PHE A 440 12.90 -46.04 25.95
N LEU A 441 12.71 -45.37 27.09
CA LEU A 441 11.45 -44.76 27.45
C LEU A 441 11.63 -43.24 27.40
N ALA A 442 10.77 -42.58 26.62
CA ALA A 442 10.86 -41.15 26.40
C ALA A 442 10.00 -40.36 27.37
N GLU A 443 10.62 -39.63 28.28
CA GLU A 443 9.82 -38.80 29.16
C GLU A 443 9.51 -37.47 28.51
N ALA A 444 8.71 -37.50 27.46
CA ALA A 444 8.42 -36.29 26.68
C ALA A 444 7.03 -35.79 26.96
N PHE A 445 6.88 -34.97 27.99
CA PHE A 445 5.58 -34.38 28.32
C PHE A 445 5.49 -33.06 27.61
N THR A 446 4.94 -33.07 26.40
CA THR A 446 5.07 -31.97 25.47
C THR A 446 3.97 -32.10 24.42
N ARG A 447 4.17 -31.50 23.26
CA ARG A 447 3.09 -31.49 22.26
C ARG A 447 3.04 -32.80 21.50
N PRO A 448 1.90 -33.10 20.88
CA PRO A 448 1.70 -34.36 20.18
C PRO A 448 2.72 -34.67 19.05
N ALA A 449 3.03 -33.68 18.22
CA ALA A 449 3.87 -33.91 17.07
C ALA A 449 5.24 -34.44 17.52
N MET A 450 5.84 -33.76 18.49
CA MET A 450 7.14 -34.16 19.03
C MET A 450 7.02 -35.54 19.69
N MET A 451 6.00 -35.69 20.53
CA MET A 451 5.71 -36.97 21.21
C MET A 451 5.63 -38.14 20.23
N ALA A 452 4.83 -37.98 19.19
CA ALA A 452 4.73 -39.00 18.15
C ALA A 452 6.08 -39.21 17.46
N THR A 453 6.74 -38.12 17.09
CA THR A 453 7.97 -38.24 16.31
C THR A 453 9.05 -39.02 17.05
N LEU A 454 9.19 -38.77 18.36
CA LEU A 454 10.23 -39.43 19.16
C LEU A 454 9.99 -40.94 19.24
N ALA A 455 8.73 -41.32 19.40
CA ALA A 455 8.35 -42.73 19.35
C ALA A 455 8.71 -43.29 17.96
N GLN A 456 8.43 -42.52 16.91
CA GLN A 456 8.63 -43.01 15.55
C GLN A 456 10.08 -43.15 15.15
N ILE A 457 10.95 -42.34 15.73
CA ILE A 457 12.36 -42.40 15.38
C ILE A 457 13.09 -43.42 16.24
N GLY A 458 12.37 -44.10 17.13
CA GLY A 458 12.94 -45.28 17.77
C GLY A 458 12.73 -45.51 19.25
N PHE A 459 12.14 -44.55 19.98
CA PHE A 459 11.84 -44.76 21.41
C PHE A 459 10.79 -45.83 21.59
N GLN A 460 11.16 -46.90 22.31
CA GLN A 460 10.32 -48.07 22.44
C GLN A 460 9.09 -47.76 23.27
N GLN A 461 9.24 -46.81 24.19
CA GLN A 461 8.14 -46.48 25.11
C GLN A 461 8.04 -44.99 25.23
N SER A 462 6.85 -44.52 25.56
CA SER A 462 6.60 -43.12 25.78
C SER A 462 5.77 -42.89 27.03
N TYR A 463 6.15 -41.89 27.81
CA TYR A 463 5.21 -41.38 28.78
C TYR A 463 4.11 -40.72 27.99
N THR A 464 2.96 -40.53 28.61
CA THR A 464 1.74 -40.14 27.94
C THR A 464 1.01 -39.07 28.73
N TYR A 465 -0.15 -38.67 28.25
CA TYR A 465 -0.98 -37.67 28.94
C TYR A 465 -1.85 -38.26 30.04
N PHE A 466 -1.63 -39.52 30.36
CA PHE A 466 -2.51 -40.27 31.25
C PHE A 466 -2.94 -39.51 32.52
N THR A 467 -1.99 -38.91 33.23
CA THR A 467 -2.30 -38.29 34.54
C THR A 467 -3.32 -37.19 34.40
N TRP A 468 -3.46 -36.67 33.19
CA TRP A 468 -4.43 -35.61 32.91
C TRP A 468 -5.64 -36.14 32.15
N ARG A 469 -5.90 -37.44 32.29
CA ARG A 469 -7.12 -38.04 31.78
C ARG A 469 -7.80 -38.74 32.92
N ASN A 470 -8.78 -38.04 33.51
CA ASN A 470 -9.46 -38.45 34.74
C ASN A 470 -10.98 -38.64 34.62
N THR A 471 -11.63 -37.96 33.68
CA THR A 471 -13.08 -38.18 33.45
C THR A 471 -13.29 -39.33 32.49
N LYS A 472 -14.54 -39.76 32.37
CA LYS A 472 -14.88 -40.83 31.46
C LYS A 472 -14.68 -40.43 30.02
N GLN A 473 -15.00 -39.19 29.68
CA GLN A 473 -14.79 -38.72 28.33
C GLN A 473 -13.31 -38.69 27.99
N GLU A 474 -12.52 -38.07 28.87
CA GLU A 474 -11.08 -38.00 28.71
C GLU A 474 -10.46 -39.37 28.55
N LEU A 475 -10.77 -40.28 29.46
CA LEU A 475 -10.18 -41.61 29.42
C LEU A 475 -10.56 -42.36 28.17
N THR A 476 -11.81 -42.26 27.76
CA THR A 476 -12.33 -42.99 26.62
C THR A 476 -11.66 -42.48 25.36
N GLU A 477 -11.69 -41.18 25.16
CA GLU A 477 -11.08 -40.60 23.96
C GLU A 477 -9.58 -40.93 23.84
N TYR A 478 -8.85 -40.65 24.90
CA TYR A 478 -7.41 -40.84 24.90
C TYR A 478 -7.00 -42.29 24.69
N LEU A 479 -7.71 -43.24 25.31
CA LEU A 479 -7.34 -44.63 25.11
C LEU A 479 -7.78 -45.17 23.76
N THR A 480 -8.83 -44.57 23.19
CA THR A 480 -9.22 -44.89 21.82
C THR A 480 -8.04 -44.49 20.92
N GLU A 481 -7.47 -43.31 21.17
CA GLU A 481 -6.32 -42.83 20.43
C GLU A 481 -5.08 -43.74 20.61
N LEU A 482 -4.73 -44.05 21.84
CA LEU A 482 -3.50 -44.84 22.10
C LEU A 482 -3.59 -46.27 21.57
N SER A 483 -4.79 -46.84 21.62
CA SER A 483 -4.97 -48.23 21.18
C SER A 483 -5.28 -48.35 19.70
N GLY A 484 -5.40 -47.22 19.00
CA GLY A 484 -5.72 -47.21 17.58
C GLY A 484 -4.47 -47.12 16.76
N GLU A 485 -4.44 -46.16 15.85
CA GLU A 485 -3.34 -46.04 14.90
C GLU A 485 -2.02 -45.69 15.54
N ALA A 486 -2.05 -44.97 16.65
CA ALA A 486 -0.82 -44.66 17.38
C ALA A 486 -0.08 -45.93 17.87
N ALA A 487 -0.79 -47.03 18.00
CA ALA A 487 -0.19 -48.28 18.51
C ALA A 487 0.84 -48.88 17.56
N SER A 488 0.89 -48.40 16.32
CA SER A 488 1.89 -48.90 15.39
C SER A 488 3.26 -48.24 15.55
N TYR A 489 3.35 -47.22 16.40
CA TYR A 489 4.67 -46.59 16.67
C TYR A 489 4.92 -46.18 18.12
N MET A 490 3.87 -46.17 18.94
CA MET A 490 4.04 -45.78 20.35
C MET A 490 3.52 -46.83 21.31
N ARG A 491 4.34 -47.12 22.32
CA ARG A 491 3.97 -48.00 23.42
C ARG A 491 3.96 -47.17 24.72
N PRO A 492 2.77 -47.01 25.33
CA PRO A 492 2.58 -46.13 26.45
C PRO A 492 2.96 -46.72 27.80
N ASN A 493 3.51 -45.88 28.66
CA ASN A 493 3.84 -46.27 30.02
C ASN A 493 3.05 -45.36 30.95
N PHE A 494 2.01 -45.93 31.53
CA PHE A 494 1.11 -45.21 32.39
C PHE A 494 1.64 -45.20 33.81
N PHE A 495 2.41 -44.17 34.13
CA PHE A 495 2.74 -43.88 35.51
C PHE A 495 1.55 -43.07 36.10
N ALA A 496 0.94 -43.58 37.16
CA ALA A 496 -0.20 -42.93 37.78
C ALA A 496 0.28 -41.72 38.54
N ASN A 497 1.51 -41.78 39.02
CA ASN A 497 2.15 -40.59 39.55
C ASN A 497 3.63 -40.59 39.16
N THR A 498 4.25 -39.42 39.23
CA THR A 498 5.71 -39.30 39.11
C THR A 498 6.13 -38.33 40.20
N PRO A 499 7.43 -38.17 40.44
CA PRO A 499 7.87 -37.16 41.41
C PRO A 499 7.51 -35.74 41.05
N ASP A 500 7.11 -35.52 39.80
CA ASP A 500 6.78 -34.21 39.29
C ASP A 500 5.32 -34.02 39.05
N ILE A 501 4.52 -35.10 39.11
CA ILE A 501 3.07 -35.02 38.87
C ILE A 501 2.26 -35.69 39.96
N LEU A 502 1.71 -34.89 40.86
CA LEU A 502 0.69 -35.34 41.79
C LEU A 502 -0.58 -34.63 41.36
N HIS A 503 -1.44 -35.33 40.63
CA HIS A 503 -2.64 -34.69 40.04
C HIS A 503 -3.70 -34.28 41.06
N ALA A 504 -4.42 -33.21 40.76
CA ALA A 504 -5.48 -32.72 41.62
C ALA A 504 -6.48 -33.81 42.02
N TYR A 505 -6.68 -34.78 41.15
CA TYR A 505 -7.65 -35.84 41.38
C TYR A 505 -7.24 -36.69 42.58
N LEU A 506 -5.94 -36.97 42.73
CA LEU A 506 -5.46 -37.70 43.89
C LEU A 506 -5.43 -36.81 45.10
N GLN A 507 -5.12 -35.54 44.89
CA GLN A 507 -5.06 -34.60 46.00
C GLN A 507 -6.41 -34.49 46.68
N HIS A 508 -7.44 -34.37 45.87
CA HIS A 508 -8.79 -34.14 46.37
C HIS A 508 -9.53 -35.44 46.70
N GLY A 509 -9.03 -36.58 46.18
CA GLY A 509 -9.72 -37.87 46.30
C GLY A 509 -9.25 -38.82 47.38
N GLY A 510 -8.05 -38.61 47.90
CA GLY A 510 -7.52 -39.50 48.93
C GLY A 510 -7.35 -40.94 48.49
N ARG A 511 -7.29 -41.85 49.45
CA ARG A 511 -7.00 -43.24 49.14
C ARG A 511 -7.87 -43.80 48.01
N PRO A 512 -9.18 -43.58 48.07
CA PRO A 512 -10.04 -44.14 47.01
C PRO A 512 -9.66 -43.69 45.59
N ALA A 513 -9.13 -42.48 45.47
CA ALA A 513 -8.65 -41.99 44.17
C ALA A 513 -7.41 -42.76 43.75
N PHE A 514 -6.49 -43.00 44.70
CA PHE A 514 -5.28 -43.81 44.41
C PHE A 514 -5.64 -45.20 43.95
N GLU A 515 -6.68 -45.76 44.55
CA GLU A 515 -7.15 -47.07 44.16
C GLU A 515 -7.69 -47.12 42.75
N VAL A 516 -8.46 -46.11 42.37
CA VAL A 516 -9.04 -46.06 41.04
C VAL A 516 -7.99 -45.89 39.97
N ARG A 517 -7.04 -44.99 40.20
CA ARG A 517 -6.04 -44.71 39.22
C ARG A 517 -5.14 -45.94 39.04
N ALA A 518 -4.87 -46.65 40.12
CA ALA A 518 -4.09 -47.91 40.02
C ALA A 518 -4.81 -48.91 39.13
N VAL A 519 -6.11 -49.07 39.35
CA VAL A 519 -6.92 -49.99 38.55
C VAL A 519 -6.92 -49.58 37.07
N LEU A 520 -7.16 -48.29 36.81
CA LEU A 520 -7.20 -47.81 35.45
C LEU A 520 -5.84 -48.05 34.79
N ALA A 521 -4.78 -47.64 35.45
CA ALA A 521 -3.45 -47.67 34.83
C ALA A 521 -3.08 -49.10 34.50
N ALA A 522 -3.33 -49.99 35.45
CA ALA A 522 -2.86 -51.35 35.31
C ALA A 522 -3.71 -52.14 34.33
N THR A 523 -4.99 -51.80 34.18
CA THR A 523 -5.85 -52.52 33.21
C THR A 523 -5.95 -51.87 31.82
N LEU A 524 -5.62 -50.58 31.69
CA LEU A 524 -5.74 -49.90 30.40
C LEU A 524 -4.49 -49.96 29.53
N SER A 525 -3.32 -50.02 30.16
CA SER A 525 -2.06 -50.11 29.41
C SER A 525 -1.30 -51.33 29.87
N PRO A 526 -0.70 -52.06 28.93
CA PRO A 526 0.07 -53.21 29.32
C PRO A 526 1.38 -52.82 29.99
N THR A 527 1.75 -51.54 30.00
CA THR A 527 2.82 -51.08 30.88
C THR A 527 2.32 -49.97 31.74
N TRP A 528 2.58 -50.10 33.04
CA TRP A 528 2.19 -49.04 33.95
C TRP A 528 3.25 -48.91 35.02
N GLY A 529 3.08 -47.89 35.86
CA GLY A 529 4.02 -47.70 36.93
C GLY A 529 3.53 -46.73 37.99
N ILE A 530 4.18 -46.81 39.15
CA ILE A 530 3.95 -45.87 40.21
C ILE A 530 5.30 -45.40 40.76
N TYR A 531 5.27 -44.25 41.40
CA TYR A 531 6.45 -43.73 42.06
C TYR A 531 6.26 -43.90 43.59
N SER A 532 7.22 -44.56 44.22
CA SER A 532 7.17 -44.88 45.64
C SER A 532 6.53 -43.77 46.46
N GLY A 533 5.58 -44.17 47.30
CA GLY A 533 4.80 -43.21 48.08
C GLY A 533 3.36 -43.23 47.62
N TYR A 534 3.16 -43.64 46.37
CA TYR A 534 1.83 -43.82 45.82
C TYR A 534 0.99 -44.79 46.68
N GLU A 535 1.60 -45.92 47.02
CA GLU A 535 1.00 -46.91 47.93
C GLU A 535 0.53 -46.31 49.22
N LEU A 536 1.23 -45.32 49.73
CA LEU A 536 0.85 -44.75 51.03
C LEU A 536 -0.10 -43.57 50.83
N CYS A 537 -0.47 -43.32 49.58
CA CYS A 537 -1.47 -42.31 49.25
C CYS A 537 -1.00 -40.90 49.61
N GLU A 538 0.29 -40.69 49.48
CA GLU A 538 0.86 -39.39 49.67
C GLU A 538 0.21 -38.47 48.66
N ASN A 539 -0.49 -37.44 49.17
CA ASN A 539 -1.23 -36.56 48.30
C ASN A 539 -1.26 -35.10 48.78
N THR A 540 -0.21 -34.68 49.49
CA THR A 540 -0.11 -33.31 49.95
C THR A 540 0.69 -32.51 48.95
N PRO A 541 0.07 -31.52 48.33
CA PRO A 541 0.78 -30.77 47.31
C PRO A 541 1.64 -29.72 47.92
N LEU A 542 2.57 -29.18 47.13
CA LEU A 542 3.35 -28.01 47.53
C LEU A 542 2.43 -26.85 47.89
N ARG A 543 1.35 -26.69 47.15
CA ARG A 543 0.33 -25.70 47.47
C ARG A 543 -0.86 -25.93 46.56
N GLU A 544 -1.98 -25.32 46.93
CA GLU A 544 -3.19 -25.46 46.13
C GLU A 544 -2.86 -25.13 44.66
N GLY A 545 -3.33 -25.98 43.75
CA GLY A 545 -3.18 -25.78 42.32
C GLY A 545 -1.81 -26.13 41.76
N SER A 546 -1.01 -26.86 42.54
CA SER A 546 0.28 -27.35 42.06
C SER A 546 0.26 -28.87 41.90
N GLU A 547 1.10 -29.37 41.02
CA GLU A 547 1.22 -30.81 40.87
C GLU A 547 2.52 -31.31 41.51
N GLU A 548 3.23 -30.43 42.20
CA GLU A 548 4.40 -30.83 42.96
C GLU A 548 4.01 -31.38 44.35
N TYR A 549 4.76 -32.37 44.83
CA TYR A 549 4.61 -32.84 46.23
C TYR A 549 5.21 -31.86 47.21
N LEU A 550 4.58 -31.69 48.36
CA LEU A 550 5.23 -31.01 49.48
C LEU A 550 6.44 -31.82 49.96
N ASP A 551 7.51 -31.12 50.33
CA ASP A 551 8.73 -31.77 50.79
C ASP A 551 9.12 -32.87 49.80
N SER A 552 9.25 -32.48 48.55
CA SER A 552 9.48 -33.44 47.51
C SER A 552 10.81 -34.18 47.69
N GLU A 553 10.77 -35.47 47.34
CA GLU A 553 11.91 -36.38 47.47
C GLU A 553 13.03 -36.03 46.49
N LYS A 554 12.71 -35.21 45.51
CA LYS A 554 13.70 -34.71 44.61
C LYS A 554 14.75 -33.88 45.34
N TYR A 555 14.37 -33.19 46.41
CA TYR A 555 15.31 -32.29 47.09
C TYR A 555 15.67 -32.71 48.50
N GLN A 556 15.12 -33.83 48.97
CA GLN A 556 15.43 -34.31 50.32
C GLN A 556 15.31 -35.81 50.43
N LEU A 557 16.01 -36.35 51.42
CA LEU A 557 15.85 -37.73 51.82
C LEU A 557 14.44 -37.88 52.33
N LYS A 558 13.80 -38.98 51.97
CA LYS A 558 12.43 -39.20 52.41
C LYS A 558 12.21 -40.62 52.96
N PRO A 559 12.71 -40.88 54.19
CA PRO A 559 12.52 -42.19 54.81
C PRO A 559 11.04 -42.41 55.07
N ARG A 560 10.63 -43.66 54.97
CA ARG A 560 9.23 -44.03 55.08
C ARG A 560 9.12 -45.25 55.95
N ASP A 561 8.11 -45.27 56.82
CA ASP A 561 7.91 -46.39 57.72
C ASP A 561 7.04 -47.40 56.96
N TRP A 562 7.68 -48.20 56.12
CA TRP A 562 7.00 -49.23 55.35
C TRP A 562 6.35 -50.29 56.25
N THR A 563 7.04 -50.62 57.33
CA THR A 563 6.61 -51.68 58.25
C THR A 563 5.32 -51.30 58.96
N ARG A 564 5.30 -50.09 59.49
CA ARG A 564 4.10 -49.54 60.07
C ARG A 564 2.92 -49.47 59.11
N ALA A 565 3.15 -48.97 57.89
CA ALA A 565 2.05 -48.89 56.92
C ALA A 565 1.45 -50.24 56.68
N ALA A 566 2.32 -51.27 56.60
CA ALA A 566 1.86 -52.63 56.33
C ALA A 566 1.02 -53.17 57.50
N ARG A 567 1.48 -52.95 58.73
CA ARG A 567 0.73 -53.48 59.86
C ARG A 567 -0.54 -52.67 60.14
N GLU A 568 -0.50 -51.37 59.90
CA GLU A 568 -1.67 -50.52 60.11
C GLU A 568 -2.61 -50.53 58.92
N GLY A 569 -2.19 -51.13 57.81
CA GLY A 569 -3.05 -51.26 56.63
C GLY A 569 -3.38 -49.95 55.93
N THR A 570 -2.52 -48.93 56.09
CA THR A 570 -2.70 -47.62 55.47
C THR A 570 -1.97 -47.53 54.11
N THR A 571 -1.62 -48.70 53.56
CA THR A 571 -0.98 -48.82 52.23
C THR A 571 -1.86 -49.59 51.26
N ILE A 572 -1.81 -49.24 49.98
CA ILE A 572 -2.60 -49.98 48.98
C ILE A 572 -1.76 -50.98 48.22
N ALA A 573 -0.64 -51.40 48.83
CA ALA A 573 0.24 -52.40 48.28
C ALA A 573 -0.48 -53.70 47.92
N PRO A 574 -1.38 -54.17 48.81
CA PRO A 574 -2.16 -55.37 48.49
C PRO A 574 -2.95 -55.25 47.19
N LEU A 575 -3.61 -54.13 46.97
CA LEU A 575 -4.33 -53.90 45.71
C LEU A 575 -3.35 -53.90 44.55
N VAL A 576 -2.23 -53.17 44.71
CA VAL A 576 -1.22 -53.10 43.66
C VAL A 576 -0.78 -54.51 43.33
N THR A 577 -0.49 -55.30 44.36
CA THR A 577 0.01 -56.65 44.19
C THR A 577 -1.00 -57.48 43.40
N ARG A 578 -2.26 -57.32 43.76
CA ARG A 578 -3.34 -58.09 43.15
C ARG A 578 -3.49 -57.68 41.68
N LEU A 579 -3.40 -56.40 41.39
CA LEU A 579 -3.52 -55.92 40.01
C LEU A 579 -2.43 -56.52 39.13
N ASN A 580 -1.21 -56.61 39.64
CA ASN A 580 -0.10 -57.17 38.85
C ASN A 580 -0.24 -58.68 38.64
N THR A 581 -0.79 -59.36 39.64
CA THR A 581 -1.04 -60.80 39.54
C THR A 581 -2.09 -61.01 38.45
N ILE A 582 -3.17 -60.26 38.52
CA ILE A 582 -4.21 -60.39 37.50
C ILE A 582 -3.60 -60.19 36.09
N ARG A 583 -2.86 -59.10 35.91
CA ARG A 583 -2.09 -58.88 34.67
C ARG A 583 -1.27 -60.12 34.26
N ARG A 584 -0.57 -60.72 35.23
CA ARG A 584 0.31 -61.87 34.94
C ARG A 584 -0.44 -63.12 34.57
N GLU A 585 -1.72 -63.15 34.98
CA GLU A 585 -2.59 -64.32 34.81
C GLU A 585 -3.52 -64.22 33.62
N ASN A 586 -3.66 -63.01 33.06
CA ASN A 586 -4.62 -62.75 31.97
C ASN A 586 -3.96 -62.05 30.79
N PRO A 587 -3.61 -62.80 29.73
CA PRO A 587 -2.96 -62.27 28.51
C PRO A 587 -3.61 -61.04 27.89
N ALA A 588 -4.92 -60.88 28.07
CA ALA A 588 -5.63 -59.70 27.56
C ALA A 588 -5.08 -58.39 28.07
N LEU A 589 -4.63 -58.40 29.34
CA LEU A 589 -4.05 -57.20 29.95
C LEU A 589 -2.58 -56.95 29.58
N ARG A 590 -1.98 -57.87 28.82
CA ARG A 590 -0.60 -57.75 28.41
C ARG A 590 -0.47 -57.32 26.96
N GLN A 591 -1.58 -56.80 26.42
CA GLN A 591 -1.60 -56.15 25.10
C GLN A 591 -2.36 -54.82 25.19
N LEU A 592 -2.30 -54.05 24.11
CA LEU A 592 -2.79 -52.68 24.10
C LEU A 592 -3.93 -52.49 23.13
N ARG A 593 -3.81 -53.09 21.96
CA ARG A 593 -4.63 -52.73 20.81
C ARG A 593 -6.06 -53.18 20.84
N ASP A 594 -6.33 -54.31 21.50
CA ASP A 594 -7.69 -54.79 21.64
C ASP A 594 -8.27 -54.22 22.93
N LEU A 595 -9.14 -53.22 22.76
CA LEU A 595 -9.77 -52.54 23.87
C LEU A 595 -11.11 -52.04 23.36
N HIS A 596 -12.16 -52.22 24.15
CA HIS A 596 -13.46 -51.69 23.76
C HIS A 596 -14.23 -51.11 24.95
N PHE A 597 -14.82 -49.94 24.73
CA PHE A 597 -15.60 -49.25 25.75
C PHE A 597 -17.09 -49.55 25.62
N HIS A 598 -17.67 -50.03 26.72
CA HIS A 598 -19.08 -50.39 26.82
C HIS A 598 -19.85 -49.30 27.55
N PRO A 599 -21.03 -48.92 27.03
CA PRO A 599 -21.78 -47.79 27.59
C PRO A 599 -22.38 -48.09 28.98
N THR A 600 -22.57 -47.02 29.76
CA THR A 600 -23.23 -47.07 31.05
C THR A 600 -24.16 -45.86 31.09
N ASP A 601 -25.16 -45.87 31.97
CA ASP A 601 -26.07 -44.73 32.14
C ASP A 601 -25.60 -43.71 33.19
N LYS A 602 -24.37 -43.85 33.66
CA LYS A 602 -23.80 -42.93 34.64
C LYS A 602 -22.46 -42.39 34.16
N GLU A 603 -22.35 -41.08 34.24
CA GLU A 603 -21.18 -40.37 33.75
C GLU A 603 -19.91 -40.68 34.60
N GLU A 604 -20.09 -40.95 35.88
CA GLU A 604 -18.98 -41.30 36.76
C GLU A 604 -18.50 -42.73 36.56
N VAL A 605 -19.29 -43.56 35.89
CA VAL A 605 -18.98 -45.00 35.77
C VAL A 605 -18.59 -45.38 34.35
N ILE A 606 -17.42 -46.02 34.23
CA ILE A 606 -16.84 -46.38 32.94
C ILE A 606 -16.67 -47.87 32.88
N ALA A 607 -16.80 -48.43 31.68
CA ALA A 607 -16.71 -49.87 31.48
C ALA A 607 -15.94 -50.18 30.22
N TYR A 608 -15.10 -51.22 30.28
CA TYR A 608 -14.36 -51.61 29.09
C TYR A 608 -13.91 -53.05 29.15
N SER A 609 -13.63 -53.62 27.97
CA SER A 609 -13.19 -54.99 27.85
C SER A 609 -11.94 -55.05 26.99
N LYS A 610 -11.13 -56.06 27.24
CA LYS A 610 -9.90 -56.33 26.47
C LYS A 610 -9.84 -57.84 26.28
N ARG A 611 -9.34 -58.28 25.14
CA ARG A 611 -9.30 -59.70 24.82
C ARG A 611 -7.98 -60.13 24.20
N GLN A 612 -7.64 -61.40 24.40
CA GLN A 612 -6.46 -61.98 23.78
C GLN A 612 -6.69 -63.49 23.81
N GLY A 613 -6.78 -64.07 22.62
CA GLY A 613 -7.34 -65.41 22.44
C GLY A 613 -8.68 -65.55 23.16
N SER A 614 -8.79 -66.62 23.95
CA SER A 614 -10.01 -66.90 24.71
C SER A 614 -10.08 -66.14 26.04
N ASN A 615 -9.06 -65.34 26.36
CA ASN A 615 -9.05 -64.58 27.62
C ASN A 615 -9.75 -63.25 27.39
N THR A 616 -10.74 -62.97 28.23
CA THR A 616 -11.47 -61.72 28.16
C THR A 616 -11.54 -61.11 29.54
N VAL A 617 -11.11 -59.86 29.68
CA VAL A 617 -11.21 -59.17 30.96
C VAL A 617 -12.15 -57.99 30.80
N LEU A 618 -13.04 -57.83 31.77
CA LEU A 618 -14.06 -56.82 31.73
C LEU A 618 -13.95 -55.99 32.97
N VAL A 619 -13.78 -54.68 32.83
CA VAL A 619 -13.51 -53.84 33.96
C VAL A 619 -14.55 -52.77 34.07
N VAL A 620 -15.01 -52.48 35.31
CA VAL A 620 -15.96 -51.39 35.57
C VAL A 620 -15.48 -50.58 36.72
N VAL A 621 -15.33 -49.28 36.50
CA VAL A 621 -14.68 -48.41 37.47
C VAL A 621 -15.60 -47.23 37.79
N ASN A 622 -15.75 -46.95 39.08
CA ASN A 622 -16.41 -45.76 39.54
C ASN A 622 -15.35 -44.70 39.66
N LEU A 623 -15.39 -43.70 38.79
CA LEU A 623 -14.41 -42.63 38.81
C LEU A 623 -14.67 -41.60 39.88
N ASP A 624 -15.83 -41.67 40.55
CA ASP A 624 -16.12 -40.81 41.70
C ASP A 624 -15.42 -41.41 42.92
N PRO A 625 -14.52 -40.63 43.54
CA PRO A 625 -13.81 -41.12 44.73
C PRO A 625 -14.51 -40.77 46.05
N ARG A 626 -15.58 -39.98 45.98
CA ARG A 626 -16.24 -39.46 47.19
C ARG A 626 -17.67 -39.99 47.39
N HIS A 627 -18.34 -40.43 46.33
CA HIS A 627 -19.74 -40.92 46.42
C HIS A 627 -19.93 -42.28 45.75
N THR A 628 -20.73 -43.13 46.39
CA THR A 628 -21.15 -44.38 45.79
C THR A 628 -21.91 -44.13 44.52
N GLN A 629 -21.67 -44.97 43.52
CA GLN A 629 -22.34 -44.83 42.25
C GLN A 629 -22.95 -46.15 41.88
N GLU A 630 -24.25 -46.11 41.54
CA GLU A 630 -24.92 -47.27 40.96
C GLU A 630 -25.27 -46.96 39.52
N ALA A 631 -24.96 -47.90 38.65
CA ALA A 631 -25.19 -47.71 37.23
C ALA A 631 -25.59 -49.03 36.60
N THR A 632 -26.08 -48.91 35.37
CA THR A 632 -26.42 -50.04 34.55
C THR A 632 -25.39 -50.07 33.40
N VAL A 633 -24.66 -51.18 33.32
CA VAL A 633 -23.63 -51.38 32.29
C VAL A 633 -24.16 -52.24 31.16
N SER A 634 -24.35 -51.63 30.00
CA SER A 634 -24.95 -52.31 28.86
C SER A 634 -23.85 -52.83 27.95
N LEU A 635 -23.56 -54.11 28.05
CA LEU A 635 -22.45 -54.69 27.30
C LEU A 635 -22.77 -54.87 25.83
N ASP A 636 -21.84 -54.43 24.97
CA ASP A 636 -21.79 -54.83 23.58
C ASP A 636 -21.43 -56.29 23.49
N MET A 637 -22.42 -57.15 23.49
CA MET A 637 -22.17 -58.56 23.56
C MET A 637 -21.35 -59.08 22.36
N PRO A 638 -21.72 -58.68 21.12
CA PRO A 638 -20.95 -59.20 19.97
C PRO A 638 -19.49 -58.80 20.08
N GLN A 639 -19.25 -57.66 20.70
CA GLN A 639 -17.90 -57.20 20.93
C GLN A 639 -17.14 -58.09 21.91
N LEU A 640 -17.88 -58.85 22.73
CA LEU A 640 -17.31 -59.94 23.53
C LEU A 640 -17.32 -61.27 22.76
N GLY A 641 -17.94 -61.29 21.58
CA GLY A 641 -18.12 -62.53 20.82
C GLY A 641 -19.22 -63.43 21.38
N LEU A 642 -20.27 -62.79 21.91
CA LEU A 642 -21.44 -63.48 22.45
C LEU A 642 -22.67 -62.95 21.73
N ASP A 643 -23.77 -63.69 21.76
CA ASP A 643 -25.04 -63.18 21.24
C ASP A 643 -25.72 -62.30 22.27
N TRP A 644 -26.62 -61.44 21.79
CA TRP A 644 -27.23 -60.40 22.62
C TRP A 644 -28.00 -60.94 23.84
N HIS A 645 -28.60 -62.10 23.66
CA HIS A 645 -29.46 -62.71 24.66
C HIS A 645 -28.65 -63.54 25.67
N GLU A 646 -27.42 -63.87 25.31
CA GLU A 646 -26.54 -64.72 26.14
C GLU A 646 -26.23 -64.09 27.51
N SER A 647 -25.93 -64.95 28.48
CA SER A 647 -25.63 -64.55 29.86
C SER A 647 -24.40 -65.31 30.33
N VAL A 648 -23.28 -64.60 30.42
CA VAL A 648 -22.00 -65.23 30.72
C VAL A 648 -21.54 -64.98 32.16
N PRO A 649 -20.96 -66.02 32.78
CA PRO A 649 -20.47 -65.89 34.14
C PRO A 649 -19.14 -65.16 34.17
N VAL A 650 -18.93 -64.38 35.22
CA VAL A 650 -17.71 -63.63 35.38
C VAL A 650 -17.23 -63.77 36.83
N ARG A 651 -15.94 -63.58 37.07
CA ARG A 651 -15.41 -63.49 38.43
C ARG A 651 -14.67 -62.18 38.62
N ASP A 652 -15.07 -61.41 39.64
CA ASP A 652 -14.38 -60.19 40.00
C ASP A 652 -13.10 -60.59 40.72
N GLU A 653 -11.97 -60.41 40.04
CA GLU A 653 -10.71 -60.93 40.54
C GLU A 653 -10.15 -60.17 41.73
N LEU A 654 -10.73 -59.01 42.03
CA LEU A 654 -10.40 -58.27 43.24
C LEU A 654 -10.95 -58.95 44.50
N THR A 655 -12.13 -59.58 44.40
CA THR A 655 -12.83 -60.09 45.58
C THR A 655 -13.02 -61.60 45.56
N GLY A 656 -12.94 -62.21 44.37
CA GLY A 656 -13.20 -63.63 44.22
C GLY A 656 -14.69 -63.92 44.06
N GLU A 657 -15.53 -62.90 44.12
CA GLU A 657 -16.98 -63.05 43.96
C GLU A 657 -17.32 -63.37 42.50
N THR A 658 -18.42 -64.08 42.29
CA THR A 658 -18.88 -64.49 40.94
C THR A 658 -20.22 -63.84 40.63
N TYR A 659 -20.40 -63.47 39.36
CA TYR A 659 -21.66 -62.90 38.88
C TYR A 659 -22.02 -63.49 37.54
N HIS A 660 -23.32 -63.43 37.22
CA HIS A 660 -23.80 -63.82 35.90
C HIS A 660 -24.21 -62.56 35.19
N TRP A 661 -23.45 -62.19 34.16
CA TRP A 661 -23.67 -60.94 33.46
C TRP A 661 -24.07 -61.13 32.01
N GLY A 662 -24.87 -60.19 31.52
CA GLY A 662 -25.32 -60.18 30.13
C GLY A 662 -25.50 -58.77 29.61
N ARG A 663 -26.37 -58.62 28.63
CA ARG A 663 -26.62 -57.36 27.95
C ARG A 663 -26.74 -56.12 28.86
N ALA A 664 -27.31 -56.30 30.05
CA ALA A 664 -27.57 -55.18 30.97
C ALA A 664 -27.30 -55.61 32.41
N ASN A 665 -26.48 -54.87 33.14
CA ASN A 665 -26.01 -55.29 34.47
C ASN A 665 -25.95 -54.15 35.48
N TYR A 666 -26.64 -54.35 36.60
CA TYR A 666 -26.59 -53.42 37.73
C TYR A 666 -25.26 -53.61 38.47
N VAL A 667 -24.56 -52.51 38.67
CA VAL A 667 -23.40 -52.50 39.54
C VAL A 667 -23.58 -51.39 40.57
N ARG A 668 -22.98 -51.60 41.73
CA ARG A 668 -23.02 -50.62 42.81
C ARG A 668 -21.61 -50.57 43.39
N LEU A 669 -21.00 -49.40 43.33
CA LEU A 669 -19.57 -49.24 43.69
C LEU A 669 -19.36 -48.13 44.72
N GLU A 670 -18.95 -48.53 45.92
CA GLU A 670 -18.77 -47.63 47.06
C GLU A 670 -17.30 -47.32 47.27
N PRO A 671 -16.93 -46.03 47.21
CA PRO A 671 -15.53 -45.61 47.34
C PRO A 671 -14.98 -46.02 48.68
N GLY A 672 -13.79 -46.63 48.66
CA GLY A 672 -13.18 -47.15 49.88
C GLY A 672 -13.42 -48.64 50.00
N ARG A 673 -14.61 -49.10 49.62
CA ARG A 673 -14.92 -50.53 49.69
C ARG A 673 -14.55 -51.17 48.36
N THR A 674 -15.10 -50.63 47.27
CA THR A 674 -14.80 -51.13 45.92
C THR A 674 -14.56 -49.94 44.99
N PRO A 675 -13.35 -49.86 44.44
CA PRO A 675 -13.09 -48.91 43.35
C PRO A 675 -13.71 -49.35 42.02
N ALA A 676 -13.71 -50.66 41.79
CA ALA A 676 -14.05 -51.21 40.53
C ALA A 676 -14.33 -52.70 40.64
N HIS A 677 -14.88 -53.24 39.57
CA HIS A 677 -14.90 -54.67 39.33
C HIS A 677 -13.91 -54.93 38.22
N VAL A 678 -13.00 -55.88 38.46
CA VAL A 678 -12.05 -56.33 37.44
C VAL A 678 -12.34 -57.78 37.23
N CYS A 679 -13.11 -58.05 36.20
CA CYS A 679 -13.71 -59.36 36.03
C CYS A 679 -13.05 -60.09 34.89
N THR A 680 -12.82 -61.38 35.08
CA THR A 680 -12.56 -62.31 33.98
C THR A 680 -13.85 -63.07 33.60
N VAL A 681 -14.01 -63.33 32.32
CA VAL A 681 -15.13 -64.11 31.79
C VAL A 681 -14.72 -65.59 31.83
N LEU A 682 -15.56 -66.43 32.44
CA LEU A 682 -15.16 -67.79 32.80
C LEU A 682 -15.47 -68.76 31.66
N ARG A 683 -14.67 -69.83 31.57
CA ARG A 683 -14.60 -70.69 30.39
C ARG A 683 -14.81 -72.16 30.77
N PRO B 35 22.72 -42.29 8.46
CA PRO B 35 21.90 -41.11 8.13
C PRO B 35 20.48 -41.23 8.67
N THR B 36 19.97 -40.14 9.25
CA THR B 36 18.69 -40.17 9.96
C THR B 36 17.56 -39.79 8.99
N VAL B 37 16.36 -40.29 9.26
CA VAL B 37 15.19 -39.94 8.46
C VAL B 37 14.78 -38.49 8.77
N VAL B 38 14.83 -38.10 10.05
CA VAL B 38 14.46 -36.73 10.46
C VAL B 38 15.71 -35.87 10.43
N GLY B 39 15.49 -34.64 10.00
CA GLY B 39 16.58 -33.67 9.84
C GLY B 39 16.83 -32.94 11.14
N ARG B 40 17.69 -31.95 11.05
CA ARG B 40 18.07 -31.13 12.17
C ARG B 40 16.86 -30.38 12.73
N ILE B 41 16.08 -29.77 11.85
CA ILE B 41 14.81 -29.15 12.26
C ILE B 41 13.71 -29.96 11.57
N PRO B 42 12.95 -30.75 12.35
CA PRO B 42 11.96 -31.65 11.76
C PRO B 42 10.94 -30.97 10.86
N VAL B 43 10.86 -31.43 9.62
CA VAL B 43 9.81 -31.05 8.72
C VAL B 43 9.21 -32.37 8.25
N LEU B 44 7.96 -32.61 8.61
CA LEU B 44 7.30 -33.90 8.42
C LEU B 44 5.95 -33.78 7.72
N ASP B 45 5.57 -34.86 7.05
CA ASP B 45 4.22 -34.98 6.53
C ASP B 45 3.82 -33.76 5.67
N VAL B 46 4.62 -33.53 4.64
CA VAL B 46 4.34 -32.45 3.73
C VAL B 46 3.10 -32.84 2.92
N ARG B 47 2.16 -31.89 2.81
CA ARG B 47 0.99 -32.04 1.97
C ARG B 47 0.82 -30.83 1.06
N PRO B 48 0.12 -31.04 -0.06
CA PRO B 48 -0.48 -32.28 -0.50
C PRO B 48 0.47 -33.45 -0.87
N VAL B 49 -0.03 -34.68 -0.71
CA VAL B 49 0.68 -35.89 -1.15
C VAL B 49 -0.34 -36.87 -1.73
N VAL B 50 0.06 -37.53 -2.81
CA VAL B 50 -0.82 -38.48 -3.48
C VAL B 50 -0.05 -39.78 -3.59
N GLN B 51 -0.62 -40.85 -3.06
CA GLN B 51 -0.03 -42.15 -3.23
C GLN B 51 1.37 -42.14 -2.63
N ARG B 52 1.56 -41.36 -1.57
CA ARG B 52 2.84 -41.29 -0.87
C ARG B 52 3.98 -40.68 -1.67
N GLY B 53 3.64 -39.91 -2.69
CA GLY B 53 4.65 -39.23 -3.52
C GLY B 53 4.91 -39.95 -4.81
N ARG B 54 4.20 -41.04 -5.03
CA ARG B 54 4.39 -41.84 -6.21
C ARG B 54 3.61 -41.32 -7.41
N ARG B 55 2.66 -40.46 -7.15
CA ARG B 55 1.90 -39.79 -8.21
C ARG B 55 1.91 -38.32 -7.87
N PRO B 56 1.77 -37.44 -8.87
CA PRO B 56 1.82 -36.02 -8.59
C PRO B 56 0.52 -35.43 -8.07
N ALA B 57 0.63 -34.35 -7.30
CA ALA B 57 -0.52 -33.56 -6.92
C ALA B 57 -0.81 -32.63 -8.11
N LYS B 58 -2.01 -32.07 -8.20
CA LYS B 58 -2.41 -31.36 -9.40
C LYS B 58 -2.70 -29.86 -9.18
N ALA B 59 -2.43 -29.07 -10.21
CA ALA B 59 -2.92 -27.70 -10.32
C ALA B 59 -3.08 -27.39 -11.79
N VAL B 60 -3.62 -26.22 -12.09
CA VAL B 60 -3.57 -25.68 -13.45
C VAL B 60 -2.89 -24.30 -13.38
N THR B 61 -2.44 -23.82 -14.54
CA THR B 61 -1.81 -22.53 -14.60
C THR B 61 -2.63 -21.51 -13.84
N GLY B 62 -1.97 -20.77 -12.97
CA GLY B 62 -2.61 -19.66 -12.28
C GLY B 62 -3.46 -20.03 -11.09
N GLU B 63 -3.46 -21.30 -10.71
CA GLU B 63 -4.23 -21.74 -9.57
C GLU B 63 -3.37 -21.70 -8.28
N SER B 64 -4.03 -21.33 -7.19
CA SER B 64 -3.42 -21.27 -5.89
C SER B 64 -3.88 -22.40 -4.98
N PHE B 65 -2.95 -22.91 -4.18
CA PHE B 65 -3.29 -23.92 -3.18
C PHE B 65 -2.26 -23.94 -2.07
N GLU B 66 -2.63 -24.60 -0.98
CA GLU B 66 -1.87 -24.53 0.24
C GLU B 66 -0.94 -25.71 0.35
N VAL B 67 0.34 -25.43 0.49
CA VAL B 67 1.30 -26.44 0.87
C VAL B 67 1.44 -26.36 2.38
N SER B 68 1.40 -27.50 3.04
CA SER B 68 1.50 -27.52 4.47
C SER B 68 2.51 -28.54 4.93
N ALA B 69 2.88 -28.42 6.20
CA ALA B 69 3.83 -29.36 6.80
C ALA B 69 3.69 -29.35 8.30
N THR B 70 4.26 -30.37 8.93
CA THR B 70 4.42 -30.31 10.37
C THR B 70 5.86 -29.92 10.69
N VAL B 71 6.02 -28.73 11.28
CA VAL B 71 7.36 -28.18 11.59
C VAL B 71 7.48 -27.81 13.07
N PHE B 72 8.56 -28.24 13.70
CA PHE B 72 8.81 -27.92 15.11
C PHE B 72 10.27 -28.19 15.40
N ARG B 73 10.71 -27.90 16.63
CA ARG B 73 12.07 -28.28 17.03
C ARG B 73 12.14 -28.70 18.47
N GLU B 74 13.34 -29.14 18.89
CA GLU B 74 13.58 -29.47 20.29
C GLU B 74 13.76 -28.17 21.05
N GLY B 75 13.54 -28.21 22.35
CA GLY B 75 13.67 -27.06 23.19
C GLY B 75 12.49 -26.13 22.97
N HIS B 76 12.67 -24.89 23.40
CA HIS B 76 11.58 -23.93 23.45
C HIS B 76 11.74 -22.79 22.45
N ASP B 77 12.81 -22.77 21.67
CA ASP B 77 13.01 -21.68 20.72
C ASP B 77 12.07 -21.82 19.51
N ALA B 78 11.86 -20.70 18.84
CA ALA B 78 10.87 -20.63 17.79
C ALA B 78 11.42 -21.24 16.49
N VAL B 79 10.52 -21.61 15.60
CA VAL B 79 10.88 -22.02 14.25
C VAL B 79 10.21 -21.11 13.23
N GLY B 80 10.71 -21.22 12.01
CA GLY B 80 10.00 -20.68 10.85
C GLY B 80 10.09 -21.68 9.74
N ALA B 81 9.35 -21.41 8.67
CA ALA B 81 9.31 -22.31 7.53
C ALA B 81 8.90 -21.57 6.30
N ASN B 82 9.26 -22.12 5.15
CA ASN B 82 8.91 -21.53 3.85
C ASN B 82 8.82 -22.60 2.79
N VAL B 83 8.03 -22.33 1.74
CA VAL B 83 7.86 -23.28 0.64
C VAL B 83 8.69 -22.92 -0.57
N VAL B 84 9.48 -23.87 -1.07
CA VAL B 84 10.26 -23.63 -2.24
C VAL B 84 9.66 -24.45 -3.35
N LEU B 85 9.07 -23.73 -4.29
CA LEU B 85 8.39 -24.30 -5.42
C LEU B 85 9.28 -24.22 -6.65
N ARG B 86 9.53 -25.35 -7.31
CA ARG B 86 10.43 -25.43 -8.48
C ARG B 86 9.70 -25.75 -9.77
N ASP B 87 10.01 -24.99 -10.82
CA ASP B 87 9.39 -25.14 -12.13
C ASP B 87 10.13 -26.25 -12.88
N PRO B 88 9.64 -26.61 -14.08
CA PRO B 88 10.16 -27.75 -14.84
C PRO B 88 11.64 -27.68 -15.18
N ARG B 89 12.20 -26.48 -15.32
CA ARG B 89 13.64 -26.34 -15.52
C ARG B 89 14.40 -26.24 -14.18
N GLY B 90 13.72 -26.46 -13.05
CA GLY B 90 14.40 -26.47 -11.76
C GLY B 90 14.52 -25.13 -11.06
N ARG B 91 13.87 -24.08 -11.57
CA ARG B 91 14.06 -22.74 -11.04
C ARG B 91 13.15 -22.48 -9.83
N PRO B 92 13.74 -21.98 -8.73
CA PRO B 92 12.96 -21.71 -7.51
C PRO B 92 12.04 -20.51 -7.67
N GLY B 93 10.91 -20.53 -6.99
CA GLY B 93 9.96 -19.42 -7.05
C GLY B 93 10.29 -18.41 -5.97
N PRO B 94 9.36 -17.47 -5.73
CA PRO B 94 9.61 -16.41 -4.76
C PRO B 94 9.57 -16.86 -3.28
N TRP B 95 10.27 -16.12 -2.44
CA TRP B 95 10.23 -16.28 -0.98
C TRP B 95 8.79 -16.40 -0.53
N THR B 96 8.45 -17.56 0.02
CA THR B 96 7.07 -17.91 0.35
C THR B 96 7.00 -18.38 1.80
N PRO B 97 6.91 -17.43 2.73
CA PRO B 97 6.97 -17.82 4.12
C PRO B 97 5.66 -18.45 4.55
N MET B 98 5.77 -19.42 5.44
CA MET B 98 4.62 -20.11 6.00
C MET B 98 4.29 -19.55 7.35
N ARG B 99 3.08 -19.82 7.81
CA ARG B 99 2.69 -19.46 9.18
C ARG B 99 2.06 -20.69 9.84
N GLU B 100 2.07 -20.73 11.16
CA GLU B 100 1.39 -21.81 11.88
C GLU B 100 -0.11 -21.62 11.71
N LEU B 101 -0.80 -22.64 11.22
CA LEU B 101 -2.22 -22.48 10.84
C LEU B 101 -3.15 -22.33 12.04
N ALA B 102 -2.73 -22.85 13.18
CA ALA B 102 -3.49 -22.69 14.41
C ALA B 102 -2.48 -22.84 15.52
N PRO B 103 -2.58 -22.01 16.57
CA PRO B 103 -1.54 -22.01 17.62
C PRO B 103 -1.39 -23.35 18.36
N GLY B 104 -0.15 -23.73 18.66
CA GLY B 104 0.17 -24.97 19.36
C GLY B 104 -0.08 -26.27 18.58
N THR B 105 -0.36 -26.18 17.29
CA THR B 105 -0.57 -27.36 16.47
C THR B 105 0.68 -27.86 15.72
N ASP B 106 1.65 -26.98 15.51
CA ASP B 106 2.87 -27.28 14.73
C ASP B 106 2.60 -27.57 13.28
N ARG B 107 1.42 -27.22 12.81
CA ARG B 107 1.06 -27.39 11.41
C ARG B 107 1.19 -26.04 10.74
N TRP B 108 2.05 -25.96 9.72
CA TRP B 108 2.35 -24.71 9.04
C TRP B 108 1.89 -24.80 7.60
N GLY B 109 1.56 -23.64 7.02
CA GLY B 109 1.12 -23.57 5.64
C GLY B 109 1.42 -22.24 4.94
N ALA B 110 1.41 -22.30 3.61
CA ALA B 110 1.42 -21.11 2.80
C ALA B 110 0.85 -21.42 1.45
N THR B 111 0.33 -20.39 0.79
CA THR B 111 -0.28 -20.52 -0.54
C THR B 111 0.80 -20.39 -1.63
N VAL B 112 0.69 -21.21 -2.65
CA VAL B 112 1.58 -21.15 -3.79
C VAL B 112 0.77 -20.95 -5.01
N THR B 113 1.41 -20.58 -6.11
CA THR B 113 0.69 -20.43 -7.37
C THR B 113 1.47 -21.02 -8.53
N ALA B 114 0.77 -21.90 -9.23
CA ALA B 114 1.31 -22.63 -10.33
C ALA B 114 1.40 -21.67 -11.49
N GLY B 115 2.50 -21.76 -12.25
CA GLY B 115 2.70 -20.97 -13.46
C GLY B 115 2.47 -21.81 -14.71
N GLU B 116 3.47 -21.84 -15.61
CA GLU B 116 3.39 -22.60 -16.86
C GLU B 116 3.19 -24.09 -16.58
N THR B 117 2.68 -24.79 -17.59
CA THR B 117 2.34 -26.22 -17.51
C THR B 117 3.59 -27.10 -17.49
N GLY B 118 3.44 -28.30 -16.94
CA GLY B 118 4.55 -29.24 -16.84
C GLY B 118 4.73 -29.75 -15.41
N THR B 119 5.86 -30.41 -15.16
CA THR B 119 6.09 -31.06 -13.89
C THR B 119 6.98 -30.25 -12.97
N TRP B 120 6.43 -29.90 -11.82
CA TRP B 120 7.03 -29.03 -10.87
C TRP B 120 7.42 -29.85 -9.65
N SER B 121 8.04 -29.21 -8.68
CA SER B 121 8.33 -29.90 -7.42
C SER B 121 8.23 -28.89 -6.28
N TYR B 122 7.83 -29.35 -5.11
CA TYR B 122 7.79 -28.46 -3.98
C TYR B 122 8.45 -29.09 -2.77
N THR B 123 9.20 -28.21 -2.09
CA THR B 123 9.97 -28.52 -0.90
C THR B 123 9.55 -27.56 0.19
N VAL B 124 9.55 -28.04 1.40
CA VAL B 124 9.37 -27.17 2.57
C VAL B 124 10.69 -27.06 3.31
N GLU B 125 11.13 -25.84 3.56
CA GLU B 125 12.35 -25.59 4.33
C GLU B 125 11.93 -25.15 5.73
N ALA B 126 12.51 -25.77 6.75
CA ALA B 126 12.25 -25.38 8.15
C ALA B 126 13.57 -24.98 8.77
N TRP B 127 13.49 -24.11 9.75
CA TRP B 127 14.67 -23.51 10.33
C TRP B 127 14.38 -22.95 11.71
N GLY B 128 15.42 -22.81 12.53
CA GLY B 128 15.31 -22.09 13.80
C GLY B 128 15.17 -20.61 13.47
N ASP B 129 14.34 -19.92 14.23
CA ASP B 129 14.10 -18.48 14.01
C ASP B 129 14.58 -17.74 15.24
N PRO B 130 15.90 -17.50 15.33
CA PRO B 130 16.52 -17.01 16.56
C PRO B 130 16.17 -15.57 16.87
N VAL B 131 15.79 -14.79 15.87
CA VAL B 131 15.40 -13.41 16.13
C VAL B 131 14.07 -13.34 16.86
N THR B 132 13.11 -14.16 16.45
CA THR B 132 11.78 -14.15 17.07
C THR B 132 11.90 -14.57 18.53
N THR B 133 12.80 -15.52 18.76
CA THR B 133 13.10 -16.05 20.08
C THR B 133 13.74 -15.00 20.94
N TRP B 134 14.79 -14.37 20.41
CA TRP B 134 15.49 -13.33 21.12
C TRP B 134 14.52 -12.19 21.48
N ARG B 135 13.73 -11.76 20.51
CA ARG B 135 12.76 -10.69 20.74
C ARG B 135 11.83 -10.98 21.90
N HIS B 136 11.33 -12.21 21.92
CA HIS B 136 10.40 -12.63 22.94
C HIS B 136 11.04 -12.42 24.33
N HIS B 137 12.26 -12.92 24.51
CA HIS B 137 12.95 -12.80 25.78
C HIS B 137 13.34 -11.38 26.11
N ALA B 138 13.82 -10.65 25.12
CA ALA B 138 14.18 -9.26 25.32
C ALA B 138 13.00 -8.46 25.88
N ARG B 139 11.81 -8.68 25.33
CA ARG B 139 10.63 -7.90 25.75
C ARG B 139 10.23 -8.14 27.20
N ILE B 140 10.56 -9.30 27.73
CA ILE B 140 10.33 -9.60 29.14
C ILE B 140 11.50 -9.09 30.01
N LYS B 141 12.73 -9.41 29.59
CA LYS B 141 13.91 -9.17 30.42
C LYS B 141 14.29 -7.71 30.61
N ILE B 142 14.15 -6.91 29.54
CA ILE B 142 14.57 -5.50 29.57
C ILE B 142 13.69 -4.66 30.52
N PRO B 143 12.35 -4.78 30.42
CA PRO B 143 11.51 -4.15 31.47
C PRO B 143 11.83 -4.67 32.88
N ALA B 144 12.28 -5.93 32.98
CA ALA B 144 12.66 -6.56 34.28
C ALA B 144 14.10 -6.22 34.75
N GLY B 145 14.87 -5.44 33.98
CA GLY B 145 16.24 -5.10 34.36
C GLY B 145 17.21 -6.29 34.45
N LEU B 146 16.82 -7.41 33.85
CA LEU B 146 17.59 -8.64 33.96
C LEU B 146 18.59 -8.79 32.80
N ASP B 147 19.88 -8.57 33.08
CA ASP B 147 20.96 -8.81 32.11
C ASP B 147 20.94 -7.86 30.93
N THR B 148 20.43 -6.64 31.09
CA THR B 148 20.05 -5.84 29.95
C THR B 148 21.20 -5.70 28.92
N ASP B 149 22.44 -5.56 29.39
CA ASP B 149 23.62 -5.43 28.49
C ASP B 149 23.90 -6.69 27.68
N LEU B 150 23.84 -7.83 28.36
CA LEU B 150 24.15 -9.11 27.77
C LEU B 150 23.08 -9.48 26.74
N VAL B 151 21.83 -9.20 27.08
CA VAL B 151 20.73 -9.51 26.21
C VAL B 151 20.79 -8.65 24.94
N LEU B 152 21.09 -7.37 25.12
CA LEU B 152 21.13 -6.45 24.01
C LEU B 152 22.31 -6.77 23.06
N GLU B 153 23.43 -7.22 23.63
CA GLU B 153 24.58 -7.61 22.83
C GLU B 153 24.27 -8.89 22.04
N GLU B 154 23.49 -9.77 22.62
CA GLU B 154 23.07 -11.01 21.93
C GLU B 154 22.20 -10.72 20.71
N GLY B 155 21.36 -9.69 20.83
CA GLY B 155 20.52 -9.23 19.73
C GLY B 155 21.35 -8.53 18.67
N ALA B 156 22.33 -7.75 19.13
CA ALA B 156 23.29 -7.11 18.26
C ALA B 156 23.93 -8.12 17.32
N ARG B 157 24.39 -9.24 17.88
CA ARG B 157 25.09 -10.25 17.10
C ARG B 157 24.14 -10.96 16.15
N LEU B 158 22.92 -11.23 16.60
CA LEU B 158 21.91 -11.85 15.70
C LEU B 158 21.70 -10.91 14.51
N TYR B 159 21.52 -9.63 14.78
CA TYR B 159 21.21 -8.68 13.71
C TYR B 159 22.37 -8.53 12.72
N GLU B 160 23.59 -8.65 13.22
CA GLU B 160 24.77 -8.61 12.38
C GLU B 160 24.81 -9.75 11.39
N ARG B 161 24.53 -10.95 11.88
CA ARG B 161 24.51 -12.12 11.01
C ARG B 161 23.40 -11.97 9.94
N ALA B 162 22.29 -11.35 10.33
CA ALA B 162 21.13 -11.15 9.45
C ALA B 162 21.49 -10.17 8.37
N ALA B 163 22.17 -9.11 8.79
CA ALA B 163 22.68 -8.10 7.87
C ALA B 163 23.62 -8.66 6.81
N ALA B 164 24.49 -9.59 7.20
CA ALA B 164 25.45 -10.19 6.27
C ALA B 164 24.80 -10.94 5.10
N ASP B 165 23.60 -11.47 5.31
CA ASP B 165 22.92 -12.26 4.26
C ASP B 165 22.01 -11.41 3.37
N VAL B 166 21.82 -10.14 3.74
CA VAL B 166 20.93 -9.26 3.02
C VAL B 166 21.61 -8.63 1.79
N PRO B 167 21.06 -8.90 0.57
CA PRO B 167 21.65 -8.34 -0.65
C PRO B 167 21.40 -6.83 -0.86
N GLY B 168 20.29 -6.29 -0.35
CA GLY B 168 20.00 -4.86 -0.50
C GLY B 168 20.97 -4.02 0.34
N ARG B 169 21.52 -2.96 -0.25
CA ARG B 169 22.41 -2.06 0.48
C ARG B 169 21.62 -1.26 1.52
N GLU B 170 20.48 -0.69 1.11
CA GLU B 170 19.63 0.09 2.03
C GLU B 170 19.15 -0.74 3.22
N ASP B 171 18.62 -1.92 2.94
CA ASP B 171 18.17 -2.85 3.98
C ASP B 171 19.31 -3.25 4.93
N ARG B 172 20.52 -3.42 4.39
CA ARG B 172 21.72 -3.75 5.19
C ARG B 172 22.07 -2.58 6.08
N ARG B 173 22.06 -1.36 5.53
CA ARG B 173 22.34 -0.17 6.30
C ARG B 173 21.34 -0.05 7.46
N GLU B 174 20.08 -0.41 7.20
CA GLU B 174 19.01 -0.25 8.19
C GLU B 174 19.21 -1.23 9.37
N LEU B 175 19.54 -2.49 9.09
CA LEU B 175 19.79 -3.48 10.16
C LEU B 175 21.07 -3.14 10.96
N LEU B 176 22.10 -2.64 10.27
CA LEU B 176 23.35 -2.23 10.93
C LEU B 176 23.16 -0.98 11.82
N ALA B 177 22.20 -0.12 11.45
CA ALA B 177 21.89 1.04 12.29
C ALA B 177 21.17 0.56 13.57
N ALA B 178 20.39 -0.50 13.45
CA ALA B 178 19.80 -1.15 14.61
C ALA B 178 20.90 -1.80 15.50
N VAL B 179 21.86 -2.47 14.87
CA VAL B 179 22.99 -3.05 15.60
C VAL B 179 23.69 -2.00 16.45
N ASP B 180 24.01 -0.86 15.82
CA ASP B 180 24.73 0.19 16.55
C ASP B 180 23.89 0.69 17.72
N ALA B 181 22.57 0.74 17.51
CA ALA B 181 21.67 1.29 18.51
C ALA B 181 21.61 0.34 19.69
N LEU B 182 21.41 -0.95 19.38
CA LEU B 182 21.42 -2.01 20.38
C LEU B 182 22.67 -1.95 21.24
N ARG B 183 23.80 -1.62 20.62
CA ARG B 183 25.09 -1.63 21.30
C ARG B 183 25.46 -0.31 21.97
N ASP B 184 24.62 0.70 21.85
CA ASP B 184 24.93 2.03 22.38
C ASP B 184 24.67 2.09 23.88
N GLU B 185 25.71 1.82 24.66
CA GLU B 185 25.60 1.74 26.12
C GLU B 185 25.38 3.13 26.73
N SER B 186 25.32 4.15 25.88
CA SER B 186 24.98 5.50 26.28
C SER B 186 23.47 5.75 26.39
N ARG B 187 22.70 4.79 25.92
CA ARG B 187 21.25 4.93 25.86
C ARG B 187 20.52 3.97 26.83
N PRO B 188 19.31 4.36 27.26
CA PRO B 188 18.51 3.50 28.14
C PRO B 188 18.15 2.19 27.47
N ALA B 189 18.25 1.10 28.23
CA ALA B 189 17.89 -0.24 27.77
C ALA B 189 16.60 -0.26 26.91
N ALA B 190 15.50 0.27 27.47
CA ALA B 190 14.20 0.29 26.75
C ALA B 190 14.28 0.94 25.35
N SER B 191 15.15 1.94 25.23
CA SER B 191 15.31 2.68 23.98
C SER B 191 16.12 1.87 22.97
N ARG B 192 17.24 1.33 23.42
CA ARG B 192 18.08 0.48 22.59
C ARG B 192 17.29 -0.68 22.00
N LEU B 193 16.40 -1.27 22.78
CA LEU B 193 15.57 -2.37 22.31
C LEU B 193 14.56 -1.92 21.27
N ALA B 194 13.87 -0.81 21.54
CA ALA B 194 12.85 -0.27 20.63
C ALA B 194 13.44 -0.09 19.20
N ALA B 195 14.66 0.44 19.14
CA ALA B 195 15.37 0.63 17.86
C ALA B 195 15.49 -0.65 17.02
N ALA B 196 15.40 -1.81 17.68
CA ALA B 196 15.51 -3.11 17.02
C ALA B 196 14.14 -3.72 16.63
N LEU B 197 13.05 -3.04 16.99
CA LEU B 197 11.69 -3.51 16.75
C LEU B 197 10.85 -2.51 15.93
N THR B 198 11.51 -1.58 15.25
CA THR B 198 10.82 -0.61 14.41
C THR B 198 10.18 -1.34 13.21
N PRO B 199 9.08 -0.80 12.66
CA PRO B 199 8.42 -1.39 11.47
C PRO B 199 9.37 -1.64 10.30
N GLN B 200 10.33 -0.75 10.09
CA GLN B 200 11.22 -0.87 8.93
C GLN B 200 12.29 -1.93 9.15
N VAL B 201 12.56 -2.24 10.42
CA VAL B 201 13.42 -3.36 10.73
C VAL B 201 12.66 -4.66 10.49
N ASP B 202 11.39 -4.69 10.89
CA ASP B 202 10.53 -5.85 10.72
C ASP B 202 10.38 -6.26 9.28
N ALA B 203 10.18 -5.28 8.40
CA ALA B 203 9.95 -5.53 6.99
C ALA B 203 11.19 -6.15 6.33
N VAL B 204 12.38 -5.72 6.76
CA VAL B 204 13.62 -6.27 6.20
C VAL B 204 13.76 -7.72 6.65
N LEU B 205 13.52 -7.97 7.93
CA LEU B 205 13.60 -9.33 8.50
C LEU B 205 12.47 -10.25 7.99
N ALA B 206 11.30 -9.69 7.74
CA ALA B 206 10.21 -10.44 7.13
C ALA B 206 10.62 -10.91 5.74
N ARG B 207 11.31 -10.05 4.99
CA ARG B 207 11.77 -10.41 3.63
C ARG B 207 13.03 -11.29 3.64
N HIS B 208 13.93 -11.07 4.61
CA HIS B 208 15.23 -11.79 4.68
C HIS B 208 15.58 -12.26 6.09
N PRO B 209 14.86 -13.26 6.61
CA PRO B 209 15.06 -13.67 7.99
C PRO B 209 16.42 -14.33 8.22
N LEU B 210 16.89 -14.26 9.46
CA LEU B 210 18.04 -15.10 9.88
C LEU B 210 17.47 -16.50 10.15
N ARG B 211 17.94 -17.46 9.36
CA ARG B 211 17.46 -18.82 9.40
C ARG B 211 18.57 -19.72 9.88
N ASP B 212 18.41 -20.30 11.06
CA ASP B 212 19.34 -21.29 11.59
C ASP B 212 18.99 -22.69 11.14
N LEU B 213 20.01 -23.46 10.79
CA LEU B 213 19.89 -24.92 10.68
C LEU B 213 18.83 -25.35 9.65
N VAL B 214 18.82 -24.66 8.52
CA VAL B 214 17.85 -24.86 7.46
C VAL B 214 17.77 -26.33 7.11
N THR B 215 16.55 -26.88 7.08
CA THR B 215 16.31 -28.29 6.79
C THR B 215 15.17 -28.41 5.76
N SER B 216 15.32 -29.28 4.78
CA SER B 216 14.29 -29.47 3.77
C SER B 216 13.72 -30.84 3.76
N SER B 217 12.43 -30.88 3.39
CA SER B 217 11.76 -32.12 3.10
C SER B 217 12.30 -32.61 1.77
N ASP B 218 11.99 -33.87 1.45
CA ASP B 218 12.24 -34.37 0.11
C ASP B 218 11.25 -33.74 -0.87
N PRO B 219 11.69 -33.47 -2.10
CA PRO B 219 10.74 -32.86 -3.02
C PRO B 219 9.52 -33.71 -3.33
N LEU B 220 8.36 -33.06 -3.47
CA LEU B 220 7.11 -33.71 -3.88
C LEU B 220 6.66 -33.20 -5.23
N PRO B 221 6.09 -34.09 -6.05
CA PRO B 221 5.84 -33.69 -7.43
C PRO B 221 4.48 -33.03 -7.62
N LEU B 222 4.44 -32.03 -8.49
CA LEU B 222 3.21 -31.34 -8.85
C LEU B 222 3.10 -31.30 -10.38
N LEU B 223 1.99 -31.80 -10.93
CA LEU B 223 1.69 -31.68 -12.39
C LEU B 223 0.83 -30.46 -12.62
N VAL B 224 1.30 -29.51 -13.43
CA VAL B 224 0.52 -28.32 -13.73
C VAL B 224 -0.01 -28.40 -15.14
N GLU B 225 -1.34 -28.39 -15.26
CA GLU B 225 -2.00 -28.56 -16.54
C GLU B 225 -2.72 -27.28 -16.97
N ARG B 226 -3.29 -27.29 -18.17
CA ARG B 226 -3.84 -26.06 -18.71
C ARG B 226 -5.17 -25.69 -18.05
N GLU B 227 -5.50 -24.41 -18.15
CA GLU B 227 -6.68 -23.82 -17.53
C GLU B 227 -7.93 -24.70 -17.70
N ARG B 228 -8.16 -25.23 -18.88
CA ARG B 228 -9.40 -25.97 -19.18
C ARG B 228 -9.57 -27.27 -18.38
N ALA B 229 -8.48 -27.81 -17.86
CA ALA B 229 -8.58 -29.02 -17.03
C ALA B 229 -9.41 -28.77 -15.79
N LEU B 230 -9.32 -27.55 -15.25
CA LEU B 230 -10.03 -27.14 -14.04
C LEU B 230 -11.28 -26.33 -14.38
N TYR B 231 -11.16 -25.42 -15.36
CA TYR B 231 -12.21 -24.43 -15.64
C TYR B 231 -12.80 -24.60 -17.02
N GLY B 232 -14.12 -24.72 -17.11
CA GLY B 232 -14.80 -24.80 -18.40
C GLY B 232 -16.27 -25.10 -18.26
N ALA B 233 -17.05 -24.66 -19.23
CA ALA B 233 -18.47 -24.95 -19.22
C ALA B 233 -18.75 -25.84 -20.42
N TRP B 234 -19.42 -26.95 -20.15
CA TRP B 234 -19.63 -28.04 -21.10
C TRP B 234 -21.06 -28.19 -21.57
N TYR B 235 -21.23 -28.51 -22.85
CA TYR B 235 -22.55 -28.76 -23.40
C TYR B 235 -22.54 -30.04 -24.20
N GLU B 236 -23.43 -30.97 -23.88
CA GLU B 236 -23.54 -32.23 -24.59
C GLU B 236 -24.75 -32.26 -25.49
N PHE B 237 -24.56 -32.56 -26.78
CA PHE B 237 -25.69 -32.85 -27.65
C PHE B 237 -25.38 -33.89 -28.69
N PHE B 238 -26.42 -34.48 -29.23
CA PHE B 238 -26.31 -35.50 -30.27
C PHE B 238 -26.52 -34.85 -31.61
N PRO B 239 -25.46 -34.71 -32.38
CA PRO B 239 -25.61 -34.22 -33.77
C PRO B 239 -26.75 -34.81 -34.59
N ARG B 240 -27.01 -36.10 -34.45
CA ARG B 240 -27.97 -36.76 -35.33
C ARG B 240 -29.39 -36.25 -35.11
N SER B 241 -29.62 -35.62 -33.97
CA SER B 241 -30.93 -35.04 -33.67
C SER B 241 -31.16 -33.70 -34.40
N GLU B 242 -30.10 -33.06 -34.87
CA GLU B 242 -30.21 -31.74 -35.48
C GLU B 242 -30.22 -31.84 -36.99
N GLY B 243 -31.30 -32.43 -37.49
CA GLY B 243 -31.46 -32.67 -38.89
C GLY B 243 -32.40 -31.69 -39.54
N THR B 244 -33.07 -32.14 -40.60
CA THR B 244 -33.99 -31.32 -41.38
C THR B 244 -35.29 -32.11 -41.60
N PRO B 245 -36.29 -31.48 -42.21
CA PRO B 245 -37.47 -32.22 -42.65
C PRO B 245 -37.18 -33.28 -43.72
N HIS B 246 -36.36 -32.95 -44.72
CA HIS B 246 -36.02 -33.90 -45.78
C HIS B 246 -35.15 -35.04 -45.23
N THR B 247 -34.15 -34.68 -44.41
CA THR B 247 -33.21 -35.64 -43.80
C THR B 247 -33.16 -35.48 -42.26
N PRO B 248 -34.08 -36.17 -41.56
CA PRO B 248 -34.16 -36.14 -40.10
C PRO B 248 -32.86 -36.46 -39.38
N HIS B 249 -32.13 -37.46 -39.87
CA HIS B 249 -30.86 -37.83 -39.22
C HIS B 249 -29.88 -36.75 -39.57
N GLY B 250 -29.44 -36.03 -38.54
CA GLY B 250 -28.58 -34.88 -38.75
C GLY B 250 -27.21 -35.32 -39.18
N THR B 251 -26.51 -34.41 -39.86
CA THR B 251 -25.13 -34.60 -40.25
C THR B 251 -24.26 -33.65 -39.45
N PHE B 252 -22.94 -33.75 -39.61
CA PHE B 252 -22.05 -32.76 -39.06
C PHE B 252 -22.33 -31.38 -39.67
N ARG B 253 -22.67 -31.34 -40.94
CA ARG B 253 -22.96 -30.05 -41.59
C ARG B 253 -24.22 -29.38 -41.07
N THR B 254 -25.28 -30.14 -40.84
CA THR B 254 -26.48 -29.56 -40.28
C THR B 254 -26.30 -29.28 -38.81
N ALA B 255 -25.64 -30.18 -38.09
CA ALA B 255 -25.47 -29.99 -36.64
C ALA B 255 -24.55 -28.82 -36.30
N ALA B 256 -23.65 -28.46 -37.19
CA ALA B 256 -22.85 -27.25 -37.01
C ALA B 256 -23.70 -25.99 -36.77
N ARG B 257 -24.94 -26.02 -37.21
CA ARG B 257 -25.81 -24.86 -37.06
C ARG B 257 -26.21 -24.63 -35.60
N ARG B 258 -26.13 -25.66 -34.77
CA ARG B 258 -26.40 -25.49 -33.35
C ARG B 258 -25.29 -24.76 -32.62
N LEU B 259 -24.09 -24.80 -33.16
CA LEU B 259 -22.91 -24.30 -32.45
C LEU B 259 -22.96 -22.82 -32.05
N PRO B 260 -23.51 -21.96 -32.92
CA PRO B 260 -23.57 -20.56 -32.51
C PRO B 260 -24.46 -20.36 -31.28
N ALA B 261 -25.55 -21.10 -31.19
CA ALA B 261 -26.45 -20.97 -30.06
C ALA B 261 -25.74 -21.46 -28.80
N ILE B 262 -24.89 -22.47 -28.95
CA ILE B 262 -24.18 -23.01 -27.81
C ILE B 262 -23.07 -22.03 -27.34
N ALA B 263 -22.35 -21.44 -28.29
CA ALA B 263 -21.35 -20.40 -27.97
C ALA B 263 -22.02 -19.23 -27.28
N ALA B 264 -23.20 -18.85 -27.77
CA ALA B 264 -23.93 -17.69 -27.24
C ALA B 264 -24.39 -17.95 -25.80
N MET B 265 -24.60 -19.21 -25.42
CA MET B 265 -24.85 -19.55 -24.03
C MET B 265 -23.57 -19.55 -23.15
N GLY B 266 -22.42 -19.24 -23.75
CA GLY B 266 -21.18 -19.15 -22.99
C GLY B 266 -20.51 -20.45 -22.62
N PHE B 267 -20.75 -21.51 -23.41
CA PHE B 267 -20.09 -22.78 -23.21
C PHE B 267 -18.74 -22.75 -23.92
N ASP B 268 -17.84 -23.62 -23.47
CA ASP B 268 -16.47 -23.66 -23.98
C ASP B 268 -16.19 -24.99 -24.67
N VAL B 269 -16.94 -26.03 -24.27
CA VAL B 269 -16.67 -27.41 -24.70
C VAL B 269 -17.94 -28.07 -25.12
N VAL B 270 -17.94 -28.69 -26.30
CA VAL B 270 -19.07 -29.46 -26.80
C VAL B 270 -18.69 -30.89 -26.73
N TYR B 271 -19.38 -31.65 -25.90
CA TYR B 271 -19.12 -33.07 -25.72
C TYR B 271 -20.13 -33.81 -26.58
N LEU B 272 -19.61 -34.53 -27.59
CA LEU B 272 -20.42 -35.37 -28.45
C LEU B 272 -20.44 -36.82 -27.98
N PRO B 273 -21.61 -37.44 -28.04
CA PRO B 273 -21.61 -38.89 -27.92
C PRO B 273 -20.85 -39.56 -29.06
N PRO B 274 -20.59 -40.86 -28.95
CA PRO B 274 -19.83 -41.53 -30.02
C PRO B 274 -20.30 -41.20 -31.46
N ILE B 275 -19.33 -40.86 -32.31
CA ILE B 275 -19.63 -40.41 -33.66
C ILE B 275 -19.46 -41.48 -34.73
N HIS B 276 -19.39 -42.73 -34.29
CA HIS B 276 -18.96 -43.82 -35.15
C HIS B 276 -20.12 -44.59 -35.70
N PRO B 277 -19.88 -45.54 -36.64
CA PRO B 277 -20.98 -46.43 -37.05
C PRO B 277 -21.53 -47.22 -35.88
N ILE B 278 -22.77 -47.67 -36.00
CA ILE B 278 -23.50 -48.28 -34.90
C ILE B 278 -23.90 -49.67 -35.33
N GLY B 279 -23.66 -50.66 -34.48
CA GLY B 279 -23.98 -52.02 -34.83
C GLY B 279 -25.44 -52.22 -35.16
N THR B 280 -25.72 -53.30 -35.92
CA THR B 280 -27.11 -53.74 -36.23
C THR B 280 -27.55 -54.99 -35.43
N THR B 281 -26.61 -55.82 -35.02
CA THR B 281 -26.93 -57.00 -34.27
C THR B 281 -27.25 -56.68 -32.81
N HIS B 282 -28.45 -57.10 -32.38
CA HIS B 282 -29.01 -56.76 -31.05
C HIS B 282 -29.14 -55.26 -30.80
N ARG B 283 -29.29 -54.48 -31.87
CA ARG B 283 -29.52 -53.05 -31.76
C ARG B 283 -30.74 -52.86 -30.92
N LYS B 284 -30.72 -51.83 -30.08
CA LYS B 284 -31.89 -51.50 -29.27
C LYS B 284 -32.83 -50.56 -30.00
N GLY B 285 -34.10 -50.67 -29.64
CA GLY B 285 -35.10 -49.78 -30.15
C GLY B 285 -35.39 -48.64 -29.21
N ARG B 286 -36.47 -47.95 -29.52
CA ARG B 286 -36.85 -46.77 -28.79
C ARG B 286 -37.07 -47.18 -27.34
N ASN B 287 -36.77 -46.26 -26.42
CA ASN B 287 -37.02 -46.47 -24.99
C ASN B 287 -36.34 -47.70 -24.41
N ASN B 288 -35.19 -48.06 -24.97
CA ASN B 288 -34.43 -49.21 -24.46
C ASN B 288 -35.14 -50.54 -24.62
N THR B 289 -35.97 -50.67 -25.65
CA THR B 289 -36.53 -51.98 -26.00
C THR B 289 -35.41 -52.80 -26.63
N LEU B 290 -35.59 -54.11 -26.65
CA LEU B 290 -34.55 -55.05 -27.00
C LEU B 290 -34.30 -55.17 -28.51
N SER B 291 -35.37 -55.22 -29.32
CA SER B 291 -35.26 -55.35 -30.80
C SER B 291 -35.61 -54.07 -31.54
N ALA B 292 -34.64 -53.53 -32.28
CA ALA B 292 -34.87 -52.35 -33.09
C ALA B 292 -35.76 -52.73 -34.26
N THR B 293 -36.55 -51.78 -34.73
CA THR B 293 -37.36 -52.01 -35.93
C THR B 293 -36.72 -51.27 -37.10
N GLY B 294 -37.32 -51.42 -38.28
CA GLY B 294 -36.78 -50.94 -39.54
C GLY B 294 -36.01 -49.63 -39.55
N ASP B 295 -36.55 -48.58 -38.93
CA ASP B 295 -35.91 -47.25 -38.99
C ASP B 295 -35.10 -46.82 -37.76
N ASP B 296 -35.21 -47.56 -36.67
CA ASP B 296 -34.57 -47.21 -35.41
C ASP B 296 -33.12 -46.94 -35.61
N VAL B 297 -32.58 -45.91 -34.95
CA VAL B 297 -31.21 -45.51 -35.20
C VAL B 297 -30.20 -46.18 -34.27
N GLY B 298 -30.67 -46.77 -33.18
CA GLY B 298 -29.78 -47.47 -32.24
C GLY B 298 -28.98 -46.55 -31.33
N VAL B 299 -28.15 -47.14 -30.48
CA VAL B 299 -27.42 -46.42 -29.46
C VAL B 299 -25.99 -46.13 -29.91
N PRO B 300 -25.56 -44.86 -29.85
CA PRO B 300 -24.24 -44.53 -30.35
C PRO B 300 -23.06 -45.26 -29.67
N TRP B 301 -23.25 -45.65 -28.42
CA TRP B 301 -22.27 -46.41 -27.69
C TRP B 301 -22.13 -47.87 -28.15
N ALA B 302 -23.03 -48.34 -29.01
CA ALA B 302 -22.90 -49.67 -29.57
C ALA B 302 -22.07 -49.49 -30.83
N ILE B 303 -20.78 -49.23 -30.62
CA ILE B 303 -19.86 -48.79 -31.64
C ILE B 303 -19.39 -49.93 -32.55
N GLY B 304 -19.47 -49.67 -33.87
CA GLY B 304 -18.83 -50.51 -34.86
C GLY B 304 -19.77 -51.32 -35.72
N SER B 305 -19.45 -51.36 -37.01
CA SER B 305 -20.17 -52.16 -37.99
C SER B 305 -19.19 -52.45 -39.11
N PRO B 306 -19.63 -53.15 -40.14
CA PRO B 306 -18.70 -53.33 -41.27
C PRO B 306 -18.25 -52.00 -41.89
N GLU B 307 -18.99 -50.93 -41.63
CA GLU B 307 -18.68 -49.64 -42.19
C GLU B 307 -17.47 -48.99 -41.53
N GLY B 308 -17.06 -49.54 -40.39
CA GLY B 308 -15.95 -48.96 -39.63
C GLY B 308 -16.10 -49.08 -38.14
N GLY B 309 -15.04 -48.71 -37.42
CA GLY B 309 -15.04 -48.78 -35.97
C GLY B 309 -14.78 -47.44 -35.35
N HIS B 310 -13.95 -47.43 -34.31
CA HIS B 310 -13.65 -46.22 -33.53
C HIS B 310 -12.82 -45.19 -34.27
N ASP B 311 -12.23 -45.54 -35.40
CA ASP B 311 -11.51 -44.55 -36.21
C ASP B 311 -12.39 -44.05 -37.38
N SER B 312 -13.67 -44.44 -37.39
CA SER B 312 -14.60 -44.06 -38.49
C SER B 312 -15.75 -43.17 -38.04
N ILE B 313 -16.34 -42.53 -39.04
CA ILE B 313 -17.50 -41.68 -38.85
C ILE B 313 -18.74 -42.44 -39.33
N HIS B 314 -19.81 -42.40 -38.53
CA HIS B 314 -21.09 -42.94 -38.93
C HIS B 314 -21.40 -42.35 -40.31
N PRO B 315 -21.75 -43.20 -41.29
CA PRO B 315 -21.96 -42.63 -42.66
C PRO B 315 -23.10 -41.62 -42.76
N ALA B 316 -24.07 -41.70 -41.84
CA ALA B 316 -25.21 -40.80 -41.83
C ALA B 316 -24.88 -39.39 -41.23
N LEU B 317 -23.76 -39.28 -40.52
CA LEU B 317 -23.24 -37.98 -40.08
C LEU B 317 -22.34 -37.36 -41.13
N GLY B 318 -21.98 -38.12 -42.16
CA GLY B 318 -21.09 -37.66 -43.25
C GLY B 318 -19.67 -38.25 -43.19
N THR B 319 -18.68 -37.48 -43.63
CA THR B 319 -17.31 -37.94 -43.74
C THR B 319 -16.40 -37.25 -42.71
N LEU B 320 -15.14 -37.66 -42.73
CA LEU B 320 -14.11 -37.08 -41.93
C LEU B 320 -13.91 -35.61 -42.25
N ASP B 321 -14.07 -35.24 -43.53
CA ASP B 321 -13.96 -33.83 -43.96
C ASP B 321 -15.04 -33.00 -43.35
N ASP B 322 -16.23 -33.60 -43.21
CA ASP B 322 -17.37 -32.89 -42.66
C ASP B 322 -17.09 -32.64 -41.21
N PHE B 323 -16.51 -33.64 -40.55
CA PHE B 323 -16.18 -33.52 -39.16
C PHE B 323 -15.12 -32.47 -38.95
N ASP B 324 -14.08 -32.46 -39.77
CA ASP B 324 -13.09 -31.36 -39.73
C ASP B 324 -13.79 -29.99 -39.83
N HIS B 325 -14.87 -29.92 -40.63
CA HIS B 325 -15.61 -28.65 -40.81
C HIS B 325 -16.32 -28.27 -39.52
N PHE B 326 -16.92 -29.27 -38.88
CA PHE B 326 -17.62 -29.08 -37.66
C PHE B 326 -16.62 -28.60 -36.59
N VAL B 327 -15.43 -29.19 -36.58
CA VAL B 327 -14.38 -28.85 -35.59
C VAL B 327 -13.80 -27.47 -35.87
N THR B 328 -13.65 -27.12 -37.15
CA THR B 328 -13.18 -25.78 -37.51
C THR B 328 -14.20 -24.74 -37.09
N GLU B 329 -15.47 -25.00 -37.34
CA GLU B 329 -16.49 -24.02 -37.04
C GLU B 329 -16.63 -23.84 -35.55
N ALA B 330 -16.57 -24.93 -34.80
CA ALA B 330 -16.58 -24.83 -33.35
C ALA B 330 -15.39 -23.98 -32.87
N GLY B 331 -14.20 -24.21 -33.43
CA GLY B 331 -12.99 -23.48 -33.03
C GLY B 331 -13.12 -21.99 -33.17
N LYS B 332 -13.74 -21.55 -34.27
CA LYS B 332 -13.96 -20.13 -34.48
C LYS B 332 -14.91 -19.49 -33.45
N LEU B 333 -15.83 -20.29 -32.90
CA LEU B 333 -16.77 -19.79 -31.89
C LEU B 333 -16.24 -19.92 -30.46
N GLY B 334 -14.97 -20.32 -30.30
CA GLY B 334 -14.37 -20.54 -28.97
C GLY B 334 -14.77 -21.85 -28.32
N LEU B 335 -15.16 -22.82 -29.14
CA LEU B 335 -15.56 -24.15 -28.67
C LEU B 335 -14.54 -25.20 -29.04
N GLU B 336 -14.13 -26.00 -28.05
CA GLU B 336 -13.35 -27.21 -28.25
C GLU B 336 -14.29 -28.38 -28.29
N ILE B 337 -13.95 -29.39 -29.09
CA ILE B 337 -14.69 -30.60 -29.06
C ILE B 337 -14.07 -31.61 -28.09
N ALA B 338 -14.94 -32.33 -27.39
CA ALA B 338 -14.58 -33.48 -26.60
C ALA B 338 -15.32 -34.63 -27.22
N LEU B 339 -14.59 -35.65 -27.63
CA LEU B 339 -15.22 -36.83 -28.12
C LEU B 339 -15.41 -37.83 -27.02
N ASP B 340 -16.48 -38.60 -27.14
CA ASP B 340 -16.68 -39.79 -26.31
C ASP B 340 -15.70 -40.87 -26.75
N PHE B 341 -15.08 -41.53 -25.79
CA PHE B 341 -14.29 -42.71 -26.07
C PHE B 341 -14.78 -43.89 -25.20
N ALA B 342 -15.41 -44.86 -25.85
CA ALA B 342 -16.02 -45.95 -25.19
C ALA B 342 -15.35 -47.20 -25.72
N LEU B 343 -14.48 -47.80 -24.88
CA LEU B 343 -13.68 -48.94 -25.27
C LEU B 343 -14.53 -50.18 -25.06
N GLN B 344 -15.29 -50.45 -26.11
CA GLN B 344 -16.30 -51.47 -26.17
C GLN B 344 -16.80 -51.53 -27.61
N CYS B 345 -17.50 -52.61 -27.96
CA CYS B 345 -17.86 -52.89 -29.34
C CYS B 345 -19.24 -53.45 -29.45
N SER B 346 -19.88 -53.15 -30.58
CA SER B 346 -21.04 -53.88 -30.99
C SER B 346 -20.57 -55.20 -31.51
N PRO B 347 -21.49 -56.19 -31.57
CA PRO B 347 -21.16 -57.48 -32.15
C PRO B 347 -20.68 -57.45 -33.59
N ASP B 348 -20.85 -56.32 -34.28
CA ASP B 348 -20.46 -56.19 -35.67
C ASP B 348 -19.20 -55.35 -35.88
N HIS B 349 -18.56 -54.98 -34.78
CA HIS B 349 -17.32 -54.22 -34.88
C HIS B 349 -16.29 -55.14 -35.52
N PRO B 350 -15.39 -54.59 -36.32
CA PRO B 350 -14.41 -55.46 -36.97
C PRO B 350 -13.49 -56.16 -36.00
N TRP B 351 -13.24 -55.56 -34.86
CA TRP B 351 -12.43 -56.21 -33.82
C TRP B 351 -12.95 -57.60 -33.45
N VAL B 352 -14.25 -57.81 -33.50
CA VAL B 352 -14.79 -59.10 -33.12
C VAL B 352 -14.11 -60.26 -33.90
N HIS B 353 -13.91 -60.08 -35.22
CA HIS B 353 -13.23 -61.10 -36.02
C HIS B 353 -11.74 -60.87 -36.17
N LYS B 354 -11.31 -59.63 -36.20
CA LYS B 354 -9.89 -59.35 -36.36
C LYS B 354 -9.05 -59.55 -35.12
N HIS B 355 -9.65 -59.45 -33.94
CA HIS B 355 -8.95 -59.59 -32.69
C HIS B 355 -9.86 -60.29 -31.69
N PRO B 356 -10.13 -61.58 -31.91
CA PRO B 356 -11.07 -62.29 -31.02
C PRO B 356 -10.55 -62.38 -29.60
N GLU B 357 -9.24 -62.36 -29.45
CA GLU B 357 -8.65 -62.51 -28.12
C GLU B 357 -8.73 -61.23 -27.30
N TRP B 358 -9.38 -60.19 -27.84
CA TRP B 358 -9.74 -58.99 -27.07
C TRP B 358 -11.13 -59.10 -26.40
N PHE B 359 -11.69 -60.30 -26.42
CA PHE B 359 -13.00 -60.55 -25.82
C PHE B 359 -12.90 -61.83 -25.06
N HIS B 360 -13.69 -61.97 -24.01
CA HIS B 360 -13.70 -63.20 -23.30
C HIS B 360 -14.77 -64.07 -23.91
N HIS B 361 -14.41 -65.30 -24.28
CA HIS B 361 -15.36 -66.20 -24.90
C HIS B 361 -15.71 -67.30 -23.94
N ARG B 362 -16.99 -67.62 -23.91
CA ARG B 362 -17.47 -68.68 -23.08
C ARG B 362 -17.16 -69.97 -23.82
N PRO B 363 -17.35 -71.10 -23.17
CA PRO B 363 -16.97 -72.37 -23.80
C PRO B 363 -17.59 -72.68 -25.17
N ASP B 364 -18.75 -72.10 -25.48
CA ASP B 364 -19.40 -72.33 -26.78
C ASP B 364 -18.97 -71.28 -27.79
N GLY B 365 -18.00 -70.47 -27.45
CA GLY B 365 -17.49 -69.46 -28.37
C GLY B 365 -18.08 -68.07 -28.27
N THR B 366 -19.24 -67.96 -27.60
CA THR B 366 -19.97 -66.71 -27.50
C THR B 366 -19.29 -65.73 -26.52
N ILE B 367 -19.58 -64.45 -26.73
CA ILE B 367 -19.16 -63.36 -25.87
C ILE B 367 -20.38 -62.83 -25.12
N ALA B 368 -20.32 -62.87 -23.79
CA ALA B 368 -21.37 -62.31 -22.93
C ALA B 368 -21.46 -60.77 -23.12
N HIS B 369 -22.67 -60.24 -23.32
CA HIS B 369 -22.88 -58.81 -23.50
C HIS B 369 -22.59 -58.08 -22.20
N ALA B 370 -22.20 -56.81 -22.29
CA ALA B 370 -21.77 -56.05 -21.13
C ALA B 370 -22.92 -55.84 -20.20
N GLU B 371 -22.56 -55.46 -18.96
CA GLU B 371 -23.53 -55.21 -17.87
C GLU B 371 -23.03 -54.17 -16.86
N ASN B 372 -23.99 -53.52 -16.16
CA ASN B 372 -23.76 -52.59 -14.99
C ASN B 372 -25.01 -52.79 -14.11
N PRO B 373 -25.18 -54.00 -13.56
CA PRO B 373 -26.50 -54.50 -13.07
C PRO B 373 -27.24 -53.50 -12.16
N PRO B 374 -28.58 -53.52 -12.23
CA PRO B 374 -29.43 -54.36 -13.11
C PRO B 374 -29.49 -53.91 -14.59
N LYS B 375 -28.63 -52.98 -14.99
CA LYS B 375 -28.60 -52.52 -16.39
C LYS B 375 -27.90 -53.53 -17.27
N LYS B 376 -28.56 -53.91 -18.36
CA LYS B 376 -27.98 -54.79 -19.35
C LYS B 376 -27.69 -54.05 -20.63
N TYR B 377 -26.60 -54.40 -21.28
CA TYR B 377 -26.22 -53.78 -22.55
C TYR B 377 -26.11 -54.82 -23.61
N GLN B 378 -27.26 -55.39 -23.93
CA GLN B 378 -27.35 -56.49 -24.91
C GLN B 378 -26.72 -56.13 -26.24
N ASP B 379 -26.61 -54.83 -26.51
CA ASP B 379 -26.11 -54.34 -27.79
C ASP B 379 -24.60 -54.17 -27.86
N ILE B 380 -23.89 -54.46 -26.77
CA ILE B 380 -22.45 -54.40 -26.81
C ILE B 380 -21.69 -55.53 -26.10
N TYR B 381 -20.45 -55.71 -26.53
CA TYR B 381 -19.49 -56.61 -25.92
C TYR B 381 -18.41 -55.84 -25.19
N PRO B 382 -18.08 -56.25 -23.98
CA PRO B 382 -16.98 -55.59 -23.25
C PRO B 382 -15.66 -56.17 -23.71
N ILE B 383 -14.58 -55.41 -23.58
CA ILE B 383 -13.25 -55.82 -23.95
C ILE B 383 -12.60 -56.62 -22.80
N ALA B 384 -11.80 -57.62 -23.16
CA ALA B 384 -11.02 -58.40 -22.22
C ALA B 384 -9.59 -57.96 -22.45
N PHE B 385 -8.87 -57.72 -21.35
CA PHE B 385 -7.60 -57.01 -21.39
C PHE B 385 -6.36 -57.88 -21.09
N ASP B 386 -6.57 -59.12 -20.64
CA ASP B 386 -5.47 -59.97 -20.19
C ASP B 386 -4.84 -60.92 -21.21
N ALA B 387 -5.41 -61.04 -22.40
CA ALA B 387 -4.77 -61.84 -23.44
C ALA B 387 -3.79 -61.03 -24.24
N ASP B 388 -4.13 -59.79 -24.57
CA ASP B 388 -3.27 -58.96 -25.43
C ASP B 388 -3.27 -57.51 -24.98
N PRO B 389 -2.84 -57.27 -23.73
CA PRO B 389 -2.82 -55.91 -23.20
C PRO B 389 -2.01 -54.95 -24.07
N ASP B 390 -0.92 -55.41 -24.63
CA ASP B 390 -0.08 -54.54 -25.44
C ASP B 390 -0.78 -54.12 -26.72
N GLY B 391 -1.47 -55.04 -27.37
CA GLY B 391 -2.18 -54.70 -28.58
C GLY B 391 -3.33 -53.74 -28.32
N LEU B 392 -4.06 -53.97 -27.24
CA LEU B 392 -5.11 -53.03 -26.86
C LEU B 392 -4.53 -51.65 -26.58
N ALA B 393 -3.42 -51.59 -25.86
CA ALA B 393 -2.83 -50.30 -25.54
C ALA B 393 -2.47 -49.58 -26.85
N THR B 394 -1.81 -50.29 -27.75
CA THR B 394 -1.24 -49.68 -28.94
C THR B 394 -2.34 -49.14 -29.84
N GLU B 395 -3.46 -49.86 -29.88
CA GLU B 395 -4.55 -49.50 -30.79
C GLU B 395 -5.33 -48.34 -30.21
N THR B 396 -5.53 -48.40 -28.89
CA THR B 396 -6.22 -47.36 -28.15
C THR B 396 -5.53 -46.02 -28.33
N VAL B 397 -4.22 -45.97 -28.16
CA VAL B 397 -3.56 -44.69 -28.32
C VAL B 397 -3.52 -44.28 -29.78
N ARG B 398 -3.56 -45.23 -30.70
CA ARG B 398 -3.56 -44.87 -32.13
C ARG B 398 -4.88 -44.23 -32.47
N ILE B 399 -5.96 -44.79 -31.93
CA ILE B 399 -7.27 -44.16 -32.13
C ILE B 399 -7.30 -42.75 -31.56
N LEU B 400 -6.94 -42.60 -30.30
CA LEU B 400 -6.89 -41.27 -29.72
C LEU B 400 -6.03 -40.29 -30.55
N ARG B 401 -4.85 -40.72 -30.99
CA ARG B 401 -4.00 -39.88 -31.86
C ARG B 401 -4.62 -39.53 -33.20
N HIS B 402 -5.42 -40.43 -33.75
CA HIS B 402 -6.16 -40.13 -34.96
C HIS B 402 -7.03 -38.91 -34.71
N TRP B 403 -7.84 -38.96 -33.65
CA TRP B 403 -8.78 -37.86 -33.37
C TRP B 403 -8.03 -36.62 -32.93
N MET B 404 -6.88 -36.80 -32.30
CA MET B 404 -6.06 -35.66 -31.93
C MET B 404 -5.55 -34.93 -33.15
N ASP B 405 -5.23 -35.69 -34.19
CA ASP B 405 -4.74 -35.08 -35.44
C ASP B 405 -5.85 -34.35 -36.15
N HIS B 406 -7.09 -34.53 -35.70
CA HIS B 406 -8.22 -33.80 -36.25
C HIS B 406 -8.78 -32.81 -35.27
N GLY B 407 -7.95 -32.38 -34.31
CA GLY B 407 -8.26 -31.28 -33.40
C GLY B 407 -9.08 -31.58 -32.15
N VAL B 408 -9.27 -32.84 -31.82
CA VAL B 408 -9.99 -33.18 -30.59
C VAL B 408 -8.90 -33.36 -29.52
N ARG B 409 -8.84 -32.44 -28.55
CA ARG B 409 -7.83 -32.47 -27.52
C ARG B 409 -8.47 -32.78 -26.20
N ILE B 410 -9.67 -33.34 -26.24
CA ILE B 410 -10.39 -33.71 -25.00
C ILE B 410 -11.15 -34.96 -25.25
N PHE B 411 -11.05 -35.92 -24.35
CA PHE B 411 -11.79 -37.14 -24.47
C PHE B 411 -12.60 -37.44 -23.24
N ARG B 412 -13.87 -37.72 -23.43
CA ARG B 412 -14.76 -38.06 -22.31
C ARG B 412 -14.80 -39.55 -22.37
N VAL B 413 -14.21 -40.19 -21.37
CA VAL B 413 -14.00 -41.62 -21.40
C VAL B 413 -15.16 -42.31 -20.76
N ASP B 414 -15.88 -43.06 -21.57
CA ASP B 414 -17.07 -43.76 -21.11
C ASP B 414 -16.72 -44.87 -20.08
N ASN B 415 -17.47 -44.94 -18.98
CA ASN B 415 -17.28 -45.96 -17.96
C ASN B 415 -15.87 -46.54 -17.78
N PRO B 416 -14.92 -45.74 -17.37
CA PRO B 416 -13.55 -46.21 -17.29
C PRO B 416 -13.30 -47.30 -16.26
N HIS B 417 -14.10 -47.28 -15.21
CA HIS B 417 -14.03 -48.25 -14.13
C HIS B 417 -14.41 -49.70 -14.50
N THR B 418 -14.79 -49.98 -15.75
CA THR B 418 -15.00 -51.38 -16.19
C THR B 418 -13.85 -51.85 -17.06
N LYS B 419 -12.83 -50.99 -17.20
CA LYS B 419 -11.56 -51.34 -17.78
C LYS B 419 -10.46 -51.23 -16.68
N PRO B 420 -9.30 -51.89 -16.86
CA PRO B 420 -8.32 -51.89 -15.76
C PRO B 420 -7.76 -50.53 -15.46
N VAL B 421 -7.54 -50.25 -14.19
CA VAL B 421 -7.00 -48.96 -13.74
C VAL B 421 -5.63 -48.72 -14.34
N ALA B 422 -4.79 -49.74 -14.31
CA ALA B 422 -3.40 -49.60 -14.86
C ALA B 422 -3.40 -49.42 -16.40
N PHE B 423 -4.45 -49.90 -17.05
CA PHE B 423 -4.60 -49.64 -18.47
C PHE B 423 -4.77 -48.11 -18.75
N TRP B 424 -5.61 -47.44 -17.98
CA TRP B 424 -5.80 -45.99 -18.15
C TRP B 424 -4.54 -45.27 -17.75
N GLU B 425 -3.89 -45.75 -16.71
CA GLU B 425 -2.65 -45.12 -16.30
C GLU B 425 -1.64 -45.13 -17.46
N ARG B 426 -1.56 -46.24 -18.17
CA ARG B 426 -0.57 -46.39 -19.25
C ARG B 426 -0.99 -45.60 -20.45
N VAL B 427 -2.27 -45.63 -20.78
CA VAL B 427 -2.76 -44.90 -21.95
C VAL B 427 -2.61 -43.40 -21.83
N ILE B 428 -3.04 -42.88 -20.68
CA ILE B 428 -2.93 -41.47 -20.42
C ILE B 428 -1.47 -41.02 -20.40
N ALA B 429 -0.60 -41.79 -19.75
CA ALA B 429 0.83 -41.40 -19.71
C ALA B 429 1.37 -41.39 -21.11
N ASP B 430 0.95 -42.35 -21.91
CA ASP B 430 1.47 -42.41 -23.25
C ASP B 430 1.04 -41.16 -24.03
N ILE B 431 -0.26 -40.82 -24.01
CA ILE B 431 -0.78 -39.66 -24.76
C ILE B 431 -0.28 -38.33 -24.22
N ASN B 432 -0.21 -38.17 -22.90
CA ASN B 432 0.30 -36.92 -22.33
C ASN B 432 1.81 -36.79 -22.43
N GLY B 433 2.51 -37.90 -22.66
CA GLY B 433 3.96 -37.85 -22.88
C GLY B 433 4.30 -37.01 -24.12
N THR B 434 3.49 -37.14 -25.17
CA THR B 434 3.73 -36.43 -26.43
C THR B 434 2.83 -35.18 -26.51
N ASP B 435 1.63 -35.27 -25.93
CA ASP B 435 0.63 -34.23 -26.05
C ASP B 435 0.05 -33.86 -24.69
N PRO B 436 0.82 -33.17 -23.84
CA PRO B 436 0.39 -32.94 -22.45
C PRO B 436 -0.85 -32.08 -22.28
N ASP B 437 -1.27 -31.42 -23.34
CA ASP B 437 -2.48 -30.61 -23.32
C ASP B 437 -3.78 -31.43 -23.35
N VAL B 438 -3.73 -32.71 -23.70
CA VAL B 438 -4.96 -33.48 -23.84
C VAL B 438 -5.58 -33.71 -22.48
N ILE B 439 -6.90 -33.57 -22.41
CA ILE B 439 -7.65 -33.72 -21.19
C ILE B 439 -8.57 -34.94 -21.26
N PHE B 440 -8.55 -35.73 -20.19
CA PHE B 440 -9.41 -36.90 -20.07
C PHE B 440 -10.38 -36.66 -18.92
N LEU B 441 -11.64 -36.89 -19.20
CA LEU B 441 -12.68 -36.86 -18.23
C LEU B 441 -13.16 -38.28 -17.98
N ALA B 442 -13.15 -38.68 -16.70
CA ALA B 442 -13.55 -40.01 -16.30
C ALA B 442 -15.04 -40.10 -15.96
N GLU B 443 -15.85 -40.78 -16.75
CA GLU B 443 -17.22 -40.99 -16.36
C GLU B 443 -17.36 -42.20 -15.45
N ALA B 444 -16.85 -42.08 -14.23
CA ALA B 444 -16.86 -43.20 -13.32
C ALA B 444 -17.85 -43.03 -12.22
N PHE B 445 -19.08 -43.50 -12.45
CA PHE B 445 -20.15 -43.38 -11.44
C PHE B 445 -20.12 -44.68 -10.68
N THR B 446 -19.40 -44.70 -9.58
CA THR B 446 -19.05 -45.94 -8.92
C THR B 446 -18.61 -45.61 -7.49
N ARG B 447 -17.87 -46.52 -6.86
CA ARG B 447 -17.49 -46.31 -5.49
C ARG B 447 -16.32 -45.33 -5.38
N PRO B 448 -16.16 -44.74 -4.20
CA PRO B 448 -15.13 -43.72 -4.01
C PRO B 448 -13.68 -44.16 -4.32
N ALA B 449 -13.29 -45.36 -3.92
CA ALA B 449 -11.91 -45.81 -4.06
C ALA B 449 -11.50 -45.76 -5.53
N MET B 450 -12.33 -46.38 -6.35
CA MET B 450 -12.08 -46.43 -7.76
C MET B 450 -12.09 -45.02 -8.35
N MET B 451 -13.12 -44.24 -8.03
CA MET B 451 -13.24 -42.84 -8.46
C MET B 451 -11.98 -42.03 -8.14
N ALA B 452 -11.52 -42.12 -6.90
CA ALA B 452 -10.27 -41.49 -6.48
C ALA B 452 -9.08 -42.00 -7.26
N THR B 453 -8.98 -43.30 -7.38
CA THR B 453 -7.78 -43.91 -7.97
C THR B 453 -7.61 -43.49 -9.43
N LEU B 454 -8.71 -43.43 -10.17
CA LEU B 454 -8.67 -43.06 -11.58
C LEU B 454 -8.18 -41.60 -11.75
N ALA B 455 -8.64 -40.72 -10.88
CA ALA B 455 -8.14 -39.34 -10.90
C ALA B 455 -6.66 -39.36 -10.61
N GLN B 456 -6.25 -40.15 -9.63
CA GLN B 456 -4.86 -40.13 -9.19
C GLN B 456 -3.89 -40.69 -10.22
N ILE B 457 -4.36 -41.63 -11.04
CA ILE B 457 -3.49 -42.22 -12.03
C ILE B 457 -3.50 -41.45 -13.32
N GLY B 458 -4.24 -40.36 -13.38
CA GLY B 458 -4.01 -39.37 -14.45
C GLY B 458 -5.19 -38.73 -15.12
N PHE B 459 -6.41 -39.15 -14.76
CA PHE B 459 -7.59 -38.49 -15.32
C PHE B 459 -7.68 -37.06 -14.81
N GLN B 460 -7.67 -36.10 -15.75
CA GLN B 460 -7.67 -34.68 -15.42
C GLN B 460 -8.97 -34.25 -14.79
N GLN B 461 -10.08 -34.90 -15.17
CA GLN B 461 -11.39 -34.52 -14.68
C GLN B 461 -12.17 -35.75 -14.32
N SER B 462 -13.12 -35.59 -13.40
CA SER B 462 -13.97 -36.66 -13.01
C SER B 462 -15.43 -36.22 -12.95
N TYR B 463 -16.33 -37.07 -13.44
CA TYR B 463 -17.73 -36.92 -13.07
C TYR B 463 -17.81 -37.26 -11.59
N THR B 464 -18.87 -36.81 -10.94
CA THR B 464 -18.95 -36.78 -9.50
C THR B 464 -20.35 -37.19 -9.08
N TYR B 465 -20.61 -37.19 -7.76
CA TYR B 465 -21.92 -37.57 -7.21
C TYR B 465 -22.90 -36.44 -7.21
N PHE B 466 -22.54 -35.34 -7.85
CA PHE B 466 -23.32 -34.10 -7.79
C PHE B 466 -24.84 -34.27 -7.92
N THR B 467 -25.29 -35.02 -8.93
CA THR B 467 -26.73 -35.10 -9.23
C THR B 467 -27.46 -35.66 -8.06
N TRP B 468 -26.74 -36.36 -7.18
CA TRP B 468 -27.37 -36.99 -5.99
C TRP B 468 -27.02 -36.23 -4.73
N ARG B 469 -26.65 -34.96 -4.91
CA ARG B 469 -26.49 -34.06 -3.77
C ARG B 469 -27.44 -32.86 -3.96
N ASN B 470 -28.60 -32.93 -3.32
CA ASN B 470 -29.69 -31.98 -3.50
C ASN B 470 -30.15 -31.24 -2.22
N THR B 471 -29.93 -31.81 -1.04
CA THR B 471 -30.20 -31.10 0.21
C THR B 471 -29.01 -30.25 0.63
N LYS B 472 -29.22 -29.38 1.59
CA LYS B 472 -28.19 -28.50 2.02
C LYS B 472 -27.11 -29.28 2.73
N GLN B 473 -27.48 -30.33 3.48
CA GLN B 473 -26.47 -31.18 4.12
C GLN B 473 -25.60 -31.88 3.08
N GLU B 474 -26.26 -32.53 2.13
CA GLU B 474 -25.60 -33.22 1.04
C GLU B 474 -24.65 -32.29 0.28
N LEU B 475 -25.15 -31.16 -0.16
CA LEU B 475 -24.32 -30.23 -0.91
C LEU B 475 -23.12 -29.71 -0.10
N THR B 476 -23.34 -29.38 1.16
CA THR B 476 -22.33 -28.81 2.02
C THR B 476 -21.24 -29.83 2.30
N GLU B 477 -21.64 -31.04 2.71
CA GLU B 477 -20.67 -32.10 2.95
C GLU B 477 -19.84 -32.43 1.72
N TYR B 478 -20.52 -32.69 0.61
CA TYR B 478 -19.85 -33.14 -0.60
C TYR B 478 -18.91 -32.07 -1.15
N LEU B 479 -19.29 -30.80 -1.11
CA LEU B 479 -18.40 -29.76 -1.62
C LEU B 479 -17.27 -29.46 -0.66
N THR B 480 -17.47 -29.71 0.62
CA THR B 480 -16.41 -29.60 1.60
C THR B 480 -15.35 -30.65 1.23
N GLU B 481 -15.83 -31.84 0.88
CA GLU B 481 -14.95 -32.93 0.44
C GLU B 481 -14.24 -32.58 -0.86
N LEU B 482 -14.96 -32.16 -1.88
CA LEU B 482 -14.34 -31.89 -3.19
C LEU B 482 -13.35 -30.72 -3.14
N SER B 483 -13.61 -29.72 -2.29
CA SER B 483 -12.77 -28.54 -2.28
C SER B 483 -11.63 -28.66 -1.31
N GLY B 484 -11.59 -29.76 -0.56
CA GLY B 484 -10.59 -29.97 0.46
C GLY B 484 -9.43 -30.75 -0.08
N GLU B 485 -9.07 -31.85 0.62
CA GLU B 485 -7.93 -32.70 0.23
C GLU B 485 -8.09 -33.35 -1.15
N ALA B 486 -9.32 -33.70 -1.54
CA ALA B 486 -9.55 -34.30 -2.86
C ALA B 486 -9.12 -33.38 -4.03
N ALA B 487 -9.04 -32.10 -3.77
CA ALA B 487 -8.73 -31.14 -4.85
C ALA B 487 -7.28 -31.26 -5.33
N SER B 488 -6.45 -32.03 -4.63
CA SER B 488 -5.07 -32.20 -5.07
C SER B 488 -4.90 -33.30 -6.12
N TYR B 489 -5.99 -34.02 -6.41
CA TYR B 489 -5.94 -35.04 -7.45
C TYR B 489 -7.18 -35.15 -8.33
N MET B 490 -8.27 -34.50 -7.94
CA MET B 490 -9.51 -34.62 -8.70
C MET B 490 -10.10 -33.27 -9.03
N ARG B 491 -10.46 -33.11 -10.30
CA ARG B 491 -11.11 -31.94 -10.78
C ARG B 491 -12.51 -32.30 -11.24
N PRO B 492 -13.53 -31.75 -10.56
CA PRO B 492 -14.89 -32.19 -10.77
C PRO B 492 -15.61 -31.49 -11.91
N ASN B 493 -16.41 -32.26 -12.62
CA ASN B 493 -17.18 -31.73 -13.69
C ASN B 493 -18.66 -31.96 -13.35
N PHE B 494 -19.32 -30.89 -12.97
CA PHE B 494 -20.70 -30.94 -12.49
C PHE B 494 -21.64 -30.83 -13.65
N PHE B 495 -22.02 -31.98 -14.17
CA PHE B 495 -23.11 -32.05 -15.11
C PHE B 495 -24.38 -32.11 -14.27
N ALA B 496 -25.27 -31.13 -14.43
CA ALA B 496 -26.52 -31.10 -13.68
C ALA B 496 -27.46 -32.17 -14.17
N ASN B 497 -27.33 -32.53 -15.45
CA ASN B 497 -27.99 -33.72 -15.96
C ASN B 497 -27.06 -34.42 -16.93
N THR B 498 -27.34 -35.70 -17.21
CA THR B 498 -26.73 -36.46 -18.32
C THR B 498 -27.87 -37.22 -18.99
N PRO B 499 -27.61 -37.86 -20.15
CA PRO B 499 -28.67 -38.65 -20.80
C PRO B 499 -29.11 -39.83 -19.99
N ASP B 500 -28.33 -40.15 -18.95
CA ASP B 500 -28.58 -41.31 -18.10
C ASP B 500 -29.08 -40.92 -16.73
N ILE B 501 -29.02 -39.63 -16.40
CA ILE B 501 -29.48 -39.14 -15.10
C ILE B 501 -30.40 -37.95 -15.22
N LEU B 502 -31.69 -38.21 -15.05
CA LEU B 502 -32.68 -37.17 -14.79
C LEU B 502 -33.17 -37.34 -13.36
N HIS B 503 -32.60 -36.58 -12.43
CA HIS B 503 -32.82 -36.82 -11.01
C HIS B 503 -34.24 -36.49 -10.59
N ALA B 504 -34.74 -37.19 -9.59
CA ALA B 504 -36.08 -36.94 -9.04
C ALA B 504 -36.34 -35.47 -8.71
N TYR B 505 -35.29 -34.78 -8.29
CA TYR B 505 -35.42 -33.38 -7.88
C TYR B 505 -35.87 -32.51 -9.07
N LEU B 506 -35.37 -32.78 -10.28
CA LEU B 506 -35.81 -32.06 -11.45
C LEU B 506 -37.15 -32.55 -11.93
N GLN B 507 -37.42 -33.83 -11.74
CA GLN B 507 -38.69 -34.40 -12.15
C GLN B 507 -39.82 -33.77 -11.39
N HIS B 508 -39.62 -33.62 -10.10
CA HIS B 508 -40.67 -33.13 -9.21
C HIS B 508 -40.66 -31.61 -9.07
N GLY B 509 -39.55 -30.97 -9.42
CA GLY B 509 -39.38 -29.54 -9.24
C GLY B 509 -39.68 -28.62 -10.40
N GLY B 510 -39.73 -29.16 -11.62
CA GLY B 510 -40.01 -28.34 -12.79
C GLY B 510 -38.98 -27.25 -13.01
N ARG B 511 -39.35 -26.24 -13.78
CA ARG B 511 -38.40 -25.24 -14.17
C ARG B 511 -37.59 -24.68 -13.01
N PRO B 512 -38.25 -24.33 -11.91
CA PRO B 512 -37.50 -23.75 -10.80
C PRO B 512 -36.38 -24.64 -10.24
N ALA B 513 -36.56 -25.96 -10.33
CA ALA B 513 -35.55 -26.91 -9.93
C ALA B 513 -34.37 -26.87 -10.92
N PHE B 514 -34.66 -26.83 -12.22
CA PHE B 514 -33.61 -26.66 -13.23
C PHE B 514 -32.79 -25.38 -12.99
N GLU B 515 -33.47 -24.33 -12.56
CA GLU B 515 -32.79 -23.07 -12.31
C GLU B 515 -31.84 -23.14 -11.13
N VAL B 516 -32.28 -23.80 -10.06
CA VAL B 516 -31.47 -23.93 -8.85
C VAL B 516 -30.23 -24.79 -9.13
N ARG B 517 -30.41 -25.90 -9.82
CA ARG B 517 -29.30 -26.80 -10.09
C ARG B 517 -28.29 -26.13 -11.03
N ALA B 518 -28.75 -25.34 -11.97
CA ALA B 518 -27.83 -24.59 -12.83
C ALA B 518 -26.95 -23.68 -12.00
N VAL B 519 -27.59 -22.98 -11.08
CA VAL B 519 -26.90 -22.03 -10.28
C VAL B 519 -25.85 -22.73 -9.45
N LEU B 520 -26.28 -23.81 -8.78
CA LEU B 520 -25.41 -24.52 -7.89
C LEU B 520 -24.23 -25.02 -8.70
N ALA B 521 -24.50 -25.68 -9.82
CA ALA B 521 -23.43 -26.32 -10.57
C ALA B 521 -22.42 -25.29 -11.01
N ALA B 522 -22.93 -24.19 -11.54
CA ALA B 522 -22.09 -23.21 -12.18
C ALA B 522 -21.26 -22.41 -11.20
N THR B 523 -21.75 -22.25 -9.97
CA THR B 523 -21.03 -21.50 -8.93
C THR B 523 -20.22 -22.37 -7.95
N LEU B 524 -20.55 -23.66 -7.84
CA LEU B 524 -19.84 -24.53 -6.90
C LEU B 524 -18.60 -25.21 -7.50
N SER B 525 -18.61 -25.44 -8.81
CA SER B 525 -17.47 -26.05 -9.48
C SER B 525 -17.03 -25.22 -10.65
N PRO B 526 -15.70 -25.07 -10.83
CA PRO B 526 -15.22 -24.28 -11.93
C PRO B 526 -15.39 -25.00 -13.25
N THR B 527 -15.79 -26.25 -13.24
CA THR B 527 -16.31 -26.86 -14.46
C THR B 527 -17.69 -27.41 -14.23
N TRP B 528 -18.58 -27.14 -15.16
CA TRP B 528 -19.91 -27.68 -15.09
C TRP B 528 -20.40 -27.96 -16.48
N GLY B 529 -21.56 -28.62 -16.54
CA GLY B 529 -22.16 -28.91 -17.82
C GLY B 529 -23.62 -29.26 -17.76
N ILE B 530 -24.27 -29.17 -18.92
CA ILE B 530 -25.63 -29.63 -19.08
C ILE B 530 -25.74 -30.46 -20.37
N TYR B 531 -26.75 -31.31 -20.41
CA TYR B 531 -27.03 -32.10 -21.60
C TYR B 531 -28.26 -31.50 -22.27
N SER B 532 -28.14 -31.18 -23.53
CA SER B 532 -29.18 -30.54 -24.32
C SER B 532 -30.58 -31.05 -23.97
N GLY B 533 -31.47 -30.11 -23.70
CA GLY B 533 -32.82 -30.41 -23.26
C GLY B 533 -33.01 -29.90 -21.84
N TYR B 534 -31.88 -29.77 -21.12
CA TYR B 534 -31.89 -29.18 -19.78
C TYR B 534 -32.51 -27.78 -19.81
N GLU B 535 -32.07 -26.98 -20.78
CA GLU B 535 -32.61 -25.63 -20.98
C GLU B 535 -34.12 -25.63 -21.15
N LEU B 536 -34.67 -26.66 -21.77
CA LEU B 536 -36.13 -26.66 -21.99
C LEU B 536 -36.82 -27.31 -20.84
N CYS B 537 -36.07 -27.67 -19.79
CA CYS B 537 -36.66 -28.25 -18.57
C CYS B 537 -37.34 -29.60 -18.82
N GLU B 538 -36.78 -30.38 -19.75
CA GLU B 538 -37.24 -31.73 -19.99
C GLU B 538 -37.06 -32.55 -18.73
N ASN B 539 -38.17 -33.05 -18.21
CA ASN B 539 -38.14 -33.71 -16.95
C ASN B 539 -39.14 -34.86 -16.80
N THR B 540 -39.49 -35.49 -17.93
CA THR B 540 -40.43 -36.61 -17.88
C THR B 540 -39.63 -37.90 -17.83
N PRO B 541 -39.79 -38.68 -16.75
CA PRO B 541 -39.00 -39.89 -16.60
C PRO B 541 -39.60 -41.03 -17.37
N LEU B 542 -38.80 -42.10 -17.57
CA LEU B 542 -39.30 -43.35 -18.14
C LEU B 542 -40.46 -43.87 -17.31
N ARG B 543 -40.37 -43.74 -16.00
CA ARG B 543 -41.48 -44.08 -15.09
C ARG B 543 -41.10 -43.63 -13.71
N GLU B 544 -42.09 -43.63 -12.83
CA GLU B 544 -41.89 -43.17 -11.45
C GLU B 544 -40.72 -43.96 -10.86
N GLY B 545 -39.82 -43.25 -10.19
CA GLY B 545 -38.67 -43.83 -9.51
C GLY B 545 -37.51 -44.20 -10.42
N SER B 546 -37.52 -43.74 -11.68
CA SER B 546 -36.40 -43.95 -12.59
C SER B 546 -35.64 -42.66 -12.83
N GLU B 547 -34.38 -42.78 -13.22
CA GLU B 547 -33.59 -41.61 -13.60
C GLU B 547 -33.39 -41.54 -15.10
N GLU B 548 -34.03 -42.44 -15.81
CA GLU B 548 -34.01 -42.39 -17.27
C GLU B 548 -35.05 -41.40 -17.82
N TYR B 549 -34.72 -40.70 -18.91
CA TYR B 549 -35.72 -39.94 -19.65
C TYR B 549 -36.68 -40.82 -20.40
N LEU B 550 -37.95 -40.43 -20.45
CA LEU B 550 -38.87 -41.01 -21.42
C LEU B 550 -38.44 -40.66 -22.84
N ASP B 551 -38.62 -41.61 -23.75
CA ASP B 551 -38.24 -41.42 -25.17
C ASP B 551 -36.80 -40.90 -25.25
N SER B 552 -35.91 -41.61 -24.60
CA SER B 552 -34.55 -41.13 -24.46
C SER B 552 -33.86 -40.95 -25.79
N GLU B 553 -33.06 -39.89 -25.89
CA GLU B 553 -32.33 -39.54 -27.09
C GLU B 553 -31.24 -40.56 -27.43
N LYS B 554 -30.90 -41.38 -26.44
CA LYS B 554 -29.96 -42.45 -26.66
C LYS B 554 -30.49 -43.42 -27.71
N TYR B 555 -31.80 -43.60 -27.80
CA TYR B 555 -32.36 -44.63 -28.71
C TYR B 555 -33.19 -44.07 -29.86
N GLN B 556 -33.33 -42.76 -29.92
CA GLN B 556 -34.08 -42.14 -31.00
C GLN B 556 -33.58 -40.72 -31.32
N LEU B 557 -33.91 -40.30 -32.53
CA LEU B 557 -33.71 -38.93 -32.93
C LEU B 557 -34.63 -38.09 -32.10
N LYS B 558 -34.14 -36.93 -31.66
CA LYS B 558 -34.94 -36.07 -30.83
C LYS B 558 -34.90 -34.61 -31.27
N PRO B 559 -35.61 -34.30 -32.39
CA PRO B 559 -35.64 -32.93 -32.85
C PRO B 559 -36.38 -32.04 -31.83
N ARG B 560 -35.97 -30.78 -31.76
CA ARG B 560 -36.46 -29.85 -30.77
C ARG B 560 -36.68 -28.51 -31.44
N ASP B 561 -37.78 -27.85 -31.08
CA ASP B 561 -38.10 -26.53 -31.62
C ASP B 561 -37.41 -25.47 -30.77
N TRP B 562 -36.14 -25.25 -31.03
CA TRP B 562 -35.32 -24.28 -30.29
C TRP B 562 -35.83 -22.87 -30.46
N THR B 563 -36.27 -22.56 -31.66
CA THR B 563 -36.72 -21.24 -32.02
C THR B 563 -37.98 -20.86 -31.26
N ARG B 564 -38.95 -21.77 -31.26
CA ARG B 564 -40.17 -21.59 -30.49
C ARG B 564 -39.90 -21.41 -29.00
N ALA B 565 -39.05 -22.24 -28.42
CA ALA B 565 -38.77 -22.12 -26.99
C ALA B 565 -38.20 -20.75 -26.68
N ALA B 566 -37.32 -20.23 -27.55
CA ALA B 566 -36.71 -18.90 -27.33
C ALA B 566 -37.74 -17.81 -27.43
N ARG B 567 -38.64 -17.86 -28.41
CA ARG B 567 -39.64 -16.81 -28.54
C ARG B 567 -40.74 -16.90 -27.49
N GLU B 568 -41.11 -18.11 -27.08
CA GLU B 568 -42.13 -18.31 -26.07
C GLU B 568 -41.56 -18.24 -24.67
N GLY B 569 -40.24 -18.17 -24.54
CA GLY B 569 -39.60 -18.00 -23.22
C GLY B 569 -39.71 -19.17 -22.28
N THR B 570 -39.88 -20.37 -22.85
CA THR B 570 -39.99 -21.61 -22.08
C THR B 570 -38.61 -22.30 -21.98
N THR B 571 -37.53 -21.55 -22.22
CA THR B 571 -36.15 -22.05 -22.07
C THR B 571 -35.40 -21.26 -21.01
N ILE B 572 -34.44 -21.89 -20.36
CA ILE B 572 -33.66 -21.17 -19.35
C ILE B 572 -32.29 -20.79 -19.87
N ALA B 573 -32.15 -20.76 -21.19
CA ALA B 573 -30.90 -20.37 -21.85
C ALA B 573 -30.39 -19.03 -21.36
N PRO B 574 -31.28 -18.02 -21.22
CA PRO B 574 -30.84 -16.70 -20.73
C PRO B 574 -30.18 -16.78 -19.37
N LEU B 575 -30.75 -17.55 -18.45
CA LEU B 575 -30.12 -17.77 -17.15
C LEU B 575 -28.75 -18.46 -17.31
N VAL B 576 -28.73 -19.52 -18.11
CA VAL B 576 -27.49 -20.26 -18.35
C VAL B 576 -26.44 -19.32 -18.90
N THR B 577 -26.84 -18.50 -19.88
CA THR B 577 -25.93 -17.57 -20.53
C THR B 577 -25.34 -16.62 -19.48
N ARG B 578 -26.22 -16.13 -18.60
CA ARG B 578 -25.85 -15.17 -17.59
C ARG B 578 -24.90 -15.82 -16.60
N LEU B 579 -25.17 -17.07 -16.23
CA LEU B 579 -24.27 -17.76 -15.30
C LEU B 579 -22.87 -17.90 -15.84
N ASN B 580 -22.75 -18.20 -17.14
CA ASN B 580 -21.42 -18.38 -17.75
C ASN B 580 -20.68 -17.06 -17.89
N THR B 581 -21.43 -15.99 -18.12
CA THR B 581 -20.84 -14.67 -18.20
C THR B 581 -20.30 -14.30 -16.82
N ILE B 582 -21.13 -14.47 -15.80
CA ILE B 582 -20.66 -14.21 -14.46
C ILE B 582 -19.33 -14.98 -14.20
N ARG B 583 -19.34 -16.28 -14.45
CA ARG B 583 -18.12 -17.07 -14.35
C ARG B 583 -16.94 -16.44 -15.08
N ARG B 584 -17.16 -16.00 -16.31
CA ARG B 584 -16.10 -15.43 -17.15
C ARG B 584 -15.59 -14.10 -16.63
N GLU B 585 -16.43 -13.45 -15.82
CA GLU B 585 -16.17 -12.10 -15.29
C GLU B 585 -15.63 -12.09 -13.88
N ASN B 586 -15.75 -13.21 -13.17
CA ASN B 586 -15.34 -13.31 -11.78
C ASN B 586 -14.40 -14.49 -11.56
N PRO B 587 -13.08 -14.22 -11.48
CA PRO B 587 -12.06 -15.26 -11.20
C PRO B 587 -12.34 -16.24 -10.04
N ALA B 588 -13.05 -15.78 -9.00
CA ALA B 588 -13.39 -16.61 -7.87
C ALA B 588 -14.17 -17.87 -8.27
N LEU B 589 -14.99 -17.76 -9.31
CA LEU B 589 -15.77 -18.91 -9.83
C LEU B 589 -14.99 -19.81 -10.81
N ARG B 590 -13.75 -19.42 -11.13
CA ARG B 590 -12.88 -20.22 -12.00
C ARG B 590 -11.84 -21.00 -11.20
N GLN B 591 -12.09 -21.13 -9.89
CA GLN B 591 -11.33 -22.01 -9.03
C GLN B 591 -12.25 -22.83 -8.13
N LEU B 592 -11.67 -23.78 -7.42
CA LEU B 592 -12.41 -24.77 -6.69
C LEU B 592 -12.17 -24.71 -5.19
N ARG B 593 -10.92 -24.49 -4.81
CA ARG B 593 -10.46 -24.79 -3.44
C ARG B 593 -10.86 -23.81 -2.39
N ASP B 594 -11.04 -22.55 -2.80
CA ASP B 594 -11.51 -21.53 -1.88
C ASP B 594 -13.02 -21.46 -1.93
N LEU B 595 -13.63 -22.00 -0.88
CA LEU B 595 -15.07 -22.10 -0.79
C LEU B 595 -15.39 -22.12 0.67
N HIS B 596 -16.40 -21.35 1.09
CA HIS B 596 -16.83 -21.40 2.49
C HIS B 596 -18.35 -21.29 2.63
N PHE B 597 -18.89 -22.12 3.51
CA PHE B 597 -20.34 -22.19 3.74
C PHE B 597 -20.72 -21.37 4.95
N HIS B 598 -21.62 -20.42 4.74
CA HIS B 598 -22.09 -19.49 5.76
C HIS B 598 -23.46 -19.91 6.25
N PRO B 599 -23.68 -19.89 7.58
CA PRO B 599 -24.91 -20.44 8.15
C PRO B 599 -26.13 -19.62 7.81
N THR B 600 -27.28 -20.30 7.79
CA THR B 600 -28.58 -19.68 7.63
C THR B 600 -29.49 -20.34 8.64
N ASP B 601 -30.61 -19.70 8.98
CA ASP B 601 -31.57 -20.30 9.93
C ASP B 601 -32.66 -21.14 9.23
N LYS B 602 -32.48 -21.41 7.95
CA LYS B 602 -33.43 -22.20 7.20
C LYS B 602 -32.70 -23.34 6.49
N GLU B 603 -33.24 -24.53 6.67
CA GLU B 603 -32.69 -25.73 6.09
C GLU B 603 -32.76 -25.74 4.54
N GLU B 604 -33.78 -25.11 3.96
CA GLU B 604 -33.93 -25.06 2.51
C GLU B 604 -33.00 -24.03 1.86
N VAL B 605 -32.43 -23.12 2.67
CA VAL B 605 -31.60 -22.05 2.13
C VAL B 605 -30.12 -22.27 2.47
N ILE B 606 -29.29 -22.21 1.44
CA ILE B 606 -27.87 -22.44 1.56
C ILE B 606 -27.13 -21.19 1.14
N ALA B 607 -25.99 -20.94 1.76
CA ALA B 607 -25.18 -19.77 1.47
C ALA B 607 -23.71 -20.13 1.43
N TYR B 608 -22.98 -19.56 0.49
CA TYR B 608 -21.56 -19.81 0.39
C TYR B 608 -20.83 -18.69 -0.31
N SER B 609 -19.53 -18.60 -0.05
CA SER B 609 -18.68 -17.61 -0.67
C SER B 609 -17.44 -18.27 -1.25
N LYS B 610 -16.89 -17.66 -2.30
CA LYS B 610 -15.66 -18.10 -2.97
C LYS B 610 -14.85 -16.86 -3.28
N ARG B 611 -13.52 -16.95 -3.21
CA ARG B 611 -12.65 -15.80 -3.43
C ARG B 611 -11.44 -16.13 -4.30
N GLN B 612 -10.93 -15.12 -5.00
CA GLN B 612 -9.71 -15.24 -5.77
C GLN B 612 -9.17 -13.84 -5.94
N GLY B 613 -7.99 -13.60 -5.38
CA GLY B 613 -7.49 -12.23 -5.14
C GLY B 613 -8.53 -11.39 -4.44
N SER B 614 -8.78 -10.21 -5.01
CA SER B 614 -9.77 -9.28 -4.47
C SER B 614 -11.20 -9.57 -4.91
N ASN B 615 -11.39 -10.60 -5.75
CA ASN B 615 -12.74 -10.94 -6.24
C ASN B 615 -13.43 -11.88 -5.26
N THR B 616 -14.64 -11.51 -4.84
CA THR B 616 -15.41 -12.32 -3.89
C THR B 616 -16.80 -12.47 -4.41
N VAL B 617 -17.28 -13.71 -4.47
CA VAL B 617 -18.62 -13.98 -4.93
C VAL B 617 -19.40 -14.70 -3.84
N LEU B 618 -20.60 -14.21 -3.55
CA LEU B 618 -21.40 -14.69 -2.42
C LEU B 618 -22.74 -15.15 -3.01
N VAL B 619 -23.08 -16.40 -2.76
CA VAL B 619 -24.27 -16.96 -3.37
C VAL B 619 -25.24 -17.42 -2.27
N VAL B 620 -26.54 -17.21 -2.51
CA VAL B 620 -27.60 -17.72 -1.63
C VAL B 620 -28.66 -18.35 -2.47
N VAL B 621 -28.93 -19.62 -2.22
CA VAL B 621 -29.82 -20.40 -3.06
C VAL B 621 -30.93 -21.00 -2.21
N ASN B 622 -32.17 -20.87 -2.70
CA ASN B 622 -33.33 -21.53 -2.10
C ASN B 622 -33.50 -22.87 -2.78
N LEU B 623 -33.20 -23.94 -2.06
CA LEU B 623 -33.25 -25.28 -2.63
C LEU B 623 -34.66 -25.83 -2.70
N ASP B 624 -35.63 -25.13 -2.11
CA ASP B 624 -37.03 -25.49 -2.26
C ASP B 624 -37.50 -24.95 -3.60
N PRO B 625 -37.97 -25.84 -4.48
CA PRO B 625 -38.42 -25.39 -5.80
C PRO B 625 -39.91 -25.11 -5.86
N ARG B 626 -40.63 -25.37 -4.76
CA ARG B 626 -42.09 -25.21 -4.73
C ARG B 626 -42.59 -24.07 -3.83
N HIS B 627 -41.83 -23.69 -2.80
CA HIS B 627 -42.26 -22.67 -1.82
C HIS B 627 -41.24 -21.56 -1.64
N THR B 628 -41.73 -20.33 -1.50
CA THR B 628 -40.87 -19.22 -1.14
C THR B 628 -40.26 -19.41 0.24
N GLN B 629 -38.99 -19.06 0.36
CA GLN B 629 -38.27 -19.24 1.60
C GLN B 629 -37.66 -17.94 1.99
N GLU B 630 -37.92 -17.54 3.23
CA GLU B 630 -37.27 -16.37 3.80
C GLU B 630 -36.36 -16.83 4.93
N ALA B 631 -35.13 -16.33 4.92
CA ALA B 631 -34.13 -16.75 5.87
C ALA B 631 -33.29 -15.58 6.27
N THR B 632 -32.52 -15.80 7.34
CA THR B 632 -31.49 -14.88 7.77
C THR B 632 -30.16 -15.55 7.51
N VAL B 633 -29.33 -14.87 6.73
CA VAL B 633 -28.02 -15.36 6.36
C VAL B 633 -26.97 -14.67 7.19
N SER B 634 -26.35 -15.42 8.10
CA SER B 634 -25.35 -14.89 9.02
C SER B 634 -23.93 -15.09 8.49
N LEU B 635 -23.35 -14.07 7.87
CA LEU B 635 -22.06 -14.20 7.24
C LEU B 635 -20.88 -14.25 8.24
N ASP B 636 -19.99 -15.23 8.05
CA ASP B 636 -18.66 -15.25 8.65
C ASP B 636 -17.83 -14.12 8.06
N MET B 637 -17.89 -12.95 8.65
CA MET B 637 -17.28 -11.77 8.04
C MET B 637 -15.76 -11.93 7.87
N PRO B 638 -15.06 -12.40 8.92
CA PRO B 638 -13.61 -12.53 8.75
C PRO B 638 -13.27 -13.46 7.58
N GLN B 639 -14.15 -14.43 7.35
CA GLN B 639 -13.96 -15.35 6.25
C GLN B 639 -14.08 -14.64 4.90
N LEU B 640 -14.74 -13.49 4.89
CA LEU B 640 -14.73 -12.59 3.74
C LEU B 640 -13.57 -11.59 3.82
N GLY B 641 -12.83 -11.59 4.95
CA GLY B 641 -11.77 -10.62 5.18
C GLY B 641 -12.29 -9.23 5.57
N LEU B 642 -13.42 -9.22 6.30
CA LEU B 642 -14.06 -8.01 6.78
C LEU B 642 -14.21 -8.12 8.29
N ASP B 643 -14.38 -6.99 8.98
CA ASP B 643 -14.67 -7.00 10.41
C ASP B 643 -16.14 -7.26 10.64
N TRP B 644 -16.46 -7.75 11.83
CA TRP B 644 -17.81 -8.23 12.15
C TRP B 644 -18.90 -7.17 12.01
N HIS B 645 -18.54 -5.92 12.30
CA HIS B 645 -19.49 -4.82 12.30
C HIS B 645 -19.67 -4.22 10.89
N GLU B 646 -18.73 -4.52 10.00
CA GLU B 646 -18.69 -3.95 8.65
C GLU B 646 -19.94 -4.31 7.85
N SER B 647 -20.25 -3.47 6.87
CA SER B 647 -21.34 -3.69 5.95
C SER B 647 -20.81 -3.49 4.54
N VAL B 648 -20.70 -4.58 3.78
CA VAL B 648 -20.22 -4.50 2.40
C VAL B 648 -21.36 -4.45 1.37
N PRO B 649 -21.23 -3.54 0.37
CA PRO B 649 -22.20 -3.51 -0.71
C PRO B 649 -21.99 -4.70 -1.67
N VAL B 650 -23.10 -5.21 -2.19
CA VAL B 650 -23.05 -6.33 -3.12
C VAL B 650 -23.97 -6.04 -4.30
N ARG B 651 -23.72 -6.68 -5.42
CA ARG B 651 -24.66 -6.64 -6.54
C ARG B 651 -25.06 -8.03 -6.93
N ASP B 652 -26.36 -8.30 -6.94
CA ASP B 652 -26.88 -9.58 -7.40
C ASP B 652 -26.77 -9.57 -8.92
N GLU B 653 -25.85 -10.37 -9.44
CA GLU B 653 -25.52 -10.32 -10.85
C GLU B 653 -26.61 -10.91 -11.73
N LEU B 654 -27.58 -11.62 -11.12
CA LEU B 654 -28.70 -12.14 -11.87
C LEU B 654 -29.68 -11.05 -12.27
N THR B 655 -29.83 -10.04 -11.42
CA THR B 655 -30.85 -9.00 -11.62
C THR B 655 -30.27 -7.62 -11.86
N GLY B 656 -29.03 -7.39 -11.42
CA GLY B 656 -28.43 -6.04 -11.45
C GLY B 656 -28.77 -5.21 -10.22
N GLU B 657 -29.58 -5.75 -9.30
CA GLU B 657 -29.96 -5.06 -8.06
C GLU B 657 -28.77 -4.98 -7.11
N THR B 658 -28.76 -3.97 -6.24
CA THR B 658 -27.69 -3.74 -5.25
C THR B 658 -28.24 -3.82 -3.83
N TYR B 659 -27.44 -4.38 -2.93
CA TYR B 659 -27.79 -4.47 -1.51
C TYR B 659 -26.59 -4.15 -0.64
N HIS B 660 -26.87 -3.76 0.60
CA HIS B 660 -25.81 -3.52 1.58
C HIS B 660 -25.94 -4.65 2.60
N TRP B 661 -24.94 -5.53 2.62
CA TRP B 661 -24.99 -6.74 3.46
C TRP B 661 -23.87 -6.78 4.49
N GLY B 662 -24.19 -7.40 5.63
CA GLY B 662 -23.26 -7.53 6.75
C GLY B 662 -23.51 -8.81 7.51
N ARG B 663 -23.12 -8.80 8.78
CA ARG B 663 -23.18 -9.97 9.64
C ARG B 663 -24.48 -10.79 9.53
N ALA B 664 -25.62 -10.12 9.32
CA ALA B 664 -26.93 -10.78 9.35
C ALA B 664 -27.83 -10.14 8.28
N ASN B 665 -28.41 -10.96 7.41
CA ASN B 665 -29.10 -10.45 6.23
C ASN B 665 -30.40 -11.23 5.92
N TYR B 666 -31.50 -10.50 5.85
CA TYR B 666 -32.78 -11.08 5.47
C TYR B 666 -32.76 -11.27 3.95
N VAL B 667 -33.07 -12.49 3.51
CA VAL B 667 -33.33 -12.76 2.10
C VAL B 667 -34.70 -13.40 1.96
N ARG B 668 -35.36 -13.15 0.82
CA ARG B 668 -36.65 -13.73 0.52
C ARG B 668 -36.59 -14.19 -0.93
N LEU B 669 -36.75 -15.50 -1.15
CA LEU B 669 -36.52 -16.11 -2.48
C LEU B 669 -37.71 -16.93 -2.93
N GLU B 670 -38.36 -16.44 -4.00
CA GLU B 670 -39.57 -17.04 -4.54
C GLU B 670 -39.25 -17.90 -5.79
N PRO B 671 -39.51 -19.22 -5.70
CA PRO B 671 -39.35 -20.12 -6.84
C PRO B 671 -40.09 -19.67 -8.09
N GLY B 672 -39.37 -19.62 -9.22
CA GLY B 672 -39.94 -19.16 -10.47
C GLY B 672 -39.56 -17.72 -10.72
N ARG B 673 -39.46 -16.92 -9.67
CA ARG B 673 -39.06 -15.53 -9.82
C ARG B 673 -37.57 -15.45 -9.60
N THR B 674 -37.11 -15.91 -8.44
CA THR B 674 -35.69 -15.94 -8.10
C THR B 674 -35.30 -17.30 -7.50
N PRO B 675 -34.35 -17.99 -8.14
CA PRO B 675 -33.75 -19.18 -7.55
C PRO B 675 -32.76 -18.85 -6.46
N ALA B 676 -32.03 -17.75 -6.66
CA ALA B 676 -30.91 -17.45 -5.86
C ALA B 676 -30.48 -16.00 -6.01
N HIS B 677 -29.63 -15.56 -5.11
CA HIS B 677 -28.83 -14.38 -5.33
C HIS B 677 -27.42 -14.87 -5.63
N VAL B 678 -26.84 -14.36 -6.71
CA VAL B 678 -25.44 -14.59 -7.02
C VAL B 678 -24.77 -13.24 -7.01
N CYS B 679 -24.13 -12.92 -5.90
CA CYS B 679 -23.71 -11.57 -5.63
C CYS B 679 -22.19 -11.45 -5.69
N THR B 680 -21.73 -10.36 -6.30
CA THR B 680 -20.35 -9.94 -6.20
C THR B 680 -20.24 -8.85 -5.14
N VAL B 681 -19.13 -8.84 -4.43
CA VAL B 681 -18.83 -7.82 -3.44
C VAL B 681 -18.06 -6.71 -4.13
N LEU B 682 -18.54 -5.47 -3.98
CA LEU B 682 -18.09 -4.35 -4.80
C LEU B 682 -16.87 -3.72 -4.13
N ARG B 683 -15.97 -3.18 -4.97
CA ARG B 683 -14.57 -2.94 -4.58
C ARG B 683 -14.42 -2.09 -3.32
N PRO C 35 16.04 32.78 -31.13
CA PRO C 35 15.29 32.03 -30.07
C PRO C 35 14.32 32.91 -29.31
N THR C 36 13.10 32.41 -29.07
CA THR C 36 12.06 33.21 -28.45
C THR C 36 12.10 32.99 -26.95
N VAL C 37 11.63 33.99 -26.19
CA VAL C 37 11.55 33.84 -24.74
C VAL C 37 10.46 32.87 -24.37
N VAL C 38 9.31 32.94 -25.03
CA VAL C 38 8.24 31.99 -24.71
C VAL C 38 8.42 30.76 -25.59
N GLY C 39 8.12 29.60 -25.00
CA GLY C 39 8.24 28.32 -25.70
C GLY C 39 6.98 27.96 -26.46
N ARG C 40 6.98 26.76 -27.04
CA ARG C 40 5.90 26.27 -27.83
C ARG C 40 4.62 26.17 -27.00
N ILE C 41 4.73 25.61 -25.81
CA ILE C 41 3.60 25.59 -24.87
C ILE C 41 4.03 26.43 -23.69
N PRO C 42 3.44 27.62 -23.55
CA PRO C 42 3.91 28.57 -22.57
C PRO C 42 3.94 28.03 -21.15
N VAL C 43 5.08 28.13 -20.51
CA VAL C 43 5.23 27.82 -19.11
C VAL C 43 5.97 29.03 -18.47
N LEU C 44 5.27 29.78 -17.62
CA LEU C 44 5.71 31.09 -17.15
C LEU C 44 5.66 31.22 -15.62
N ASP C 45 6.53 32.06 -15.08
CA ASP C 45 6.46 32.47 -13.67
C ASP C 45 6.45 31.23 -12.75
N VAL C 46 7.50 30.44 -12.87
CA VAL C 46 7.60 29.26 -12.05
C VAL C 46 7.94 29.69 -10.64
N ARG C 47 7.26 29.10 -9.67
CA ARG C 47 7.53 29.33 -8.26
C ARG C 47 7.68 28.05 -7.47
N PRO C 48 8.37 28.10 -6.33
CA PRO C 48 9.01 29.29 -5.74
C PRO C 48 10.20 29.87 -6.48
N VAL C 49 10.43 31.16 -6.27
CA VAL C 49 11.59 31.84 -6.85
C VAL C 49 12.09 32.86 -5.84
N VAL C 50 13.40 32.95 -5.70
CA VAL C 50 13.97 33.83 -4.72
C VAL C 50 14.93 34.71 -5.48
N GLN C 51 14.72 36.02 -5.41
CA GLN C 51 15.63 36.92 -6.03
C GLN C 51 15.69 36.69 -7.54
N ARG C 52 14.58 36.29 -8.13
CA ARG C 52 14.51 36.05 -9.57
C ARG C 52 15.41 34.92 -10.07
N GLY C 53 15.77 33.99 -9.17
CA GLY C 53 16.51 32.80 -9.53
C GLY C 53 17.97 32.94 -9.19
N ARG C 54 18.33 34.08 -8.61
CA ARG C 54 19.72 34.38 -8.33
C ARG C 54 20.17 33.78 -7.01
N ARG C 55 19.22 33.38 -6.20
CA ARG C 55 19.47 32.69 -4.94
C ARG C 55 18.57 31.49 -4.92
N PRO C 56 18.94 30.43 -4.18
CA PRO C 56 18.09 29.23 -4.16
C PRO C 56 16.92 29.31 -3.21
N ALA C 57 15.87 28.55 -3.52
CA ALA C 57 14.77 28.32 -2.62
C ALA C 57 15.22 27.24 -1.66
N LYS C 58 14.56 27.11 -0.53
CA LYS C 58 15.06 26.23 0.52
C LYS C 58 14.10 25.06 0.86
N ALA C 59 14.68 23.92 1.19
CA ALA C 59 13.96 22.87 1.91
C ALA C 59 14.97 22.15 2.81
N VAL C 60 14.49 21.18 3.57
CA VAL C 60 15.35 20.28 4.29
C VAL C 60 14.99 18.85 3.91
N THR C 61 15.88 17.90 4.19
CA THR C 61 15.62 16.52 3.82
C THR C 61 14.20 16.08 4.27
N GLY C 62 13.42 15.51 3.34
CA GLY C 62 12.11 14.97 3.68
C GLY C 62 10.97 15.98 3.74
N GLU C 63 11.24 17.26 3.47
CA GLU C 63 10.20 18.31 3.50
C GLU C 63 9.48 18.48 2.14
N SER C 64 8.18 18.75 2.22
CA SER C 64 7.32 18.91 1.05
C SER C 64 6.87 20.35 0.85
N PHE C 65 6.77 20.75 -0.41
CA PHE C 65 6.26 22.07 -0.76
C PHE C 65 5.77 22.08 -2.20
N GLU C 66 5.04 23.12 -2.53
CA GLU C 66 4.40 23.17 -3.83
C GLU C 66 5.28 23.91 -4.85
N VAL C 67 5.58 23.26 -5.98
CA VAL C 67 6.08 23.93 -7.16
C VAL C 67 4.90 24.28 -8.05
N SER C 68 4.85 25.52 -8.54
CA SER C 68 3.74 25.97 -9.39
C SER C 68 4.24 26.76 -10.61
N ALA C 69 3.34 26.95 -11.57
CA ALA C 69 3.68 27.67 -12.77
C ALA C 69 2.42 28.13 -13.48
N THR C 70 2.57 29.06 -14.40
CA THR C 70 1.44 29.45 -15.25
C THR C 70 1.57 28.76 -16.58
N VAL C 71 0.65 27.83 -16.86
CA VAL C 71 0.68 26.99 -18.05
C VAL C 71 -0.62 27.11 -18.84
N PHE C 72 -0.50 27.30 -20.15
CA PHE C 72 -1.67 27.36 -21.02
C PHE C 72 -1.17 27.21 -22.45
N ARG C 73 -2.10 27.17 -23.41
CA ARG C 73 -1.71 27.16 -24.81
C ARG C 73 -2.66 27.94 -25.65
N GLU C 74 -2.33 28.05 -26.95
CA GLU C 74 -3.20 28.70 -27.90
C GLU C 74 -4.27 27.76 -28.25
N GLY C 75 -5.39 28.31 -28.74
CA GLY C 75 -6.55 27.51 -29.12
C GLY C 75 -7.25 27.01 -27.86
N HIS C 76 -8.06 25.99 -28.02
CA HIS C 76 -8.96 25.54 -26.97
C HIS C 76 -8.62 24.14 -26.44
N ASP C 77 -7.60 23.50 -26.99
CA ASP C 77 -7.25 22.16 -26.53
C ASP C 77 -6.59 22.17 -25.15
N ALA C 78 -6.59 21.00 -24.51
CA ALA C 78 -6.12 20.83 -23.14
C ALA C 78 -4.59 20.83 -23.06
N VAL C 79 -4.07 21.21 -21.90
CA VAL C 79 -2.66 21.05 -21.59
C VAL C 79 -2.47 20.20 -20.38
N GLY C 80 -1.24 19.77 -20.20
CA GLY C 80 -0.82 19.16 -18.95
C GLY C 80 0.50 19.75 -18.57
N ALA C 81 0.94 19.40 -17.36
CA ALA C 81 2.25 19.82 -16.91
C ALA C 81 2.74 18.86 -15.84
N ASN C 82 4.05 18.86 -15.62
CA ASN C 82 4.68 18.06 -14.58
C ASN C 82 5.95 18.74 -14.12
N VAL C 83 6.35 18.45 -12.86
CA VAL C 83 7.59 18.98 -12.28
C VAL C 83 8.74 17.98 -12.32
N VAL C 84 9.85 18.39 -12.91
CA VAL C 84 11.02 17.53 -12.95
C VAL C 84 12.04 18.07 -11.99
N LEU C 85 12.22 17.32 -10.91
CA LEU C 85 13.09 17.70 -9.83
C LEU C 85 14.40 16.95 -9.98
N ARG C 86 15.52 17.68 -10.01
CA ARG C 86 16.85 17.07 -10.18
C ARG C 86 17.73 17.17 -8.93
N ASP C 87 18.34 16.03 -8.58
CA ASP C 87 19.24 15.94 -7.43
C ASP C 87 20.63 16.44 -7.83
N PRO C 88 21.54 16.54 -6.84
CA PRO C 88 22.88 17.14 -7.07
C PRO C 88 23.69 16.49 -8.18
N ARG C 89 23.50 15.20 -8.43
CA ARG C 89 24.20 14.55 -9.53
C ARG C 89 23.43 14.64 -10.82
N GLY C 90 22.34 15.39 -10.84
CA GLY C 90 21.59 15.61 -12.08
C GLY C 90 20.50 14.59 -12.37
N ARG C 91 20.21 13.72 -11.42
CA ARG C 91 19.24 12.65 -11.67
C ARG C 91 17.79 13.09 -11.45
N PRO C 92 16.93 12.83 -12.42
CA PRO C 92 15.53 13.24 -12.30
C PRO C 92 14.78 12.41 -11.26
N GLY C 93 13.79 13.02 -10.61
CA GLY C 93 12.97 12.32 -9.64
C GLY C 93 11.77 11.71 -10.32
N PRO C 94 10.79 11.29 -9.52
CA PRO C 94 9.65 10.55 -10.08
C PRO C 94 8.68 11.44 -10.86
N TRP C 95 7.96 10.82 -11.79
CA TRP C 95 6.85 11.45 -12.51
C TRP C 95 5.95 12.18 -11.51
N THR C 96 5.85 13.51 -11.66
CA THR C 96 5.17 14.36 -10.70
C THR C 96 4.19 15.26 -11.46
N PRO C 97 2.99 14.75 -11.74
CA PRO C 97 2.08 15.52 -12.57
C PRO C 97 1.45 16.63 -11.78
N MET C 98 1.21 17.74 -12.46
CA MET C 98 0.60 18.92 -11.86
C MET C 98 -0.89 18.97 -12.21
N ARG C 99 -1.64 19.74 -11.45
CA ARG C 99 -3.05 19.98 -11.76
C ARG C 99 -3.31 21.49 -11.73
N GLU C 100 -4.34 21.94 -12.42
CA GLU C 100 -4.75 23.34 -12.33
C GLU C 100 -5.30 23.62 -10.95
N LEU C 101 -4.74 24.59 -10.24
CA LEU C 101 -5.08 24.80 -8.80
C LEU C 101 -6.47 25.36 -8.58
N ALA C 102 -7.00 26.06 -9.58
CA ALA C 102 -8.39 26.49 -9.54
C ALA C 102 -8.78 26.74 -10.99
N PRO C 103 -10.05 26.46 -11.33
CA PRO C 103 -10.45 26.46 -12.75
C PRO C 103 -10.36 27.83 -13.42
N GLY C 104 -9.98 27.82 -14.69
CA GLY C 104 -9.81 29.02 -15.49
C GLY C 104 -8.69 29.96 -15.11
N THR C 105 -7.86 29.58 -14.15
CA THR C 105 -6.77 30.45 -13.68
C THR C 105 -5.46 30.24 -14.44
N ASP C 106 -5.28 29.08 -15.05
CA ASP C 106 -4.03 28.71 -15.74
C ASP C 106 -2.84 28.60 -14.80
N ARG C 107 -3.09 28.49 -13.50
CA ARG C 107 -2.05 28.27 -12.54
C ARG C 107 -2.06 26.79 -12.15
N TRP C 108 -0.91 26.12 -12.33
CA TRP C 108 -0.76 24.69 -12.08
C TRP C 108 0.26 24.43 -10.99
N GLY C 109 0.08 23.34 -10.23
CA GLY C 109 0.97 22.98 -9.14
C GLY C 109 1.05 21.47 -8.87
N ALA C 110 2.11 21.08 -8.15
CA ALA C 110 2.26 19.75 -7.53
C ALA C 110 3.18 19.85 -6.34
N THR C 111 3.03 18.91 -5.41
CA THR C 111 3.88 18.83 -4.23
C THR C 111 5.12 18.03 -4.57
N VAL C 112 6.26 18.50 -4.07
CA VAL C 112 7.53 17.80 -4.29
C VAL C 112 8.16 17.57 -2.95
N THR C 113 9.11 16.65 -2.89
CA THR C 113 9.77 16.34 -1.64
C THR C 113 11.28 16.25 -1.79
N ALA C 114 11.97 17.00 -0.96
CA ALA C 114 13.42 17.06 -0.95
C ALA C 114 13.99 15.77 -0.39
N GLY C 115 15.06 15.25 -0.98
CA GLY C 115 15.77 14.08 -0.46
C GLY C 115 17.06 14.48 0.24
N GLU C 116 18.18 13.88 -0.19
CA GLU C 116 19.49 14.15 0.41
C GLU C 116 19.88 15.61 0.25
N THR C 117 20.82 16.04 1.10
CA THR C 117 21.25 17.44 1.17
C THR C 117 22.11 17.83 -0.03
N GLY C 118 22.13 19.12 -0.34
CA GLY C 118 22.91 19.62 -1.47
C GLY C 118 22.07 20.48 -2.40
N THR C 119 22.62 20.78 -3.58
CA THR C 119 21.98 21.71 -4.50
C THR C 119 21.24 21.00 -5.63
N TRP C 120 19.95 21.27 -5.68
CA TRP C 120 19.05 20.59 -6.57
C TRP C 120 18.58 21.60 -7.61
N SER C 121 17.72 21.15 -8.52
CA SER C 121 17.11 22.07 -9.45
C SER C 121 15.73 21.58 -9.77
N TYR C 122 14.83 22.49 -10.04
CA TYR C 122 13.52 22.07 -10.51
C TYR C 122 13.08 22.79 -11.78
N THR C 123 12.49 21.99 -12.65
CA THR C 123 12.01 22.39 -13.98
C THR C 123 10.55 22.04 -14.09
N VAL C 124 9.78 22.87 -14.80
CA VAL C 124 8.39 22.54 -15.11
C VAL C 124 8.25 22.27 -16.59
N GLU C 125 7.69 21.12 -16.93
CA GLU C 125 7.48 20.74 -18.30
C GLU C 125 5.99 20.91 -18.60
N ALA C 126 5.67 21.59 -19.68
CA ALA C 126 4.31 21.79 -20.08
C ALA C 126 4.13 21.20 -21.50
N TRP C 127 2.93 20.75 -21.80
CA TRP C 127 2.67 19.99 -23.02
C TRP C 127 1.19 19.98 -23.38
N GLY C 128 0.90 19.77 -24.66
CA GLY C 128 -0.46 19.54 -25.12
C GLY C 128 -0.89 18.18 -24.65
N ASP C 129 -2.13 18.05 -24.23
CA ASP C 129 -2.67 16.81 -23.73
C ASP C 129 -3.78 16.39 -24.66
N PRO C 130 -3.40 15.77 -25.81
CA PRO C 130 -4.34 15.54 -26.88
C PRO C 130 -5.36 14.44 -26.59
N VAL C 131 -5.03 13.55 -25.67
CA VAL C 131 -5.93 12.45 -25.30
C VAL C 131 -7.11 13.01 -24.47
N THR C 132 -6.84 13.96 -23.56
CA THR C 132 -7.91 14.56 -22.77
C THR C 132 -8.89 15.30 -23.64
N THR C 133 -8.34 15.98 -24.63
CA THR C 133 -9.07 16.77 -25.62
C THR C 133 -9.91 15.87 -26.47
N TRP C 134 -9.28 14.82 -27.02
CA TRP C 134 -9.98 13.88 -27.85
C TRP C 134 -11.13 13.26 -27.08
N ARG C 135 -10.86 12.82 -25.85
CA ARG C 135 -11.90 12.19 -25.01
C ARG C 135 -13.12 13.04 -24.81
N HIS C 136 -12.86 14.31 -24.52
CA HIS C 136 -13.92 15.27 -24.30
C HIS C 136 -14.87 15.31 -25.52
N HIS C 137 -14.31 15.48 -26.71
CA HIS C 137 -15.10 15.53 -27.94
C HIS C 137 -15.78 14.19 -28.27
N ALA C 138 -15.04 13.11 -28.11
CA ALA C 138 -15.55 11.78 -28.39
C ALA C 138 -16.81 11.49 -27.59
N ARG C 139 -16.80 11.86 -26.31
CA ARG C 139 -17.97 11.63 -25.45
C ARG C 139 -19.23 12.37 -25.88
N ILE C 140 -19.08 13.51 -26.53
CA ILE C 140 -20.22 14.26 -27.04
C ILE C 140 -20.62 13.74 -28.42
N LYS C 141 -19.65 13.58 -29.31
CA LYS C 141 -19.93 13.29 -30.72
C LYS C 141 -20.49 11.88 -30.98
N ILE C 142 -20.00 10.88 -30.27
CA ILE C 142 -20.40 9.50 -30.50
C ILE C 142 -21.85 9.25 -30.15
N PRO C 143 -22.30 9.71 -28.95
CA PRO C 143 -23.75 9.64 -28.67
C PRO C 143 -24.57 10.42 -29.68
N ALA C 144 -23.98 11.47 -30.24
CA ALA C 144 -24.61 12.31 -31.26
C ALA C 144 -24.58 11.73 -32.70
N GLY C 145 -23.91 10.60 -32.92
CA GLY C 145 -23.79 10.04 -34.28
C GLY C 145 -23.00 10.90 -35.28
N LEU C 146 -22.20 11.82 -34.76
CA LEU C 146 -21.49 12.79 -35.61
C LEU C 146 -20.08 12.29 -35.92
N ASP C 147 -19.89 11.79 -37.14
CA ASP C 147 -18.57 11.34 -37.65
C ASP C 147 -17.98 10.18 -36.88
N THR C 148 -18.83 9.29 -36.37
CA THR C 148 -18.37 8.32 -35.39
C THR C 148 -17.08 7.58 -35.85
N ASP C 149 -17.01 7.19 -37.12
CA ASP C 149 -15.87 6.40 -37.64
C ASP C 149 -14.56 7.20 -37.66
N LEU C 150 -14.67 8.45 -38.07
CA LEU C 150 -13.55 9.35 -38.18
C LEU C 150 -13.02 9.74 -36.80
N VAL C 151 -13.93 10.00 -35.87
CA VAL C 151 -13.55 10.33 -34.47
C VAL C 151 -12.86 9.15 -33.79
N LEU C 152 -13.41 7.96 -33.97
CA LEU C 152 -12.85 6.76 -33.34
C LEU C 152 -11.45 6.44 -33.90
N GLU C 153 -11.25 6.66 -35.20
CA GLU C 153 -10.00 6.39 -35.81
C GLU C 153 -8.95 7.37 -35.30
N GLU C 154 -9.38 8.60 -35.05
CA GLU C 154 -8.49 9.64 -34.52
C GLU C 154 -7.99 9.27 -33.15
N GLY C 155 -8.87 8.65 -32.37
CA GLY C 155 -8.50 8.20 -31.04
C GLY C 155 -7.59 7.02 -31.10
N ALA C 156 -7.88 6.12 -32.04
CA ALA C 156 -7.02 5.00 -32.31
C ALA C 156 -5.60 5.49 -32.49
N ARG C 157 -5.42 6.50 -33.32
CA ARG C 157 -4.08 6.97 -33.68
C ARG C 157 -3.39 7.64 -32.50
N LEU C 158 -4.15 8.39 -31.72
CA LEU C 158 -3.60 9.00 -30.50
C LEU C 158 -3.11 7.90 -29.61
N TYR C 159 -3.92 6.86 -29.43
CA TYR C 159 -3.54 5.78 -28.50
C TYR C 159 -2.32 5.02 -28.97
N GLU C 160 -2.17 4.88 -30.28
CA GLU C 160 -1.01 4.24 -30.86
C GLU C 160 0.28 4.98 -30.54
N ARG C 161 0.25 6.30 -30.69
CA ARG C 161 1.43 7.12 -30.41
C ARG C 161 1.80 7.04 -28.94
N ALA C 162 0.77 6.93 -28.09
CA ALA C 162 0.95 6.88 -26.63
C ALA C 162 1.60 5.59 -26.25
N ALA C 163 1.12 4.53 -26.89
CA ALA C 163 1.69 3.21 -26.74
C ALA C 163 3.17 3.15 -27.12
N ALA C 164 3.53 3.83 -28.19
CA ALA C 164 4.92 3.82 -28.68
C ALA C 164 5.93 4.45 -27.73
N ASP C 165 5.48 5.22 -26.74
CA ASP C 165 6.39 5.83 -25.73
C ASP C 165 6.38 5.08 -24.39
N VAL C 166 5.55 4.04 -24.29
CA VAL C 166 5.45 3.24 -23.07
C VAL C 166 6.48 2.11 -23.00
N PRO C 167 7.32 2.12 -21.93
CA PRO C 167 8.35 1.09 -21.78
C PRO C 167 7.84 -0.28 -21.32
N GLY C 168 6.75 -0.33 -20.58
CA GLY C 168 6.18 -1.61 -20.14
C GLY C 168 5.55 -2.38 -21.30
N ARG C 169 5.83 -3.69 -21.40
CA ARG C 169 5.21 -4.51 -22.46
C ARG C 169 3.72 -4.73 -22.16
N GLU C 170 3.38 -5.06 -20.92
CA GLU C 170 1.98 -5.26 -20.50
C GLU C 170 1.12 -3.99 -20.71
N ASP C 171 1.63 -2.84 -20.27
CA ASP C 171 0.96 -1.54 -20.48
C ASP C 171 0.78 -1.18 -21.96
N ARG C 172 1.77 -1.55 -22.77
CA ARG C 172 1.76 -1.36 -24.20
C ARG C 172 0.69 -2.27 -24.83
N ARG C 173 0.65 -3.53 -24.41
CA ARG C 173 -0.38 -4.48 -24.87
C ARG C 173 -1.76 -3.94 -24.58
N GLU C 174 -1.91 -3.31 -23.40
CA GLU C 174 -3.22 -2.82 -22.95
C GLU C 174 -3.72 -1.66 -23.82
N LEU C 175 -2.84 -0.73 -24.14
CA LEU C 175 -3.23 0.40 -24.99
C LEU C 175 -3.52 -0.06 -26.42
N LEU C 176 -2.75 -1.02 -26.91
CA LEU C 176 -2.98 -1.57 -28.27
C LEU C 176 -4.29 -2.36 -28.34
N ALA C 177 -4.72 -2.93 -27.22
CA ALA C 177 -6.00 -3.62 -27.19
C ALA C 177 -7.11 -2.60 -27.33
N ALA C 178 -6.89 -1.41 -26.75
CA ALA C 178 -7.84 -0.31 -26.86
C ALA C 178 -7.89 0.20 -28.31
N VAL C 179 -6.72 0.34 -28.93
CA VAL C 179 -6.62 0.66 -30.36
C VAL C 179 -7.46 -0.29 -31.21
N ASP C 180 -7.32 -1.59 -31.00
CA ASP C 180 -8.01 -2.57 -31.84
C ASP C 180 -9.51 -2.47 -31.63
N ALA C 181 -9.91 -2.16 -30.41
CA ALA C 181 -11.34 -2.06 -30.05
C ALA C 181 -11.90 -0.84 -30.72
N LEU C 182 -11.21 0.29 -30.59
CA LEU C 182 -11.59 1.54 -31.22
C LEU C 182 -11.79 1.37 -32.70
N ARG C 183 -10.96 0.55 -33.32
CA ARG C 183 -11.01 0.33 -34.75
C ARG C 183 -11.95 -0.79 -35.21
N ASP C 184 -12.62 -1.48 -34.29
CA ASP C 184 -13.48 -2.62 -34.66
C ASP C 184 -14.83 -2.17 -35.16
N GLU C 185 -14.95 -2.01 -36.46
CA GLU C 185 -16.15 -1.44 -37.07
C GLU C 185 -17.32 -2.38 -36.98
N SER C 186 -17.12 -3.56 -36.41
CA SER C 186 -18.26 -4.49 -36.22
C SER C 186 -19.02 -4.18 -34.95
N ARG C 187 -18.46 -3.33 -34.11
CA ARG C 187 -19.04 -3.06 -32.80
C ARG C 187 -19.69 -1.68 -32.78
N PRO C 188 -20.65 -1.49 -31.87
CA PRO C 188 -21.37 -0.23 -31.84
C PRO C 188 -20.42 0.88 -31.39
N ALA C 189 -20.53 2.05 -32.03
CA ALA C 189 -19.77 3.21 -31.66
C ALA C 189 -19.60 3.41 -30.13
N ALA C 190 -20.73 3.47 -29.41
CA ALA C 190 -20.68 3.66 -27.94
C ALA C 190 -19.79 2.64 -27.21
N SER C 191 -19.74 1.43 -27.75
CA SER C 191 -18.97 0.33 -27.16
C SER C 191 -17.47 0.45 -27.46
N ARG C 192 -17.16 0.73 -28.70
CA ARG C 192 -15.80 0.95 -29.13
C ARG C 192 -15.14 2.09 -28.36
N LEU C 193 -15.90 3.15 -28.07
CA LEU C 193 -15.39 4.25 -27.28
C LEU C 193 -15.14 3.83 -25.82
N ALA C 194 -16.09 3.12 -25.21
CA ALA C 194 -15.96 2.68 -23.81
C ALA C 194 -14.64 1.91 -23.59
N ALA C 195 -14.31 1.04 -24.53
CA ALA C 195 -13.01 0.30 -24.53
C ALA C 195 -11.79 1.20 -24.36
N ALA C 196 -11.92 2.47 -24.74
CA ALA C 196 -10.78 3.42 -24.62
C ALA C 196 -10.78 4.23 -23.31
N LEU C 197 -11.81 4.04 -22.48
CA LEU C 197 -11.99 4.80 -21.26
C LEU C 197 -12.08 3.92 -20.01
N THR C 198 -11.63 2.67 -20.11
CA THR C 198 -11.61 1.77 -18.95
C THR C 198 -10.59 2.25 -17.93
N PRO C 199 -10.80 1.90 -16.64
CA PRO C 199 -9.86 2.26 -15.57
C PRO C 199 -8.41 1.86 -15.86
N GLN C 200 -8.21 0.71 -16.49
CA GLN C 200 -6.85 0.18 -16.70
C GLN C 200 -6.16 0.90 -17.85
N VAL C 201 -6.96 1.49 -18.75
CA VAL C 201 -6.39 2.38 -19.74
C VAL C 201 -5.97 3.70 -19.09
N ASP C 202 -6.81 4.22 -18.20
CA ASP C 202 -6.58 5.48 -17.49
C ASP C 202 -5.31 5.45 -16.67
N ALA C 203 -5.09 4.33 -15.98
CA ALA C 203 -3.92 4.19 -15.12
C ALA C 203 -2.62 4.13 -15.91
N VAL C 204 -2.65 3.54 -17.10
CA VAL C 204 -1.44 3.54 -17.95
C VAL C 204 -1.16 4.95 -18.44
N LEU C 205 -2.20 5.64 -18.88
CA LEU C 205 -2.08 7.02 -19.40
C LEU C 205 -1.75 8.02 -18.27
N ALA C 206 -2.25 7.77 -17.07
CA ALA C 206 -1.85 8.59 -15.93
C ALA C 206 -0.37 8.45 -15.67
N ARG C 207 0.19 7.25 -15.78
CA ARG C 207 1.64 7.05 -15.53
C ARG C 207 2.49 7.42 -16.76
N HIS C 208 1.97 7.25 -17.98
CA HIS C 208 2.71 7.60 -19.22
C HIS C 208 1.83 8.32 -20.27
N PRO C 209 1.45 9.58 -19.98
CA PRO C 209 0.61 10.32 -20.91
C PRO C 209 1.26 10.53 -22.28
N LEU C 210 0.42 10.68 -23.30
CA LEU C 210 0.88 11.25 -24.56
C LEU C 210 1.00 12.75 -24.37
N ARG C 211 2.23 13.22 -24.48
CA ARG C 211 2.56 14.61 -24.29
C ARG C 211 3.01 15.21 -25.62
N ASP C 212 2.23 16.14 -26.16
CA ASP C 212 2.63 16.89 -27.35
C ASP C 212 3.45 18.13 -27.00
N LEU C 213 4.48 18.38 -27.78
CA LEU C 213 5.18 19.68 -27.81
C LEU C 213 5.78 20.10 -26.49
N VAL C 214 6.38 19.12 -25.81
CA VAL C 214 6.87 19.29 -24.45
C VAL C 214 7.77 20.49 -24.39
N THR C 215 7.52 21.37 -23.43
CA THR C 215 8.27 22.59 -23.30
C THR C 215 8.69 22.77 -21.84
N SER C 216 9.93 23.18 -21.59
CA SER C 216 10.41 23.37 -20.22
C SER C 216 10.75 24.79 -19.89
N SER C 217 10.56 25.11 -18.61
CA SER C 217 11.10 26.32 -18.03
C SER C 217 12.61 26.16 -17.85
N ASP C 218 13.27 27.28 -17.59
CA ASP C 218 14.67 27.25 -17.20
C ASP C 218 14.76 26.72 -15.76
N PRO C 219 15.78 25.89 -15.48
CA PRO C 219 15.87 25.38 -14.09
C PRO C 219 15.96 26.45 -13.01
N LEU C 220 15.32 26.19 -11.88
CA LEU C 220 15.40 27.03 -10.70
C LEU C 220 16.14 26.27 -9.59
N PRO C 221 16.90 26.99 -8.78
CA PRO C 221 17.76 26.24 -7.86
C PRO C 221 17.07 26.01 -6.52
N LEU C 222 17.33 24.85 -5.92
CA LEU C 222 16.87 24.54 -4.58
C LEU C 222 18.05 24.04 -3.73
N LEU C 223 18.26 24.65 -2.56
CA LEU C 223 19.25 24.18 -1.61
C LEU C 223 18.54 23.31 -0.60
N VAL C 224 18.97 22.05 -0.47
CA VAL C 224 18.40 21.14 0.54
C VAL C 224 19.36 20.98 1.68
N GLU C 225 18.93 21.37 2.88
CA GLU C 225 19.78 21.36 4.05
C GLU C 225 19.29 20.33 5.06
N ARG C 226 20.04 20.14 6.14
CA ARG C 226 19.71 19.04 7.04
C ARG C 226 18.51 19.36 7.92
N GLU C 227 17.93 18.30 8.47
CA GLU C 227 16.73 18.36 9.29
C GLU C 227 16.77 19.51 10.30
N ARG C 228 17.90 19.67 10.99
CA ARG C 228 17.98 20.61 12.09
C ARG C 228 17.83 22.08 11.66
N ALA C 229 18.04 22.37 10.39
CA ALA C 229 17.87 23.74 9.90
C ALA C 229 16.43 24.21 10.07
N LEU C 230 15.50 23.27 9.89
CA LEU C 230 14.08 23.53 10.02
C LEU C 230 13.56 23.12 11.41
N TYR C 231 13.98 21.95 11.90
CA TYR C 231 13.35 21.34 13.09
C TYR C 231 14.35 21.23 14.24
N GLY C 232 13.99 21.78 15.39
CA GLY C 232 14.82 21.65 16.60
C GLY C 232 14.27 22.42 17.78
N ALA C 233 14.57 21.94 18.97
CA ALA C 233 14.18 22.64 20.17
C ALA C 233 15.43 23.18 20.85
N TRP C 234 15.43 24.47 21.14
CA TRP C 234 16.60 25.21 21.59
C TRP C 234 16.51 25.68 23.02
N TYR C 235 17.64 25.62 23.73
CA TYR C 235 17.74 26.13 25.10
C TYR C 235 18.97 27.00 25.26
N GLU C 236 18.79 28.22 25.73
CA GLU C 236 19.88 29.14 25.95
C GLU C 236 20.18 29.27 27.45
N PHE C 237 21.45 29.06 27.83
CA PHE C 237 21.89 29.42 29.20
C PHE C 237 23.32 29.90 29.26
N PHE C 238 23.63 30.60 30.35
CA PHE C 238 24.98 31.16 30.59
C PHE C 238 25.73 30.19 31.47
N PRO C 239 26.71 29.46 30.94
CA PRO C 239 27.55 28.61 31.80
C PRO C 239 28.07 29.23 33.11
N ARG C 240 28.43 30.50 33.07
CA ARG C 240 29.06 31.13 34.22
C ARG C 240 28.10 31.20 35.43
N SER C 241 26.81 31.08 35.18
CA SER C 241 25.81 31.10 36.24
C SER C 241 25.72 29.77 36.98
N GLU C 242 26.24 28.70 36.39
CA GLU C 242 26.12 27.37 36.99
C GLU C 242 27.42 27.00 37.69
N GLY C 243 27.68 27.72 38.77
CA GLY C 243 28.88 27.53 39.56
C GLY C 243 28.62 26.78 40.84
N THR C 244 29.44 27.06 41.85
CA THR C 244 29.38 26.36 43.12
C THR C 244 29.39 27.40 44.26
N PRO C 245 29.23 26.93 45.51
CA PRO C 245 29.40 27.83 46.66
C PRO C 245 30.81 28.38 46.79
N HIS C 246 31.83 27.53 46.58
CA HIS C 246 33.21 28.00 46.68
C HIS C 246 33.59 28.91 45.49
N THR C 247 33.19 28.52 44.28
CA THR C 247 33.48 29.26 43.04
C THR C 247 32.20 29.59 42.24
N PRO C 248 31.56 30.72 42.58
CA PRO C 248 30.30 31.14 41.96
C PRO C 248 30.37 31.22 40.42
N HIS C 249 31.46 31.74 39.87
CA HIS C 249 31.58 31.82 38.42
C HIS C 249 31.76 30.40 37.93
N GLY C 250 30.77 29.93 37.17
CA GLY C 250 30.79 28.57 36.69
C GLY C 250 31.89 28.36 35.67
N THR C 251 32.31 27.11 35.54
CA THR C 251 33.22 26.67 34.48
C THR C 251 32.48 25.79 33.48
N PHE C 252 33.16 25.40 32.41
CA PHE C 252 32.58 24.43 31.50
C PHE C 252 32.37 23.10 32.22
N ARG C 253 33.29 22.76 33.11
CA ARG C 253 33.13 21.50 33.85
C ARG C 253 31.94 21.51 34.80
N THR C 254 31.70 22.61 35.50
CA THR C 254 30.52 22.68 36.36
C THR C 254 29.26 22.83 35.54
N ALA C 255 29.31 23.64 34.49
CA ALA C 255 28.10 23.88 33.70
C ALA C 255 27.64 22.64 32.93
N ALA C 256 28.56 21.72 32.62
CA ALA C 256 28.20 20.46 31.99
C ALA C 256 27.19 19.65 32.82
N ARG C 257 27.08 19.95 34.11
CA ARG C 257 26.09 19.27 34.97
C ARG C 257 24.65 19.68 34.67
N ARG C 258 24.45 20.84 34.03
CA ARG C 258 23.10 21.28 33.62
C ARG C 258 22.59 20.52 32.41
N LEU C 259 23.51 19.97 31.62
CA LEU C 259 23.14 19.37 30.33
C LEU C 259 22.12 18.22 30.42
N PRO C 260 22.27 17.35 31.42
CA PRO C 260 21.28 16.25 31.51
C PRO C 260 19.87 16.76 31.74
N ALA C 261 19.72 17.82 32.53
CA ALA C 261 18.40 18.37 32.80
C ALA C 261 17.83 18.99 31.52
N ILE C 262 18.71 19.56 30.69
CA ILE C 262 18.27 20.18 29.43
C ILE C 262 17.88 19.11 28.40
N ALA C 263 18.68 18.04 28.32
CA ALA C 263 18.32 16.86 27.51
C ALA C 263 17.00 16.28 27.93
N ALA C 264 16.80 16.16 29.24
CA ALA C 264 15.57 15.58 29.82
C ALA C 264 14.34 16.40 29.44
N MET C 265 14.52 17.70 29.25
CA MET C 265 13.40 18.54 28.80
C MET C 265 13.16 18.41 27.30
N GLY C 266 13.92 17.54 26.63
CA GLY C 266 13.71 17.28 25.21
C GLY C 266 14.24 18.34 24.26
N PHE C 267 15.28 19.07 24.68
CA PHE C 267 15.91 20.04 23.79
C PHE C 267 16.95 19.31 22.94
N ASP C 268 17.28 19.92 21.81
CA ASP C 268 18.25 19.36 20.87
C ASP C 268 19.49 20.21 20.77
N VAL C 269 19.34 21.51 21.07
CA VAL C 269 20.39 22.49 20.84
C VAL C 269 20.55 23.36 22.06
N VAL C 270 21.78 23.53 22.49
CA VAL C 270 22.11 24.45 23.57
C VAL C 270 22.84 25.63 22.98
N TYR C 271 22.23 26.81 23.07
CA TYR C 271 22.82 28.03 22.57
C TYR C 271 23.49 28.76 23.73
N LEU C 272 24.81 28.90 23.64
CA LEU C 272 25.63 29.63 24.64
C LEU C 272 25.93 31.05 24.22
N PRO C 273 25.83 31.99 25.18
CA PRO C 273 26.31 33.35 24.91
C PRO C 273 27.82 33.30 24.72
N PRO C 274 28.41 34.41 24.28
CA PRO C 274 29.83 34.40 23.97
C PRO C 274 30.67 33.78 25.10
N ILE C 275 31.58 32.89 24.74
CA ILE C 275 32.37 32.14 25.72
C ILE C 275 33.79 32.69 25.91
N HIS C 276 34.02 33.91 25.45
CA HIS C 276 35.38 34.45 25.31
C HIS C 276 35.74 35.33 26.48
N PRO C 277 37.00 35.81 26.55
CA PRO C 277 37.30 36.81 27.56
C PRO C 277 36.45 38.05 27.39
N ILE C 278 36.29 38.81 28.45
CA ILE C 278 35.39 39.97 28.47
C ILE C 278 36.23 41.21 28.83
N GLY C 279 36.07 42.30 28.08
CA GLY C 279 36.85 43.51 28.30
C GLY C 279 36.66 44.06 29.72
N THR C 280 37.64 44.85 30.18
CA THR C 280 37.56 45.56 31.46
C THR C 280 37.27 47.06 31.26
N THR C 281 37.66 47.64 30.12
CA THR C 281 37.50 49.06 29.86
C THR C 281 36.05 49.36 29.52
N HIS C 282 35.44 50.26 30.28
CA HIS C 282 34.02 50.59 30.19
C HIS C 282 33.10 49.39 30.41
N ARG C 283 33.57 48.40 31.15
CA ARG C 283 32.74 47.24 31.51
C ARG C 283 31.49 47.74 32.22
N LYS C 284 30.37 47.09 31.92
CA LYS C 284 29.13 47.45 32.59
C LYS C 284 28.96 46.69 33.90
N GLY C 285 28.23 47.31 34.81
CA GLY C 285 27.87 46.69 36.06
C GLY C 285 26.50 46.05 36.01
N ARG C 286 26.04 45.68 37.19
CA ARG C 286 24.76 45.03 37.35
C ARG C 286 23.68 45.96 36.81
N ASN C 287 22.64 45.36 36.25
CA ASN C 287 21.49 46.10 35.74
C ASN C 287 21.82 47.14 34.66
N ASN C 288 22.87 46.90 33.89
CA ASN C 288 23.25 47.82 32.84
C ASN C 288 23.69 49.18 33.35
N THR C 289 24.30 49.23 34.54
CA THR C 289 24.94 50.45 35.01
C THR C 289 26.24 50.61 34.21
N LEU C 290 26.75 51.83 34.20
CA LEU C 290 27.84 52.24 33.31
C LEU C 290 29.22 51.74 33.75
N SER C 291 29.51 51.86 35.06
CA SER C 291 30.79 51.45 35.64
C SER C 291 30.64 50.19 36.49
N ALA C 292 31.35 49.15 36.10
CA ALA C 292 31.44 47.94 36.89
C ALA C 292 32.18 48.22 38.21
N THR C 293 31.82 47.51 39.27
CA THR C 293 32.56 47.58 40.53
C THR C 293 33.46 46.34 40.62
N GLY C 294 34.28 46.30 41.65
CA GLY C 294 35.34 45.29 41.76
C GLY C 294 35.09 43.89 41.23
N ASP C 295 33.93 43.31 41.56
CA ASP C 295 33.68 41.90 41.27
C ASP C 295 32.73 41.62 40.11
N ASP C 296 32.09 42.67 39.60
CA ASP C 296 31.16 42.54 38.49
C ASP C 296 31.79 41.75 37.35
N VAL C 297 31.01 40.87 36.72
CA VAL C 297 31.57 39.97 35.71
C VAL C 297 31.48 40.53 34.29
N GLY C 298 30.65 41.56 34.11
CA GLY C 298 30.55 42.19 32.77
C GLY C 298 29.70 41.39 31.76
N VAL C 299 29.58 41.95 30.55
CA VAL C 299 28.65 41.41 29.53
C VAL C 299 29.43 40.54 28.55
N PRO C 300 28.98 39.30 28.31
CA PRO C 300 29.76 38.40 27.47
C PRO C 300 29.96 38.87 26.05
N TRP C 301 29.02 39.69 25.57
CA TRP C 301 29.12 40.28 24.24
C TRP C 301 30.17 41.41 24.14
N ALA C 302 30.74 41.84 25.27
CA ALA C 302 31.88 42.78 25.22
C ALA C 302 33.16 41.94 25.13
N ILE C 303 33.34 41.36 23.94
CA ILE C 303 34.34 40.31 23.70
C ILE C 303 35.76 40.87 23.57
N GLY C 304 36.68 40.23 24.28
CA GLY C 304 38.11 40.44 24.07
C GLY C 304 38.83 41.17 25.19
N SER C 305 40.02 40.68 25.50
CA SER C 305 40.93 41.31 26.44
C SER C 305 42.34 40.90 26.05
N PRO C 306 43.35 41.35 26.78
CA PRO C 306 44.67 40.82 26.47
C PRO C 306 44.77 39.29 26.56
N GLU C 307 43.85 38.68 27.31
CA GLU C 307 43.90 37.23 27.50
C GLU C 307 43.44 36.50 26.24
N GLY C 308 42.89 37.22 25.26
CA GLY C 308 42.40 36.60 24.02
C GLY C 308 41.15 37.23 23.44
N GLY C 309 40.78 36.77 22.25
CA GLY C 309 39.62 37.31 21.54
C GLY C 309 38.60 36.23 21.22
N HIS C 310 38.10 36.25 19.99
CA HIS C 310 37.04 35.36 19.56
C HIS C 310 37.48 33.92 19.37
N ASP C 311 38.79 33.67 19.33
CA ASP C 311 39.26 32.30 19.24
C ASP C 311 39.65 31.77 20.63
N SER C 312 39.39 32.55 21.68
CA SER C 312 39.79 32.19 23.05
C SER C 312 38.63 31.93 23.98
N ILE C 313 38.96 31.23 25.07
CA ILE C 313 38.02 30.90 26.12
C ILE C 313 38.29 31.80 27.31
N HIS C 314 37.24 32.38 27.85
CA HIS C 314 37.32 33.16 29.07
C HIS C 314 38.07 32.31 30.11
N PRO C 315 39.12 32.85 30.74
CA PRO C 315 39.88 31.99 31.66
C PRO C 315 39.06 31.40 32.82
N ALA C 316 37.98 32.08 33.23
CA ALA C 316 37.16 31.64 34.37
C ALA C 316 36.21 30.51 33.98
N LEU C 317 35.99 30.31 32.68
CA LEU C 317 35.26 29.14 32.21
C LEU C 317 36.19 27.94 32.01
N GLY C 318 37.51 28.17 32.04
CA GLY C 318 38.52 27.12 31.87
C GLY C 318 39.28 27.18 30.56
N THR C 319 39.67 26.01 30.05
CA THR C 319 40.48 25.92 28.85
C THR C 319 39.68 25.33 27.68
N LEU C 320 40.34 25.29 26.53
CA LEU C 320 39.78 24.71 25.32
C LEU C 320 39.48 23.23 25.53
N ASP C 321 40.30 22.55 26.33
CA ASP C 321 40.09 21.12 26.64
C ASP C 321 38.84 20.91 27.47
N ASP C 322 38.53 21.87 28.33
CA ASP C 322 37.33 21.83 29.13
C ASP C 322 36.14 22.00 28.24
N PHE C 323 36.26 22.90 27.27
CA PHE C 323 35.19 23.15 26.35
C PHE C 323 34.94 21.90 25.51
N ASP C 324 36.01 21.28 24.99
CA ASP C 324 35.87 20.01 24.28
C ASP C 324 35.11 18.97 25.14
N HIS C 325 35.34 18.99 26.46
CA HIS C 325 34.62 18.10 27.38
C HIS C 325 33.13 18.43 27.45
N PHE C 326 32.82 19.70 27.51
CA PHE C 326 31.45 20.17 27.52
C PHE C 326 30.76 19.76 26.22
N VAL C 327 31.47 19.90 25.10
CA VAL C 327 30.91 19.57 23.79
C VAL C 327 30.74 18.07 23.63
N THR C 328 31.68 17.30 24.14
CA THR C 328 31.59 15.85 24.09
C THR C 328 30.39 15.40 24.90
N GLU C 329 30.21 15.98 26.07
CA GLU C 329 29.16 15.52 26.95
C GLU C 329 27.82 15.88 26.38
N ALA C 330 27.70 17.08 25.82
CA ALA C 330 26.46 17.48 25.14
C ALA C 330 26.14 16.48 24.02
N GLY C 331 27.16 16.10 23.24
CA GLY C 331 26.95 15.18 22.13
C GLY C 331 26.34 13.86 22.56
N LYS C 332 26.84 13.32 23.67
CA LYS C 332 26.36 12.03 24.18
C LYS C 332 24.90 12.09 24.64
N LEU C 333 24.44 13.28 25.04
CA LEU C 333 23.05 13.49 25.47
C LEU C 333 22.13 13.90 24.32
N GLY C 334 22.62 13.87 23.09
CA GLY C 334 21.82 14.26 21.90
C GLY C 334 21.68 15.75 21.74
N LEU C 335 22.64 16.50 22.29
CA LEU C 335 22.65 17.96 22.21
C LEU C 335 23.79 18.45 21.35
N GLU C 336 23.47 19.33 20.40
CA GLU C 336 24.44 20.08 19.63
C GLU C 336 24.65 21.39 20.31
N ILE C 337 25.87 21.92 20.24
CA ILE C 337 26.11 23.27 20.70
C ILE C 337 26.00 24.25 19.54
N ALA C 338 25.43 25.40 19.86
CA ALA C 338 25.40 26.55 18.99
C ALA C 338 26.14 27.64 19.73
N LEU C 339 27.20 28.16 19.13
CA LEU C 339 27.94 29.27 19.73
C LEU C 339 27.44 30.61 19.24
N ASP C 340 27.50 31.61 20.11
CA ASP C 340 27.22 32.96 19.72
C ASP C 340 28.43 33.47 18.92
N PHE C 341 28.15 34.17 17.83
CA PHE C 341 29.19 34.85 17.08
C PHE C 341 28.84 36.32 16.94
N ALA C 342 29.57 37.17 17.65
CA ALA C 342 29.29 38.58 17.69
C ALA C 342 30.50 39.24 17.14
N LEU C 343 30.38 39.76 15.91
CA LEU C 343 31.49 40.44 15.24
C LEU C 343 31.53 41.89 15.72
N GLN C 344 32.20 42.03 16.86
CA GLN C 344 32.35 43.28 17.60
C GLN C 344 33.37 43.01 18.73
N CYS C 345 33.88 44.09 19.34
CA CYS C 345 35.00 44.01 20.25
C CYS C 345 34.81 44.92 21.45
N SER C 346 35.36 44.50 22.59
CA SER C 346 35.58 45.42 23.68
C SER C 346 36.80 46.27 23.33
N PRO C 347 36.98 47.40 24.04
CA PRO C 347 38.13 48.27 23.80
C PRO C 347 39.48 47.60 24.06
N ASP C 348 39.48 46.46 24.73
CA ASP C 348 40.69 45.76 25.07
C ASP C 348 40.91 44.53 24.19
N HIS C 349 40.09 44.35 23.16
CA HIS C 349 40.30 43.27 22.23
C HIS C 349 41.63 43.56 21.51
N PRO C 350 42.42 42.52 21.22
CA PRO C 350 43.67 42.75 20.48
C PRO C 350 43.51 43.38 19.09
N TRP C 351 42.40 43.12 18.42
CA TRP C 351 42.13 43.76 17.15
C TRP C 351 42.24 45.28 17.22
N VAL C 352 41.87 45.89 18.34
CA VAL C 352 41.87 47.36 18.42
C VAL C 352 43.24 47.95 18.03
N HIS C 353 44.32 47.32 18.51
CA HIS C 353 45.66 47.77 18.12
C HIS C 353 46.25 47.01 16.92
N LYS C 354 45.93 45.74 16.78
CA LYS C 354 46.50 44.92 15.69
C LYS C 354 45.85 45.18 14.33
N HIS C 355 44.61 45.64 14.33
CA HIS C 355 43.91 45.96 13.08
C HIS C 355 43.05 47.19 13.30
N PRO C 356 43.69 48.34 13.48
CA PRO C 356 42.91 49.56 13.68
C PRO C 356 41.95 49.89 12.50
N GLU C 357 42.31 49.48 11.29
CA GLU C 357 41.51 49.83 10.14
C GLU C 357 40.25 48.98 10.04
N TRP C 358 40.00 48.12 11.03
CA TRP C 358 38.71 47.42 11.19
C TRP C 358 37.74 48.21 12.08
N PHE C 359 38.07 49.46 12.38
CA PHE C 359 37.22 50.33 13.20
C PHE C 359 37.16 51.69 12.61
N HIS C 360 36.06 52.41 12.83
CA HIS C 360 35.99 53.77 12.35
C HIS C 360 36.50 54.69 13.40
N HIS C 361 37.48 55.53 13.05
CA HIS C 361 38.07 56.44 13.99
C HIS C 361 37.64 57.85 13.70
N ARG C 362 37.38 58.59 14.77
CA ARG C 362 36.99 59.95 14.65
C ARG C 362 38.28 60.73 14.49
N PRO C 363 38.19 62.03 14.21
CA PRO C 363 39.41 62.78 13.91
C PRO C 363 40.47 62.80 15.00
N ASP C 364 40.07 62.60 16.26
CA ASP C 364 41.04 62.60 17.36
C ASP C 364 41.58 61.18 17.60
N GLY C 365 41.24 60.23 16.74
CA GLY C 365 41.74 58.85 16.86
C GLY C 365 40.84 57.90 17.62
N THR C 366 39.86 58.42 18.35
CA THR C 366 38.94 57.58 19.13
C THR C 366 37.93 56.82 18.28
N ILE C 367 37.42 55.73 18.85
CA ILE C 367 36.36 54.93 18.27
C ILE C 367 35.10 55.13 19.07
N ALA C 368 34.03 55.57 18.41
CA ALA C 368 32.70 55.68 19.03
C ALA C 368 32.21 54.28 19.40
N HIS C 369 31.71 54.15 20.61
CA HIS C 369 31.08 52.89 21.06
C HIS C 369 29.81 52.62 20.28
N ALA C 370 29.46 51.34 20.14
CA ALA C 370 28.33 50.93 19.32
C ALA C 370 27.04 51.40 19.91
N GLU C 371 26.01 51.40 19.07
CA GLU C 371 24.66 51.88 19.41
C GLU C 371 23.58 51.16 18.64
N ASN C 372 22.36 51.16 19.21
CA ASN C 372 21.11 50.70 18.57
C ASN C 372 20.00 51.57 19.17
N PRO C 373 20.05 52.90 18.88
CA PRO C 373 19.36 53.91 19.71
C PRO C 373 17.91 53.58 20.02
N PRO C 374 17.43 53.95 21.22
CA PRO C 374 18.19 54.69 22.26
C PRO C 374 19.17 53.83 23.10
N LYS C 375 19.41 52.58 22.68
CA LYS C 375 20.32 51.70 23.40
C LYS C 375 21.77 52.07 23.10
N LYS C 376 22.56 52.24 24.16
CA LYS C 376 23.97 52.49 24.03
C LYS C 376 24.78 51.28 24.48
N TYR C 377 25.86 50.97 23.76
CA TYR C 377 26.75 49.88 24.14
C TYR C 377 28.15 50.42 24.42
N GLN C 378 28.24 51.20 25.50
CA GLN C 378 29.49 51.83 25.89
C GLN C 378 30.64 50.84 26.03
N ASP C 379 30.31 49.57 26.25
CA ASP C 379 31.32 48.54 26.49
C ASP C 379 31.86 47.86 25.24
N ILE C 380 31.35 48.23 24.07
CA ILE C 380 31.89 47.69 22.83
C ILE C 380 32.11 48.69 21.68
N TYR C 381 32.99 48.28 20.78
CA TYR C 381 33.25 48.98 19.53
C TYR C 381 32.65 48.17 18.38
N PRO C 382 31.92 48.83 17.48
CA PRO C 382 31.47 48.15 16.26
C PRO C 382 32.60 48.08 15.22
N ILE C 383 32.51 47.10 14.32
CA ILE C 383 33.50 46.90 13.26
C ILE C 383 33.17 47.76 12.05
N ALA C 384 34.21 48.24 11.36
CA ALA C 384 34.08 48.94 10.07
C ALA C 384 34.60 47.96 9.04
N PHE C 385 33.89 47.86 7.91
CA PHE C 385 34.13 46.80 6.93
C PHE C 385 34.76 47.25 5.63
N ASP C 386 34.85 48.56 5.43
CA ASP C 386 35.21 49.07 4.12
C ASP C 386 36.67 49.35 3.88
N ALA C 387 37.52 49.28 4.90
CA ALA C 387 38.95 49.47 4.71
C ALA C 387 39.63 48.14 4.38
N ASP C 388 39.21 47.04 5.00
CA ASP C 388 39.88 45.74 4.76
C ASP C 388 38.88 44.58 4.74
N PRO C 389 37.93 44.63 3.80
CA PRO C 389 36.86 43.61 3.76
C PRO C 389 37.43 42.21 3.59
N ASP C 390 38.49 42.08 2.82
CA ASP C 390 39.11 40.78 2.63
C ASP C 390 39.73 40.22 3.93
N GLY C 391 40.40 41.06 4.70
CA GLY C 391 40.97 40.60 5.95
C GLY C 391 39.91 40.21 6.96
N LEU C 392 38.86 41.01 7.05
CA LEU C 392 37.75 40.64 7.92
C LEU C 392 37.16 39.30 7.49
N ALA C 393 36.95 39.12 6.20
CA ALA C 393 36.35 37.86 5.73
C ALA C 393 37.26 36.68 6.12
N THR C 394 38.54 36.81 5.82
CA THR C 394 39.52 35.74 6.06
C THR C 394 39.63 35.35 7.54
N GLU C 395 39.56 36.35 8.43
CA GLU C 395 39.70 36.11 9.88
C GLU C 395 38.42 35.53 10.45
N THR C 396 37.30 36.06 9.97
CA THR C 396 36.00 35.59 10.40
C THR C 396 35.84 34.13 10.10
N VAL C 397 36.16 33.71 8.88
CA VAL C 397 35.94 32.29 8.55
C VAL C 397 36.95 31.43 9.27
N ARG C 398 38.11 31.98 9.58
CA ARG C 398 39.11 31.22 10.34
C ARG C 398 38.57 31.00 11.77
N ILE C 399 37.97 32.02 12.36
CA ILE C 399 37.36 31.84 13.70
C ILE C 399 36.27 30.78 13.67
N LEU C 400 35.31 30.92 12.77
CA LEU C 400 34.27 29.92 12.65
C LEU C 400 34.85 28.52 12.47
N ARG C 401 35.83 28.38 11.58
CA ARG C 401 36.47 27.07 11.36
C ARG C 401 37.15 26.52 12.60
N HIS C 402 37.72 27.39 13.41
CA HIS C 402 38.31 26.96 14.65
C HIS C 402 37.25 26.24 15.45
N TRP C 403 36.11 26.91 15.68
CA TRP C 403 35.07 26.32 16.53
C TRP C 403 34.45 25.11 15.88
N MET C 404 34.43 25.10 14.55
CA MET C 404 33.93 23.95 13.82
C MET C 404 34.81 22.74 14.07
N ASP C 405 36.11 22.98 14.15
CA ASP C 405 37.07 21.88 14.41
C ASP C 405 36.95 21.37 15.81
N HIS C 406 36.20 22.07 16.65
CA HIS C 406 35.92 21.62 18.02
C HIS C 406 34.45 21.22 18.19
N GLY C 407 33.78 20.88 17.07
CA GLY C 407 32.44 20.29 17.09
C GLY C 407 31.23 21.24 17.18
N VAL C 408 31.43 22.54 16.99
CA VAL C 408 30.30 23.44 16.94
C VAL C 408 29.93 23.56 15.47
N ARG C 409 28.76 23.05 15.11
CA ARG C 409 28.25 23.11 13.75
C ARG C 409 27.03 24.01 13.66
N ILE C 410 26.81 24.88 14.66
CA ILE C 410 25.71 25.86 14.62
C ILE C 410 26.18 27.17 15.22
N PHE C 411 25.92 28.29 14.53
CA PHE C 411 26.31 29.59 15.03
C PHE C 411 25.12 30.50 15.09
N ARG C 412 24.91 31.13 16.25
CA ARG C 412 23.85 32.09 16.42
C ARG C 412 24.56 33.38 16.23
N VAL C 413 24.21 34.10 15.16
CA VAL C 413 24.98 35.29 14.76
C VAL C 413 24.32 36.52 15.37
N ASP C 414 25.07 37.18 16.24
CA ASP C 414 24.55 38.32 16.96
C ASP C 414 24.30 39.51 16.03
N ASN C 415 23.16 40.17 16.16
CA ASN C 415 22.82 41.40 15.39
C ASN C 415 23.45 41.48 13.99
N PRO C 416 23.13 40.56 13.08
CA PRO C 416 23.79 40.56 11.77
C PRO C 416 23.51 41.78 10.89
N HIS C 417 22.35 42.35 11.09
CA HIS C 417 21.91 43.52 10.36
C HIS C 417 22.69 44.81 10.66
N THR C 418 23.68 44.79 11.56
CA THR C 418 24.56 45.97 11.74
C THR C 418 25.90 45.75 11.03
N LYS C 419 26.05 44.61 10.35
CA LYS C 419 27.18 44.31 9.49
C LYS C 419 26.63 44.21 8.04
N PRO C 420 27.51 44.33 7.04
CA PRO C 420 26.98 44.36 5.66
C PRO C 420 26.35 43.05 5.25
N VAL C 421 25.25 43.14 4.52
CA VAL C 421 24.54 41.98 4.04
C VAL C 421 25.44 41.10 3.15
N ALA C 422 26.18 41.73 2.26
CA ALA C 422 27.09 40.98 1.39
C ALA C 422 28.21 40.29 2.14
N PHE C 423 28.57 40.86 3.28
CA PHE C 423 29.60 40.25 4.10
C PHE C 423 29.11 38.87 4.58
N TRP C 424 27.86 38.81 5.05
CA TRP C 424 27.34 37.51 5.49
C TRP C 424 27.20 36.59 4.32
N GLU C 425 26.78 37.14 3.19
CA GLU C 425 26.62 36.31 2.01
C GLU C 425 27.91 35.62 1.66
N ARG C 426 29.01 36.35 1.76
CA ARG C 426 30.30 35.80 1.40
C ARG C 426 30.78 34.84 2.45
N VAL C 427 30.63 35.20 3.71
CA VAL C 427 31.11 34.33 4.81
C VAL C 427 30.40 32.98 4.82
N ILE C 428 29.09 33.03 4.70
CA ILE C 428 28.29 31.82 4.74
C ILE C 428 28.61 30.94 3.56
N ALA C 429 28.75 31.54 2.37
CA ALA C 429 29.04 30.74 1.21
C ALA C 429 30.38 30.11 1.40
N ASP C 430 31.30 30.84 1.99
CA ASP C 430 32.65 30.29 2.15
C ASP C 430 32.57 29.09 3.08
N ILE C 431 31.92 29.24 4.23
CA ILE C 431 31.83 28.13 5.22
C ILE C 431 30.97 26.96 4.76
N ASN C 432 29.84 27.22 4.12
CA ASN C 432 29.02 26.14 3.58
C ASN C 432 29.60 25.48 2.30
N GLY C 433 30.53 26.17 1.64
CA GLY C 433 31.22 25.56 0.51
C GLY C 433 31.98 24.30 0.92
N THR C 434 32.61 24.35 2.09
CA THR C 434 33.40 23.24 2.60
C THR C 434 32.60 22.39 3.57
N ASP C 435 31.73 23.04 4.35
CA ASP C 435 31.01 22.39 5.42
C ASP C 435 29.53 22.71 5.35
N PRO C 436 28.82 22.13 4.37
CA PRO C 436 27.41 22.52 4.12
C PRO C 436 26.43 22.24 5.26
N ASP C 437 26.87 21.45 6.24
CA ASP C 437 26.03 21.13 7.39
C ASP C 437 25.94 22.25 8.42
N VAL C 438 26.81 23.25 8.34
CA VAL C 438 26.80 24.30 9.35
C VAL C 438 25.57 25.16 9.22
N ILE C 439 24.95 25.47 10.35
CA ILE C 439 23.72 26.25 10.37
C ILE C 439 23.96 27.62 11.00
N PHE C 440 23.43 28.66 10.37
CA PHE C 440 23.52 30.02 10.88
C PHE C 440 22.11 30.53 11.21
N LEU C 441 21.97 31.07 12.41
CA LEU C 441 20.75 31.69 12.86
C LEU C 441 20.98 33.19 12.98
N ALA C 442 20.12 33.95 12.32
CA ALA C 442 20.24 35.40 12.25
C ALA C 442 19.42 36.10 13.33
N GLU C 443 20.08 36.71 14.31
CA GLU C 443 19.34 37.48 15.29
C GLU C 443 19.06 38.87 14.82
N ALA C 444 18.26 39.01 13.79
CA ALA C 444 18.01 40.31 13.18
C ALA C 444 16.62 40.83 13.51
N PHE C 445 16.54 41.58 14.60
CA PHE C 445 15.29 42.17 15.05
C PHE C 445 15.25 43.55 14.48
N THR C 446 14.64 43.70 13.31
CA THR C 446 14.78 44.89 12.51
C THR C 446 13.68 44.90 11.49
N ARG C 447 13.87 45.63 10.39
CA ARG C 447 12.78 45.78 9.44
C ARG C 447 12.65 44.57 8.55
N PRO C 448 11.47 44.37 7.93
CA PRO C 448 11.22 43.21 7.07
C PRO C 448 12.20 42.99 5.90
N ALA C 449 12.56 44.05 5.19
CA ALA C 449 13.36 43.90 4.01
C ALA C 449 14.71 43.26 4.38
N MET C 450 15.36 43.79 5.40
CA MET C 450 16.65 43.30 5.86
C MET C 450 16.49 41.88 6.37
N MET C 451 15.47 41.67 7.20
CA MET C 451 15.13 40.33 7.72
C MET C 451 15.00 39.29 6.63
N ALA C 452 14.16 39.57 5.64
CA ALA C 452 14.02 38.65 4.47
C ALA C 452 15.34 38.51 3.73
N THR C 453 16.05 39.61 3.54
CA THR C 453 17.27 39.54 2.71
C THR C 453 18.34 38.65 3.29
N LEU C 454 18.50 38.72 4.61
CA LEU C 454 19.51 37.92 5.30
C LEU C 454 19.21 36.44 5.16
N ALA C 455 17.94 36.09 5.29
CA ALA C 455 17.52 34.71 5.07
C ALA C 455 17.87 34.33 3.64
N GLN C 456 17.56 35.22 2.71
CA GLN C 456 17.75 34.90 1.28
C GLN C 456 19.21 34.77 0.86
N ILE C 457 20.11 35.50 1.53
CA ILE C 457 21.52 35.43 1.16
C ILE C 457 22.24 34.31 1.92
N GLY C 458 21.52 33.55 2.74
CA GLY C 458 22.05 32.26 3.20
C GLY C 458 21.81 31.85 4.62
N PHE C 459 21.22 32.73 5.44
CA PHE C 459 20.96 32.37 6.83
C PHE C 459 19.89 31.27 6.88
N GLN C 460 20.26 30.13 7.45
CA GLN C 460 19.40 28.96 7.51
C GLN C 460 18.21 29.20 8.44
N GLN C 461 18.41 30.04 9.46
CA GLN C 461 17.32 30.31 10.42
C GLN C 461 17.27 31.78 10.71
N SER C 462 16.08 32.25 11.09
CA SER C 462 15.90 33.64 11.47
C SER C 462 15.12 33.77 12.76
N TYR C 463 15.54 34.67 13.64
CA TYR C 463 14.66 35.09 14.71
C TYR C 463 13.57 35.90 14.05
N THR C 464 12.46 36.09 14.74
CA THR C 464 11.24 36.57 14.12
C THR C 464 10.59 37.57 15.03
N TYR C 465 9.43 38.06 14.64
CA TYR C 465 8.63 38.99 15.47
C TYR C 465 7.75 38.28 16.49
N PHE C 466 7.94 36.97 16.67
CA PHE C 466 7.06 36.16 17.50
C PHE C 466 6.66 36.79 18.86
N THR C 467 7.65 37.28 19.62
CA THR C 467 7.41 37.74 20.98
C THR C 467 6.43 38.89 21.00
N TRP C 468 6.26 39.55 19.86
CA TRP C 468 5.31 40.65 19.73
C TRP C 468 4.03 40.25 18.97
N ARG C 469 3.75 38.96 18.96
CA ARG C 469 2.52 38.46 18.39
C ARG C 469 1.81 37.66 19.47
N ASN C 470 0.87 38.32 20.15
CA ASN C 470 0.20 37.79 21.33
C ASN C 470 -1.32 37.67 21.25
N THR C 471 -1.97 38.48 20.41
CA THR C 471 -3.41 38.31 20.17
C THR C 471 -3.65 37.26 19.10
N LYS C 472 -4.90 36.86 18.97
CA LYS C 472 -5.28 35.89 17.97
C LYS C 472 -5.08 36.45 16.55
N GLN C 473 -5.38 37.74 16.36
CA GLN C 473 -5.20 38.35 15.05
C GLN C 473 -3.73 38.40 14.65
N GLU C 474 -2.91 38.92 15.55
CA GLU C 474 -1.47 38.95 15.38
C GLU C 474 -0.89 37.57 15.06
N LEU C 475 -1.21 36.58 15.88
CA LEU C 475 -0.66 35.25 15.68
C LEU C 475 -1.08 34.65 14.35
N THR C 476 -2.35 34.82 14.01
CA THR C 476 -2.91 34.23 12.80
C THR C 476 -2.26 34.86 11.59
N GLU C 477 -2.23 36.19 11.56
CA GLU C 477 -1.63 36.89 10.42
C GLU C 477 -0.17 36.54 10.22
N TYR C 478 0.60 36.67 11.29
CA TYR C 478 2.03 36.45 11.21
C TYR C 478 2.35 35.03 10.79
N LEU C 479 1.62 34.03 11.29
CA LEU C 479 1.96 32.64 10.95
C LEU C 479 1.47 32.29 9.57
N THR C 480 0.47 33.02 9.09
CA THR C 480 0.04 32.90 7.71
C THR C 480 1.20 33.36 6.84
N GLU C 481 1.80 34.49 7.22
CA GLU C 481 2.96 35.01 6.50
C GLU C 481 4.17 34.05 6.54
N LEU C 482 4.55 33.58 7.73
CA LEU C 482 5.73 32.70 7.84
C LEU C 482 5.57 31.35 7.12
N SER C 483 4.35 30.81 7.12
CA SER C 483 4.11 29.48 6.56
C SER C 483 3.75 29.53 5.10
N GLY C 484 3.66 30.75 4.55
CA GLY C 484 3.32 30.95 3.15
C GLY C 484 4.59 31.06 2.31
N GLU C 485 4.62 32.08 1.46
CA GLU C 485 5.71 32.24 0.51
C GLU C 485 7.05 32.45 1.18
N ALA C 486 7.06 33.06 2.38
CA ALA C 486 8.32 33.27 3.11
C ALA C 486 9.03 31.94 3.43
N ALA C 487 8.28 30.84 3.42
CA ALA C 487 8.87 29.54 3.78
C ALA C 487 9.85 29.02 2.74
N SER C 488 9.91 29.65 1.57
CA SER C 488 10.88 29.23 0.56
C SER C 488 12.25 29.81 0.78
N TYR C 489 12.38 30.71 1.76
CA TYR C 489 13.71 31.29 2.09
C TYR C 489 13.98 31.55 3.55
N MET C 490 12.96 31.47 4.40
CA MET C 490 13.15 31.69 5.82
C MET C 490 12.64 30.57 6.68
N ARG C 491 13.48 30.16 7.63
CA ARG C 491 13.11 29.18 8.66
C ARG C 491 13.13 29.84 10.04
N PRO C 492 11.96 29.92 10.69
CA PRO C 492 11.81 30.70 11.91
C PRO C 492 12.18 29.95 13.16
N ASN C 493 12.79 30.68 14.08
CA ASN C 493 13.12 30.12 15.40
C ASN C 493 12.39 30.94 16.44
N PHE C 494 11.34 30.32 16.98
CA PHE C 494 10.47 30.97 17.94
C PHE C 494 11.04 30.79 19.34
N PHE C 495 11.85 31.76 19.75
CA PHE C 495 12.22 31.88 21.14
C PHE C 495 11.07 32.65 21.83
N ALA C 496 10.48 32.03 22.84
CA ALA C 496 9.36 32.68 23.57
C ALA C 496 9.89 33.81 24.44
N ASN C 497 11.14 33.67 24.87
CA ASN C 497 11.82 34.77 25.51
C ASN C 497 13.27 34.77 25.06
N THR C 498 13.93 35.90 25.25
CA THR C 498 15.40 35.98 25.14
C THR C 498 15.87 36.77 26.34
N PRO C 499 17.19 36.85 26.58
CA PRO C 499 17.69 37.75 27.66
C PRO C 499 17.36 39.22 27.47
N ASP C 500 16.95 39.59 26.25
CA ASP C 500 16.67 40.99 25.89
C ASP C 500 15.20 41.26 25.70
N ILE C 501 14.38 40.21 25.68
CA ILE C 501 12.94 40.36 25.54
C ILE C 501 12.15 39.56 26.62
N LEU C 502 11.64 40.28 27.59
CA LEU C 502 10.60 39.79 28.50
C LEU C 502 9.33 40.57 28.21
N HIS C 503 8.43 39.99 27.40
CA HIS C 503 7.30 40.74 26.89
C HIS C 503 6.29 41.06 27.96
N ALA C 504 5.62 42.19 27.80
CA ALA C 504 4.53 42.62 28.70
C ALA C 504 3.46 41.53 28.99
N TYR C 505 3.22 40.67 28.01
CA TYR C 505 2.26 39.58 28.15
C TYR C 505 2.66 38.58 29.25
N LEU C 506 3.95 38.26 29.34
CA LEU C 506 4.44 37.37 30.39
C LEU C 506 4.51 38.12 31.70
N GLN C 507 4.89 39.39 31.65
CA GLN C 507 5.02 40.19 32.85
C GLN C 507 3.69 40.28 33.57
N HIS C 508 2.62 40.51 32.82
CA HIS C 508 1.28 40.69 33.40
C HIS C 508 0.54 39.38 33.59
N GLY C 509 0.95 38.32 32.88
CA GLY C 509 0.20 37.05 32.85
C GLY C 509 0.67 35.97 33.79
N GLY C 510 1.91 36.06 34.30
CA GLY C 510 2.43 35.07 35.23
C GLY C 510 2.54 33.68 34.64
N ARG C 511 2.59 32.67 35.49
CA ARG C 511 2.80 31.32 35.02
C ARG C 511 1.89 30.92 33.85
N PRO C 512 0.58 31.20 33.94
CA PRO C 512 -0.33 30.77 32.87
C PRO C 512 0.01 31.35 31.51
N ALA C 513 0.58 32.55 31.49
CA ALA C 513 1.06 33.16 30.27
C ALA C 513 2.30 32.42 29.74
N PHE C 514 3.23 32.05 30.62
CA PHE C 514 4.40 31.24 30.21
C PHE C 514 3.96 29.92 29.61
N GLU C 515 2.90 29.35 30.18
CA GLU C 515 2.37 28.09 29.66
C GLU C 515 1.78 28.20 28.25
N VAL C 516 1.04 29.28 28.02
CA VAL C 516 0.44 29.53 26.72
C VAL C 516 1.48 29.78 25.64
N ARG C 517 2.46 30.61 25.94
CA ARG C 517 3.49 30.96 24.96
C ARG C 517 4.34 29.75 24.64
N ALA C 518 4.59 28.92 25.62
CA ALA C 518 5.30 27.68 25.38
C ALA C 518 4.54 26.79 24.37
N VAL C 519 3.24 26.65 24.59
CA VAL C 519 2.42 25.81 23.71
C VAL C 519 2.43 26.36 22.31
N LEU C 520 2.17 27.66 22.20
CA LEU C 520 2.14 28.29 20.92
C LEU C 520 3.47 28.07 20.20
N ALA C 521 4.54 28.41 20.84
CA ALA C 521 5.84 28.41 20.17
C ALA C 521 6.17 27.00 19.69
N ALA C 522 5.93 26.03 20.54
CA ALA C 522 6.35 24.67 20.25
C ALA C 522 5.46 24.00 19.18
N THR C 523 4.21 24.42 19.07
CA THR C 523 3.32 23.83 18.06
C THR C 523 3.22 24.63 16.76
N LEU C 524 3.57 25.91 16.80
CA LEU C 524 3.43 26.75 15.59
C LEU C 524 4.66 26.77 14.68
N SER C 525 5.85 26.59 15.27
CA SER C 525 7.08 26.55 14.47
C SER C 525 7.80 25.26 14.76
N PRO C 526 8.36 24.63 13.73
CA PRO C 526 9.11 23.40 13.96
C PRO C 526 10.45 23.68 14.65
N THR C 527 10.83 24.94 14.81
CA THR C 527 11.93 25.25 15.73
C THR C 527 11.46 26.27 16.74
N TRP C 528 11.77 26.01 17.99
CA TRP C 528 11.47 26.97 19.01
C TRP C 528 12.55 26.95 20.07
N GLY C 529 12.44 27.87 21.01
CA GLY C 529 13.40 27.92 22.10
C GLY C 529 13.00 28.78 23.26
N ILE C 530 13.68 28.53 24.37
CA ILE C 530 13.49 29.36 25.55
C ILE C 530 14.84 29.70 26.13
N TYR C 531 14.87 30.77 26.89
CA TYR C 531 16.06 31.18 27.57
C TYR C 531 15.89 30.84 29.03
N SER C 532 16.85 30.11 29.57
CA SER C 532 16.81 29.65 30.96
C SER C 532 16.20 30.68 31.90
N GLY C 533 15.26 30.22 32.71
CA GLY C 533 14.54 31.09 33.64
C GLY C 533 13.08 31.15 33.23
N TYR C 534 12.84 30.89 31.96
CA TYR C 534 11.49 30.83 31.43
C TYR C 534 10.67 29.81 32.21
N GLU C 535 11.25 28.62 32.40
CA GLU C 535 10.65 27.54 33.17
C GLU C 535 10.20 27.99 34.54
N LEU C 536 10.95 28.91 35.15
CA LEU C 536 10.63 29.33 36.49
C LEU C 536 9.72 30.54 36.47
N CYS C 537 9.32 30.94 35.26
CA CYS C 537 8.35 32.03 35.11
C CYS C 537 8.89 33.37 35.63
N GLU C 538 10.19 33.57 35.48
CA GLU C 538 10.83 34.83 35.78
C GLU C 538 10.22 35.90 34.89
N ASN C 539 9.57 36.88 35.51
CA ASN C 539 8.83 37.88 34.77
C ASN C 539 8.85 39.25 35.40
N THR C 540 9.91 39.57 36.15
CA THR C 540 10.04 40.88 36.78
C THR C 540 10.86 41.80 35.88
N PRO C 541 10.26 42.89 35.41
CA PRO C 541 10.96 43.70 34.43
C PRO C 541 11.89 44.65 35.12
N LEU C 542 12.81 45.24 34.36
CA LEU C 542 13.65 46.35 34.86
C LEU C 542 12.79 47.49 35.39
N ARG C 543 11.69 47.77 34.72
CA ARG C 543 10.70 48.74 35.20
C ARG C 543 9.48 48.66 34.31
N GLU C 544 8.41 49.29 34.75
CA GLU C 544 7.16 49.27 34.02
C GLU C 544 7.42 49.72 32.58
N GLY C 545 6.87 48.96 31.63
CA GLY C 545 6.99 49.28 30.20
C GLY C 545 8.32 48.94 29.55
N SER C 546 9.15 48.14 30.22
CA SER C 546 10.41 47.69 29.63
C SER C 546 10.35 46.22 29.28
N GLU C 547 11.18 45.79 28.34
CA GLU C 547 11.26 44.38 28.01
C GLU C 547 12.54 43.75 28.56
N GLU C 548 13.28 44.53 29.33
CA GLU C 548 14.48 44.02 30.01
C GLU C 548 14.12 43.33 31.33
N TYR C 549 14.83 42.26 31.69
CA TYR C 549 14.70 41.65 33.01
C TYR C 549 15.37 42.49 34.07
N LEU C 550 14.76 42.55 35.24
CA LEU C 550 15.48 43.09 36.40
C LEU C 550 16.68 42.17 36.75
N ASP C 551 17.78 42.77 37.17
CA ASP C 551 18.99 42.01 37.56
C ASP C 551 19.37 41.04 36.45
N SER C 552 19.49 41.57 35.25
CA SER C 552 19.63 40.73 34.09
C SER C 552 20.90 39.91 34.15
N GLU C 553 20.79 38.67 33.70
CA GLU C 553 21.92 37.72 33.68
C GLU C 553 23.02 38.15 32.73
N LYS C 554 22.69 39.07 31.82
CA LYS C 554 23.70 39.66 30.96
C LYS C 554 24.78 40.36 31.78
N TYR C 555 24.45 40.92 32.94
CA TYR C 555 25.44 41.72 33.72
C TYR C 555 25.83 41.13 35.07
N GLN C 556 25.24 39.99 35.43
CA GLN C 556 25.55 39.33 36.68
C GLN C 556 25.38 37.81 36.62
N LEU C 557 26.10 37.13 37.49
CA LEU C 557 25.91 35.72 37.72
C LEU C 557 24.51 35.57 38.26
N LYS C 558 23.80 34.55 37.81
CA LYS C 558 22.42 34.34 38.23
C LYS C 558 22.17 32.89 38.60
N PRO C 559 22.69 32.49 39.76
CA PRO C 559 22.47 31.12 40.21
C PRO C 559 21.00 30.89 40.47
N ARG C 560 20.57 29.64 40.26
CA ARG C 560 19.19 29.28 40.39
C ARG C 560 19.12 27.93 41.09
N ASP C 561 18.16 27.79 42.02
CA ASP C 561 18.00 26.55 42.76
C ASP C 561 17.05 25.71 41.93
N TRP C 562 17.61 25.00 40.95
CA TRP C 562 16.81 24.13 40.06
C TRP C 562 16.14 23.00 40.80
N THR C 563 16.84 22.47 41.81
CA THR C 563 16.36 21.33 42.56
C THR C 563 15.13 21.68 43.40
N ARG C 564 15.21 22.82 44.09
CA ARG C 564 14.08 23.37 44.80
C ARG C 564 12.88 23.63 43.89
N ALA C 565 13.08 24.26 42.75
CA ALA C 565 11.96 24.52 41.85
C ALA C 565 11.24 23.22 41.47
N ALA C 566 12.02 22.16 41.22
CA ALA C 566 11.46 20.86 40.82
C ALA C 566 10.65 20.27 41.96
N ARG C 567 11.18 20.31 43.17
CA ARG C 567 10.46 19.69 44.27
C ARG C 567 9.26 20.53 44.70
N GLU C 568 9.35 21.84 44.60
CA GLU C 568 8.27 22.72 44.97
C GLU C 568 7.28 22.88 43.83
N GLY C 569 7.62 22.39 42.65
CA GLY C 569 6.69 22.43 41.50
C GLY C 569 6.38 23.80 40.95
N THR C 570 7.32 24.75 41.15
CA THR C 570 7.17 26.13 40.69
C THR C 570 7.83 26.33 39.32
N THR C 571 8.13 25.22 38.64
CA THR C 571 8.69 25.23 37.29
C THR C 571 7.72 24.60 36.27
N ILE C 572 7.78 25.05 35.03
CA ILE C 572 6.94 24.45 33.99
C ILE C 572 7.75 23.51 33.11
N ALA C 573 8.87 23.01 33.63
CA ALA C 573 9.71 22.05 32.93
C ALA C 573 8.92 20.81 32.46
N PRO C 574 8.04 20.26 33.30
CA PRO C 574 7.22 19.14 32.87
C PRO C 574 6.42 19.41 31.61
N LEU C 575 5.77 20.57 31.54
CA LEU C 575 5.03 20.96 30.34
C LEU C 575 5.98 21.07 29.16
N VAL C 576 7.12 21.73 29.37
CA VAL C 576 8.10 21.87 28.29
C VAL C 576 8.49 20.52 27.79
N THR C 577 8.79 19.62 28.73
CA THR C 577 9.26 18.30 28.40
C THR C 577 8.21 17.59 27.55
N ARG C 578 6.95 17.74 27.95
CA ARG C 578 5.85 17.08 27.29
C ARG C 578 5.69 17.66 25.86
N LEU C 579 5.80 18.97 25.72
CA LEU C 579 5.69 19.59 24.40
C LEU C 579 6.73 19.06 23.42
N ASN C 580 7.96 18.87 23.88
CA ASN C 580 9.04 18.39 23.00
C ASN C 580 8.87 16.92 22.65
N THR C 581 8.33 16.14 23.58
CA THR C 581 8.03 14.73 23.32
C THR C 581 6.94 14.66 22.24
N ILE C 582 5.89 15.43 22.41
CA ILE C 582 4.84 15.45 21.42
C ILE C 582 5.44 15.76 20.06
N ARG C 583 6.21 16.85 19.97
CA ARG C 583 6.91 17.20 18.71
C ARG C 583 7.67 16.00 18.15
N ARG C 584 8.37 15.27 19.02
CA ARG C 584 9.22 14.16 18.58
C ARG C 584 8.42 12.98 18.09
N GLU C 585 7.16 12.93 18.51
CA GLU C 585 6.26 11.81 18.24
C GLU C 585 5.30 12.07 17.08
N ASN C 586 5.19 13.33 16.66
CA ASN C 586 4.25 13.74 15.64
C ASN C 586 4.89 14.56 14.51
N PRO C 587 5.19 13.93 13.37
CA PRO C 587 5.85 14.58 12.22
C PRO C 587 5.22 15.90 11.75
N ALA C 588 3.92 16.06 11.96
CA ALA C 588 3.22 17.31 11.59
C ALA C 588 3.79 18.55 12.27
N LEU C 589 4.29 18.38 13.50
CA LEU C 589 4.90 19.50 14.25
C LEU C 589 6.37 19.74 13.90
N ARG C 590 6.94 18.88 13.03
CA ARG C 590 8.32 19.02 12.58
C ARG C 590 8.41 19.63 11.18
N GLN C 591 7.31 20.25 10.73
CA GLN C 591 7.28 21.05 9.52
C GLN C 591 6.60 22.37 9.78
N LEU C 592 6.66 23.27 8.79
CA LEU C 592 6.20 24.64 8.91
C LEU C 592 5.03 24.96 8.00
N ARG C 593 5.10 24.47 6.77
CA ARG C 593 4.27 25.02 5.67
C ARG C 593 2.83 24.63 5.68
N ASP C 594 2.55 23.44 6.20
CA ASP C 594 1.18 22.99 6.35
C ASP C 594 0.61 23.41 7.71
N LEU C 595 -0.25 24.41 7.66
CA LEU C 595 -0.81 25.00 8.85
C LEU C 595 -2.13 25.62 8.45
N HIS C 596 -3.18 25.39 9.23
CA HIS C 596 -4.46 26.02 8.97
C HIS C 596 -5.18 26.45 10.24
N PHE C 597 -5.75 27.66 10.19
CA PHE C 597 -6.46 28.25 11.30
C PHE C 597 -7.97 28.03 11.20
N HIS C 598 -8.54 27.37 12.22
CA HIS C 598 -9.94 27.03 12.30
C HIS C 598 -10.67 28.03 13.19
N PRO C 599 -11.82 28.54 12.72
CA PRO C 599 -12.52 29.63 13.45
C PRO C 599 -13.05 29.19 14.80
N THR C 600 -13.16 30.15 15.71
CA THR C 600 -13.79 29.95 16.99
C THR C 600 -14.71 31.15 17.18
N ASP C 601 -15.69 31.03 18.07
CA ASP C 601 -16.59 32.14 18.35
C ASP C 601 -16.11 33.05 19.51
N LYS C 602 -14.88 32.83 19.99
CA LYS C 602 -14.29 33.70 21.03
C LYS C 602 -12.91 34.23 20.60
N GLU C 603 -12.74 35.53 20.81
CA GLU C 603 -11.54 36.25 20.39
C GLU C 603 -10.28 35.79 21.16
N GLU C 604 -10.45 35.37 22.40
CA GLU C 604 -9.34 34.90 23.23
C GLU C 604 -8.89 33.50 22.86
N VAL C 605 -9.73 32.79 22.12
CA VAL C 605 -9.48 31.38 21.84
C VAL C 605 -9.14 31.13 20.37
N ILE C 606 -8.01 30.46 20.15
CA ILE C 606 -7.48 30.24 18.80
C ILE C 606 -7.37 28.76 18.56
N ALA C 607 -7.54 28.35 17.30
CA ALA C 607 -7.50 26.93 16.92
C ALA C 607 -6.79 26.75 15.60
N TYR C 608 -5.98 25.70 15.50
CA TYR C 608 -5.24 25.44 14.26
C TYR C 608 -4.84 23.99 14.14
N SER C 609 -4.60 23.57 12.91
CA SER C 609 -4.19 22.22 12.61
C SER C 609 -2.98 22.21 11.72
N LYS C 610 -2.18 21.15 11.85
CA LYS C 610 -0.98 20.93 11.04
C LYS C 610 -0.99 19.48 10.66
N ARG C 611 -0.50 19.16 9.47
CA ARG C 611 -0.50 17.78 8.97
C ARG C 611 0.80 17.39 8.28
N GLN C 612 1.11 16.11 8.32
CA GLN C 612 2.26 15.55 7.61
C GLN C 612 1.99 14.08 7.44
N GLY C 613 1.83 13.67 6.18
CA GLY C 613 1.23 12.37 5.85
C GLY C 613 -0.10 12.17 6.58
N SER C 614 -0.20 11.02 7.24
CA SER C 614 -1.40 10.66 8.01
C SER C 614 -1.45 11.29 9.42
N ASN C 615 -0.39 11.98 9.83
CA ASN C 615 -0.34 12.58 11.16
C ASN C 615 -1.00 13.96 11.13
N THR C 616 -1.97 14.16 11.99
CA THR C 616 -2.68 15.44 12.09
C THR C 616 -2.71 15.86 13.54
N VAL C 617 -2.27 17.07 13.81
CA VAL C 617 -2.32 17.60 15.14
C VAL C 617 -3.19 18.83 15.16
N LEU C 618 -4.05 18.89 16.16
CA LEU C 618 -5.04 19.93 16.27
C LEU C 618 -4.85 20.61 17.61
N VAL C 619 -4.64 21.92 17.60
CA VAL C 619 -4.33 22.63 18.83
C VAL C 619 -5.36 23.73 19.08
N VAL C 620 -5.72 23.91 20.36
CA VAL C 620 -6.65 24.97 20.76
C VAL C 620 -6.11 25.63 22.02
N VAL C 621 -5.95 26.94 21.97
CA VAL C 621 -5.28 27.67 23.02
C VAL C 621 -6.13 28.83 23.49
N ASN C 622 -6.25 28.97 24.80
CA ASN C 622 -6.88 30.12 25.42
C ASN C 622 -5.78 31.15 25.67
N LEU C 623 -5.81 32.24 24.91
CA LEU C 623 -4.80 33.27 25.03
C LEU C 623 -5.03 34.22 26.21
N ASP C 624 -6.18 34.08 26.88
CA ASP C 624 -6.43 34.81 28.13
C ASP C 624 -5.71 34.06 29.26
N PRO C 625 -4.77 34.75 29.95
CA PRO C 625 -4.05 34.10 31.05
C PRO C 625 -4.74 34.30 32.40
N ARG C 626 -5.80 35.10 32.45
CA ARG C 626 -6.44 35.49 33.71
C ARG C 626 -7.85 34.93 33.89
N HIS C 627 -8.56 34.67 32.80
CA HIS C 627 -9.96 34.25 32.86
C HIS C 627 -10.21 32.98 32.06
N THR C 628 -11.04 32.10 32.62
CA THR C 628 -11.51 30.91 31.91
C THR C 628 -12.29 31.31 30.67
N GLN C 629 -12.09 30.58 29.59
CA GLN C 629 -12.75 30.88 28.34
C GLN C 629 -13.40 29.62 27.82
N GLU C 630 -14.67 29.72 27.49
CA GLU C 630 -15.37 28.64 26.81
C GLU C 630 -15.75 29.09 25.42
N ALA C 631 -15.53 28.24 24.44
CA ALA C 631 -15.87 28.60 23.08
C ALA C 631 -16.27 27.38 22.29
N THR C 632 -16.75 27.65 21.09
CA THR C 632 -17.08 26.62 20.12
C THR C 632 -16.07 26.70 18.99
N VAL C 633 -15.40 25.57 18.76
CA VAL C 633 -14.38 25.47 17.72
C VAL C 633 -14.97 24.79 16.50
N SER C 634 -15.17 25.56 15.44
CA SER C 634 -15.80 25.06 14.23
C SER C 634 -14.73 24.64 13.23
N LEU C 635 -14.45 23.34 13.17
CA LEU C 635 -13.39 22.82 12.30
C LEU C 635 -13.76 22.80 10.81
N ASP C 636 -12.85 23.33 9.99
CA ASP C 636 -12.85 23.14 8.53
C ASP C 636 -12.54 21.68 8.25
N MET C 637 -13.57 20.84 8.19
CA MET C 637 -13.34 19.40 8.10
C MET C 637 -12.57 19.01 6.83
N PRO C 638 -12.94 19.57 5.66
CA PRO C 638 -12.21 19.16 4.43
C PRO C 638 -10.73 19.51 4.55
N GLN C 639 -10.46 20.57 5.28
CA GLN C 639 -9.09 20.98 5.54
C GLN C 639 -8.35 19.95 6.38
N LEU C 640 -9.10 19.13 7.12
CA LEU C 640 -8.53 17.94 7.78
C LEU C 640 -8.58 16.69 6.88
N GLY C 641 -9.23 16.81 5.72
CA GLY C 641 -9.45 15.68 4.82
C GLY C 641 -10.56 14.74 5.29
N LEU C 642 -11.59 15.32 5.92
CA LEU C 642 -12.75 14.60 6.43
C LEU C 642 -14.00 15.26 5.83
N ASP C 643 -15.11 14.54 5.80
CA ASP C 643 -16.39 15.13 5.37
C ASP C 643 -17.01 15.89 6.52
N TRP C 644 -17.88 16.83 6.17
CA TRP C 644 -18.45 17.77 7.14
C TRP C 644 -19.19 17.11 8.31
N HIS C 645 -19.83 15.99 8.03
CA HIS C 645 -20.67 15.27 8.99
C HIS C 645 -19.87 14.31 9.86
N GLU C 646 -18.65 14.00 9.44
CA GLU C 646 -17.77 13.05 10.13
C GLU C 646 -17.42 13.50 11.56
N SER C 647 -17.07 12.54 12.41
CA SER C 647 -16.66 12.78 13.79
C SER C 647 -15.37 12.00 14.04
N VAL C 648 -14.24 12.69 14.15
CA VAL C 648 -12.94 12.03 14.36
C VAL C 648 -12.55 12.01 15.85
N PRO C 649 -12.04 10.85 16.32
CA PRO C 649 -11.58 10.78 17.70
C PRO C 649 -10.20 11.43 17.83
N VAL C 650 -9.97 12.06 18.98
CA VAL C 650 -8.73 12.78 19.21
C VAL C 650 -8.24 12.48 20.61
N ARG C 651 -6.95 12.65 20.84
CA ARG C 651 -6.39 12.55 22.18
C ARG C 651 -5.62 13.82 22.50
N ASP C 652 -5.99 14.48 23.59
CA ASP C 652 -5.25 15.63 24.09
C ASP C 652 -3.98 15.12 24.73
N GLU C 653 -2.86 15.38 24.06
CA GLU C 653 -1.61 14.77 24.45
C GLU C 653 -1.01 15.38 25.71
N LEU C 654 -1.55 16.51 26.15
CA LEU C 654 -1.20 17.09 27.44
C LEU C 654 -1.74 16.27 28.63
N THR C 655 -2.95 15.68 28.50
CA THR C 655 -3.63 15.03 29.62
C THR C 655 -3.82 13.53 29.43
N GLY C 656 -3.77 13.07 28.18
CA GLY C 656 -4.08 11.68 27.87
C GLY C 656 -5.57 11.43 27.67
N GLU C 657 -6.39 12.46 27.85
CA GLU C 657 -7.85 12.34 27.71
C GLU C 657 -8.21 12.19 26.24
N THR C 658 -9.34 11.56 25.97
CA THR C 658 -9.83 11.31 24.62
C THR C 658 -11.16 12.03 24.40
N TYR C 659 -11.35 12.57 23.20
CA TYR C 659 -12.59 13.24 22.80
C TYR C 659 -13.00 12.82 21.39
N HIS C 660 -14.28 12.98 21.11
CA HIS C 660 -14.79 12.73 19.78
C HIS C 660 -15.19 14.09 19.23
N TRP C 661 -14.42 14.56 18.25
CA TRP C 661 -14.62 15.89 17.72
C TRP C 661 -15.04 15.89 16.25
N GLY C 662 -15.82 16.92 15.90
CA GLY C 662 -16.30 17.11 14.53
C GLY C 662 -16.47 18.57 14.20
N ARG C 663 -17.38 18.85 13.28
CA ARG C 663 -17.61 20.20 12.76
C ARG C 663 -17.69 21.31 13.80
N ALA C 664 -18.26 21.00 14.97
CA ALA C 664 -18.48 22.01 16.01
C ALA C 664 -18.19 21.41 17.39
N ASN C 665 -17.35 22.06 18.18
CA ASN C 665 -16.86 21.47 19.43
C ASN C 665 -16.74 22.47 20.57
N TYR C 666 -17.43 22.16 21.66
CA TYR C 666 -17.31 22.94 22.90
C TYR C 666 -15.97 22.63 23.59
N VAL C 667 -15.22 23.68 23.91
CA VAL C 667 -14.05 23.57 24.77
C VAL C 667 -14.18 24.55 25.92
N ARG C 668 -13.57 24.18 27.05
CA ARG C 668 -13.55 25.03 28.23
C ARG C 668 -12.14 24.99 28.81
N LEU C 669 -11.49 26.16 28.91
CA LEU C 669 -10.08 26.24 29.29
C LEU C 669 -9.86 27.23 30.43
N GLU C 670 -9.45 26.68 31.57
CA GLU C 670 -9.19 27.49 32.78
C GLU C 670 -7.66 27.75 32.97
N PRO C 671 -7.27 29.03 33.02
CA PRO C 671 -5.87 29.40 33.18
C PRO C 671 -5.30 28.84 34.48
N GLY C 672 -4.12 28.22 34.38
CA GLY C 672 -3.48 27.60 35.52
C GLY C 672 -3.73 26.12 35.47
N ARG C 673 -4.93 25.73 35.05
CA ARG C 673 -5.26 24.33 35.01
C ARG C 673 -4.96 23.81 33.62
N THR C 674 -5.57 24.43 32.60
CA THR C 674 -5.33 24.05 31.20
C THR C 674 -5.08 25.30 30.35
N PRO C 675 -3.89 25.39 29.75
CA PRO C 675 -3.61 26.47 28.78
C PRO C 675 -4.22 26.19 27.41
N ALA C 676 -4.25 24.91 27.05
CA ALA C 676 -4.61 24.51 25.71
C ALA C 676 -4.95 23.02 25.63
N HIS C 677 -5.52 22.62 24.51
CA HIS C 677 -5.58 21.23 24.07
C HIS C 677 -4.61 21.07 22.93
N VAL C 678 -3.74 20.07 23.03
CA VAL C 678 -2.87 19.72 21.93
C VAL C 678 -3.24 18.30 21.58
N CYS C 679 -4.08 18.18 20.56
CA CYS C 679 -4.71 16.91 20.26
C CYS C 679 -4.11 16.29 19.00
N THR C 680 -3.91 14.98 19.03
CA THR C 680 -3.66 14.20 17.85
C THR C 680 -4.95 13.48 17.42
N VAL C 681 -5.11 13.33 16.10
CA VAL C 681 -6.25 12.61 15.54
C VAL C 681 -5.83 11.14 15.41
N LEU C 682 -6.67 10.25 15.94
CA LEU C 682 -6.31 8.85 16.12
C LEU C 682 -6.67 8.03 14.88
N ARG C 683 -5.96 6.90 14.68
CA ARG C 683 -6.11 6.03 13.49
C ARG C 683 -6.90 4.71 13.80
N PRO D 35 31.86 36.16 -6.20
CA PRO D 35 30.98 37.34 -6.34
C PRO D 35 29.63 37.16 -5.68
N THR D 36 29.15 38.19 -4.99
CA THR D 36 27.90 38.09 -4.24
C THR D 36 26.72 38.56 -5.08
N VAL D 37 25.53 38.04 -4.79
CA VAL D 37 24.31 38.52 -5.44
C VAL D 37 23.94 39.94 -4.95
N VAL D 38 24.08 40.19 -3.64
CA VAL D 38 23.78 41.51 -3.11
C VAL D 38 25.04 42.37 -3.14
N GLY D 39 24.83 43.67 -3.41
CA GLY D 39 25.91 44.64 -3.41
C GLY D 39 26.18 45.18 -2.01
N ARG D 40 27.11 46.13 -1.94
CA ARG D 40 27.49 46.81 -0.72
C ARG D 40 26.32 47.54 -0.06
N ILE D 41 25.56 48.28 -0.85
CA ILE D 41 24.32 48.89 -0.39
C ILE D 41 23.22 48.18 -1.16
N PRO D 42 22.44 47.33 -0.47
CA PRO D 42 21.39 46.53 -1.15
C PRO D 42 20.40 47.35 -1.96
N VAL D 43 20.28 47.01 -3.24
CA VAL D 43 19.23 47.54 -4.09
C VAL D 43 18.57 46.29 -4.70
N LEU D 44 17.31 46.08 -4.37
CA LEU D 44 16.63 44.82 -4.69
C LEU D 44 15.27 45.04 -5.35
N ASP D 45 14.85 44.06 -6.16
CA ASP D 45 13.48 44.05 -6.71
C ASP D 45 13.15 45.38 -7.41
N VAL D 46 13.96 45.71 -8.41
CA VAL D 46 13.72 46.91 -9.16
C VAL D 46 12.47 46.68 -10.02
N ARG D 47 11.56 47.66 -10.01
CA ARG D 47 10.38 47.63 -10.85
C ARG D 47 10.25 48.93 -11.66
N PRO D 48 9.58 48.86 -12.83
CA PRO D 48 8.90 47.69 -13.37
C PRO D 48 9.83 46.57 -13.88
N VAL D 49 9.29 45.34 -13.87
CA VAL D 49 9.96 44.17 -14.44
C VAL D 49 8.92 43.32 -15.15
N VAL D 50 9.27 42.78 -16.30
CA VAL D 50 8.37 41.94 -17.08
C VAL D 50 9.10 40.62 -17.32
N GLN D 51 8.48 39.51 -16.92
CA GLN D 51 9.05 38.22 -17.20
C GLN D 51 10.43 38.10 -16.57
N ARG D 52 10.62 38.75 -15.44
CA ARG D 52 11.90 38.72 -14.72
C ARG D 52 13.07 39.37 -15.44
N GLY D 53 12.79 40.27 -16.37
CA GLY D 53 13.80 41.01 -17.08
C GLY D 53 14.07 40.45 -18.44
N ARG D 54 13.36 39.40 -18.79
CA ARG D 54 13.58 38.72 -20.06
C ARG D 54 12.86 39.40 -21.22
N ARG D 55 11.90 40.25 -20.89
CA ARG D 55 11.17 41.07 -21.87
C ARG D 55 11.18 42.50 -21.35
N PRO D 56 11.04 43.50 -22.25
CA PRO D 56 11.12 44.87 -21.79
C PRO D 56 9.83 45.41 -21.20
N ALA D 57 9.96 46.41 -20.32
CA ALA D 57 8.82 47.21 -19.89
C ALA D 57 8.59 48.31 -20.95
N LYS D 58 7.41 48.91 -21.00
CA LYS D 58 7.03 49.73 -22.13
C LYS D 58 6.74 51.15 -21.76
N ALA D 59 7.07 52.04 -22.68
CA ALA D 59 6.62 53.40 -22.61
C ALA D 59 6.52 53.91 -24.04
N VAL D 60 6.03 55.14 -24.21
CA VAL D 60 6.08 55.84 -25.50
C VAL D 60 6.78 57.17 -25.29
N THR D 61 7.24 57.78 -26.38
CA THR D 61 7.94 59.08 -26.26
C THR D 61 7.13 60.06 -25.40
N GLY D 62 7.78 60.66 -24.44
CA GLY D 62 7.14 61.66 -23.60
C GLY D 62 6.24 61.13 -22.49
N GLU D 63 6.22 59.83 -22.27
CA GLU D 63 5.42 59.24 -21.18
C GLU D 63 6.23 59.09 -19.89
N SER D 64 5.55 59.31 -18.76
CA SER D 64 6.16 59.23 -17.44
C SER D 64 5.64 58.02 -16.66
N PHE D 65 6.54 57.41 -15.89
CA PHE D 65 6.17 56.33 -15.01
C PHE D 65 7.18 56.21 -13.90
N GLU D 66 6.80 55.46 -12.88
CA GLU D 66 7.62 55.35 -11.70
C GLU D 66 8.53 54.15 -11.78
N VAL D 67 9.83 54.39 -11.62
CA VAL D 67 10.76 53.33 -11.33
C VAL D 67 10.92 53.22 -9.81
N SER D 68 10.88 52.01 -9.28
CA SER D 68 10.99 51.80 -7.85
C SER D 68 11.96 50.70 -7.52
N ALA D 69 12.35 50.64 -6.26
CA ALA D 69 13.31 49.63 -5.81
C ALA D 69 13.26 49.51 -4.28
N THR D 70 13.76 48.39 -3.77
CA THR D 70 13.90 48.26 -2.33
C THR D 70 15.34 48.55 -1.95
N VAL D 71 15.53 49.65 -1.23
CA VAL D 71 16.86 50.13 -0.87
C VAL D 71 16.98 50.30 0.63
N PHE D 72 18.05 49.78 1.20
CA PHE D 72 18.34 49.98 2.61
C PHE D 72 19.81 49.64 2.85
N ARG D 73 20.24 49.79 4.10
CA ARG D 73 21.60 49.36 4.46
C ARG D 73 21.67 48.81 5.85
N GLU D 74 22.85 48.30 6.22
CA GLU D 74 23.09 47.83 7.59
C GLU D 74 23.28 49.02 8.46
N GLY D 75 23.04 48.82 9.76
CA GLY D 75 23.20 49.86 10.74
C GLY D 75 22.03 50.82 10.62
N HIS D 76 22.22 52.00 11.20
CA HIS D 76 21.14 52.97 11.30
C HIS D 76 21.34 54.22 10.44
N ASP D 77 22.44 54.31 9.71
CA ASP D 77 22.67 55.52 8.94
C ASP D 77 21.76 55.58 7.69
N ALA D 78 21.62 56.80 7.15
CA ALA D 78 20.65 57.08 6.10
C ALA D 78 21.18 56.59 4.77
N VAL D 79 20.25 56.34 3.85
CA VAL D 79 20.62 56.04 2.47
C VAL D 79 19.97 57.05 1.54
N GLY D 80 20.45 57.01 0.31
CA GLY D 80 19.77 57.64 -0.79
C GLY D 80 19.82 56.74 -2.00
N ALA D 81 19.08 57.12 -3.02
CA ALA D 81 19.00 56.33 -4.23
C ALA D 81 18.61 57.25 -5.37
N ASN D 82 18.96 56.83 -6.58
CA ASN D 82 18.63 57.57 -7.79
C ASN D 82 18.49 56.63 -8.95
N VAL D 83 17.70 57.02 -9.95
CA VAL D 83 17.53 56.21 -11.17
C VAL D 83 18.43 56.71 -12.32
N VAL D 84 19.22 55.81 -12.90
CA VAL D 84 19.98 56.16 -14.10
C VAL D 84 19.34 55.52 -15.30
N LEU D 85 18.77 56.37 -16.14
CA LEU D 85 18.05 55.97 -17.31
C LEU D 85 18.94 56.18 -18.54
N ARG D 86 19.17 55.12 -19.32
CA ARG D 86 20.05 55.17 -20.48
C ARG D 86 19.32 55.03 -21.80
N ASP D 87 19.64 55.91 -22.74
CA ASP D 87 19.06 55.92 -24.05
C ASP D 87 19.77 54.90 -24.94
N PRO D 88 19.27 54.69 -26.17
CA PRO D 88 19.75 53.63 -27.06
C PRO D 88 21.24 53.70 -27.37
N ARG D 89 21.83 54.90 -27.34
CA ARG D 89 23.27 55.03 -27.53
C ARG D 89 24.03 54.97 -26.21
N GLY D 90 23.35 54.64 -25.12
CA GLY D 90 24.03 54.46 -23.84
C GLY D 90 24.19 55.72 -22.99
N ARG D 91 23.55 56.81 -23.40
CA ARG D 91 23.76 58.09 -22.71
C ARG D 91 22.85 58.25 -21.50
N PRO D 92 23.43 58.60 -20.34
CA PRO D 92 22.64 58.73 -19.10
C PRO D 92 21.74 59.97 -19.14
N GLY D 93 20.60 59.88 -18.46
CA GLY D 93 19.68 61.00 -18.40
C GLY D 93 20.03 61.86 -17.21
N PRO D 94 19.12 62.78 -16.84
CA PRO D 94 19.43 63.72 -15.78
C PRO D 94 19.40 63.07 -14.37
N TRP D 95 20.12 63.69 -13.45
CA TRP D 95 20.07 63.34 -12.04
C TRP D 95 18.62 63.18 -11.61
N THR D 96 18.25 61.96 -11.23
CA THR D 96 16.87 61.60 -10.90
C THR D 96 16.83 60.97 -9.52
N PRO D 97 16.78 61.81 -8.48
CA PRO D 97 16.79 61.26 -7.13
C PRO D 97 15.46 60.60 -6.79
N MET D 98 15.55 59.53 -6.00
CA MET D 98 14.38 58.83 -5.50
C MET D 98 14.09 59.23 -4.06
N ARG D 99 12.86 58.98 -3.62
CA ARG D 99 12.49 59.21 -2.25
C ARG D 99 11.82 57.94 -1.71
N GLU D 100 11.85 57.77 -0.40
CA GLU D 100 11.13 56.63 0.21
C GLU D 100 9.62 56.86 0.10
N LEU D 101 8.89 55.94 -0.51
CA LEU D 101 7.49 56.20 -0.86
C LEU D 101 6.57 56.26 0.37
N ALA D 102 6.98 55.61 1.45
CA ALA D 102 6.25 55.70 2.71
C ALA D 102 7.25 55.34 3.79
N PRO D 103 7.19 56.04 4.94
CA PRO D 103 8.26 55.92 5.94
C PRO D 103 8.37 54.52 6.54
N GLY D 104 9.61 54.10 6.79
CA GLY D 104 9.94 52.77 7.32
C GLY D 104 9.74 51.57 6.41
N THR D 105 9.36 51.80 5.14
CA THR D 105 9.05 50.69 4.21
C THR D 105 10.26 50.23 3.39
N ASP D 106 11.27 51.08 3.27
CA ASP D 106 12.46 50.82 2.42
C ASP D 106 12.15 50.69 0.94
N ARG D 107 10.98 51.16 0.53
CA ARG D 107 10.62 51.13 -0.88
C ARG D 107 10.81 52.56 -1.40
N TRP D 108 11.64 52.70 -2.43
CA TRP D 108 11.99 54.03 -2.98
C TRP D 108 11.52 54.13 -4.44
N GLY D 109 11.18 55.35 -4.87
CA GLY D 109 10.72 55.60 -6.23
C GLY D 109 11.09 56.99 -6.78
N ALA D 110 11.07 57.09 -8.10
CA ALA D 110 11.11 58.40 -8.79
C ALA D 110 10.48 58.23 -10.16
N THR D 111 9.96 59.35 -10.68
CA THR D 111 9.32 59.37 -11.98
C THR D 111 10.38 59.59 -13.04
N VAL D 112 10.25 58.88 -14.15
CA VAL D 112 11.15 59.03 -15.27
C VAL D 112 10.34 59.29 -16.49
N THR D 113 11.01 59.81 -17.53
CA THR D 113 10.30 60.18 -18.75
C THR D 113 11.09 59.73 -19.95
N ALA D 114 10.40 58.94 -20.77
CA ALA D 114 10.96 58.40 -22.00
C ALA D 114 11.11 59.52 -23.04
N GLY D 115 12.22 59.48 -23.78
CA GLY D 115 12.45 60.40 -24.90
C GLY D 115 12.21 59.71 -26.24
N GLU D 116 13.21 59.78 -27.12
CA GLU D 116 13.12 59.17 -28.44
C GLU D 116 12.86 57.67 -28.35
N THR D 117 12.37 57.11 -29.44
CA THR D 117 12.01 55.70 -29.50
C THR D 117 13.23 54.80 -29.56
N GLY D 118 13.06 53.55 -29.12
CA GLY D 118 14.13 52.56 -29.20
C GLY D 118 14.28 51.86 -27.88
N THR D 119 15.39 51.13 -27.72
CA THR D 119 15.58 50.32 -26.56
C THR D 119 16.51 51.00 -25.55
N TRP D 120 15.96 51.21 -24.36
CA TRP D 120 16.60 51.94 -23.31
C TRP D 120 16.98 50.95 -22.20
N SER D 121 17.61 51.46 -21.14
CA SER D 121 17.83 50.64 -19.98
C SER D 121 17.71 51.51 -18.76
N TYR D 122 17.27 50.92 -17.64
CA TYR D 122 17.28 51.66 -16.41
C TYR D 122 17.93 50.87 -15.26
N THR D 123 18.71 51.64 -14.50
CA THR D 123 19.45 51.17 -13.38
C THR D 123 19.05 51.98 -12.16
N VAL D 124 19.04 51.34 -10.99
CA VAL D 124 18.91 52.06 -9.73
C VAL D 124 20.25 52.04 -8.98
N GLU D 125 20.70 53.21 -8.56
CA GLU D 125 21.94 53.33 -7.80
C GLU D 125 21.55 53.64 -6.38
N ALA D 126 22.11 52.90 -5.44
CA ALA D 126 21.84 53.11 -4.03
C ALA D 126 23.17 53.43 -3.33
N TRP D 127 23.11 54.22 -2.27
CA TRP D 127 24.31 54.73 -1.61
C TRP D 127 24.04 55.18 -0.19
N GLY D 128 25.08 55.19 0.62
CA GLY D 128 25.03 55.81 1.97
C GLY D 128 24.95 57.32 1.80
N ASP D 129 24.14 57.96 2.64
CA ASP D 129 23.94 59.41 2.59
C ASP D 129 24.47 59.97 3.92
N PRO D 130 25.79 60.09 4.02
CA PRO D 130 26.43 60.45 5.28
C PRO D 130 26.13 61.87 5.77
N VAL D 131 25.76 62.77 4.87
CA VAL D 131 25.47 64.15 5.26
C VAL D 131 24.13 64.26 5.99
N THR D 132 23.13 63.52 5.53
CA THR D 132 21.82 63.49 6.20
C THR D 132 21.96 62.90 7.62
N THR D 133 22.81 61.88 7.72
CA THR D 133 23.12 61.20 8.97
C THR D 133 23.85 62.11 9.93
N TRP D 134 24.89 62.75 9.44
CA TRP D 134 25.67 63.67 10.25
C TRP D 134 24.78 64.79 10.77
N ARG D 135 23.97 65.37 9.88
CA ARG D 135 23.06 66.44 10.26
C ARG D 135 22.15 66.08 11.41
N HIS D 136 21.60 64.88 11.31
CA HIS D 136 20.70 64.38 12.33
C HIS D 136 21.39 64.41 13.71
N HIS D 137 22.59 63.84 13.80
CA HIS D 137 23.35 63.83 15.06
C HIS D 137 23.80 65.21 15.51
N ALA D 138 24.27 66.00 14.56
CA ALA D 138 24.70 67.36 14.87
C ALA D 138 23.60 68.13 15.56
N ARG D 139 22.37 67.99 15.08
CA ARG D 139 21.26 68.78 15.61
C ARG D 139 20.96 68.44 17.06
N ILE D 140 21.26 67.20 17.45
CA ILE D 140 21.06 66.80 18.84
C ILE D 140 22.29 67.19 19.69
N LYS D 141 23.48 66.86 19.20
CA LYS D 141 24.70 66.96 19.98
C LYS D 141 25.15 68.39 20.29
N ILE D 142 25.01 69.28 19.31
CA ILE D 142 25.47 70.67 19.47
C ILE D 142 24.66 71.44 20.53
N PRO D 143 23.31 71.38 20.48
CA PRO D 143 22.54 71.97 21.59
C PRO D 143 22.89 71.34 22.93
N ALA D 144 23.27 70.06 22.92
CA ALA D 144 23.65 69.35 24.15
C ALA D 144 25.11 69.59 24.62
N GLY D 145 25.90 70.36 23.86
CA GLY D 145 27.31 70.60 24.24
C GLY D 145 28.20 69.34 24.23
N LEU D 146 27.76 68.29 23.55
CA LEU D 146 28.47 66.99 23.58
C LEU D 146 29.41 66.89 22.39
N ASP D 147 30.73 67.05 22.64
CA ASP D 147 31.79 66.90 21.62
C ASP D 147 31.71 67.92 20.49
N THR D 148 31.24 69.12 20.78
CA THR D 148 30.86 70.03 19.73
C THR D 148 31.97 70.25 18.68
N ASP D 149 33.23 70.32 19.13
CA ASP D 149 34.36 70.52 18.19
C ASP D 149 34.60 69.32 17.26
N LEU D 150 34.53 68.14 17.84
CA LEU D 150 34.76 66.88 17.11
C LEU D 150 33.62 66.64 16.09
N VAL D 151 32.39 66.93 16.50
CA VAL D 151 31.23 66.73 15.64
C VAL D 151 31.27 67.71 14.46
N LEU D 152 31.63 68.97 14.74
CA LEU D 152 31.70 69.99 13.71
C LEU D 152 32.81 69.70 12.70
N GLU D 153 33.93 69.18 13.18
CA GLU D 153 35.05 68.85 12.31
C GLU D 153 34.64 67.70 11.40
N GLU D 154 33.85 66.76 11.92
CA GLU D 154 33.38 65.61 11.14
C GLU D 154 32.48 66.04 9.98
N GLY D 155 31.69 67.09 10.23
CA GLY D 155 30.84 67.67 9.22
C GLY D 155 31.65 68.45 8.21
N ALA D 156 32.67 69.14 8.71
CA ALA D 156 33.62 69.85 7.88
C ALA D 156 34.16 68.92 6.83
N ARG D 157 34.63 67.76 7.26
CA ARG D 157 35.28 66.80 6.36
C ARG D 157 34.30 66.21 5.36
N LEU D 158 33.08 65.90 5.82
CA LEU D 158 32.04 65.45 4.92
C LEU D 158 31.82 66.52 3.84
N TYR D 159 31.66 67.78 4.25
CA TYR D 159 31.37 68.85 3.28
C TYR D 159 32.50 69.05 2.28
N GLU D 160 33.74 68.84 2.73
CA GLU D 160 34.92 68.95 1.87
C GLU D 160 34.92 67.91 0.77
N ARG D 161 34.61 66.68 1.13
CA ARG D 161 34.52 65.60 0.14
C ARG D 161 33.38 65.86 -0.87
N ALA D 162 32.28 66.45 -0.39
CA ALA D 162 31.13 66.76 -1.23
C ALA D 162 31.49 67.88 -2.20
N ALA D 163 32.22 68.88 -1.68
CA ALA D 163 32.75 69.98 -2.49
C ALA D 163 33.66 69.48 -3.63
N ALA D 164 34.51 68.49 -3.37
CA ALA D 164 35.42 67.97 -4.41
C ALA D 164 34.70 67.36 -5.63
N ASP D 165 33.47 66.89 -5.46
CA ASP D 165 32.70 66.26 -6.55
C ASP D 165 31.74 67.23 -7.25
N VAL D 166 31.68 68.47 -6.76
CA VAL D 166 30.84 69.50 -7.35
C VAL D 166 31.55 70.19 -8.53
N PRO D 167 30.96 70.10 -9.76
CA PRO D 167 31.56 70.75 -10.92
C PRO D 167 31.39 72.28 -10.97
N GLY D 168 30.31 72.82 -10.41
CA GLY D 168 30.11 74.28 -10.40
C GLY D 168 31.10 74.98 -9.49
N ARG D 169 31.72 76.07 -9.97
CA ARG D 169 32.68 76.83 -9.16
C ARG D 169 31.94 77.55 -8.02
N GLU D 170 30.83 78.22 -8.35
CA GLU D 170 30.04 78.94 -7.34
C GLU D 170 29.48 78.02 -6.25
N ASP D 171 28.88 76.90 -6.65
CA ASP D 171 28.41 75.89 -5.71
C ASP D 171 29.53 75.33 -4.81
N ARG D 172 30.72 75.15 -5.40
CA ARG D 172 31.91 74.67 -4.70
C ARG D 172 32.34 75.72 -3.69
N ARG D 173 32.38 76.99 -4.10
CA ARG D 173 32.70 78.11 -3.20
C ARG D 173 31.74 78.13 -2.01
N GLU D 174 30.47 77.84 -2.26
CA GLU D 174 29.43 77.91 -1.24
C GLU D 174 29.62 76.82 -0.17
N LEU D 175 29.92 75.59 -0.60
CA LEU D 175 30.14 74.49 0.34
C LEU D 175 31.42 74.70 1.13
N LEU D 176 32.46 75.22 0.48
CA LEU D 176 33.73 75.50 1.15
C LEU D 176 33.59 76.64 2.18
N ALA D 177 32.64 77.56 1.93
CA ALA D 177 32.37 78.63 2.88
C ALA D 177 31.72 78.06 4.12
N ALA D 178 30.89 77.04 3.93
CA ALA D 178 30.30 76.31 5.04
C ALA D 178 31.39 75.53 5.80
N VAL D 179 32.32 74.90 5.07
CA VAL D 179 33.46 74.21 5.69
C VAL D 179 34.24 75.14 6.60
N ASP D 180 34.57 76.33 6.11
CA ASP D 180 35.34 77.27 6.90
C ASP D 180 34.56 77.67 8.13
N ALA D 181 33.24 77.82 7.96
CA ALA D 181 32.39 78.30 9.04
C ALA D 181 32.32 77.22 10.11
N LEU D 182 32.07 75.99 9.68
CA LEU D 182 32.07 74.81 10.56
C LEU D 182 33.35 74.71 11.38
N ARG D 183 34.48 75.04 10.76
CA ARG D 183 35.78 74.94 11.40
C ARG D 183 36.24 76.17 12.21
N ASP D 184 35.43 77.23 12.22
CA ASP D 184 35.82 78.48 12.87
C ASP D 184 35.59 78.40 14.37
N GLU D 185 36.63 77.99 15.10
CA GLU D 185 36.50 77.77 16.55
C GLU D 185 36.34 79.08 17.31
N SER D 186 36.36 80.21 16.61
CA SER D 186 36.12 81.50 17.26
C SER D 186 34.63 81.78 17.39
N ARG D 187 33.80 80.97 16.74
CA ARG D 187 32.38 81.21 16.71
C ARG D 187 31.65 80.20 17.61
N PRO D 188 30.49 80.63 18.15
CA PRO D 188 29.67 79.69 18.94
C PRO D 188 29.22 78.45 18.14
N ALA D 189 29.30 77.28 18.77
CA ALA D 189 28.81 76.02 18.19
C ALA D 189 27.49 76.17 17.38
N ALA D 190 26.44 76.69 18.02
CA ALA D 190 25.12 76.83 17.36
C ALA D 190 25.19 77.64 16.04
N SER D 191 26.11 78.59 16.00
CA SER D 191 26.29 79.45 14.84
C SER D 191 27.05 78.73 13.71
N ARG D 192 28.14 78.08 14.06
CA ARG D 192 28.91 77.28 13.10
C ARG D 192 28.04 76.20 12.42
N LEU D 193 27.13 75.59 13.17
CA LEU D 193 26.22 74.58 12.61
C LEU D 193 25.20 75.21 11.65
N ALA D 194 24.57 76.31 12.07
CA ALA D 194 23.57 76.99 11.23
C ALA D 194 24.12 77.29 9.83
N ALA D 195 25.37 77.75 9.77
CA ALA D 195 26.08 78.05 8.51
C ALA D 195 26.13 76.86 7.55
N ALA D 196 25.98 75.65 8.09
CA ALA D 196 25.99 74.44 7.26
C ALA D 196 24.58 73.92 6.87
N LEU D 197 23.52 74.61 7.32
CA LEU D 197 22.14 74.20 7.09
C LEU D 197 21.31 75.26 6.38
N THR D 198 21.95 76.26 5.78
CA THR D 198 21.22 77.29 5.03
C THR D 198 20.58 76.67 3.78
N PRO D 199 19.49 77.29 3.27
CA PRO D 199 18.83 76.81 2.05
C PRO D 199 19.76 76.63 0.86
N GLN D 200 20.75 77.51 0.73
CA GLN D 200 21.63 77.51 -0.46
C GLN D 200 22.66 76.41 -0.34
N VAL D 201 22.93 75.98 0.89
CA VAL D 201 23.76 74.81 1.10
C VAL D 201 22.97 73.51 0.77
N ASP D 202 21.70 73.50 1.18
CA ASP D 202 20.79 72.37 0.90
C ASP D 202 20.60 72.11 -0.59
N ALA D 203 20.41 73.20 -1.35
CA ALA D 203 20.16 73.10 -2.78
C ALA D 203 21.37 72.57 -3.53
N VAL D 204 22.58 72.91 -3.08
CA VAL D 204 23.79 72.38 -3.72
C VAL D 204 23.93 70.89 -3.44
N LEU D 205 23.67 70.50 -2.19
CA LEU D 205 23.71 69.07 -1.82
C LEU D 205 22.55 68.25 -2.42
N ALA D 206 21.38 68.87 -2.57
CA ALA D 206 20.26 68.21 -3.21
C ALA D 206 20.62 67.90 -4.69
N ARG D 207 21.32 68.82 -5.35
CA ARG D 207 21.75 68.63 -6.74
C ARG D 207 22.98 67.71 -6.86
N HIS D 208 23.91 67.81 -5.92
CA HIS D 208 25.17 67.04 -5.97
C HIS D 208 25.55 66.38 -4.62
N PRO D 209 24.81 65.36 -4.20
CA PRO D 209 25.02 64.77 -2.90
C PRO D 209 26.35 64.03 -2.76
N LEU D 210 26.82 63.94 -1.52
CA LEU D 210 27.92 63.04 -1.20
C LEU D 210 27.32 61.67 -1.08
N ARG D 211 27.76 60.78 -1.96
CA ARG D 211 27.24 59.44 -2.06
C ARG D 211 28.33 58.44 -1.69
N ASP D 212 28.14 57.73 -0.58
CA ASP D 212 29.05 56.66 -0.19
C ASP D 212 28.65 55.32 -0.78
N LEU D 213 29.64 54.56 -1.22
CA LEU D 213 29.50 53.12 -1.47
C LEU D 213 28.42 52.84 -2.51
N VAL D 214 28.43 53.66 -3.54
CA VAL D 214 27.45 53.56 -4.58
C VAL D 214 27.36 52.15 -5.13
N THR D 215 26.14 51.65 -5.24
CA THR D 215 25.89 50.29 -5.69
C THR D 215 24.78 50.33 -6.73
N SER D 216 24.91 49.57 -7.80
CA SER D 216 23.86 49.53 -8.85
C SER D 216 23.26 48.20 -9.02
N SER D 217 21.99 48.22 -9.40
CA SER D 217 21.30 47.04 -9.86
C SER D 217 21.81 46.70 -11.25
N ASP D 218 21.45 45.51 -11.70
CA ASP D 218 21.66 45.13 -13.09
C ASP D 218 20.67 45.88 -13.96
N PRO D 219 21.08 46.29 -15.17
CA PRO D 219 20.14 47.06 -15.98
C PRO D 219 18.87 46.28 -16.34
N LEU D 220 17.75 47.01 -16.42
CA LEU D 220 16.47 46.47 -16.90
C LEU D 220 16.06 47.15 -18.19
N PRO D 221 15.45 46.37 -19.10
CA PRO D 221 15.24 46.91 -20.43
C PRO D 221 13.90 47.64 -20.56
N LEU D 222 13.90 48.75 -21.31
CA LEU D 222 12.70 49.52 -21.57
C LEU D 222 12.59 49.78 -23.06
N LEU D 223 11.48 49.40 -23.67
CA LEU D 223 11.22 49.68 -25.08
C LEU D 223 10.38 50.91 -25.16
N VAL D 224 10.88 51.92 -25.86
CA VAL D 224 10.12 53.16 -26.02
C VAL D 224 9.60 53.26 -27.43
N GLU D 225 8.28 53.29 -27.56
CA GLU D 225 7.65 53.28 -28.87
C GLU D 225 6.99 54.60 -29.17
N ARG D 226 6.45 54.75 -30.36
CA ARG D 226 5.95 56.06 -30.77
C ARG D 226 4.61 56.37 -30.12
N GLU D 227 4.30 57.67 -30.11
CA GLU D 227 3.11 58.21 -29.45
C GLU D 227 1.86 57.37 -29.73
N ARG D 228 1.66 56.96 -30.98
CA ARG D 228 0.42 56.32 -31.38
C ARG D 228 0.21 54.94 -30.73
N ALA D 229 1.29 54.31 -30.26
CA ALA D 229 1.18 53.02 -29.57
C ALA D 229 0.29 53.16 -28.33
N LEU D 230 0.40 54.32 -27.67
CA LEU D 230 -0.38 54.62 -26.47
C LEU D 230 -1.63 55.46 -26.77
N TYR D 231 -1.47 56.47 -27.62
CA TYR D 231 -2.49 57.49 -27.81
C TYR D 231 -3.02 57.52 -29.24
N GLY D 232 -4.33 57.42 -29.39
CA GLY D 232 -4.97 57.47 -30.72
C GLY D 232 -6.47 57.22 -30.67
N ALA D 233 -7.20 57.83 -31.58
CA ALA D 233 -8.64 57.54 -31.69
C ALA D 233 -8.87 56.78 -32.98
N TRP D 234 -9.55 55.65 -32.85
CA TRP D 234 -9.71 54.67 -33.92
C TRP D 234 -11.13 54.60 -34.45
N TYR D 235 -11.26 54.43 -35.76
CA TYR D 235 -12.55 54.22 -36.36
C TYR D 235 -12.50 53.02 -37.29
N GLU D 236 -13.41 52.07 -37.10
CA GLU D 236 -13.49 50.92 -37.97
C GLU D 236 -14.64 51.06 -38.96
N PHE D 237 -14.38 50.91 -40.26
CA PHE D 237 -15.47 50.69 -41.22
C PHE D 237 -15.13 49.76 -42.38
N PHE D 238 -16.16 49.26 -43.03
CA PHE D 238 -16.04 48.36 -44.18
C PHE D 238 -16.14 49.17 -45.44
N PRO D 239 -15.04 49.32 -46.18
CA PRO D 239 -15.11 50.02 -47.48
C PRO D 239 -16.22 49.56 -48.42
N ARG D 240 -16.52 48.27 -48.45
CA ARG D 240 -17.50 47.78 -49.42
C ARG D 240 -18.92 48.30 -49.18
N SER D 241 -19.17 48.79 -47.96
CA SER D 241 -20.47 49.36 -47.61
C SER D 241 -20.63 50.80 -48.11
N GLU D 242 -19.54 51.44 -48.50
CA GLU D 242 -19.62 52.82 -48.97
C GLU D 242 -19.57 52.90 -50.48
N GLY D 243 -20.65 52.40 -51.08
CA GLY D 243 -20.79 52.36 -52.51
C GLY D 243 -21.72 53.46 -52.99
N THR D 244 -22.41 53.17 -54.08
CA THR D 244 -23.33 54.11 -54.72
C THR D 244 -24.59 53.36 -55.12
N PRO D 245 -25.56 54.09 -55.65
CA PRO D 245 -26.72 53.43 -56.24
C PRO D 245 -26.38 52.58 -57.46
N HIS D 246 -25.52 53.09 -58.35
CA HIS D 246 -25.17 52.32 -59.54
C HIS D 246 -24.29 51.11 -59.19
N THR D 247 -23.30 51.32 -58.32
CA THR D 247 -22.38 50.28 -57.86
C THR D 247 -22.40 50.16 -56.32
N PRO D 248 -23.36 49.37 -55.78
CA PRO D 248 -23.49 49.16 -54.33
C PRO D 248 -22.23 48.72 -53.61
N HIS D 249 -21.49 47.80 -54.20
CA HIS D 249 -20.29 47.31 -53.54
C HIS D 249 -19.28 48.43 -53.70
N GLY D 250 -18.86 48.98 -52.57
CA GLY D 250 -17.94 50.10 -52.56
C GLY D 250 -16.56 49.70 -53.01
N THR D 251 -15.84 50.67 -53.55
CA THR D 251 -14.45 50.50 -53.97
C THR D 251 -13.59 51.33 -53.05
N PHE D 252 -12.27 51.21 -53.21
CA PHE D 252 -11.39 52.09 -52.48
C PHE D 252 -11.60 53.54 -52.92
N ARG D 253 -11.90 53.74 -54.20
CA ARG D 253 -12.17 55.12 -54.68
C ARG D 253 -13.43 55.74 -54.13
N THR D 254 -14.51 54.99 -54.03
CA THR D 254 -15.72 55.51 -53.39
C THR D 254 -15.53 55.59 -51.87
N ALA D 255 -14.89 54.62 -51.24
CA ALA D 255 -14.77 54.63 -49.77
C ALA D 255 -13.85 55.74 -49.29
N ALA D 256 -12.91 56.20 -50.12
CA ALA D 256 -12.06 57.35 -49.80
C ALA D 256 -12.89 58.61 -49.52
N ARG D 257 -14.14 58.64 -50.01
CA ARG D 257 -15.05 59.74 -49.78
C ARG D 257 -15.63 59.77 -48.32
N ARG D 258 -15.56 58.66 -47.56
CA ARG D 258 -15.89 58.67 -46.13
C ARG D 258 -14.82 59.30 -45.26
N LEU D 259 -13.59 59.33 -45.74
CA LEU D 259 -12.47 59.75 -44.90
C LEU D 259 -12.61 61.17 -44.31
N PRO D 260 -13.11 62.12 -45.12
CA PRO D 260 -13.20 63.46 -44.56
C PRO D 260 -14.13 63.51 -43.36
N ALA D 261 -15.22 62.74 -43.39
CA ALA D 261 -16.16 62.77 -42.26
C ALA D 261 -15.49 62.14 -41.04
N ILE D 262 -14.63 61.14 -41.25
CA ILE D 262 -13.94 60.45 -40.18
C ILE D 262 -12.87 61.36 -39.59
N ALA D 263 -12.11 62.05 -40.45
CA ALA D 263 -11.12 63.04 -40.00
C ALA D 263 -11.77 64.15 -39.22
N ALA D 264 -12.93 64.59 -39.69
CA ALA D 264 -13.73 65.64 -39.02
C ALA D 264 -14.16 65.25 -37.61
N MET D 265 -14.38 63.96 -37.40
CA MET D 265 -14.72 63.47 -36.07
C MET D 265 -13.48 63.37 -35.15
N GLY D 266 -12.32 63.74 -35.67
CA GLY D 266 -11.10 63.74 -34.87
C GLY D 266 -10.45 62.38 -34.64
N PHE D 267 -10.66 61.44 -35.56
CA PHE D 267 -10.03 60.15 -35.44
C PHE D 267 -8.65 60.26 -36.07
N ASP D 268 -7.78 59.32 -35.68
CA ASP D 268 -6.40 59.29 -36.17
C ASP D 268 -6.12 58.05 -36.99
N VAL D 269 -6.88 56.97 -36.73
CA VAL D 269 -6.62 55.65 -37.29
C VAL D 269 -7.90 55.09 -37.85
N VAL D 270 -7.85 54.60 -39.08
CA VAL D 270 -8.95 53.92 -39.70
C VAL D 270 -8.60 52.43 -39.79
N TYR D 271 -9.31 51.58 -39.05
CA TYR D 271 -9.09 50.12 -39.06
C TYR D 271 -10.06 49.49 -40.03
N LEU D 272 -9.53 48.89 -41.10
CA LEU D 272 -10.29 48.17 -42.11
C LEU D 272 -10.32 46.66 -41.87
N PRO D 273 -11.49 46.06 -42.05
CA PRO D 273 -11.55 44.61 -42.10
C PRO D 273 -10.76 44.09 -43.29
N PRO D 274 -10.57 42.77 -43.38
CA PRO D 274 -9.74 42.23 -44.44
C PRO D 274 -10.11 42.75 -45.82
N ILE D 275 -9.11 43.15 -46.60
CA ILE D 275 -9.33 43.77 -47.92
C ILE D 275 -9.09 42.85 -49.09
N HIS D 276 -9.05 41.55 -48.79
CA HIS D 276 -8.62 40.55 -49.77
C HIS D 276 -9.79 39.87 -50.45
N PRO D 277 -9.51 39.01 -51.46
CA PRO D 277 -10.62 38.24 -52.04
C PRO D 277 -11.27 37.36 -51.00
N ILE D 278 -12.50 36.97 -51.21
CA ILE D 278 -13.32 36.24 -50.20
C ILE D 278 -13.75 34.90 -50.79
N GLY D 279 -13.55 33.82 -50.05
CA GLY D 279 -13.85 32.48 -50.61
C GLY D 279 -15.31 32.34 -50.97
N THR D 280 -15.60 31.40 -51.86
CA THR D 280 -16.99 31.07 -52.28
C THR D 280 -17.47 29.77 -51.65
N THR D 281 -16.54 28.87 -51.32
CA THR D 281 -16.92 27.59 -50.73
C THR D 281 -17.31 27.75 -49.27
N HIS D 282 -18.53 27.34 -48.94
CA HIS D 282 -19.14 27.55 -47.60
C HIS D 282 -19.25 28.99 -47.15
N ARG D 283 -19.36 29.89 -48.13
CA ARG D 283 -19.58 31.28 -47.85
C ARG D 283 -20.85 31.41 -47.07
N LYS D 284 -20.84 32.33 -46.10
CA LYS D 284 -22.03 32.60 -45.33
C LYS D 284 -22.92 33.64 -45.99
N GLY D 285 -24.19 33.54 -45.69
CA GLY D 285 -25.15 34.52 -46.12
C GLY D 285 -25.46 35.53 -45.05
N ARG D 286 -26.52 36.29 -45.33
CA ARG D 286 -26.94 37.37 -44.46
C ARG D 286 -27.23 36.79 -43.09
N ASN D 287 -26.92 37.57 -42.06
CA ASN D 287 -27.23 37.19 -40.67
C ASN D 287 -26.59 35.90 -40.20
N ASN D 288 -25.45 35.56 -40.77
CA ASN D 288 -24.74 34.34 -40.35
C ASN D 288 -25.50 33.06 -40.69
N THR D 289 -26.24 33.09 -41.81
CA THR D 289 -26.84 31.87 -42.35
C THR D 289 -25.74 31.11 -43.03
N LEU D 290 -25.96 29.82 -43.21
CA LEU D 290 -24.91 28.86 -43.61
C LEU D 290 -24.57 28.91 -45.11
N SER D 291 -25.59 29.01 -45.97
CA SER D 291 -25.43 29.08 -47.42
C SER D 291 -25.71 30.46 -47.99
N ALA D 292 -24.71 31.05 -48.62
CA ALA D 292 -24.88 32.32 -49.31
C ALA D 292 -25.78 32.10 -50.54
N THR D 293 -26.55 33.14 -50.92
CA THR D 293 -27.31 33.11 -52.17
C THR D 293 -26.60 33.95 -53.21
N GLY D 294 -27.14 33.97 -54.42
CA GLY D 294 -26.47 34.54 -55.60
C GLY D 294 -25.62 35.77 -55.41
N ASP D 295 -26.14 36.76 -54.69
CA ASP D 295 -25.47 38.08 -54.61
C ASP D 295 -24.69 38.33 -53.33
N ASP D 296 -24.90 37.49 -52.31
CA ASP D 296 -24.30 37.68 -50.99
C ASP D 296 -22.81 37.90 -51.11
N VAL D 297 -22.28 38.82 -50.31
CA VAL D 297 -20.86 39.20 -50.46
C VAL D 297 -19.94 38.42 -49.56
N GLY D 298 -20.49 37.73 -48.57
CA GLY D 298 -19.69 36.89 -47.67
C GLY D 298 -18.94 37.67 -46.62
N VAL D 299 -18.17 36.96 -45.80
CA VAL D 299 -17.43 37.55 -44.70
C VAL D 299 -16.00 37.84 -45.11
N PRO D 300 -15.53 39.07 -44.87
CA PRO D 300 -14.17 39.43 -45.28
C PRO D 300 -13.06 38.55 -44.66
N TRP D 301 -13.32 38.01 -43.50
CA TRP D 301 -12.35 37.17 -42.80
C TRP D 301 -12.23 35.79 -43.42
N ALA D 302 -13.10 35.47 -44.36
CA ALA D 302 -12.99 34.22 -45.09
C ALA D 302 -12.10 34.50 -46.29
N ILE D 303 -10.81 34.70 -45.98
CA ILE D 303 -9.84 35.22 -46.93
C ILE D 303 -9.36 34.20 -47.95
N GLY D 304 -9.36 34.63 -49.22
CA GLY D 304 -8.66 33.92 -50.29
C GLY D 304 -9.60 33.24 -51.29
N SER D 305 -9.21 33.33 -52.55
CA SER D 305 -9.85 32.64 -53.67
C SER D 305 -8.80 32.44 -54.75
N PRO D 306 -9.16 31.85 -55.88
CA PRO D 306 -8.20 31.80 -56.97
C PRO D 306 -7.72 33.20 -57.41
N GLU D 307 -8.48 34.25 -57.08
CA GLU D 307 -8.12 35.60 -57.47
C GLU D 307 -6.94 36.12 -56.67
N GLY D 308 -6.61 35.45 -55.56
CA GLY D 308 -5.52 35.90 -54.70
C GLY D 308 -5.74 35.58 -53.25
N GLY D 309 -4.72 35.88 -52.44
CA GLY D 309 -4.79 35.65 -51.02
C GLY D 309 -4.51 36.91 -50.23
N HIS D 310 -3.69 36.78 -49.19
CA HIS D 310 -3.45 37.88 -48.22
C HIS D 310 -2.61 39.00 -48.78
N ASP D 311 -2.00 38.78 -49.94
CA ASP D 311 -1.22 39.84 -50.57
C ASP D 311 -2.02 40.49 -51.72
N SER D 312 -3.29 40.13 -51.84
CA SER D 312 -4.14 40.64 -52.92
C SER D 312 -5.30 41.48 -52.45
N ILE D 313 -5.86 42.23 -53.39
CA ILE D 313 -7.00 43.08 -53.17
C ILE D 313 -8.22 42.44 -53.79
N HIS D 314 -9.32 42.41 -53.06
CA HIS D 314 -10.61 41.95 -53.56
C HIS D 314 -10.87 42.69 -54.85
N PRO D 315 -11.18 41.98 -55.93
CA PRO D 315 -11.32 42.69 -57.21
C PRO D 315 -12.44 43.75 -57.24
N ALA D 316 -13.44 43.61 -56.38
CA ALA D 316 -14.54 44.57 -56.34
C ALA D 316 -14.19 45.87 -55.61
N LEU D 317 -13.15 45.84 -54.80
CA LEU D 317 -12.64 47.04 -54.17
C LEU D 317 -11.68 47.78 -55.12
N GLY D 318 -11.27 47.12 -56.21
CA GLY D 318 -10.37 47.70 -57.22
C GLY D 318 -8.99 47.10 -57.18
N THR D 319 -8.00 47.91 -57.52
CA THR D 319 -6.61 47.46 -57.63
C THR D 319 -5.73 48.02 -56.52
N LEU D 320 -4.49 47.58 -56.52
CA LEU D 320 -3.49 48.02 -55.57
C LEU D 320 -3.25 49.51 -55.70
N ASP D 321 -3.36 50.03 -56.94
CA ASP D 321 -3.19 51.48 -57.20
C ASP D 321 -4.29 52.29 -56.57
N ASP D 322 -5.49 51.71 -56.55
CA ASP D 322 -6.63 52.33 -55.92
C ASP D 322 -6.41 52.38 -54.44
N PHE D 323 -5.88 51.30 -53.89
CA PHE D 323 -5.61 51.24 -52.47
C PHE D 323 -4.54 52.27 -52.11
N ASP D 324 -3.46 52.34 -52.88
CA ASP D 324 -2.46 53.41 -52.67
C ASP D 324 -3.17 54.82 -52.63
N HIS D 325 -4.21 55.00 -53.45
CA HIS D 325 -4.96 56.27 -53.50
C HIS D 325 -5.71 56.51 -52.21
N PHE D 326 -6.31 55.46 -51.71
CA PHE D 326 -6.98 55.50 -50.46
C PHE D 326 -6.02 55.86 -49.34
N VAL D 327 -4.84 55.28 -49.37
CA VAL D 327 -3.86 55.49 -48.33
C VAL D 327 -3.28 56.90 -48.43
N THR D 328 -3.12 57.39 -49.64
CA THR D 328 -2.65 58.77 -49.84
C THR D 328 -3.68 59.76 -49.33
N GLU D 329 -4.96 59.49 -49.58
CA GLU D 329 -6.01 60.38 -49.17
C GLU D 329 -6.17 60.36 -47.68
N ALA D 330 -6.05 59.19 -47.07
CA ALA D 330 -6.04 59.07 -45.61
C ALA D 330 -4.95 59.92 -45.01
N GLY D 331 -3.75 59.82 -45.57
CA GLY D 331 -2.58 60.50 -45.05
C GLY D 331 -2.78 62.01 -45.00
N LYS D 332 -3.36 62.57 -46.06
CA LYS D 332 -3.66 64.01 -46.11
C LYS D 332 -4.67 64.47 -45.04
N LEU D 333 -5.56 63.58 -44.60
CA LEU D 333 -6.55 63.93 -43.56
C LEU D 333 -6.06 63.64 -42.15
N GLY D 334 -4.80 63.29 -42.01
CA GLY D 334 -4.22 62.95 -40.69
C GLY D 334 -4.61 61.57 -40.21
N LEU D 335 -4.94 60.69 -41.15
CA LEU D 335 -5.34 59.31 -40.83
C LEU D 335 -4.29 58.28 -41.31
N GLU D 336 -3.93 57.38 -40.40
CA GLU D 336 -3.18 56.20 -40.70
C GLU D 336 -4.13 55.05 -40.92
N ILE D 337 -3.76 54.14 -41.80
CA ILE D 337 -4.49 52.94 -41.98
C ILE D 337 -3.96 51.79 -41.12
N ALA D 338 -4.90 51.01 -40.60
CA ALA D 338 -4.60 49.79 -39.85
C ALA D 338 -5.28 48.68 -40.58
N LEU D 339 -4.53 47.72 -41.10
CA LEU D 339 -5.15 46.61 -41.80
C LEU D 339 -5.41 45.48 -40.81
N ASP D 340 -6.50 44.77 -41.05
CA ASP D 340 -6.72 43.48 -40.38
C ASP D 340 -5.76 42.45 -40.89
N PHE D 341 -5.21 41.66 -39.98
CA PHE D 341 -4.41 40.50 -40.35
C PHE D 341 -4.99 39.26 -39.68
N ALA D 342 -5.62 38.40 -40.49
CA ALA D 342 -6.29 37.17 -39.99
C ALA D 342 -5.57 36.01 -40.62
N LEU D 343 -4.75 35.32 -39.81
CA LEU D 343 -3.91 34.23 -40.28
C LEU D 343 -4.79 32.98 -40.27
N GLN D 344 -5.49 32.86 -41.40
CA GLN D 344 -6.50 31.88 -41.65
C GLN D 344 -6.89 31.98 -43.12
N CYS D 345 -7.63 30.98 -43.62
CA CYS D 345 -7.95 30.86 -45.04
C CYS D 345 -9.36 30.36 -45.29
N SER D 346 -9.93 30.80 -46.40
CA SER D 346 -11.12 30.15 -46.90
C SER D 346 -10.67 28.88 -47.57
N PRO D 347 -11.59 27.94 -47.77
CA PRO D 347 -11.25 26.73 -48.51
C PRO D 347 -10.69 26.92 -49.90
N ASP D 348 -10.80 28.12 -50.46
CA ASP D 348 -10.37 28.38 -51.82
C ASP D 348 -9.09 29.22 -51.87
N HIS D 349 -8.48 29.44 -50.71
CA HIS D 349 -7.24 30.16 -50.65
C HIS D 349 -6.21 29.26 -51.35
N PRO D 350 -5.25 29.86 -52.05
CA PRO D 350 -4.26 29.04 -52.76
C PRO D 350 -3.39 28.20 -51.83
N TRP D 351 -3.16 28.67 -50.61
CA TRP D 351 -2.45 27.88 -49.64
C TRP D 351 -3.03 26.49 -49.44
N VAL D 352 -4.33 26.34 -49.53
CA VAL D 352 -4.94 25.04 -49.25
C VAL D 352 -4.30 23.93 -50.08
N HIS D 353 -4.09 24.20 -51.36
CA HIS D 353 -3.44 23.20 -52.23
C HIS D 353 -1.92 23.38 -52.33
N LYS D 354 -1.43 24.61 -52.24
CA LYS D 354 0.01 24.87 -52.35
C LYS D 354 0.80 24.55 -51.11
N HIS D 355 0.16 24.57 -49.95
CA HIS D 355 0.83 24.25 -48.69
C HIS D 355 -0.09 23.47 -47.79
N PRO D 356 -0.34 22.20 -48.13
CA PRO D 356 -1.37 21.46 -47.36
C PRO D 356 -0.90 21.17 -45.93
N GLU D 357 0.39 21.17 -45.73
CA GLU D 357 0.90 20.93 -44.41
C GLU D 357 0.79 22.13 -43.47
N TRP D 358 0.19 23.22 -43.95
CA TRP D 358 -0.16 24.39 -43.08
C TRP D 358 -1.58 24.24 -42.48
N PHE D 359 -2.17 23.05 -42.65
CA PHE D 359 -3.51 22.78 -42.15
C PHE D 359 -3.49 21.44 -41.51
N HIS D 360 -4.35 21.26 -40.52
CA HIS D 360 -4.49 19.96 -39.91
C HIS D 360 -5.57 19.19 -40.67
N HIS D 361 -5.22 17.99 -41.13
CA HIS D 361 -6.15 17.17 -41.88
C HIS D 361 -6.58 16.01 -41.04
N ARG D 362 -7.86 15.69 -41.14
CA ARG D 362 -8.39 14.57 -40.44
C ARG D 362 -8.08 13.34 -41.28
N PRO D 363 -8.34 12.14 -40.74
CA PRO D 363 -7.98 10.95 -41.46
C PRO D 363 -8.55 10.77 -42.87
N ASP D 364 -9.70 11.39 -43.16
CA ASP D 364 -10.29 11.32 -44.51
C ASP D 364 -9.76 12.43 -45.41
N GLY D 365 -8.77 13.18 -44.95
CA GLY D 365 -8.16 14.26 -45.75
C GLY D 365 -8.74 15.66 -45.53
N THR D 366 -9.91 15.74 -44.91
CA THR D 366 -10.62 17.00 -44.75
C THR D 366 -10.00 17.87 -43.66
N ILE D 367 -10.26 19.17 -43.78
CA ILE D 367 -9.81 20.17 -42.83
C ILE D 367 -11.03 20.68 -42.10
N ALA D 368 -11.05 20.50 -40.77
CA ALA D 368 -12.13 20.97 -39.93
C ALA D 368 -12.11 22.48 -40.01
N HIS D 369 -13.28 23.07 -40.17
CA HIS D 369 -13.43 24.48 -40.17
C HIS D 369 -13.18 25.03 -38.78
N ALA D 370 -12.75 26.29 -38.69
CA ALA D 370 -12.32 26.85 -37.42
C ALA D 370 -13.50 27.01 -36.50
N GLU D 371 -13.17 27.24 -35.24
CA GLU D 371 -14.15 27.39 -34.16
C GLU D 371 -13.65 28.31 -33.03
N ASN D 372 -14.60 28.89 -32.28
CA ASN D 372 -14.37 29.66 -31.00
C ASN D 372 -15.64 29.35 -30.16
N PRO D 373 -15.80 28.06 -29.77
CA PRO D 373 -17.12 27.56 -29.35
C PRO D 373 -17.85 28.45 -28.36
N PRO D 374 -19.20 28.46 -28.45
CA PRO D 374 -20.04 27.74 -29.42
C PRO D 374 -20.07 28.36 -30.84
N LYS D 375 -19.21 29.32 -31.10
CA LYS D 375 -19.18 29.97 -32.42
C LYS D 375 -18.46 29.07 -33.44
N LYS D 376 -19.11 28.86 -34.59
CA LYS D 376 -18.55 28.07 -35.66
C LYS D 376 -18.21 28.94 -36.84
N TYR D 377 -17.08 28.65 -37.49
CA TYR D 377 -16.67 29.39 -38.66
C TYR D 377 -16.55 28.47 -39.83
N GLN D 378 -17.70 27.97 -40.26
CA GLN D 378 -17.79 27.04 -41.38
C GLN D 378 -17.12 27.55 -42.66
N ASP D 379 -16.97 28.86 -42.76
CA ASP D 379 -16.38 29.50 -43.96
C ASP D 379 -14.86 29.65 -43.95
N ILE D 380 -14.20 29.26 -42.87
CA ILE D 380 -12.74 29.29 -42.85
C ILE D 380 -12.04 28.05 -42.23
N TYR D 381 -10.79 27.89 -42.65
CA TYR D 381 -9.87 26.89 -42.13
C TYR D 381 -8.80 27.55 -41.27
N PRO D 382 -8.51 26.97 -40.09
CA PRO D 382 -7.44 27.50 -39.25
C PRO D 382 -6.13 26.93 -39.70
N ILE D 383 -5.05 27.65 -39.42
CA ILE D 383 -3.71 27.25 -39.78
C ILE D 383 -3.17 26.29 -38.72
N ALA D 384 -2.37 25.33 -39.19
CA ALA D 384 -1.59 24.46 -38.33
C ALA D 384 -0.19 24.98 -38.44
N PHE D 385 0.50 25.05 -37.31
CA PHE D 385 1.80 25.70 -37.23
C PHE D 385 3.00 24.76 -37.07
N ASP D 386 2.76 23.49 -36.77
CA ASP D 386 3.84 22.62 -36.31
C ASP D 386 4.52 21.76 -37.36
N ALA D 387 3.98 21.73 -38.57
CA ALA D 387 4.61 21.01 -39.67
C ALA D 387 5.63 21.94 -40.38
N ASP D 388 5.34 23.21 -40.54
CA ASP D 388 6.27 24.13 -41.24
C ASP D 388 6.33 25.53 -40.63
N PRO D 389 6.73 25.62 -39.37
CA PRO D 389 6.70 26.89 -38.66
C PRO D 389 7.54 27.92 -39.36
N ASP D 390 8.67 27.49 -39.92
CA ASP D 390 9.57 28.42 -40.60
C ASP D 390 8.90 29.00 -41.84
N GLY D 391 8.22 28.16 -42.63
CA GLY D 391 7.56 28.68 -43.83
C GLY D 391 6.42 29.64 -43.51
N LEU D 392 5.61 29.29 -42.50
CA LEU D 392 4.56 30.21 -42.06
C LEU D 392 5.16 31.54 -41.55
N ALA D 393 6.22 31.47 -40.76
CA ALA D 393 6.87 32.70 -40.31
C ALA D 393 7.32 33.57 -41.51
N THR D 394 8.02 32.94 -42.43
CA THR D 394 8.61 33.67 -43.53
C THR D 394 7.57 34.32 -44.44
N GLU D 395 6.44 33.65 -44.62
CA GLU D 395 5.40 34.13 -45.53
C GLU D 395 4.62 35.22 -44.84
N THR D 396 4.37 35.02 -43.55
CA THR D 396 3.64 35.99 -42.76
C THR D 396 4.35 37.31 -42.74
N VAL D 397 5.66 37.32 -42.49
CA VAL D 397 6.35 38.62 -42.45
C VAL D 397 6.46 39.20 -43.82
N ARG D 398 6.43 38.36 -44.85
CA ARG D 398 6.51 38.89 -46.22
C ARG D 398 5.20 39.59 -46.51
N ILE D 399 4.09 38.97 -46.12
CA ILE D 399 2.81 39.63 -46.30
C ILE D 399 2.81 40.99 -45.59
N LEU D 400 3.13 40.99 -44.31
CA LEU D 400 3.15 42.25 -43.56
C LEU D 400 4.03 43.30 -44.23
N ARG D 401 5.21 42.88 -44.69
CA ARG D 401 6.10 43.80 -45.43
C ARG D 401 5.53 44.33 -46.71
N HIS D 402 4.75 43.51 -47.40
CA HIS D 402 4.07 43.99 -48.60
C HIS D 402 3.21 45.17 -48.26
N TRP D 403 2.33 45.00 -47.27
CA TRP D 403 1.41 46.10 -46.89
C TRP D 403 2.15 47.29 -46.30
N MET D 404 3.27 47.01 -45.63
CA MET D 404 4.10 48.08 -45.11
C MET D 404 4.64 48.94 -46.23
N ASP D 405 4.99 48.30 -47.34
CA ASP D 405 5.56 49.03 -48.47
C ASP D 405 4.50 49.86 -49.14
N HIS D 406 3.25 49.65 -48.78
CA HIS D 406 2.15 50.46 -49.28
C HIS D 406 1.55 51.31 -48.19
N GLY D 407 2.36 51.61 -47.16
CA GLY D 407 2.02 52.62 -46.14
C GLY D 407 1.16 52.21 -44.95
N VAL D 408 0.96 50.91 -44.77
CA VAL D 408 0.20 50.45 -43.62
C VAL D 408 1.22 50.14 -42.56
N ARG D 409 1.23 50.94 -41.49
CA ARG D 409 2.19 50.77 -40.41
C ARG D 409 1.50 50.34 -39.14
N ILE D 410 0.27 49.85 -39.26
CA ILE D 410 -0.47 49.36 -38.11
C ILE D 410 -1.28 48.15 -38.52
N PHE D 411 -1.22 47.07 -37.74
CA PHE D 411 -1.94 45.85 -38.07
C PHE D 411 -2.77 45.43 -36.90
N ARG D 412 -4.04 45.22 -37.15
CA ARG D 412 -4.94 44.75 -36.12
C ARG D 412 -4.97 43.26 -36.36
N VAL D 413 -4.46 42.48 -35.40
CA VAL D 413 -4.26 41.05 -35.59
C VAL D 413 -5.46 40.31 -35.07
N ASP D 414 -6.16 39.65 -35.97
CA ASP D 414 -7.41 38.94 -35.66
C ASP D 414 -7.14 37.73 -34.75
N ASN D 415 -7.91 37.58 -33.69
CA ASN D 415 -7.79 36.44 -32.76
C ASN D 415 -6.41 35.82 -32.58
N PRO D 416 -5.47 36.56 -32.01
CA PRO D 416 -4.08 36.04 -32.00
C PRO D 416 -3.88 34.84 -31.09
N HIS D 417 -4.72 34.77 -30.08
CA HIS D 417 -4.67 33.69 -29.08
C HIS D 417 -5.07 32.31 -29.61
N THR D 418 -5.43 32.19 -30.89
CA THR D 418 -5.65 30.88 -31.47
C THR D 418 -4.47 30.44 -32.33
N LYS D 419 -3.43 31.27 -32.38
CA LYS D 419 -2.15 30.94 -33.00
C LYS D 419 -1.08 30.89 -31.86
N PRO D 420 0.08 30.22 -32.09
CA PRO D 420 1.05 30.09 -31.00
C PRO D 420 1.63 31.43 -30.55
N VAL D 421 1.80 31.56 -29.23
CA VAL D 421 2.34 32.76 -28.62
C VAL D 421 3.73 33.05 -29.18
N ALA D 422 4.57 32.02 -29.24
CA ALA D 422 5.96 32.18 -29.74
C ALA D 422 6.01 32.55 -31.21
N PHE D 423 4.97 32.18 -31.95
CA PHE D 423 4.86 32.61 -33.34
C PHE D 423 4.76 34.14 -33.43
N TRP D 424 3.89 34.74 -32.62
CA TRP D 424 3.73 36.21 -32.63
C TRP D 424 5.01 36.85 -32.11
N GLU D 425 5.60 36.24 -31.11
CA GLU D 425 6.82 36.79 -30.57
C GLU D 425 7.85 36.91 -31.69
N ARG D 426 7.92 35.88 -32.53
CA ARG D 426 8.97 35.83 -33.56
C ARG D 426 8.64 36.77 -34.66
N VAL D 427 7.37 36.77 -35.05
CA VAL D 427 6.91 37.62 -36.14
C VAL D 427 7.12 39.11 -35.81
N ILE D 428 6.70 39.51 -34.61
CA ILE D 428 6.76 40.90 -34.18
C ILE D 428 8.20 41.35 -34.01
N ALA D 429 9.05 40.50 -33.47
CA ALA D 429 10.47 40.85 -33.33
C ALA D 429 11.08 40.98 -34.72
N ASP D 430 10.68 40.13 -35.65
CA ASP D 430 11.26 40.20 -36.97
C ASP D 430 10.88 41.54 -37.61
N ILE D 431 9.58 41.88 -37.58
CA ILE D 431 9.10 43.15 -38.24
C ILE D 431 9.58 44.39 -37.55
N ASN D 432 9.58 44.39 -36.21
CA ASN D 432 10.10 45.57 -35.49
C ASN D 432 11.63 45.70 -35.52
N GLY D 433 12.33 44.62 -35.84
CA GLY D 433 13.80 44.67 -35.98
C GLY D 433 14.19 45.62 -37.10
N THR D 434 13.43 45.61 -38.19
CA THR D 434 13.70 46.46 -39.35
C THR D 434 12.83 47.74 -39.28
N ASP D 435 11.61 47.61 -38.76
CA ASP D 435 10.64 48.66 -38.83
C ASP D 435 10.00 48.87 -37.46
N PRO D 436 10.76 49.45 -36.52
CA PRO D 436 10.26 49.55 -35.12
C PRO D 436 9.01 50.41 -34.90
N ASP D 437 8.63 51.17 -35.90
CA ASP D 437 7.43 52.00 -35.83
C ASP D 437 6.12 51.22 -36.02
N VAL D 438 6.17 49.99 -36.51
CA VAL D 438 4.93 49.26 -36.80
C VAL D 438 4.25 48.86 -35.49
N ILE D 439 2.93 49.04 -35.44
CA ILE D 439 2.12 48.78 -34.26
C ILE D 439 1.18 47.59 -34.50
N PHE D 440 1.15 46.67 -33.54
CA PHE D 440 0.29 45.52 -33.58
C PHE D 440 -0.70 45.62 -32.44
N LEU D 441 -1.96 45.46 -32.79
CA LEU D 441 -3.06 45.43 -31.85
C LEU D 441 -3.60 44.01 -31.78
N ALA D 442 -3.63 43.47 -30.56
CA ALA D 442 -4.00 42.12 -30.31
C ALA D 442 -5.50 41.96 -30.02
N GLU D 443 -6.28 41.42 -30.92
CA GLU D 443 -7.71 41.20 -30.60
C GLU D 443 -7.94 39.92 -29.84
N ALA D 444 -7.46 39.88 -28.60
CA ALA D 444 -7.51 38.68 -27.78
C ALA D 444 -8.54 38.80 -26.71
N PHE D 445 -9.76 38.37 -27.02
CA PHE D 445 -10.83 38.34 -26.03
C PHE D 445 -10.86 36.99 -25.41
N THR D 446 -10.17 36.82 -24.29
CA THR D 446 -9.84 35.51 -23.76
C THR D 446 -9.41 35.63 -22.29
N ARG D 447 -8.67 34.65 -21.77
CA ARG D 447 -8.31 34.67 -20.36
C ARG D 447 -7.13 35.61 -20.10
N PRO D 448 -6.95 36.01 -18.84
CA PRO D 448 -5.96 37.05 -18.47
C PRO D 448 -4.51 36.66 -18.78
N ALA D 449 -4.16 35.42 -18.53
CA ALA D 449 -2.79 34.95 -18.72
C ALA D 449 -2.33 35.18 -20.15
N MET D 450 -3.15 34.68 -21.08
CA MET D 450 -2.86 34.79 -22.49
C MET D 450 -2.82 36.26 -22.90
N MET D 451 -3.85 37.01 -22.50
CA MET D 451 -3.95 38.43 -22.80
C MET D 451 -2.71 39.16 -22.38
N ALA D 452 -2.29 38.97 -21.12
CA ALA D 452 -1.07 39.58 -20.61
C ALA D 452 0.15 39.11 -21.39
N THR D 453 0.24 37.84 -21.68
CA THR D 453 1.44 37.29 -22.30
C THR D 453 1.67 37.88 -23.68
N LEU D 454 0.60 38.03 -24.45
CA LEU D 454 0.70 38.52 -25.83
C LEU D 454 1.24 39.95 -25.81
N ALA D 455 0.74 40.75 -24.87
CA ALA D 455 1.21 42.09 -24.72
C ALA D 455 2.71 42.03 -24.39
N GLN D 456 3.08 41.13 -23.48
CA GLN D 456 4.46 41.06 -23.03
C GLN D 456 5.45 40.58 -24.08
N ILE D 457 4.98 39.74 -25.03
CA ILE D 457 5.87 39.21 -26.05
C ILE D 457 5.93 40.12 -27.25
N GLY D 458 5.24 41.27 -27.19
CA GLY D 458 5.49 42.35 -28.14
C GLY D 458 4.32 43.11 -28.73
N PHE D 459 3.09 42.69 -28.46
CA PHE D 459 1.91 43.43 -28.96
C PHE D 459 1.76 44.80 -28.31
N GLN D 460 1.83 45.86 -29.13
CA GLN D 460 1.88 47.25 -28.66
C GLN D 460 0.57 47.66 -28.07
N GLN D 461 -0.51 47.02 -28.54
CA GLN D 461 -1.84 47.34 -28.04
C GLN D 461 -2.65 46.08 -27.85
N SER D 462 -3.65 46.15 -26.98
CA SER D 462 -4.51 45.05 -26.71
C SER D 462 -5.95 45.49 -26.62
N TYR D 463 -6.84 44.73 -27.21
CA TYR D 463 -8.23 44.89 -26.87
C TYR D 463 -8.39 44.37 -25.44
N THR D 464 -9.48 44.75 -24.80
CA THR D 464 -9.63 44.61 -23.37
C THR D 464 -11.05 44.18 -23.05
N TYR D 465 -11.36 44.04 -21.76
CA TYR D 465 -12.69 43.64 -21.29
C TYR D 465 -13.66 44.81 -21.19
N PHE D 466 -13.26 45.95 -21.70
CA PHE D 466 -14.03 47.16 -21.54
C PHE D 466 -15.56 47.04 -21.75
N THR D 467 -15.98 46.44 -22.87
CA THR D 467 -17.39 46.40 -23.23
C THR D 467 -18.23 45.74 -22.13
N TRP D 468 -17.57 44.92 -21.30
CA TRP D 468 -18.25 44.17 -20.24
C TRP D 468 -17.94 44.79 -18.87
N ARG D 469 -17.59 46.06 -18.88
CA ARG D 469 -17.43 46.82 -17.65
C ARG D 469 -18.33 48.02 -17.76
N ASN D 470 -19.54 47.88 -17.19
CA ASN D 470 -20.60 48.87 -17.30
C ASN D 470 -21.07 49.48 -15.97
N THR D 471 -20.92 48.78 -14.85
CA THR D 471 -21.26 49.35 -13.54
C THR D 471 -20.07 50.12 -13.00
N LYS D 472 -20.31 50.85 -11.93
CA LYS D 472 -19.25 51.66 -11.35
C LYS D 472 -18.20 50.80 -10.70
N GLN D 473 -18.62 49.69 -10.09
CA GLN D 473 -17.66 48.77 -9.49
C GLN D 473 -16.75 48.15 -10.56
N GLU D 474 -17.39 47.61 -11.59
CA GLU D 474 -16.69 47.04 -12.74
C GLU D 474 -15.70 48.02 -13.37
N LEU D 475 -16.17 49.22 -13.68
CA LEU D 475 -15.30 50.19 -14.27
C LEU D 475 -14.12 50.58 -13.38
N THR D 476 -14.38 50.77 -12.11
CA THR D 476 -13.37 51.25 -11.18
C THR D 476 -12.31 50.19 -11.02
N GLU D 477 -12.73 48.95 -10.77
CA GLU D 477 -11.78 47.86 -10.58
C GLU D 477 -10.92 47.65 -11.80
N TYR D 478 -11.55 47.51 -12.94
CA TYR D 478 -10.85 47.24 -14.17
C TYR D 478 -9.85 48.33 -14.55
N LEU D 479 -10.23 49.59 -14.38
CA LEU D 479 -9.31 50.66 -14.79
C LEU D 479 -8.21 50.86 -13.76
N THR D 480 -8.46 50.45 -12.53
CA THR D 480 -7.42 50.41 -11.53
C THR D 480 -6.39 49.41 -11.99
N GLU D 481 -6.86 48.27 -12.46
CA GLU D 481 -5.98 47.24 -12.98
C GLU D 481 -5.18 47.73 -14.22
N LEU D 482 -5.86 48.30 -15.19
CA LEU D 482 -5.19 48.69 -16.43
C LEU D 482 -4.18 49.81 -16.26
N SER D 483 -4.48 50.71 -15.33
CA SER D 483 -3.62 51.88 -15.12
C SER D 483 -2.54 51.62 -14.09
N GLY D 484 -2.55 50.44 -13.47
CA GLY D 484 -1.58 50.10 -12.46
C GLY D 484 -0.38 49.39 -13.07
N GLU D 485 -0.03 48.23 -12.50
CA GLU D 485 1.16 47.52 -12.94
C GLU D 485 1.06 46.97 -14.38
N ALA D 486 -0.15 46.67 -14.83
CA ALA D 486 -0.33 46.21 -16.23
C ALA D 486 0.17 47.23 -17.27
N ALA D 487 0.24 48.50 -16.87
CA ALA D 487 0.63 49.59 -17.77
C ALA D 487 2.11 49.50 -18.19
N SER D 488 2.89 48.64 -17.56
CA SER D 488 4.27 48.45 -17.98
C SER D 488 4.42 47.49 -19.17
N TYR D 489 3.34 46.82 -19.56
CA TYR D 489 3.40 45.94 -20.73
C TYR D 489 2.18 45.95 -21.65
N MET D 490 1.09 46.54 -21.19
CA MET D 490 -0.14 46.54 -21.99
C MET D 490 -0.70 47.94 -22.19
N ARG D 491 -1.00 48.25 -23.44
CA ARG D 491 -1.65 49.49 -23.82
C ARG D 491 -3.03 49.19 -24.40
N PRO D 492 -4.09 49.62 -23.70
CA PRO D 492 -5.44 49.23 -24.00
C PRO D 492 -6.07 50.06 -25.10
N ASN D 493 -6.85 49.38 -25.93
CA ASN D 493 -7.62 50.04 -26.93
C ASN D 493 -9.09 49.81 -26.67
N PHE D 494 -9.76 50.84 -26.19
CA PHE D 494 -11.16 50.75 -25.79
C PHE D 494 -12.04 51.01 -26.97
N PHE D 495 -12.42 49.95 -27.64
CA PHE D 495 -13.49 50.01 -28.59
C PHE D 495 -14.81 49.83 -27.82
N ALA D 496 -15.69 50.83 -27.92
CA ALA D 496 -16.96 50.79 -27.19
C ALA D 496 -17.90 49.81 -27.86
N ASN D 497 -17.71 49.59 -29.16
CA ASN D 497 -18.36 48.48 -29.83
C ASN D 497 -17.41 47.88 -30.85
N THR D 498 -17.69 46.65 -31.28
CA THR D 498 -17.05 46.02 -32.44
C THR D 498 -18.16 45.38 -33.25
N PRO D 499 -17.87 44.87 -34.46
CA PRO D 499 -18.91 44.17 -35.22
C PRO D 499 -19.45 42.91 -34.57
N ASP D 500 -18.75 42.45 -33.54
CA ASP D 500 -19.08 41.22 -32.85
C ASP D 500 -19.62 41.47 -31.46
N ILE D 501 -19.53 42.68 -30.96
CA ILE D 501 -19.99 43.03 -29.62
C ILE D 501 -20.89 44.28 -29.61
N LEU D 502 -22.20 44.03 -29.49
CA LEU D 502 -23.19 45.07 -29.19
C LEU D 502 -23.77 44.77 -27.81
N HIS D 503 -23.24 45.43 -26.79
CA HIS D 503 -23.52 45.00 -25.40
C HIS D 503 -24.95 45.32 -24.99
N ALA D 504 -25.50 44.49 -24.11
CA ALA D 504 -26.86 44.71 -23.58
C ALA D 504 -27.13 46.14 -23.08
N TYR D 505 -26.09 46.76 -22.54
CA TYR D 505 -26.19 48.08 -22.02
C TYR D 505 -26.59 49.09 -23.09
N LEU D 506 -26.02 48.95 -24.30
CA LEU D 506 -26.39 49.84 -25.39
C LEU D 506 -27.72 49.42 -25.96
N GLN D 507 -27.98 48.13 -25.98
CA GLN D 507 -29.26 47.63 -26.51
C GLN D 507 -30.44 48.19 -25.74
N HIS D 508 -30.31 48.19 -24.41
CA HIS D 508 -31.38 48.64 -23.53
C HIS D 508 -31.36 50.13 -23.26
N GLY D 509 -30.23 50.78 -23.51
CA GLY D 509 -30.05 52.18 -23.17
C GLY D 509 -30.30 53.21 -24.26
N GLY D 510 -30.27 52.80 -25.52
CA GLY D 510 -30.44 53.72 -26.63
C GLY D 510 -29.39 54.81 -26.71
N ARG D 511 -29.71 55.91 -27.38
CA ARG D 511 -28.74 56.95 -27.62
C ARG D 511 -27.98 57.38 -26.36
N PRO D 512 -28.69 57.62 -25.25
CA PRO D 512 -27.99 58.06 -24.04
C PRO D 512 -26.92 57.11 -23.55
N ALA D 513 -27.13 55.82 -23.78
CA ALA D 513 -26.14 54.79 -23.45
C ALA D 513 -24.89 54.92 -24.36
N PHE D 514 -25.12 55.14 -25.66
CA PHE D 514 -24.01 55.36 -26.58
C PHE D 514 -23.21 56.56 -26.19
N GLU D 515 -23.90 57.58 -25.72
CA GLU D 515 -23.23 58.82 -25.26
C GLU D 515 -22.33 58.58 -24.06
N VAL D 516 -22.81 57.79 -23.11
CA VAL D 516 -22.04 57.49 -21.91
C VAL D 516 -20.80 56.69 -22.21
N ARG D 517 -20.97 55.64 -23.00
CA ARG D 517 -19.88 54.74 -23.30
C ARG D 517 -18.81 55.46 -24.14
N ALA D 518 -19.22 56.35 -25.03
CA ALA D 518 -18.27 57.17 -25.75
C ALA D 518 -17.43 58.01 -24.78
N VAL D 519 -18.11 58.63 -23.83
CA VAL D 519 -17.39 59.49 -22.88
C VAL D 519 -16.41 58.69 -22.06
N LEU D 520 -16.89 57.57 -21.54
CA LEU D 520 -16.03 56.73 -20.73
C LEU D 520 -14.82 56.29 -21.55
N ALA D 521 -15.06 55.74 -22.72
CA ALA D 521 -13.97 55.17 -23.49
C ALA D 521 -12.93 56.23 -23.81
N ALA D 522 -13.41 57.39 -24.22
CA ALA D 522 -12.53 58.43 -24.69
C ALA D 522 -11.74 59.11 -23.56
N THR D 523 -12.31 59.17 -22.37
CA THR D 523 -11.62 59.78 -21.22
C THR D 523 -10.84 58.77 -20.33
N LEU D 524 -11.16 57.49 -20.40
CA LEU D 524 -10.51 56.51 -19.51
C LEU D 524 -9.27 55.86 -20.10
N SER D 525 -9.23 55.77 -21.43
CA SER D 525 -8.05 55.23 -22.10
C SER D 525 -7.53 56.23 -23.11
N PRO D 526 -6.20 56.39 -23.16
CA PRO D 526 -5.65 57.25 -24.20
C PRO D 526 -5.78 56.67 -25.62
N THR D 527 -6.20 55.40 -25.78
CA THR D 527 -6.63 54.96 -27.12
C THR D 527 -8.03 54.38 -27.03
N TRP D 528 -8.90 54.82 -27.94
CA TRP D 528 -10.24 54.29 -27.96
C TRP D 528 -10.69 54.19 -29.39
N GLY D 529 -11.85 53.57 -29.58
CA GLY D 529 -12.41 53.47 -30.90
C GLY D 529 -13.85 53.10 -30.91
N ILE D 530 -14.47 53.33 -32.07
CA ILE D 530 -15.81 52.86 -32.30
C ILE D 530 -15.85 52.19 -33.67
N TYR D 531 -16.86 51.36 -33.84
CA TYR D 531 -17.10 50.72 -35.13
C TYR D 531 -18.27 51.44 -35.78
N SER D 532 -18.07 51.90 -37.01
CA SER D 532 -19.10 52.63 -37.75
C SER D 532 -20.51 52.12 -37.51
N GLY D 533 -21.41 53.04 -37.22
CA GLY D 533 -22.79 52.72 -36.87
C GLY D 533 -23.04 53.07 -35.44
N TYR D 534 -21.97 53.11 -34.65
CA TYR D 534 -22.05 53.51 -33.24
C TYR D 534 -22.64 54.90 -33.13
N GLU D 535 -22.12 55.82 -33.95
CA GLU D 535 -22.65 57.18 -34.04
C GLU D 535 -24.13 57.21 -34.27
N LEU D 536 -24.67 56.28 -35.03
CA LEU D 536 -26.10 56.30 -35.33
C LEU D 536 -26.89 55.53 -34.32
N CYS D 537 -26.20 55.03 -33.30
CA CYS D 537 -26.84 54.37 -32.19
C CYS D 537 -27.57 53.10 -32.63
N GLU D 538 -26.97 52.43 -33.61
CA GLU D 538 -27.40 51.10 -34.00
C GLU D 538 -27.31 50.16 -32.79
N ASN D 539 -28.45 49.65 -32.34
CA ASN D 539 -28.49 48.83 -31.15
C ASN D 539 -29.51 47.71 -31.20
N THR D 540 -29.83 47.22 -32.40
CA THR D 540 -30.80 46.15 -32.54
C THR D 540 -30.01 44.85 -32.59
N PRO D 541 -30.26 43.95 -31.63
CA PRO D 541 -29.49 42.72 -31.60
C PRO D 541 -30.05 41.70 -32.55
N LEU D 542 -29.27 40.66 -32.84
CA LEU D 542 -29.75 39.49 -33.56
C LEU D 542 -30.96 38.89 -32.83
N ARG D 543 -30.93 38.88 -31.51
CA ARG D 543 -32.08 38.44 -30.68
C ARG D 543 -31.78 38.74 -29.22
N GLU D 544 -32.82 38.68 -28.40
CA GLU D 544 -32.69 38.94 -26.96
C GLU D 544 -31.54 38.08 -26.41
N GLY D 545 -30.67 38.72 -25.65
CA GLY D 545 -29.54 38.05 -25.00
C GLY D 545 -28.36 37.75 -25.90
N SER D 546 -28.29 38.36 -27.08
CA SER D 546 -27.13 38.20 -27.95
C SER D 546 -26.33 39.48 -28.01
N GLU D 547 -25.04 39.36 -28.34
CA GLU D 547 -24.25 40.54 -28.55
C GLU D 547 -24.00 40.79 -30.01
N GLU D 548 -24.61 39.99 -30.86
CA GLU D 548 -24.51 40.21 -32.31
C GLU D 548 -25.49 41.29 -32.80
N TYR D 549 -25.09 42.09 -33.78
CA TYR D 549 -26.04 42.97 -34.49
C TYR D 549 -26.97 42.22 -35.41
N LEU D 550 -28.22 42.63 -35.47
CA LEU D 550 -29.11 42.17 -36.53
C LEU D 550 -28.60 42.67 -37.89
N ASP D 551 -28.73 41.85 -38.91
CA ASP D 551 -28.30 42.20 -40.27
C ASP D 551 -26.85 42.70 -40.20
N SER D 552 -25.98 41.89 -39.62
CA SER D 552 -24.63 42.31 -39.37
C SER D 552 -23.85 42.60 -40.65
N GLU D 553 -23.03 43.64 -40.58
CA GLU D 553 -22.28 44.13 -41.74
C GLU D 553 -21.19 43.16 -42.13
N LYS D 554 -20.92 42.23 -41.23
CA LYS D 554 -20.00 41.14 -41.55
C LYS D 554 -20.48 40.34 -42.75
N TYR D 555 -21.79 40.21 -42.92
CA TYR D 555 -22.34 39.29 -43.95
C TYR D 555 -23.08 40.00 -45.07
N GLN D 556 -23.17 41.33 -44.97
CA GLN D 556 -23.87 42.11 -45.98
C GLN D 556 -23.32 43.50 -46.10
N LEU D 557 -23.53 44.05 -47.28
CA LEU D 557 -23.33 45.47 -47.51
C LEU D 557 -24.31 46.21 -46.59
N LYS D 558 -23.83 47.28 -45.98
CA LYS D 558 -24.67 48.04 -45.09
C LYS D 558 -24.57 49.54 -45.38
N PRO D 559 -25.24 49.99 -46.45
CA PRO D 559 -25.13 51.38 -46.81
C PRO D 559 -25.84 52.18 -45.73
N ARG D 560 -25.37 53.40 -45.53
CA ARG D 560 -25.89 54.25 -44.52
C ARG D 560 -26.01 55.63 -45.12
N ASP D 561 -27.12 56.31 -44.86
CA ASP D 561 -27.32 57.64 -45.39
C ASP D 561 -26.67 58.61 -44.41
N TRP D 562 -25.36 58.82 -44.54
CA TRP D 562 -24.60 59.67 -43.61
C TRP D 562 -25.07 61.11 -43.67
N THR D 563 -25.42 61.57 -44.86
CA THR D 563 -25.88 62.93 -45.07
C THR D 563 -27.17 63.20 -44.33
N ARG D 564 -28.13 62.30 -44.51
CA ARG D 564 -29.40 62.40 -43.82
C ARG D 564 -29.24 62.35 -42.30
N ALA D 565 -28.42 61.44 -41.80
CA ALA D 565 -28.20 61.33 -40.34
C ALA D 565 -27.64 62.62 -39.79
N ALA D 566 -26.74 63.25 -40.54
CA ALA D 566 -26.15 64.54 -40.12
C ALA D 566 -27.20 65.64 -40.09
N ARG D 567 -28.03 65.74 -41.12
CA ARG D 567 -29.00 66.84 -41.17
C ARG D 567 -30.15 66.59 -40.20
N GLU D 568 -30.54 65.35 -40.03
CA GLU D 568 -31.62 65.03 -39.10
C GLU D 568 -31.12 64.95 -37.66
N GLY D 569 -29.82 64.97 -37.45
CA GLY D 569 -29.25 65.01 -36.10
C GLY D 569 -29.45 63.76 -35.27
N THR D 570 -29.59 62.63 -35.97
CA THR D 570 -29.81 61.35 -35.32
C THR D 570 -28.50 60.62 -35.10
N THR D 571 -27.38 61.36 -35.17
CA THR D 571 -26.05 60.86 -34.96
C THR D 571 -25.38 61.54 -33.78
N ILE D 572 -24.47 60.84 -33.10
CA ILE D 572 -23.75 61.46 -31.98
C ILE D 572 -22.34 61.86 -32.41
N ALA D 573 -22.15 62.05 -33.72
CA ALA D 573 -20.88 62.46 -34.27
C ALA D 573 -20.35 63.74 -33.66
N PRO D 574 -21.23 64.76 -33.45
CA PRO D 574 -20.81 65.97 -32.76
C PRO D 574 -20.20 65.75 -31.39
N LEU D 575 -20.81 64.90 -30.57
CA LEU D 575 -20.24 64.52 -29.26
C LEU D 575 -18.89 63.81 -29.42
N VAL D 576 -18.84 62.83 -30.32
CA VAL D 576 -17.60 62.13 -30.60
C VAL D 576 -16.52 63.14 -31.01
N THR D 577 -16.88 64.08 -31.89
CA THR D 577 -15.94 65.06 -32.42
C THR D 577 -15.39 65.91 -31.29
N ARG D 578 -16.28 66.31 -30.41
CA ARG D 578 -15.93 67.12 -29.26
C ARG D 578 -15.00 66.33 -28.32
N LEU D 579 -15.29 65.05 -28.10
CA LEU D 579 -14.45 64.25 -27.20
C LEU D 579 -13.02 64.16 -27.71
N ASN D 580 -12.86 64.00 -29.01
CA ASN D 580 -11.51 63.87 -29.57
C ASN D 580 -10.76 65.19 -29.52
N THR D 581 -11.48 66.30 -29.68
CA THR D 581 -10.88 67.62 -29.58
C THR D 581 -10.38 67.81 -28.16
N ILE D 582 -11.23 67.51 -27.20
CA ILE D 582 -10.81 67.63 -25.78
C ILE D 582 -9.54 66.81 -25.54
N ARG D 583 -9.56 65.55 -25.94
CA ARG D 583 -8.35 64.73 -25.90
C ARG D 583 -7.13 65.44 -26.52
N ARG D 584 -7.32 66.02 -27.70
CA ARG D 584 -6.21 66.65 -28.44
C ARG D 584 -5.71 67.91 -27.76
N GLU D 585 -6.56 68.49 -26.92
CA GLU D 585 -6.26 69.78 -26.23
C GLU D 585 -5.73 69.59 -24.82
N ASN D 586 -5.90 68.40 -24.25
CA ASN D 586 -5.56 68.12 -22.84
C ASN D 586 -4.66 66.90 -22.68
N PRO D 587 -3.35 67.13 -22.50
CA PRO D 587 -2.35 66.05 -22.38
C PRO D 587 -2.70 64.95 -21.36
N ALA D 588 -3.47 65.28 -20.32
CA ALA D 588 -3.86 64.32 -19.29
C ALA D 588 -4.60 63.15 -19.85
N LEU D 589 -5.38 63.39 -20.90
CA LEU D 589 -6.18 62.33 -21.57
C LEU D 589 -5.39 61.53 -22.61
N ARG D 590 -4.13 61.92 -22.84
CA ARG D 590 -3.26 61.22 -23.76
C ARG D 590 -2.25 60.34 -23.03
N GLN D 591 -2.52 60.07 -21.75
CA GLN D 591 -1.78 59.08 -20.97
C GLN D 591 -2.76 58.18 -20.22
N LEU D 592 -2.22 57.14 -19.59
CA LEU D 592 -2.99 56.06 -19.02
C LEU D 592 -2.81 55.93 -17.50
N ARG D 593 -1.56 56.06 -17.05
CA ARG D 593 -1.17 55.64 -15.72
C ARG D 593 -1.64 56.51 -14.58
N ASP D 594 -1.77 57.80 -14.83
CA ASP D 594 -2.29 58.69 -13.83
C ASP D 594 -3.79 58.77 -13.95
N LEU D 595 -4.46 58.14 -13.00
CA LEU D 595 -5.91 58.08 -12.97
C LEU D 595 -6.32 57.87 -11.52
N HIS D 596 -7.32 58.62 -11.05
CA HIS D 596 -7.80 58.42 -9.70
C HIS D 596 -9.30 58.55 -9.58
N PHE D 597 -9.90 57.62 -8.82
CA PHE D 597 -11.36 57.57 -8.66
C PHE D 597 -11.80 58.25 -7.38
N HIS D 598 -12.68 59.23 -7.53
CA HIS D 598 -13.17 60.06 -6.45
C HIS D 598 -14.57 59.59 -6.06
N PRO D 599 -14.86 59.48 -4.76
CA PRO D 599 -16.14 58.89 -4.32
C PRO D 599 -17.32 59.77 -4.63
N THR D 600 -18.48 59.15 -4.82
CA THR D 600 -19.74 59.85 -4.96
C THR D 600 -20.74 59.10 -4.07
N ASP D 601 -21.84 59.77 -3.70
CA ASP D 601 -22.87 59.13 -2.85
C ASP D 601 -23.96 58.42 -3.67
N LYS D 602 -23.73 58.28 -4.99
CA LYS D 602 -24.66 57.59 -5.87
C LYS D 602 -23.95 56.48 -6.65
N GLU D 603 -24.54 55.28 -6.63
CA GLU D 603 -23.97 54.10 -7.29
C GLU D 603 -23.94 54.27 -8.84
N GLU D 604 -24.92 55.00 -9.39
CA GLU D 604 -25.00 55.21 -10.83
C GLU D 604 -23.99 56.24 -11.31
N VAL D 605 -23.43 57.04 -10.39
CA VAL D 605 -22.57 58.17 -10.77
C VAL D 605 -21.11 57.90 -10.39
N ILE D 606 -20.22 58.05 -11.36
CA ILE D 606 -18.80 57.74 -11.19
C ILE D 606 -18.02 59.01 -11.47
N ALA D 607 -16.91 59.17 -10.76
CA ALA D 607 -16.07 60.36 -10.90
C ALA D 607 -14.60 59.96 -10.88
N TYR D 608 -13.80 60.61 -11.73
CA TYR D 608 -12.39 60.34 -11.78
C TYR D 608 -11.61 61.50 -12.33
N SER D 609 -10.33 61.55 -11.98
CA SER D 609 -9.42 62.59 -12.47
C SER D 609 -8.18 61.97 -13.09
N LYS D 610 -7.60 62.68 -14.05
CA LYS D 610 -6.35 62.30 -14.73
C LYS D 610 -5.50 63.57 -14.89
N ARG D 611 -4.17 63.44 -14.78
CA ARG D 611 -3.29 64.59 -14.81
C ARG D 611 -2.06 64.35 -15.66
N GLN D 612 -1.49 65.44 -16.17
CA GLN D 612 -0.23 65.40 -16.90
C GLN D 612 0.32 66.82 -16.87
N GLY D 613 1.47 66.98 -16.24
CA GLY D 613 1.97 68.29 -15.81
C GLY D 613 0.90 69.10 -15.09
N SER D 614 0.72 70.33 -15.54
CA SER D 614 -0.27 71.24 -14.99
C SER D 614 -1.67 71.05 -15.54
N ASN D 615 -1.86 70.09 -16.46
CA ASN D 615 -3.19 69.78 -17.01
C ASN D 615 -3.91 68.72 -16.17
N THR D 616 -5.11 69.06 -15.73
CA THR D 616 -5.94 68.17 -14.93
C THR D 616 -7.31 68.10 -15.53
N VAL D 617 -7.78 66.88 -15.80
CA VAL D 617 -9.11 66.68 -16.34
C VAL D 617 -9.92 65.86 -15.35
N LEU D 618 -11.13 66.33 -15.08
CA LEU D 618 -11.96 65.78 -14.04
C LEU D 618 -13.29 65.43 -14.67
N VAL D 619 -13.68 64.16 -14.55
CA VAL D 619 -14.85 63.70 -15.26
C VAL D 619 -15.88 63.11 -14.31
N VAL D 620 -17.14 63.35 -14.62
CA VAL D 620 -18.23 62.74 -13.88
C VAL D 620 -19.26 62.23 -14.88
N VAL D 621 -19.59 60.94 -14.77
CA VAL D 621 -20.51 60.28 -15.71
C VAL D 621 -21.66 59.65 -14.95
N ASN D 622 -22.86 59.88 -15.46
CA ASN D 622 -24.04 59.18 -14.98
C ASN D 622 -24.19 57.93 -15.82
N LEU D 623 -23.99 56.78 -15.20
CA LEU D 623 -24.06 55.50 -15.89
C LEU D 623 -25.49 55.02 -16.08
N ASP D 624 -26.46 55.71 -15.48
CA ASP D 624 -27.86 55.44 -15.75
C ASP D 624 -28.23 56.12 -17.07
N PRO D 625 -28.70 55.33 -18.05
CA PRO D 625 -29.14 55.93 -19.32
C PRO D 625 -30.62 56.27 -19.37
N ARG D 626 -31.38 55.94 -18.32
CA ARG D 626 -32.83 56.13 -18.32
C ARG D 626 -33.33 57.19 -17.34
N HIS D 627 -32.58 57.44 -16.26
CA HIS D 627 -33.03 58.34 -15.21
C HIS D 627 -31.99 59.39 -14.88
N THR D 628 -32.45 60.61 -14.61
CA THR D 628 -31.61 61.66 -14.10
C THR D 628 -31.05 61.28 -12.73
N GLN D 629 -29.77 61.61 -12.52
CA GLN D 629 -29.11 61.29 -11.29
C GLN D 629 -28.48 62.54 -10.74
N GLU D 630 -28.78 62.83 -9.48
CA GLU D 630 -28.08 63.89 -8.77
C GLU D 630 -27.25 63.26 -7.68
N ALA D 631 -26.01 63.71 -7.56
CA ALA D 631 -25.12 63.16 -6.57
C ALA D 631 -24.21 64.25 -6.06
N THR D 632 -23.51 63.92 -4.99
CA THR D 632 -22.48 64.75 -4.41
C THR D 632 -21.16 64.06 -4.70
N VAL D 633 -20.27 64.79 -5.36
CA VAL D 633 -18.97 64.29 -5.72
C VAL D 633 -17.95 64.85 -4.73
N SER D 634 -17.40 63.97 -3.90
CA SER D 634 -16.43 64.37 -2.88
C SER D 634 -14.99 64.16 -3.36
N LEU D 635 -14.36 65.23 -3.80
CA LEU D 635 -13.02 65.12 -4.39
C LEU D 635 -11.91 64.94 -3.37
N ASP D 636 -11.03 63.98 -3.63
CA ASP D 636 -9.73 63.86 -2.97
C ASP D 636 -8.87 65.04 -3.40
N MET D 637 -8.94 66.14 -2.69
CA MET D 637 -8.25 67.36 -3.13
C MET D 637 -6.73 67.19 -3.24
N PRO D 638 -6.08 66.57 -2.24
CA PRO D 638 -4.62 66.44 -2.36
C PRO D 638 -4.25 65.63 -3.59
N GLN D 639 -5.13 64.73 -3.97
CA GLN D 639 -4.95 63.93 -5.17
C GLN D 639 -4.99 64.78 -6.42
N LEU D 640 -5.61 65.95 -6.32
CA LEU D 640 -5.54 66.98 -7.36
C LEU D 640 -4.39 67.97 -7.13
N GLY D 641 -3.71 67.85 -5.99
CA GLY D 641 -2.64 68.76 -5.60
C GLY D 641 -3.16 70.09 -5.10
N LEU D 642 -4.28 70.03 -4.41
CA LEU D 642 -4.94 71.20 -3.81
C LEU D 642 -5.15 70.90 -2.33
N ASP D 643 -5.31 71.95 -1.53
CA ASP D 643 -5.65 71.77 -0.11
C ASP D 643 -7.15 71.52 0.03
N TRP D 644 -7.53 70.89 1.14
CA TRP D 644 -8.90 70.42 1.36
C TRP D 644 -9.96 71.51 1.28
N HIS D 645 -9.60 72.71 1.73
CA HIS D 645 -10.53 73.83 1.80
C HIS D 645 -10.62 74.60 0.47
N GLU D 646 -9.62 74.41 -0.39
CA GLU D 646 -9.51 75.12 -1.66
C GLU D 646 -10.72 74.87 -2.59
N SER D 647 -10.96 75.83 -3.49
CA SER D 647 -12.03 75.73 -4.50
C SER D 647 -11.41 76.08 -5.85
N VAL D 648 -11.33 75.09 -6.73
CA VAL D 648 -10.78 75.30 -8.07
C VAL D 648 -11.88 75.55 -9.09
N PRO D 649 -11.65 76.53 -9.99
CA PRO D 649 -12.59 76.72 -11.08
C PRO D 649 -12.39 75.68 -12.18
N VAL D 650 -13.48 75.28 -12.81
CA VAL D 650 -13.44 74.25 -13.82
C VAL D 650 -14.33 74.65 -14.98
N ARG D 651 -14.06 74.09 -16.15
CA ARG D 651 -14.96 74.29 -17.30
C ARG D 651 -15.36 72.93 -17.83
N ASP D 652 -16.65 72.68 -17.90
CA ASP D 652 -17.17 71.48 -18.56
C ASP D 652 -17.01 71.67 -20.05
N GLU D 653 -16.09 70.94 -20.64
CA GLU D 653 -15.72 71.13 -22.03
C GLU D 653 -16.77 70.64 -23.00
N LEU D 654 -17.75 69.88 -22.52
CA LEU D 654 -18.87 69.46 -23.35
C LEU D 654 -19.85 70.60 -23.63
N THR D 655 -20.00 71.51 -22.67
CA THR D 655 -21.01 72.59 -22.77
C THR D 655 -20.42 73.98 -22.82
N GLY D 656 -19.20 74.13 -22.31
CA GLY D 656 -18.59 75.46 -22.17
C GLY D 656 -18.95 76.15 -20.86
N GLU D 657 -19.79 75.50 -20.04
CA GLU D 657 -20.19 76.08 -18.75
C GLU D 657 -19.03 76.04 -17.77
N THR D 658 -19.04 76.96 -16.82
CA THR D 658 -17.99 77.09 -15.82
C THR D 658 -18.56 76.88 -14.42
N TYR D 659 -17.79 76.20 -13.58
CA TYR D 659 -18.19 75.97 -12.20
C TYR D 659 -17.01 76.17 -11.26
N HIS D 660 -17.33 76.43 -9.99
CA HIS D 660 -16.32 76.52 -8.96
C HIS D 660 -16.50 75.31 -8.08
N TRP D 661 -15.53 74.41 -8.13
CA TRP D 661 -15.63 73.13 -7.44
C TRP D 661 -14.57 72.94 -6.38
N GLY D 662 -14.92 72.17 -5.34
CA GLY D 662 -14.03 71.85 -4.24
C GLY D 662 -14.34 70.50 -3.63
N ARG D 663 -14.02 70.36 -2.35
CA ARG D 663 -14.17 69.10 -1.61
C ARG D 663 -15.47 68.35 -1.82
N ALA D 664 -16.56 69.08 -2.01
CA ALA D 664 -17.89 68.50 -2.16
C ALA D 664 -18.67 69.28 -3.19
N ASN D 665 -19.23 68.58 -4.18
CA ASN D 665 -19.88 69.25 -5.31
C ASN D 665 -21.16 68.58 -5.79
N TYR D 666 -22.24 69.34 -5.84
CA TYR D 666 -23.51 68.85 -6.35
C TYR D 666 -23.44 68.81 -7.89
N VAL D 667 -23.77 67.64 -8.46
CA VAL D 667 -23.95 67.51 -9.90
C VAL D 667 -25.33 66.94 -10.17
N ARG D 668 -25.89 67.33 -11.30
CA ARG D 668 -27.19 66.83 -11.74
C ARG D 668 -27.06 66.50 -13.21
N LEU D 669 -27.31 65.23 -13.56
CA LEU D 669 -27.08 64.74 -14.92
C LEU D 669 -28.32 64.04 -15.48
N GLU D 670 -28.90 64.65 -16.52
CA GLU D 670 -30.11 64.16 -17.17
C GLU D 670 -29.77 63.43 -18.49
N PRO D 671 -30.12 62.14 -18.60
CA PRO D 671 -29.89 61.35 -19.80
C PRO D 671 -30.56 61.96 -21.02
N GLY D 672 -29.78 62.11 -22.10
CA GLY D 672 -30.28 62.71 -23.31
C GLY D 672 -29.84 64.16 -23.37
N ARG D 673 -29.75 64.84 -22.22
CA ARG D 673 -29.29 66.23 -22.17
C ARG D 673 -27.81 66.30 -21.80
N THR D 674 -27.43 65.66 -20.70
CA THR D 674 -26.02 65.56 -20.28
C THR D 674 -25.69 64.14 -19.83
N PRO D 675 -24.76 63.48 -20.54
CA PRO D 675 -24.27 62.18 -20.07
C PRO D 675 -23.30 62.34 -18.93
N ALA D 676 -22.55 63.42 -18.99
CA ALA D 676 -21.43 63.60 -18.11
C ALA D 676 -20.96 65.03 -18.09
N HIS D 677 -20.08 65.34 -17.12
CA HIS D 677 -19.23 66.51 -17.14
C HIS D 677 -17.83 66.03 -17.44
N VAL D 678 -17.19 66.63 -18.45
CA VAL D 678 -15.79 66.42 -18.72
C VAL D 678 -15.11 67.76 -18.51
N CYS D 679 -14.54 67.96 -17.33
CA CYS D 679 -14.11 69.28 -16.90
C CYS D 679 -12.60 69.38 -16.91
N THR D 680 -12.09 70.51 -17.39
CA THR D 680 -10.71 70.89 -17.18
C THR D 680 -10.64 71.87 -16.01
N VAL D 681 -9.56 71.77 -15.25
CA VAL D 681 -9.28 72.71 -14.17
C VAL D 681 -8.48 73.87 -14.75
N LEU D 682 -8.93 75.10 -14.47
CA LEU D 682 -8.45 76.31 -15.15
C LEU D 682 -7.27 76.96 -14.40
N ARG D 683 -6.46 77.75 -15.13
CA ARG D 683 -5.21 78.36 -14.60
C ARG D 683 -5.31 79.84 -14.27
#